data_7WD3
#
_entry.id   7WD3
#
_cell.length_a   1.00
_cell.length_b   1.00
_cell.length_c   1.00
_cell.angle_alpha   90.00
_cell.angle_beta   90.00
_cell.angle_gamma   90.00
#
_symmetry.space_group_name_H-M   'P 1'
#
loop_
_entity.id
_entity.type
_entity.pdbx_description
1 polymer 'ATPase family gene 2 protein'
2 non-polymer "ADENOSINE-5'-TRIPHOSPHATE"
3 non-polymer 2-(TOLUENE-4-SULFONYL)-2H-BENZO[D][1,2,3]DIAZABORININ-1-OL
#
_entity_poly.entity_id   1
_entity_poly.type   'polypeptide(L)'
_entity_poly.pdbx_seq_one_letter_code
;KLPAEFITRPHPSKDHGKETCTAYIHPNVLSSLEINPGSFCTVGKIGENGILVIARAGDEEVHPVNVITLSTTIRSVGNL
ILGDRLELKKAQVQPPYATKVTVGSLQGYNILECMEEKVIQKLLDDSGVIMPGMIFQNLKTKAGDESIDVVITDASDDSL
PDVSQLDLNMDDMYGGLDNLFYLSPPFIFRKGSTHITFSKETQANRKYNLPEPLSYAAVGGLDKEIESLKSAIEIPLHQP
TLFSSFGVSPPRGILLHGPPGTGKTMLLRVVANTSNAHVLTINGPSIVSKYLGETEAALRDIFNEARKYQPSIIFIDEID
SIAPNRANDDSGEVESRVVATLLTLMDGMGAAGKVVVIAATNRPNSVDPALRRPGRFDQEVEIGIPDVDARFDILTKQFS
RMSSDRHVLDSEAIKYIASKTHGYVGADLTALCRESVMKTIQRGLGTDANIDKFSLKVTLKDVESAMVDIRPSAMREIFL
EMPKVYWSDIGGQEELKTKMKEMIQLPLEASETFARLGISAPKGVLLYGPPGCSKTLTAKALATESGINFLAVKGPEIFN
KYVGESERAIREIFRKARSAAPSIIFFDEIDALSPDRDGSSTSAANHVLTSLLNEIDGVEELKGVVIVAATNRPDEIDAA
LLRPGRLDRHIYVGPPDVNARLEILKKCTKKFNTEESGVDLHELADRTEGYSGAEVVLLCQEAGLAAIMEDLDVAKVELR
HFEKAFKGIARGITPEMLSYYEEFALRS
;
_entity_poly.pdbx_strand_id   A,B,C,D,E,F
#
# COMPACT_ATOMS: atom_id res chain seq x y z
N LYS A 1 -0.14 -42.95 -24.61
CA LYS A 1 -0.64 -42.98 -23.25
C LYS A 1 0.40 -42.46 -22.27
N LEU A 2 1.42 -43.28 -22.01
CA LEU A 2 2.51 -42.96 -21.09
C LEU A 2 1.97 -42.60 -19.71
N PRO A 3 1.42 -43.58 -18.97
CA PRO A 3 0.86 -43.28 -17.64
C PRO A 3 1.97 -43.14 -16.61
N ALA A 4 2.20 -41.90 -16.16
CA ALA A 4 3.25 -41.64 -15.20
C ALA A 4 2.91 -42.23 -13.83
N GLU A 5 1.65 -42.17 -13.43
CA GLU A 5 1.22 -42.64 -12.12
C GLU A 5 0.02 -43.56 -12.28
N PHE A 6 -0.15 -44.45 -11.30
CA PHE A 6 -1.24 -45.41 -11.29
C PHE A 6 -1.97 -45.34 -9.96
N ILE A 7 -3.26 -45.68 -9.98
CA ILE A 7 -4.08 -45.71 -8.78
C ILE A 7 -4.20 -47.15 -8.31
N THR A 8 -4.53 -47.33 -7.03
CA THR A 8 -4.61 -48.64 -6.41
C THR A 8 -6.06 -48.94 -6.02
N ARG A 9 -6.44 -50.21 -6.16
CA ARG A 9 -7.76 -50.69 -5.78
C ARG A 9 -7.64 -52.09 -5.21
N PRO A 10 -8.52 -52.47 -4.29
CA PRO A 10 -8.50 -53.83 -3.75
C PRO A 10 -9.02 -54.85 -4.75
N HIS A 11 -8.61 -56.09 -4.55
CA HIS A 11 -9.08 -57.18 -5.39
C HIS A 11 -10.51 -57.54 -5.03
N PRO A 12 -11.45 -57.54 -5.98
CA PRO A 12 -12.81 -57.98 -5.66
C PRO A 12 -12.90 -59.43 -5.24
N SER A 13 -11.95 -60.26 -5.67
CA SER A 13 -11.97 -61.68 -5.32
C SER A 13 -11.75 -61.88 -3.83
N LYS A 14 -12.42 -62.88 -3.28
CA LYS A 14 -12.31 -63.21 -1.86
C LYS A 14 -11.19 -64.24 -1.66
N ASP A 15 -11.15 -64.82 -0.46
CA ASP A 15 -10.17 -65.85 -0.10
C ASP A 15 -8.74 -65.31 -0.19
N HIS A 16 -7.75 -66.21 -0.07
CA HIS A 16 -6.34 -65.85 -0.10
C HIS A 16 -5.63 -66.74 -1.11
N GLY A 17 -4.34 -66.46 -1.30
CA GLY A 17 -3.53 -67.22 -2.24
C GLY A 17 -3.59 -66.69 -3.66
N LYS A 18 -4.78 -66.73 -4.25
CA LYS A 18 -4.93 -66.23 -5.62
C LYS A 18 -4.80 -64.71 -5.68
N GLU A 19 -5.41 -64.01 -4.72
CA GLU A 19 -5.39 -62.55 -4.75
C GLU A 19 -4.05 -61.97 -4.32
N THR A 20 -3.35 -62.63 -3.40
CA THR A 20 -2.08 -62.11 -2.92
C THR A 20 -1.01 -62.21 -3.99
N CYS A 21 0.03 -61.38 -3.83
CA CYS A 21 1.20 -61.31 -4.72
C CYS A 21 0.82 -61.35 -6.19
N THR A 22 -0.24 -60.63 -6.56
CA THR A 22 -0.71 -60.59 -7.94
C THR A 22 -1.03 -59.15 -8.31
N ALA A 23 -0.97 -58.87 -9.61
CA ALA A 23 -1.25 -57.54 -10.14
C ALA A 23 -2.21 -57.65 -11.31
N TYR A 24 -3.02 -56.61 -11.50
CA TYR A 24 -3.93 -56.49 -12.62
C TYR A 24 -3.52 -55.24 -13.40
N ILE A 25 -2.60 -55.42 -14.34
CA ILE A 25 -2.05 -54.34 -15.14
C ILE A 25 -2.55 -54.49 -16.58
N HIS A 26 -2.92 -53.37 -17.17
CA HIS A 26 -3.43 -53.39 -18.54
C HIS A 26 -2.35 -53.91 -19.48
N PRO A 27 -2.72 -54.74 -20.46
CA PRO A 27 -1.71 -55.29 -21.39
C PRO A 27 -0.93 -54.23 -22.16
N ASN A 28 -1.56 -53.08 -22.45
CA ASN A 28 -0.86 -52.04 -23.18
C ASN A 28 0.33 -51.51 -22.40
N VAL A 29 0.17 -51.33 -21.08
CA VAL A 29 1.30 -50.92 -20.25
C VAL A 29 2.35 -52.01 -20.21
N LEU A 30 1.93 -53.27 -20.07
CA LEU A 30 2.88 -54.37 -20.05
C LEU A 30 3.61 -54.50 -21.38
N SER A 31 2.90 -54.30 -22.49
CA SER A 31 3.53 -54.37 -23.81
C SER A 31 4.58 -53.27 -23.97
N SER A 32 4.30 -52.07 -23.48
CA SER A 32 5.26 -50.98 -23.57
C SER A 32 6.52 -51.28 -22.75
N LEU A 33 6.35 -51.92 -21.59
CA LEU A 33 7.47 -52.28 -20.73
C LEU A 33 7.99 -53.68 -21.02
N GLU A 34 7.46 -54.34 -22.04
CA GLU A 34 7.82 -55.71 -22.45
C GLU A 34 8.02 -56.62 -21.24
N ILE A 35 6.97 -56.69 -20.41
CA ILE A 35 6.98 -57.50 -19.20
C ILE A 35 6.23 -58.80 -19.50
N ASN A 36 6.94 -59.92 -19.37
CA ASN A 36 6.30 -61.21 -19.55
C ASN A 36 5.29 -61.47 -18.42
N PRO A 37 4.15 -62.08 -18.71
CA PRO A 37 3.19 -62.38 -17.64
C PRO A 37 3.77 -63.27 -16.54
N GLY A 38 4.70 -64.15 -16.87
CA GLY A 38 5.32 -65.00 -15.86
C GLY A 38 6.57 -64.38 -15.26
N SER A 39 6.53 -63.08 -14.99
CA SER A 39 7.66 -62.37 -14.41
C SER A 39 7.25 -61.63 -13.15
N PHE A 40 8.15 -60.78 -12.64
CA PHE A 40 7.91 -60.04 -11.42
C PHE A 40 7.80 -58.55 -11.73
N CYS A 41 6.81 -57.90 -11.11
CA CYS A 41 6.56 -56.48 -11.29
C CYS A 41 6.84 -55.74 -9.98
N THR A 42 7.51 -54.60 -10.10
CA THR A 42 7.90 -53.79 -8.95
C THR A 42 7.02 -52.54 -8.88
N VAL A 43 6.47 -52.27 -7.70
CA VAL A 43 5.61 -51.11 -7.47
C VAL A 43 6.18 -50.32 -6.30
N GLY A 44 6.23 -48.99 -6.47
CA GLY A 44 6.76 -48.13 -5.43
C GLY A 44 5.93 -46.88 -5.23
N LYS A 45 5.72 -46.49 -3.97
CA LYS A 45 4.93 -45.30 -3.63
C LYS A 45 5.79 -44.07 -3.89
N ILE A 46 5.67 -43.52 -5.11
CA ILE A 46 6.34 -42.31 -5.59
C ILE A 46 7.83 -42.33 -5.24
N GLY A 47 8.39 -43.52 -5.08
CA GLY A 47 9.78 -43.67 -4.71
C GLY A 47 9.97 -44.30 -3.34
N GLU A 48 10.74 -43.64 -2.47
CA GLU A 48 11.01 -44.12 -1.12
C GLU A 48 11.60 -45.54 -1.15
N ASN A 49 12.50 -45.77 -2.11
CA ASN A 49 13.21 -47.03 -2.31
C ASN A 49 12.30 -48.25 -2.17
N GLY A 50 11.07 -48.14 -2.65
CA GLY A 50 10.12 -49.24 -2.58
C GLY A 50 10.15 -50.06 -3.86
N ILE A 51 10.14 -51.38 -3.70
CA ILE A 51 10.20 -52.29 -4.84
C ILE A 51 8.96 -53.18 -4.84
N LEU A 52 8.81 -53.97 -3.79
CA LEU A 52 7.62 -54.80 -3.57
C LEU A 52 7.35 -55.71 -4.77
N VAL A 53 8.28 -56.64 -4.99
CA VAL A 53 8.16 -57.56 -6.11
C VAL A 53 6.96 -58.47 -5.91
N ILE A 54 6.11 -58.55 -6.94
CA ILE A 54 4.95 -59.43 -6.95
C ILE A 54 4.87 -60.11 -8.31
N ALA A 55 4.16 -61.23 -8.35
CA ALA A 55 4.12 -62.09 -9.52
C ALA A 55 2.84 -61.86 -10.32
N ARG A 56 2.72 -62.62 -11.41
CA ARG A 56 1.55 -62.61 -12.30
C ARG A 56 1.38 -61.27 -12.99
N ALA A 57 0.43 -61.20 -13.93
CA ALA A 57 0.14 -60.00 -14.68
C ALA A 57 -1.37 -59.82 -14.79
N GLY A 58 -1.78 -58.74 -15.45
CA GLY A 58 -3.19 -58.42 -15.55
C GLY A 58 -3.90 -59.16 -16.67
N ASP A 59 -5.22 -59.06 -16.65
CA ASP A 59 -6.06 -59.69 -17.66
C ASP A 59 -7.41 -58.97 -17.67
N GLU A 60 -8.16 -59.19 -18.76
CA GLU A 60 -9.50 -58.67 -18.94
C GLU A 60 -9.51 -57.16 -19.15
N GLU A 61 -10.45 -56.67 -19.97
CA GLU A 61 -10.56 -55.25 -20.28
C GLU A 61 -11.53 -54.52 -19.36
N VAL A 62 -12.06 -55.20 -18.35
CA VAL A 62 -13.05 -54.57 -17.46
C VAL A 62 -12.43 -53.44 -16.66
N HIS A 63 -11.12 -53.49 -16.42
CA HIS A 63 -10.56 -52.40 -15.63
C HIS A 63 -9.85 -51.38 -16.52
N PRO A 64 -9.91 -50.10 -16.16
CA PRO A 64 -9.21 -49.08 -16.93
C PRO A 64 -7.69 -49.28 -16.89
N VAL A 65 -7.01 -48.57 -17.78
CA VAL A 65 -5.56 -48.71 -17.91
C VAL A 65 -4.86 -48.22 -16.65
N ASN A 66 -5.28 -47.07 -16.11
CA ASN A 66 -4.56 -46.46 -15.00
C ASN A 66 -4.60 -47.31 -13.74
N VAL A 67 -5.75 -47.92 -13.44
CA VAL A 67 -5.91 -48.63 -12.18
C VAL A 67 -5.13 -49.93 -12.19
N ILE A 68 -4.44 -50.21 -11.09
CA ILE A 68 -3.75 -51.48 -10.88
C ILE A 68 -4.13 -51.98 -9.48
N THR A 69 -4.45 -53.26 -9.37
CA THR A 69 -4.92 -53.85 -8.13
C THR A 69 -3.88 -54.84 -7.60
N LEU A 70 -3.56 -54.72 -6.31
CA LEU A 70 -2.65 -55.65 -5.67
C LEU A 70 -3.12 -56.08 -4.29
N SER A 71 -4.40 -55.80 -3.95
CA SER A 71 -5.02 -56.22 -2.70
C SER A 71 -4.39 -55.53 -1.48
N THR A 72 -5.06 -55.62 -0.34
CA THR A 72 -4.57 -55.01 0.90
C THR A 72 -3.57 -55.89 1.64
N THR A 73 -3.37 -57.12 1.18
CA THR A 73 -2.41 -58.01 1.85
C THR A 73 -0.99 -57.44 1.75
N ILE A 74 -0.61 -56.93 0.58
CA ILE A 74 0.70 -56.31 0.44
C ILE A 74 0.70 -54.88 0.94
N ARG A 75 -0.42 -54.16 0.78
CA ARG A 75 -0.49 -52.76 1.20
C ARG A 75 -0.35 -52.59 2.71
N SER A 76 -0.59 -53.65 3.48
CA SER A 76 -0.53 -53.55 4.93
C SER A 76 0.90 -53.43 5.46
N VAL A 77 1.91 -53.64 4.61
CA VAL A 77 3.31 -53.59 5.05
C VAL A 77 3.87 -52.19 4.86
N GLY A 78 3.85 -51.70 3.63
CA GLY A 78 4.44 -50.41 3.32
C GLY A 78 3.51 -49.25 3.55
N ASN A 79 2.39 -49.50 4.24
CA ASN A 79 1.37 -48.48 4.51
C ASN A 79 0.87 -47.85 3.21
N LEU A 80 0.71 -48.68 2.17
CA LEU A 80 0.24 -48.23 0.87
C LEU A 80 -1.26 -47.98 0.96
N ILE A 81 -1.61 -46.79 1.44
CA ILE A 81 -3.01 -46.43 1.58
C ILE A 81 -3.64 -46.26 0.20
N LEU A 82 -4.96 -46.42 0.14
CA LEU A 82 -5.68 -46.30 -1.12
C LEU A 82 -5.50 -44.90 -1.71
N GLY A 83 -5.35 -44.84 -3.02
CA GLY A 83 -5.16 -43.59 -3.72
C GLY A 83 -3.72 -43.16 -3.90
N ASP A 84 -2.77 -43.90 -3.36
CA ASP A 84 -1.36 -43.54 -3.49
C ASP A 84 -0.86 -43.88 -4.88
N ARG A 85 -0.05 -42.99 -5.44
CA ARG A 85 0.53 -43.22 -6.76
C ARG A 85 1.60 -44.31 -6.70
N LEU A 86 1.70 -45.07 -7.79
CA LEU A 86 2.65 -46.17 -7.88
C LEU A 86 3.49 -46.02 -9.14
N GLU A 87 4.72 -46.56 -9.08
CA GLU A 87 5.66 -46.50 -10.18
C GLU A 87 6.09 -47.90 -10.56
N LEU A 88 6.20 -48.16 -11.86
CA LEU A 88 6.61 -49.45 -12.39
C LEU A 88 8.04 -49.36 -12.93
N LYS A 89 8.87 -50.32 -12.56
CA LYS A 89 10.27 -50.35 -12.99
C LYS A 89 10.56 -51.66 -13.70
N LYS A 90 11.36 -51.57 -14.77
CA LYS A 90 11.69 -52.76 -15.56
C LYS A 90 12.69 -53.65 -14.83
N ALA A 91 13.63 -53.05 -14.10
CA ALA A 91 14.69 -53.82 -13.46
C ALA A 91 14.12 -54.74 -12.38
N GLN A 92 14.66 -55.96 -12.33
CA GLN A 92 14.25 -56.94 -11.34
C GLN A 92 15.42 -57.86 -11.04
N VAL A 93 15.37 -58.50 -9.88
CA VAL A 93 16.41 -59.40 -9.40
C VAL A 93 15.77 -60.73 -9.04
N GLN A 94 16.37 -61.82 -9.49
CA GLN A 94 15.84 -63.15 -9.17
C GLN A 94 16.01 -63.43 -7.69
N PRO A 95 14.94 -63.74 -6.97
CA PRO A 95 15.07 -63.97 -5.52
C PRO A 95 15.83 -65.26 -5.24
N PRO A 96 16.61 -65.29 -4.16
CA PRO A 96 17.26 -66.55 -3.76
C PRO A 96 16.38 -67.37 -2.83
N TYR A 97 16.90 -68.51 -2.36
CA TYR A 97 16.14 -69.37 -1.47
C TYR A 97 16.19 -68.84 -0.04
N ALA A 98 15.05 -68.86 0.63
CA ALA A 98 14.96 -68.40 2.00
C ALA A 98 15.35 -69.52 2.97
N THR A 99 15.65 -69.13 4.21
CA THR A 99 16.04 -70.08 5.23
C THR A 99 15.75 -69.49 6.61
N LYS A 100 15.75 -70.37 7.61
CA LYS A 100 15.51 -70.05 9.02
C LYS A 100 14.41 -69.00 9.17
N VAL A 101 13.23 -69.33 8.64
CA VAL A 101 12.08 -68.46 8.70
C VAL A 101 11.33 -68.68 10.01
N THR A 102 10.47 -67.74 10.35
CA THR A 102 9.67 -67.83 11.57
C THR A 102 8.33 -67.12 11.33
N VAL A 103 7.34 -67.50 12.13
CA VAL A 103 5.99 -66.94 12.03
C VAL A 103 5.54 -66.49 13.41
N GLY A 104 4.94 -65.31 13.48
CA GLY A 104 4.40 -64.76 14.71
C GLY A 104 2.91 -64.56 14.64
N SER A 105 2.36 -64.10 15.75
CA SER A 105 0.93 -63.83 15.88
C SER A 105 0.73 -62.42 16.43
N LEU A 106 -0.11 -61.64 15.74
CA LEU A 106 -0.39 -60.28 16.18
C LEU A 106 -1.17 -60.28 17.50
N GLN A 107 -2.11 -61.20 17.65
CA GLN A 107 -2.96 -61.26 18.83
C GLN A 107 -2.19 -61.86 20.01
N GLY A 108 -2.84 -61.86 21.18
CA GLY A 108 -2.21 -62.41 22.37
C GLY A 108 -1.96 -63.90 22.29
N TYR A 109 -2.82 -64.63 21.59
CA TYR A 109 -2.65 -66.08 21.46
C TYR A 109 -1.35 -66.40 20.72
N ASN A 110 -0.60 -67.35 21.26
CA ASN A 110 0.68 -67.75 20.68
C ASN A 110 0.73 -69.27 20.55
N ILE A 111 1.29 -69.74 19.43
CA ILE A 111 1.42 -71.16 19.13
C ILE A 111 0.06 -71.84 19.17
N LEU A 112 -0.76 -71.55 18.16
CA LEU A 112 -2.06 -72.21 18.00
C LEU A 112 -2.15 -72.77 16.59
N GLU A 113 -2.86 -73.90 16.47
CA GLU A 113 -3.08 -74.58 15.19
C GLU A 113 -1.73 -74.95 14.54
N CYS A 114 -1.01 -75.84 15.23
CA CYS A 114 0.30 -76.26 14.75
C CYS A 114 0.21 -76.97 13.40
N MET A 115 -0.90 -77.64 13.13
CA MET A 115 -1.08 -78.29 11.84
C MET A 115 -1.15 -77.28 10.70
N GLU A 116 -1.76 -76.12 10.96
CA GLU A 116 -1.82 -74.97 10.05
C GLU A 116 -2.04 -75.39 8.59
N GLU A 117 -3.19 -76.02 8.34
CA GLU A 117 -3.52 -76.45 6.99
C GLU A 117 -3.57 -75.28 6.02
N LYS A 118 -4.14 -74.16 6.47
CA LYS A 118 -4.17 -72.97 5.62
C LYS A 118 -2.77 -72.47 5.29
N VAL A 119 -1.87 -72.50 6.27
CA VAL A 119 -0.49 -72.15 6.01
C VAL A 119 0.17 -73.22 5.15
N ILE A 120 -0.14 -74.49 5.39
CA ILE A 120 0.46 -75.59 4.63
C ILE A 120 0.07 -75.51 3.17
N GLN A 121 -1.22 -75.26 2.89
CA GLN A 121 -1.64 -75.10 1.50
C GLN A 121 -1.11 -73.82 0.87
N LYS A 122 -0.72 -72.84 1.70
CA LYS A 122 -0.09 -71.64 1.16
C LYS A 122 1.33 -71.93 0.68
N LEU A 123 1.94 -73.01 1.18
CA LEU A 123 3.30 -73.36 0.77
C LEU A 123 3.37 -73.64 -0.73
N LEU A 124 2.38 -74.36 -1.26
CA LEU A 124 2.39 -74.71 -2.68
C LEU A 124 2.17 -73.47 -3.55
N ASP A 125 1.35 -72.53 -3.09
CA ASP A 125 1.00 -71.35 -3.86
C ASP A 125 1.83 -70.12 -3.51
N ASP A 126 2.88 -70.29 -2.70
CA ASP A 126 3.72 -69.17 -2.28
C ASP A 126 4.69 -68.84 -3.42
N SER A 127 4.38 -67.81 -4.20
CA SER A 127 5.22 -67.35 -5.29
C SER A 127 5.60 -65.90 -5.05
N GLY A 128 6.89 -65.60 -5.16
CA GLY A 128 7.37 -64.25 -4.92
C GLY A 128 7.17 -63.79 -3.49
N VAL A 129 7.45 -64.67 -2.53
CA VAL A 129 7.27 -64.34 -1.12
C VAL A 129 8.31 -63.29 -0.72
N ILE A 130 7.93 -62.46 0.25
CA ILE A 130 8.80 -61.40 0.74
C ILE A 130 8.90 -61.51 2.26
N MET A 131 10.01 -61.00 2.79
CA MET A 131 10.32 -61.16 4.21
C MET A 131 9.27 -60.56 5.15
N PRO A 132 8.73 -59.34 4.93
CA PRO A 132 7.88 -58.72 5.96
C PRO A 132 6.64 -59.48 6.37
N GLY A 133 6.37 -60.65 5.78
CA GLY A 133 5.32 -61.50 6.31
C GLY A 133 3.90 -61.02 6.11
N MET A 134 3.41 -61.12 4.87
CA MET A 134 2.05 -60.72 4.50
C MET A 134 1.03 -61.08 5.58
N ILE A 135 0.22 -60.10 5.95
CA ILE A 135 -0.83 -60.30 6.95
C ILE A 135 -2.06 -60.88 6.27
N PHE A 136 -2.57 -61.98 6.81
CA PHE A 136 -3.72 -62.68 6.26
C PHE A 136 -4.88 -62.64 7.25
N GLN A 137 -6.09 -62.50 6.72
CA GLN A 137 -7.28 -62.51 7.57
C GLN A 137 -7.57 -63.90 8.15
N ASN A 138 -6.93 -64.94 7.59
CA ASN A 138 -6.98 -66.31 8.12
C ASN A 138 -8.33 -66.97 7.88
N LEU A 139 -9.29 -66.23 7.33
CA LEU A 139 -10.61 -66.75 7.00
C LEU A 139 -11.26 -67.43 8.21
N LYS A 140 -11.48 -68.74 8.11
CA LYS A 140 -12.06 -69.53 9.18
C LYS A 140 -10.99 -70.35 9.86
N THR A 141 -10.96 -70.33 11.19
CA THR A 141 -9.93 -71.00 11.98
C THR A 141 -10.23 -72.48 12.23
N LYS A 142 -11.11 -73.09 11.42
CA LYS A 142 -11.48 -74.50 11.56
C LYS A 142 -12.02 -74.79 12.97
N ALA A 143 -13.17 -74.17 13.24
CA ALA A 143 -13.87 -74.23 14.52
C ALA A 143 -13.11 -73.45 15.59
N GLY A 144 -13.84 -72.89 16.55
CA GLY A 144 -13.27 -72.03 17.57
C GLY A 144 -13.51 -70.55 17.34
N ASP A 145 -14.04 -70.17 16.18
CA ASP A 145 -14.40 -68.79 15.86
C ASP A 145 -13.19 -67.87 15.87
N GLU A 146 -13.43 -66.57 15.68
CA GLU A 146 -12.39 -65.53 15.70
C GLU A 146 -11.38 -65.79 14.59
N SER A 147 -10.28 -65.03 14.57
CA SER A 147 -9.24 -65.19 13.57
C SER A 147 -7.91 -64.75 14.16
N ILE A 148 -6.83 -65.36 13.69
CA ILE A 148 -5.48 -65.08 14.17
C ILE A 148 -4.63 -64.66 12.98
N ASP A 149 -4.01 -63.49 13.07
CA ASP A 149 -3.14 -63.01 12.02
C ASP A 149 -1.74 -63.60 12.16
N VAL A 150 -1.08 -63.81 11.03
CA VAL A 150 0.27 -64.39 10.98
C VAL A 150 1.22 -63.36 10.39
N VAL A 151 2.40 -63.23 10.98
CA VAL A 151 3.42 -62.30 10.53
C VAL A 151 4.77 -62.99 10.55
N ILE A 152 5.57 -62.75 9.53
CA ILE A 152 6.92 -63.29 9.41
C ILE A 152 7.91 -62.14 9.55
N THR A 153 8.84 -62.26 10.49
CA THR A 153 9.84 -61.23 10.76
C THR A 153 11.21 -61.57 10.17
N ASP A 154 11.59 -62.85 10.17
CA ASP A 154 12.87 -63.29 9.65
C ASP A 154 12.66 -64.28 8.51
N ALA A 155 13.46 -64.14 7.46
CA ALA A 155 13.38 -65.03 6.30
C ALA A 155 14.75 -65.26 5.69
N PHE A 181 19.35 -49.31 -0.46
CA PHE A 181 19.36 -50.33 -1.49
C PHE A 181 17.96 -50.83 -1.79
N TYR A 182 17.58 -51.94 -1.15
CA TYR A 182 16.27 -52.56 -1.33
C TYR A 182 15.52 -52.51 -0.01
N LEU A 183 14.25 -52.08 -0.05
CA LEU A 183 13.44 -52.03 1.15
C LEU A 183 13.21 -53.41 1.73
N SER A 184 12.92 -54.39 0.86
CA SER A 184 12.69 -55.76 1.30
C SER A 184 13.32 -56.73 0.31
N PRO A 185 14.30 -57.52 0.74
CA PRO A 185 14.97 -58.45 -0.18
C PRO A 185 14.04 -59.56 -0.61
N PRO A 186 13.92 -59.81 -1.92
CA PRO A 186 13.07 -60.90 -2.39
C PRO A 186 13.66 -62.25 -1.98
N PHE A 187 12.77 -63.24 -1.83
CA PHE A 187 13.18 -64.57 -1.42
C PHE A 187 12.26 -65.60 -2.05
N ILE A 188 12.74 -66.84 -2.12
CA ILE A 188 11.97 -67.97 -2.61
C ILE A 188 11.79 -68.95 -1.47
N PHE A 189 10.55 -69.32 -1.18
CA PHE A 189 10.21 -70.18 -0.06
C PHE A 189 9.87 -71.57 -0.58
N ARG A 190 10.60 -72.58 -0.08
CA ARG A 190 10.42 -73.96 -0.51
C ARG A 190 10.28 -74.85 0.71
N LYS A 191 9.34 -75.80 0.66
CA LYS A 191 9.14 -76.72 1.77
C LYS A 191 10.32 -77.66 1.90
N GLY A 192 10.64 -78.01 3.15
CA GLY A 192 11.73 -78.93 3.46
C GLY A 192 13.10 -78.29 3.54
N SER A 193 13.40 -77.36 2.63
CA SER A 193 14.70 -76.69 2.65
C SER A 193 14.87 -75.87 3.91
N THR A 194 13.83 -75.16 4.34
CA THR A 194 13.88 -74.32 5.53
C THR A 194 12.90 -74.82 6.57
N HIS A 195 13.16 -74.45 7.83
CA HIS A 195 12.35 -74.85 8.96
C HIS A 195 11.53 -73.67 9.45
N ILE A 196 10.24 -73.90 9.68
CA ILE A 196 9.35 -72.86 10.17
C ILE A 196 9.36 -72.86 11.70
N THR A 197 9.43 -71.67 12.28
CA THR A 197 9.48 -71.50 13.72
C THR A 197 8.28 -70.69 14.17
N PHE A 198 7.64 -71.14 15.25
CA PHE A 198 6.46 -70.47 15.80
C PHE A 198 6.87 -69.56 16.95
N SER A 199 6.41 -68.31 16.90
CA SER A 199 6.72 -67.32 17.92
C SER A 199 5.56 -66.34 18.02
N LYS A 200 5.77 -65.26 18.76
CA LYS A 200 4.75 -64.23 18.92
C LYS A 200 5.43 -62.86 19.01
N GLU A 201 5.03 -61.95 18.13
CA GLU A 201 5.55 -60.59 18.14
C GLU A 201 4.45 -59.64 17.69
N THR A 202 4.43 -58.44 18.28
CA THR A 202 3.41 -57.46 17.93
C THR A 202 3.68 -56.84 16.57
N GLN A 203 4.93 -56.51 16.28
CA GLN A 203 5.31 -55.88 15.03
C GLN A 203 6.58 -56.54 14.51
N ALA A 204 7.12 -56.01 13.42
CA ALA A 204 8.33 -56.54 12.83
C ALA A 204 9.56 -56.03 13.58
N ASN A 205 10.72 -56.59 13.23
CA ASN A 205 11.97 -56.18 13.86
C ASN A 205 12.32 -54.74 13.47
N ARG A 206 12.88 -54.01 14.43
CA ARG A 206 13.22 -52.60 14.21
C ARG A 206 14.51 -52.42 13.41
N LYS A 207 15.31 -53.47 13.26
CA LYS A 207 16.55 -53.35 12.50
C LYS A 207 16.29 -53.22 11.00
N TYR A 208 15.10 -53.56 10.54
CA TYR A 208 14.76 -53.47 9.13
C TYR A 208 13.97 -52.20 8.80
N ASN A 209 13.81 -51.30 9.77
CA ASN A 209 13.14 -50.01 9.62
C ASN A 209 11.85 -50.08 8.81
N LEU A 210 11.09 -51.16 8.97
CA LEU A 210 9.82 -51.27 8.27
C LEU A 210 8.82 -50.27 8.84
N PRO A 211 7.99 -49.66 8.00
CA PRO A 211 7.02 -48.67 8.51
C PRO A 211 6.00 -49.31 9.43
N GLU A 212 5.56 -48.53 10.43
CA GLU A 212 4.58 -48.99 11.40
C GLU A 212 3.22 -48.39 11.06
N PRO A 213 2.22 -49.20 10.75
CA PRO A 213 0.87 -48.64 10.51
C PRO A 213 0.33 -47.94 11.75
N LEU A 214 -0.37 -46.84 11.52
CA LEU A 214 -0.92 -46.06 12.62
C LEU A 214 -2.24 -46.62 13.08
N SER A 215 -2.38 -46.81 14.39
CA SER A 215 -3.59 -47.34 15.00
C SER A 215 -4.18 -46.29 15.94
N TYR A 216 -5.42 -46.56 16.39
CA TYR A 216 -6.09 -45.64 17.31
C TYR A 216 -5.44 -45.61 18.69
N ALA A 217 -4.65 -46.63 19.03
CA ALA A 217 -4.00 -46.65 20.33
C ALA A 217 -2.93 -45.55 20.44
N ALA A 218 -2.32 -45.17 19.32
CA ALA A 218 -1.32 -44.10 19.35
C ALA A 218 -1.94 -42.77 19.77
N VAL A 219 -3.12 -42.47 19.28
CA VAL A 219 -3.80 -41.22 19.61
C VAL A 219 -4.43 -41.36 21.00
N GLY A 220 -4.14 -40.40 21.87
CA GLY A 220 -4.69 -40.43 23.22
C GLY A 220 -5.05 -39.04 23.69
N GLY A 221 -5.87 -38.99 24.74
CA GLY A 221 -6.31 -37.75 25.32
C GLY A 221 -7.47 -37.08 24.62
N LEU A 222 -7.97 -37.66 23.53
CA LEU A 222 -9.07 -37.10 22.76
C LEU A 222 -10.11 -38.18 22.48
N ASP A 223 -10.48 -38.91 23.53
CA ASP A 223 -11.43 -40.02 23.37
C ASP A 223 -12.77 -39.53 22.85
N LYS A 224 -13.29 -38.45 23.42
CA LYS A 224 -14.55 -37.89 22.94
C LYS A 224 -14.42 -37.39 21.51
N GLU A 225 -13.32 -36.69 21.21
CA GLU A 225 -13.11 -36.17 19.85
C GLU A 225 -12.96 -37.29 18.84
N ILE A 226 -12.20 -38.33 19.17
CA ILE A 226 -12.00 -39.43 18.24
C ILE A 226 -13.30 -40.21 18.06
N GLU A 227 -14.09 -40.36 19.13
CA GLU A 227 -15.38 -41.02 19.00
C GLU A 227 -16.32 -40.23 18.10
N SER A 228 -16.35 -38.90 18.28
CA SER A 228 -17.19 -38.06 17.43
C SER A 228 -16.75 -38.14 15.97
N LEU A 229 -15.44 -38.12 15.72
CA LEU A 229 -14.94 -38.24 14.36
C LEU A 229 -15.29 -39.59 13.75
N LYS A 230 -15.14 -40.66 14.53
CA LYS A 230 -15.49 -41.99 14.04
C LYS A 230 -16.97 -42.08 13.69
N SER A 231 -17.83 -41.51 14.54
CA SER A 231 -19.26 -41.52 14.24
C SER A 231 -19.57 -40.71 13.00
N ALA A 232 -18.98 -39.51 12.89
CA ALA A 232 -19.25 -38.65 11.74
C ALA A 232 -18.66 -39.18 10.44
N ILE A 233 -17.71 -40.12 10.54
CA ILE A 233 -17.21 -40.78 9.34
C ILE A 233 -18.05 -42.01 9.00
N GLU A 234 -18.48 -42.77 10.02
CA GLU A 234 -19.19 -44.01 9.78
C GLU A 234 -20.61 -43.77 9.31
N ILE A 235 -21.29 -42.76 9.87
CA ILE A 235 -22.71 -42.55 9.55
C ILE A 235 -22.95 -42.28 8.07
N PRO A 236 -22.23 -41.34 7.41
CA PRO A 236 -22.52 -41.09 5.99
C PRO A 236 -21.93 -42.15 5.08
N LEU A 237 -20.85 -42.79 5.50
CA LEU A 237 -20.16 -43.76 4.65
C LEU A 237 -20.83 -45.12 4.69
N HIS A 238 -20.88 -45.73 5.88
CA HIS A 238 -21.38 -47.10 5.98
C HIS A 238 -22.90 -47.18 5.82
N GLN A 239 -23.62 -46.14 6.23
CA GLN A 239 -25.08 -46.12 6.17
C GLN A 239 -25.56 -44.86 5.47
N PRO A 240 -25.39 -44.77 4.15
CA PRO A 240 -25.94 -43.61 3.43
C PRO A 240 -27.39 -43.81 3.02
N THR A 241 -27.81 -45.08 2.94
CA THR A 241 -29.18 -45.38 2.53
C THR A 241 -30.20 -44.86 3.53
N LEU A 242 -29.86 -44.91 4.82
CA LEU A 242 -30.78 -44.42 5.85
C LEU A 242 -31.09 -42.94 5.65
N PHE A 243 -30.05 -42.13 5.43
CA PHE A 243 -30.27 -40.71 5.22
C PHE A 243 -30.85 -40.41 3.84
N SER A 244 -30.55 -41.25 2.85
CA SER A 244 -31.17 -41.09 1.54
C SER A 244 -32.67 -41.30 1.62
N SER A 245 -33.11 -42.32 2.37
CA SER A 245 -34.53 -42.50 2.62
C SER A 245 -35.08 -41.36 3.48
N PHE A 246 -34.29 -40.87 4.43
CA PHE A 246 -34.73 -39.75 5.26
C PHE A 246 -34.90 -38.48 4.44
N GLY A 247 -34.17 -38.35 3.33
CA GLY A 247 -34.21 -37.13 2.55
C GLY A 247 -33.63 -35.93 3.27
N VAL A 248 -32.49 -36.11 3.95
CA VAL A 248 -31.88 -35.04 4.73
C VAL A 248 -30.63 -34.47 4.04
N SER A 249 -30.05 -35.20 3.09
CA SER A 249 -28.81 -34.80 2.42
C SER A 249 -27.70 -34.66 3.46
N PRO A 250 -27.18 -35.78 3.99
CA PRO A 250 -26.20 -35.69 5.05
C PRO A 250 -24.96 -34.94 4.60
N PRO A 251 -24.33 -34.19 5.49
CA PRO A 251 -23.17 -33.38 5.08
C PRO A 251 -21.98 -34.24 4.71
N ARG A 252 -21.18 -33.73 3.78
CA ARG A 252 -20.00 -34.43 3.31
C ARG A 252 -18.71 -33.72 3.71
N GLY A 253 -18.79 -32.67 4.52
CA GLY A 253 -17.60 -31.95 4.95
C GLY A 253 -17.43 -31.95 6.45
N ILE A 254 -16.23 -32.30 6.91
CA ILE A 254 -15.89 -32.31 8.33
C ILE A 254 -14.73 -31.35 8.54
N LEU A 255 -14.88 -30.44 9.51
CA LEU A 255 -13.87 -29.43 9.81
C LEU A 255 -13.20 -29.75 11.13
N LEU A 256 -11.87 -29.81 11.13
CA LEU A 256 -11.08 -30.03 12.34
C LEU A 256 -10.26 -28.78 12.59
N HIS A 257 -10.70 -27.98 13.56
CA HIS A 257 -10.06 -26.71 13.90
C HIS A 257 -9.47 -26.78 15.29
N GLY A 258 -8.22 -26.35 15.42
CA GLY A 258 -7.54 -26.34 16.70
C GLY A 258 -6.14 -25.78 16.60
N PRO A 259 -5.48 -25.60 17.75
CA PRO A 259 -4.12 -25.09 17.73
C PRO A 259 -3.20 -26.06 17.01
N PRO A 260 -2.14 -25.56 16.37
CA PRO A 260 -1.18 -26.46 15.73
C PRO A 260 -0.48 -27.35 16.73
N GLY A 261 -0.15 -28.57 16.30
CA GLY A 261 0.51 -29.53 17.16
C GLY A 261 -0.41 -30.38 18.00
N THR A 262 -1.71 -30.36 17.76
CA THR A 262 -2.66 -31.18 18.50
C THR A 262 -2.90 -32.54 17.86
N GLY A 263 -2.17 -32.88 16.80
CA GLY A 263 -2.35 -34.16 16.15
C GLY A 263 -3.46 -34.23 15.13
N LYS A 264 -3.85 -33.09 14.55
CA LYS A 264 -4.88 -33.09 13.52
C LYS A 264 -4.43 -33.90 12.30
N THR A 265 -3.17 -33.71 11.89
CA THR A 265 -2.63 -34.51 10.79
C THR A 265 -2.60 -35.98 11.16
N MET A 266 -2.22 -36.30 12.40
CA MET A 266 -2.25 -37.69 12.85
C MET A 266 -3.67 -38.25 12.83
N LEU A 267 -4.65 -37.43 13.22
CA LEU A 267 -6.04 -37.88 13.17
C LEU A 267 -6.47 -38.17 11.74
N LEU A 268 -6.13 -37.28 10.81
CA LEU A 268 -6.48 -37.45 9.41
C LEU A 268 -5.82 -38.71 8.83
N ARG A 269 -4.57 -38.95 9.19
CA ARG A 269 -3.86 -40.15 8.76
C ARG A 269 -4.42 -41.43 9.35
N VAL A 270 -4.76 -41.43 10.65
CA VAL A 270 -5.25 -42.65 11.28
C VAL A 270 -6.67 -42.97 10.82
N VAL A 271 -7.49 -41.95 10.58
CA VAL A 271 -8.85 -42.22 10.08
C VAL A 271 -8.78 -42.74 8.65
N ALA A 272 -7.75 -42.34 7.89
CA ALA A 272 -7.57 -42.89 6.55
C ALA A 272 -7.08 -44.33 6.61
N ASN A 273 -6.10 -44.60 7.49
CA ASN A 273 -5.55 -45.95 7.59
C ASN A 273 -6.59 -46.95 8.09
N THR A 274 -7.40 -46.55 9.07
CA THR A 274 -8.39 -47.45 9.64
C THR A 274 -9.60 -47.66 8.74
N SER A 275 -9.73 -46.88 7.68
CA SER A 275 -10.86 -46.99 6.76
C SER A 275 -10.40 -47.65 5.47
N ASN A 276 -11.16 -48.64 5.01
CA ASN A 276 -10.84 -49.34 3.77
C ASN A 276 -11.28 -48.59 2.53
N ALA A 277 -11.98 -47.46 2.67
CA ALA A 277 -12.42 -46.69 1.53
C ALA A 277 -11.24 -45.99 0.87
N HIS A 278 -11.48 -45.50 -0.35
CA HIS A 278 -10.44 -44.79 -1.08
C HIS A 278 -10.06 -43.50 -0.36
N VAL A 279 -8.79 -43.14 -0.43
CA VAL A 279 -8.25 -41.96 0.24
C VAL A 279 -7.67 -41.03 -0.81
N LEU A 280 -8.14 -39.80 -0.85
CA LEU A 280 -7.66 -38.79 -1.77
C LEU A 280 -7.19 -37.58 -0.98
N THR A 281 -5.96 -37.13 -1.25
CA THR A 281 -5.34 -36.04 -0.53
C THR A 281 -5.04 -34.90 -1.50
N ILE A 282 -5.48 -33.69 -1.14
CA ILE A 282 -5.22 -32.50 -1.94
C ILE A 282 -3.83 -31.98 -1.60
N ASN A 283 -2.96 -31.91 -2.60
CA ASN A 283 -1.60 -31.41 -2.36
C ASN A 283 -1.61 -29.95 -1.94
N GLY A 284 -2.45 -29.14 -2.57
CA GLY A 284 -2.54 -27.73 -2.25
C GLY A 284 -1.68 -26.88 -3.15
N PRO A 285 -0.61 -26.30 -2.59
CA PRO A 285 0.29 -25.48 -3.41
C PRO A 285 0.93 -26.24 -4.56
N SER A 286 1.20 -27.53 -4.38
CA SER A 286 1.77 -28.33 -5.47
C SER A 286 0.81 -28.41 -6.65
N ILE A 287 -0.49 -28.59 -6.38
CA ILE A 287 -1.47 -28.63 -7.44
C ILE A 287 -1.57 -27.28 -8.14
N VAL A 288 -1.56 -26.20 -7.36
CA VAL A 288 -1.67 -24.86 -7.94
C VAL A 288 -0.42 -24.54 -8.74
N SER A 289 -0.60 -24.10 -9.98
CA SER A 289 0.49 -23.76 -10.88
C SER A 289 0.19 -22.42 -11.54
N LYS A 290 1.08 -22.02 -12.46
CA LYS A 290 0.89 -20.74 -13.16
C LYS A 290 -0.31 -20.79 -14.10
N TYR A 291 -0.64 -21.96 -14.61
CA TYR A 291 -1.79 -22.09 -15.50
C TYR A 291 -3.09 -21.94 -14.72
N LEU A 292 -3.99 -21.08 -15.22
CA LEU A 292 -5.25 -20.85 -14.53
C LEU A 292 -6.15 -22.07 -14.57
N GLY A 293 -6.22 -22.75 -15.73
CA GLY A 293 -7.09 -23.90 -15.88
C GLY A 293 -6.54 -25.20 -15.34
N GLU A 294 -5.24 -25.24 -15.00
CA GLU A 294 -4.66 -26.48 -14.48
C GLU A 294 -5.28 -26.88 -13.15
N THR A 295 -5.48 -25.90 -12.25
CA THR A 295 -6.08 -26.21 -10.96
C THR A 295 -7.52 -26.68 -11.12
N GLU A 296 -8.29 -26.04 -12.00
CA GLU A 296 -9.66 -26.47 -12.25
C GLU A 296 -9.71 -27.87 -12.83
N ALA A 297 -8.82 -28.15 -13.78
CA ALA A 297 -8.78 -29.49 -14.38
C ALA A 297 -8.42 -30.55 -13.34
N ALA A 298 -7.44 -30.25 -12.49
CA ALA A 298 -7.05 -31.21 -11.46
C ALA A 298 -8.18 -31.44 -10.47
N LEU A 299 -8.86 -30.38 -10.05
CA LEU A 299 -9.98 -30.53 -9.13
C LEU A 299 -11.11 -31.34 -9.75
N ARG A 300 -11.43 -31.07 -11.02
CA ARG A 300 -12.47 -31.84 -11.69
C ARG A 300 -12.07 -33.30 -11.81
N ASP A 301 -10.81 -33.57 -12.15
CA ASP A 301 -10.35 -34.95 -12.28
C ASP A 301 -10.43 -35.69 -10.95
N ILE A 302 -9.99 -35.05 -9.87
CA ILE A 302 -10.00 -35.73 -8.57
C ILE A 302 -11.43 -35.93 -8.09
N PHE A 303 -12.31 -34.96 -8.35
CA PHE A 303 -13.72 -35.12 -7.97
C PHE A 303 -14.37 -36.25 -8.76
N ASN A 304 -14.07 -36.34 -10.06
CA ASN A 304 -14.62 -37.43 -10.88
C ASN A 304 -14.09 -38.78 -10.40
N GLU A 305 -12.81 -38.85 -10.05
CA GLU A 305 -12.24 -40.09 -9.52
C GLU A 305 -12.91 -40.49 -8.22
N ALA A 306 -13.14 -39.52 -7.33
CA ALA A 306 -13.81 -39.82 -6.07
C ALA A 306 -15.25 -40.28 -6.29
N ARG A 307 -15.95 -39.65 -7.24
CA ARG A 307 -17.35 -39.99 -7.48
C ARG A 307 -17.49 -41.33 -8.21
N LYS A 308 -16.50 -41.71 -9.02
CA LYS A 308 -16.59 -42.95 -9.77
C LYS A 308 -16.66 -44.16 -8.85
N TYR A 309 -15.87 -44.16 -7.78
CA TYR A 309 -15.84 -45.26 -6.84
C TYR A 309 -16.62 -44.87 -5.60
N GLN A 310 -17.57 -45.73 -5.20
CA GLN A 310 -18.47 -45.39 -4.10
C GLN A 310 -17.73 -45.15 -2.79
N PRO A 311 -16.87 -46.05 -2.29
CA PRO A 311 -16.16 -45.76 -1.03
C PRO A 311 -14.93 -44.90 -1.27
N SER A 312 -14.97 -43.67 -0.79
CA SER A 312 -13.85 -42.76 -0.94
C SER A 312 -13.96 -41.64 0.08
N ILE A 313 -12.81 -41.17 0.55
CA ILE A 313 -12.73 -40.07 1.52
C ILE A 313 -11.79 -39.02 0.96
N ILE A 314 -12.23 -37.76 0.99
CA ILE A 314 -11.46 -36.63 0.47
C ILE A 314 -10.77 -35.94 1.64
N PHE A 315 -9.46 -35.77 1.53
CA PHE A 315 -8.66 -35.11 2.55
C PHE A 315 -8.07 -33.82 1.97
N ILE A 316 -8.24 -32.72 2.69
CA ILE A 316 -7.74 -31.41 2.27
C ILE A 316 -6.86 -30.89 3.41
N ASP A 317 -5.56 -31.14 3.32
CA ASP A 317 -4.63 -30.65 4.33
C ASP A 317 -4.42 -29.15 4.18
N GLU A 318 -4.46 -28.45 5.32
CA GLU A 318 -4.24 -27.00 5.37
C GLU A 318 -5.25 -26.27 4.47
N ILE A 319 -6.53 -26.40 4.83
CA ILE A 319 -7.59 -25.75 4.07
C ILE A 319 -7.46 -24.24 4.15
N ASP A 320 -6.90 -23.71 5.24
CA ASP A 320 -6.76 -22.27 5.40
C ASP A 320 -5.86 -21.69 4.32
N SER A 321 -4.72 -22.33 4.05
CA SER A 321 -3.84 -21.87 2.98
C SER A 321 -4.49 -22.04 1.61
N ILE A 322 -5.16 -23.17 1.39
CA ILE A 322 -5.81 -23.41 0.11
C ILE A 322 -7.02 -22.49 -0.07
N ALA A 323 -7.79 -22.28 1.00
CA ALA A 323 -9.02 -21.49 0.95
C ALA A 323 -8.95 -20.41 2.01
N PRO A 324 -8.28 -19.31 1.74
CA PRO A 324 -8.19 -18.21 2.70
C PRO A 324 -9.45 -17.34 2.65
N ASN A 325 -9.48 -16.35 3.52
CA ASN A 325 -10.63 -15.46 3.61
C ASN A 325 -10.66 -14.51 2.42
N ARG A 326 -11.76 -14.54 1.67
CA ARG A 326 -11.90 -13.63 0.52
C ARG A 326 -12.02 -12.18 0.97
N ALA A 327 -12.74 -11.93 2.07
CA ALA A 327 -12.90 -10.57 2.56
C ALA A 327 -11.57 -10.00 3.05
N ASN A 328 -10.76 -10.81 3.74
CA ASN A 328 -9.50 -10.31 4.28
C ASN A 328 -8.51 -10.00 3.16
N ASP A 329 -8.35 -10.91 2.21
CA ASP A 329 -7.44 -10.73 1.08
C ASP A 329 -8.23 -10.83 -0.21
N ASP A 330 -8.20 -9.76 -1.01
CA ASP A 330 -8.93 -9.71 -2.28
C ASP A 330 -7.97 -10.13 -3.40
N SER A 331 -7.70 -11.43 -3.45
CA SER A 331 -6.83 -12.02 -4.45
C SER A 331 -7.65 -13.00 -5.29
N GLY A 332 -7.97 -12.60 -6.51
CA GLY A 332 -8.71 -13.44 -7.43
C GLY A 332 -7.87 -14.30 -8.35
N GLU A 333 -6.56 -14.36 -8.12
CA GLU A 333 -5.67 -15.10 -9.02
C GLU A 333 -5.76 -16.60 -8.78
N VAL A 334 -5.40 -17.05 -7.58
CA VAL A 334 -5.39 -18.48 -7.27
C VAL A 334 -6.13 -18.76 -5.98
N GLU A 335 -6.94 -17.80 -5.53
CA GLU A 335 -7.68 -17.93 -4.28
C GLU A 335 -9.18 -17.95 -4.48
N SER A 336 -9.74 -16.96 -5.18
CA SER A 336 -11.19 -16.89 -5.33
C SER A 336 -11.70 -17.96 -6.29
N ARG A 337 -11.02 -18.15 -7.41
CA ARG A 337 -11.49 -19.11 -8.42
C ARG A 337 -11.50 -20.53 -7.88
N VAL A 338 -10.43 -20.92 -7.17
CA VAL A 338 -10.36 -22.28 -6.64
C VAL A 338 -11.42 -22.50 -5.58
N VAL A 339 -11.65 -21.51 -4.71
CA VAL A 339 -12.68 -21.63 -3.69
C VAL A 339 -14.05 -21.79 -4.33
N ALA A 340 -14.34 -20.95 -5.32
CA ALA A 340 -15.64 -21.00 -5.98
C ALA A 340 -15.84 -22.35 -6.68
N THR A 341 -14.83 -22.83 -7.39
CA THR A 341 -14.99 -24.08 -8.12
C THR A 341 -15.11 -25.26 -7.16
N LEU A 342 -14.36 -25.25 -6.05
CA LEU A 342 -14.46 -26.37 -5.11
C LEU A 342 -15.82 -26.38 -4.43
N LEU A 343 -16.34 -25.19 -4.05
CA LEU A 343 -17.65 -25.17 -3.41
C LEU A 343 -18.75 -25.58 -4.39
N THR A 344 -18.65 -25.15 -5.65
CA THR A 344 -19.64 -25.56 -6.63
C THR A 344 -19.60 -27.07 -6.89
N LEU A 345 -18.40 -27.65 -6.99
CA LEU A 345 -18.30 -29.09 -7.20
C LEU A 345 -18.80 -29.86 -5.99
N MET A 346 -18.48 -29.40 -4.78
CA MET A 346 -18.89 -30.13 -3.59
C MET A 346 -20.38 -30.02 -3.33
N ASP A 347 -20.99 -28.87 -3.65
CA ASP A 347 -22.42 -28.71 -3.46
C ASP A 347 -23.24 -29.49 -4.48
N GLY A 348 -22.64 -29.83 -5.63
CA GLY A 348 -23.33 -30.50 -6.70
C GLY A 348 -23.40 -32.01 -6.64
N MET A 349 -22.75 -32.64 -5.65
CA MET A 349 -22.77 -34.09 -5.57
C MET A 349 -24.13 -34.59 -5.09
N GLY A 350 -24.46 -35.82 -5.50
CA GLY A 350 -25.71 -36.41 -5.09
C GLY A 350 -25.70 -36.89 -3.65
N ALA A 351 -26.91 -37.06 -3.12
CA ALA A 351 -27.06 -37.51 -1.73
C ALA A 351 -26.78 -38.99 -1.57
N ALA A 352 -27.01 -39.79 -2.62
CA ALA A 352 -26.83 -41.24 -2.51
C ALA A 352 -25.37 -41.64 -2.39
N GLY A 353 -24.44 -40.80 -2.84
CA GLY A 353 -23.04 -41.14 -2.76
C GLY A 353 -22.52 -41.16 -1.34
N LYS A 354 -21.42 -41.88 -1.15
CA LYS A 354 -20.76 -42.00 0.16
C LYS A 354 -19.36 -41.42 0.02
N VAL A 355 -19.24 -40.10 0.17
CA VAL A 355 -17.97 -39.40 0.09
C VAL A 355 -17.91 -38.39 1.22
N VAL A 356 -16.75 -38.28 1.87
CA VAL A 356 -16.55 -37.37 2.99
C VAL A 356 -15.34 -36.51 2.70
N VAL A 357 -15.47 -35.20 2.92
CA VAL A 357 -14.39 -34.25 2.74
C VAL A 357 -13.91 -33.79 4.11
N ILE A 358 -12.61 -33.88 4.34
CA ILE A 358 -12.00 -33.51 5.61
C ILE A 358 -11.13 -32.29 5.40
N ALA A 359 -11.36 -31.26 6.20
CA ALA A 359 -10.59 -30.02 6.13
C ALA A 359 -10.04 -29.69 7.52
N ALA A 360 -8.75 -29.40 7.58
CA ALA A 360 -8.07 -29.06 8.83
C ALA A 360 -7.48 -27.66 8.71
N THR A 361 -7.77 -26.80 9.69
CA THR A 361 -7.28 -25.44 9.70
C THR A 361 -6.66 -25.12 11.05
N ASN A 362 -5.67 -24.23 11.03
CA ASN A 362 -5.04 -23.82 12.28
C ASN A 362 -5.94 -22.87 13.08
N ARG A 363 -6.61 -21.96 12.39
CA ARG A 363 -7.53 -21.03 13.05
C ARG A 363 -8.81 -20.95 12.22
N PRO A 364 -9.98 -20.91 12.85
CA PRO A 364 -11.22 -20.78 12.07
C PRO A 364 -11.48 -19.37 11.56
N ASN A 365 -10.89 -18.36 12.20
CA ASN A 365 -11.17 -16.98 11.82
C ASN A 365 -10.68 -16.68 10.42
N SER A 366 -9.48 -17.17 10.06
CA SER A 366 -8.93 -16.91 8.74
C SER A 366 -9.67 -17.68 7.66
N VAL A 367 -10.46 -18.69 8.01
CA VAL A 367 -11.24 -19.41 7.03
C VAL A 367 -12.34 -18.52 6.47
N ASP A 368 -12.60 -18.65 5.18
CA ASP A 368 -13.60 -17.82 4.53
C ASP A 368 -14.97 -18.11 5.14
N PRO A 369 -15.77 -17.07 5.43
CA PRO A 369 -17.09 -17.30 6.02
C PRO A 369 -18.02 -18.10 5.13
N ALA A 370 -17.82 -18.07 3.81
CA ALA A 370 -18.65 -18.88 2.92
C ALA A 370 -18.47 -20.37 3.20
N LEU A 371 -17.23 -20.80 3.42
CA LEU A 371 -16.98 -22.21 3.76
C LEU A 371 -17.43 -22.52 5.18
N ARG A 372 -17.43 -21.53 6.07
CA ARG A 372 -17.86 -21.73 7.45
C ARG A 372 -19.37 -21.71 7.60
N ARG A 373 -20.11 -21.40 6.53
CA ARG A 373 -21.56 -21.44 6.60
C ARG A 373 -22.02 -22.87 6.87
N PRO A 374 -23.02 -23.06 7.75
CA PRO A 374 -23.46 -24.43 8.07
C PRO A 374 -24.28 -25.06 6.95
N GLY A 375 -23.76 -24.98 5.72
CA GLY A 375 -24.38 -25.64 4.58
C GLY A 375 -23.37 -26.49 3.83
N ARG A 376 -22.09 -26.23 4.07
CA ARG A 376 -21.00 -26.94 3.42
C ARG A 376 -20.03 -27.58 4.40
N PHE A 377 -19.76 -26.94 5.53
CA PHE A 377 -18.87 -27.45 6.56
C PHE A 377 -19.50 -27.30 7.93
N ASP A 378 -20.76 -27.69 8.05
CA ASP A 378 -21.48 -27.55 9.30
C ASP A 378 -20.86 -28.42 10.39
N GLN A 379 -20.47 -29.64 10.06
CA GLN A 379 -19.86 -30.54 11.03
C GLN A 379 -18.46 -30.07 11.36
N GLU A 380 -18.25 -29.60 12.60
CA GLU A 380 -16.97 -29.09 13.04
C GLU A 380 -16.54 -29.83 14.30
N VAL A 381 -15.28 -30.26 14.32
CA VAL A 381 -14.70 -30.95 15.47
C VAL A 381 -13.65 -30.02 16.08
N GLU A 382 -13.81 -29.74 17.37
CA GLU A 382 -12.91 -28.84 18.09
C GLU A 382 -11.93 -29.64 18.91
N ILE A 383 -10.64 -29.37 18.72
CA ILE A 383 -9.57 -30.02 19.47
C ILE A 383 -8.84 -28.94 20.26
N GLY A 384 -8.74 -29.13 21.58
CA GLY A 384 -8.09 -28.19 22.46
C GLY A 384 -6.84 -28.76 23.10
N ILE A 385 -6.24 -27.92 23.95
CA ILE A 385 -5.02 -28.34 24.68
C ILE A 385 -5.39 -29.40 25.69
N PRO A 386 -4.72 -30.55 25.71
CA PRO A 386 -5.06 -31.60 26.68
C PRO A 386 -4.84 -31.13 28.11
N ASP A 387 -5.71 -31.59 29.00
CA ASP A 387 -5.61 -31.28 30.42
C ASP A 387 -4.73 -32.31 31.12
N VAL A 388 -4.75 -32.31 32.46
CA VAL A 388 -3.81 -33.12 33.23
C VAL A 388 -4.01 -34.60 32.95
N ASP A 389 -5.26 -35.07 33.02
CA ASP A 389 -5.52 -36.50 32.80
C ASP A 389 -5.23 -36.90 31.37
N ALA A 390 -5.59 -36.06 30.40
CA ALA A 390 -5.30 -36.37 29.00
C ALA A 390 -3.80 -36.41 28.75
N ARG A 391 -3.05 -35.46 29.32
CA ARG A 391 -1.61 -35.46 29.17
C ARG A 391 -0.99 -36.69 29.81
N PHE A 392 -1.50 -37.09 30.98
CA PHE A 392 -1.01 -38.31 31.62
C PHE A 392 -1.27 -39.54 30.75
N ASP A 393 -2.46 -39.61 30.16
CA ASP A 393 -2.78 -40.72 29.27
C ASP A 393 -1.86 -40.73 28.05
N ILE A 394 -1.58 -39.55 27.48
CA ILE A 394 -0.69 -39.45 26.33
C ILE A 394 0.71 -39.92 26.71
N LEU A 395 1.19 -39.50 27.88
CA LEU A 395 2.52 -39.92 28.32
C LEU A 395 2.58 -41.43 28.54
N THR A 396 1.53 -42.01 29.14
CA THR A 396 1.51 -43.44 29.35
C THR A 396 1.49 -44.19 28.01
N LYS A 397 0.71 -43.70 27.05
CA LYS A 397 0.67 -44.33 25.73
C LYS A 397 2.03 -44.25 25.05
N GLN A 398 2.70 -43.08 25.14
CA GLN A 398 4.02 -42.94 24.55
C GLN A 398 5.03 -43.88 25.20
N PHE A 399 4.99 -44.00 26.53
CA PHE A 399 5.90 -44.89 27.22
C PHE A 399 5.63 -46.36 26.88
N SER A 400 4.36 -46.72 26.73
CA SER A 400 4.03 -48.09 26.33
C SER A 400 4.51 -48.38 24.91
N ARG A 401 4.35 -47.40 24.01
CA ARG A 401 4.85 -47.57 22.65
C ARG A 401 6.37 -47.72 22.65
N MET A 402 7.06 -46.92 23.45
CA MET A 402 8.49 -47.08 23.62
C MET A 402 8.79 -48.40 24.35
N SER A 403 9.98 -48.93 24.12
CA SER A 403 10.39 -50.17 24.76
C SER A 403 10.44 -49.99 26.27
N SER A 404 9.84 -50.95 27.00
CA SER A 404 9.74 -50.84 28.44
C SER A 404 11.06 -51.10 29.15
N ASP A 405 11.99 -51.83 28.52
CA ASP A 405 13.25 -52.15 29.15
C ASP A 405 14.27 -51.01 29.08
N ARG A 406 13.98 -49.96 28.32
CA ARG A 406 14.91 -48.85 28.16
C ARG A 406 14.65 -47.72 29.16
N HIS A 407 13.64 -47.85 30.01
CA HIS A 407 13.35 -46.81 31.00
C HIS A 407 12.52 -47.42 32.12
N VAL A 408 12.62 -46.79 33.29
CA VAL A 408 11.83 -47.16 34.45
C VAL A 408 11.16 -45.90 34.99
N LEU A 409 9.82 -45.88 34.96
CA LEU A 409 9.05 -44.72 35.43
C LEU A 409 7.70 -45.23 35.90
N ASP A 410 7.45 -45.10 37.20
CA ASP A 410 6.18 -45.57 37.77
C ASP A 410 5.08 -44.53 37.52
N SER A 411 3.89 -44.83 38.04
CA SER A 411 2.73 -43.98 37.81
C SER A 411 2.91 -42.59 38.41
N GLU A 412 3.49 -42.52 39.62
CA GLU A 412 3.65 -41.24 40.27
C GLU A 412 4.60 -40.32 39.49
N ALA A 413 5.66 -40.88 38.91
CA ALA A 413 6.57 -40.08 38.11
C ALA A 413 5.88 -39.52 36.87
N ILE A 414 5.07 -40.34 36.21
CA ILE A 414 4.34 -39.87 35.03
C ILE A 414 3.34 -38.79 35.42
N LYS A 415 2.67 -38.97 36.56
CA LYS A 415 1.74 -37.96 37.04
C LYS A 415 2.45 -36.64 37.34
N TYR A 416 3.63 -36.73 37.96
CA TYR A 416 4.40 -35.51 38.25
C TYR A 416 4.83 -34.82 36.97
N ILE A 417 5.28 -35.59 35.97
CA ILE A 417 5.67 -35.00 34.70
C ILE A 417 4.48 -34.32 34.02
N ALA A 418 3.31 -34.98 34.05
CA ALA A 418 2.12 -34.40 33.46
C ALA A 418 1.71 -33.12 34.18
N SER A 419 1.82 -33.11 35.51
CA SER A 419 1.48 -31.91 36.28
C SER A 419 2.44 -30.77 35.95
N LYS A 420 3.73 -31.08 35.80
CA LYS A 420 4.70 -30.05 35.45
C LYS A 420 4.61 -29.65 33.98
N THR A 421 3.87 -30.40 33.17
CA THR A 421 3.72 -30.13 31.74
C THR A 421 2.36 -29.49 31.52
N HIS A 422 2.36 -28.17 31.27
CA HIS A 422 1.11 -27.46 31.06
C HIS A 422 1.04 -26.64 29.78
N GLY A 423 2.11 -25.97 29.37
CA GLY A 423 2.07 -25.15 28.17
C GLY A 423 2.33 -25.94 26.90
N TYR A 424 2.74 -27.20 27.07
CA TYR A 424 3.07 -28.06 25.94
C TYR A 424 1.81 -28.56 25.25
N VAL A 425 1.89 -28.76 23.94
CA VAL A 425 0.72 -29.07 23.13
C VAL A 425 0.66 -30.57 22.80
N GLY A 426 1.83 -31.19 22.63
CA GLY A 426 1.92 -32.60 22.32
C GLY A 426 2.95 -32.87 21.24
N ALA A 427 3.01 -31.99 20.24
CA ALA A 427 4.23 -31.90 19.44
C ALA A 427 5.38 -31.41 20.32
N ASP A 428 5.06 -30.51 21.26
CA ASP A 428 6.02 -30.14 22.28
C ASP A 428 6.38 -31.33 23.15
N LEU A 429 5.42 -32.23 23.42
CA LEU A 429 5.74 -33.45 24.16
C LEU A 429 6.71 -34.33 23.39
N THR A 430 6.47 -34.49 22.09
CA THR A 430 7.40 -35.27 21.27
C THR A 430 8.78 -34.65 21.24
N ALA A 431 8.84 -33.32 21.13
CA ALA A 431 10.12 -32.62 21.17
C ALA A 431 10.82 -32.81 22.51
N LEU A 432 10.05 -32.77 23.61
CA LEU A 432 10.63 -32.98 24.93
C LEU A 432 11.20 -34.39 25.06
N CYS A 433 10.47 -35.39 24.58
CA CYS A 433 10.98 -36.76 24.64
C CYS A 433 12.24 -36.91 23.80
N ARG A 434 12.24 -36.32 22.60
CA ARG A 434 13.42 -36.40 21.74
C ARG A 434 14.62 -35.72 22.38
N GLU A 435 14.41 -34.55 22.97
CA GLU A 435 15.50 -33.82 23.63
C GLU A 435 16.01 -34.58 24.85
N SER A 436 15.09 -35.24 25.57
CA SER A 436 15.50 -36.07 26.70
C SER A 436 16.37 -37.23 26.24
N VAL A 437 16.01 -37.87 25.13
CA VAL A 437 16.83 -38.95 24.60
C VAL A 437 18.20 -38.42 24.18
N MET A 438 18.23 -37.26 23.51
CA MET A 438 19.49 -36.66 23.10
C MET A 438 20.37 -36.36 24.31
N LYS A 439 19.78 -35.78 25.37
CA LYS A 439 20.55 -35.45 26.56
C LYS A 439 21.06 -36.71 27.25
N THR A 440 20.24 -37.75 27.31
CA THR A 440 20.68 -39.00 27.93
C THR A 440 21.86 -39.60 27.17
N ILE A 441 21.76 -39.62 25.83
CA ILE A 441 22.86 -40.16 25.03
C ILE A 441 24.13 -39.34 25.22
N GLN A 442 23.99 -38.01 25.19
CA GLN A 442 25.16 -37.15 25.35
C GLN A 442 25.80 -37.34 26.72
N ARG A 443 25.00 -37.40 27.78
CA ARG A 443 25.54 -37.61 29.12
C ARG A 443 26.22 -38.97 29.22
N GLY A 444 25.62 -40.01 28.66
CA GLY A 444 26.23 -41.33 28.72
C GLY A 444 27.58 -41.37 28.02
N LEU A 445 27.65 -40.82 26.81
CA LEU A 445 28.91 -40.80 26.08
C LEU A 445 29.95 -39.93 26.78
N GLY A 446 29.52 -38.80 27.35
CA GLY A 446 30.45 -37.93 28.04
C GLY A 446 31.02 -38.54 29.31
N THR A 447 30.19 -39.25 30.07
CA THR A 447 30.61 -39.75 31.38
C THR A 447 31.23 -41.14 31.28
N ASP A 448 30.48 -42.10 30.75
CA ASP A 448 30.92 -43.50 30.77
C ASP A 448 31.74 -43.88 29.54
N ALA A 449 32.02 -42.95 28.65
CA ALA A 449 32.87 -43.17 27.48
C ALA A 449 32.32 -44.29 26.60
N ASN A 450 31.13 -44.04 26.04
CA ASN A 450 30.48 -44.93 25.09
C ASN A 450 30.20 -46.31 25.71
N ILE A 451 29.41 -46.30 26.77
CA ILE A 451 28.99 -47.52 27.43
C ILE A 451 27.74 -48.04 26.72
N ASP A 452 27.41 -49.31 26.96
CA ASP A 452 26.19 -49.89 26.41
C ASP A 452 24.98 -49.11 26.91
N LYS A 453 24.07 -48.78 25.99
CA LYS A 453 22.92 -47.95 26.30
C LYS A 453 21.89 -48.66 27.18
N PHE A 454 22.03 -49.97 27.37
CA PHE A 454 21.08 -50.71 28.21
C PHE A 454 21.13 -50.22 29.66
N SER A 455 22.34 -50.00 30.18
CA SER A 455 22.49 -49.58 31.57
C SER A 455 22.13 -48.11 31.78
N LEU A 456 22.28 -47.28 30.75
CA LEU A 456 22.02 -45.85 30.90
C LEU A 456 20.54 -45.59 31.21
N LYS A 457 19.65 -46.23 30.45
CA LYS A 457 18.20 -46.07 30.62
C LYS A 457 17.78 -44.61 30.54
N VAL A 458 16.62 -44.28 31.11
CA VAL A 458 16.10 -42.92 31.11
C VAL A 458 15.77 -42.54 32.55
N THR A 459 16.20 -41.35 32.96
CA THR A 459 15.99 -40.87 34.31
C THR A 459 15.09 -39.64 34.29
N LEU A 460 14.34 -39.44 35.38
CA LEU A 460 13.45 -38.29 35.48
C LEU A 460 14.25 -36.98 35.52
N LYS A 461 15.48 -37.03 36.03
CA LYS A 461 16.32 -35.84 36.08
C LYS A 461 16.62 -35.33 34.67
N ASP A 462 16.90 -36.25 33.73
CA ASP A 462 17.14 -35.84 32.35
C ASP A 462 15.90 -35.24 31.73
N VAL A 463 14.72 -35.81 32.03
CA VAL A 463 13.47 -35.26 31.51
C VAL A 463 13.25 -33.85 32.04
N GLU A 464 13.51 -33.63 33.33
CA GLU A 464 13.37 -32.30 33.90
C GLU A 464 14.37 -31.33 33.29
N SER A 465 15.60 -31.79 33.05
CA SER A 465 16.61 -30.93 32.41
C SER A 465 16.17 -30.52 31.01
N ALA A 466 15.64 -31.47 30.24
CA ALA A 466 15.14 -31.16 28.90
C ALA A 466 13.96 -30.19 28.97
N MET A 467 13.05 -30.40 29.92
CA MET A 467 11.91 -29.51 30.09
C MET A 467 12.37 -28.09 30.40
N VAL A 468 13.39 -27.95 31.25
CA VAL A 468 13.95 -26.63 31.52
C VAL A 468 14.60 -26.07 30.26
N ASP A 469 15.30 -26.90 29.51
CA ASP A 469 16.04 -26.48 28.33
C ASP A 469 15.13 -25.90 27.25
N ILE A 470 14.02 -26.58 26.94
CA ILE A 470 13.12 -26.16 25.88
C ILE A 470 11.81 -25.68 26.51
N ARG A 471 11.41 -24.46 26.16
CA ARG A 471 10.17 -23.88 26.65
C ARG A 471 9.00 -24.29 25.76
N PRO A 472 7.78 -24.23 26.29
CA PRO A 472 6.60 -24.56 25.45
C PRO A 472 6.49 -23.63 24.26
N SER A 473 6.06 -24.20 23.13
CA SER A 473 5.86 -23.43 21.91
C SER A 473 4.47 -22.80 21.83
N ALA A 474 3.57 -23.13 22.76
CA ALA A 474 2.22 -22.59 22.79
C ALA A 474 1.90 -22.01 24.15
N MET A 475 2.83 -21.22 24.70
CA MET A 475 2.62 -20.60 26.00
C MET A 475 1.44 -19.63 25.96
N ARG A 476 1.33 -18.84 24.88
CA ARG A 476 0.21 -17.92 24.71
C ARG A 476 -1.04 -18.72 24.39
N GLU A 477 -1.92 -18.85 25.39
CA GLU A 477 -3.14 -19.64 25.25
C GLU A 477 -4.35 -18.76 25.53
N ILE A 478 -5.45 -19.05 24.84
CA ILE A 478 -6.69 -18.31 25.03
C ILE A 478 -7.20 -18.49 26.45
N PHE A 479 -7.20 -19.73 26.94
CA PHE A 479 -7.63 -20.06 28.29
C PHE A 479 -6.50 -20.74 29.03
N LEU A 480 -6.33 -20.38 30.30
CA LEU A 480 -5.27 -20.92 31.15
C LEU A 480 -5.86 -21.92 32.12
N GLU A 481 -5.30 -23.13 32.14
CA GLU A 481 -5.75 -24.20 33.03
C GLU A 481 -4.80 -24.23 34.23
N MET A 482 -5.18 -23.50 35.27
CA MET A 482 -4.40 -23.45 36.51
C MET A 482 -4.50 -24.80 37.21
N PRO A 483 -3.40 -25.49 37.46
CA PRO A 483 -3.47 -26.79 38.16
C PRO A 483 -4.31 -26.73 39.43
N LYS A 484 -4.89 -27.86 39.76
CA LYS A 484 -5.91 -27.94 40.80
C LYS A 484 -5.34 -27.64 42.18
N VAL A 485 -6.19 -27.09 43.04
CA VAL A 485 -5.86 -26.81 44.42
C VAL A 485 -7.03 -27.23 45.30
N TYR A 486 -6.73 -27.85 46.44
CA TYR A 486 -7.75 -28.38 47.32
C TYR A 486 -8.13 -27.35 48.39
N TRP A 487 -9.14 -27.69 49.18
CA TRP A 487 -9.63 -26.79 50.22
C TRP A 487 -8.69 -26.71 51.43
N SER A 488 -7.81 -27.70 51.60
CA SER A 488 -6.94 -27.71 52.77
C SER A 488 -5.97 -26.53 52.74
N ASP A 489 -5.48 -26.16 51.56
CA ASP A 489 -4.52 -25.07 51.45
C ASP A 489 -5.14 -23.74 51.86
N ILE A 490 -6.40 -23.51 51.50
CA ILE A 490 -7.05 -22.24 51.81
C ILE A 490 -7.21 -22.07 53.31
N GLY A 491 -7.74 -23.09 53.98
CA GLY A 491 -7.93 -23.02 55.42
C GLY A 491 -8.84 -21.91 55.88
N GLY A 492 -9.97 -21.71 55.19
CA GLY A 492 -10.89 -20.64 55.53
C GLY A 492 -11.80 -20.99 56.70
N GLN A 493 -12.70 -20.06 56.99
CA GLN A 493 -13.67 -20.23 58.08
C GLN A 493 -14.90 -21.00 57.63
N GLU A 494 -14.95 -21.43 56.37
CA GLU A 494 -16.01 -22.28 55.81
C GLU A 494 -17.31 -21.51 55.60
N GLU A 495 -17.38 -20.27 56.08
CA GLU A 495 -18.58 -19.47 55.87
C GLU A 495 -18.66 -18.97 54.44
N LEU A 496 -17.60 -18.29 53.99
CA LEU A 496 -17.54 -17.84 52.60
C LEU A 496 -17.49 -19.02 51.65
N LYS A 497 -16.82 -20.10 52.05
CA LYS A 497 -16.79 -21.31 51.23
C LYS A 497 -18.18 -21.90 51.06
N THR A 498 -18.95 -21.98 52.15
CA THR A 498 -20.33 -22.47 52.05
C THR A 498 -21.19 -21.52 51.22
N LYS A 499 -20.97 -20.21 51.35
CA LYS A 499 -21.71 -19.25 50.55
C LYS A 499 -21.47 -19.47 49.06
N MET A 500 -20.20 -19.63 48.67
CA MET A 500 -19.91 -19.90 47.27
C MET A 500 -20.44 -21.25 46.83
N LYS A 501 -20.41 -22.26 47.71
CA LYS A 501 -20.94 -23.57 47.36
C LYS A 501 -22.44 -23.50 47.09
N GLU A 502 -23.17 -22.75 47.91
CA GLU A 502 -24.62 -22.65 47.74
C GLU A 502 -25.03 -21.62 46.70
N MET A 503 -24.11 -20.75 46.26
CA MET A 503 -24.49 -19.70 45.33
C MET A 503 -24.52 -20.20 43.88
N ILE A 504 -23.39 -20.68 43.37
CA ILE A 504 -23.27 -20.97 41.95
C ILE A 504 -23.45 -22.44 41.60
N GLN A 505 -23.48 -23.34 42.59
CA GLN A 505 -23.73 -24.74 42.29
C GLN A 505 -25.18 -24.98 41.88
N LEU A 506 -26.12 -24.23 42.48
CA LEU A 506 -27.53 -24.43 42.19
C LEU A 506 -27.88 -24.21 40.71
N PRO A 507 -27.46 -23.12 40.06
CA PRO A 507 -27.80 -22.97 38.63
C PRO A 507 -27.19 -24.03 37.74
N LEU A 508 -26.14 -24.72 38.19
CA LEU A 508 -25.48 -25.72 37.37
C LEU A 508 -26.10 -27.11 37.48
N GLU A 509 -26.68 -27.45 38.63
CA GLU A 509 -27.21 -28.78 38.87
C GLU A 509 -28.73 -28.83 39.01
N ALA A 510 -29.35 -27.78 39.55
CA ALA A 510 -30.78 -27.72 39.80
C ALA A 510 -31.51 -26.93 38.70
N SER A 511 -31.10 -27.10 37.45
CA SER A 511 -31.75 -26.40 36.35
C SER A 511 -33.22 -26.80 36.24
N GLU A 512 -33.51 -28.09 36.41
CA GLU A 512 -34.91 -28.54 36.36
C GLU A 512 -35.72 -27.96 37.51
N THR A 513 -35.12 -27.87 38.70
CA THR A 513 -35.81 -27.26 39.84
C THR A 513 -36.07 -25.78 39.58
N PHE A 514 -35.09 -25.09 38.99
CA PHE A 514 -35.29 -23.68 38.65
C PHE A 514 -36.41 -23.51 37.63
N ALA A 515 -36.44 -24.38 36.62
CA ALA A 515 -37.50 -24.31 35.61
C ALA A 515 -38.86 -24.57 36.23
N ARG A 516 -38.94 -25.53 37.15
CA ARG A 516 -40.20 -25.80 37.84
C ARG A 516 -40.63 -24.62 38.70
N LEU A 517 -39.68 -23.98 39.38
CA LEU A 517 -39.98 -22.84 40.25
C LEU A 517 -40.06 -21.52 39.50
N GLY A 518 -39.67 -21.48 38.22
CA GLY A 518 -39.73 -20.26 37.44
C GLY A 518 -38.52 -19.38 37.61
N ILE A 519 -38.75 -18.06 37.77
CA ILE A 519 -37.74 -17.02 37.93
C ILE A 519 -36.56 -17.21 36.96
N SER A 520 -35.42 -16.61 37.29
CA SER A 520 -34.22 -16.71 36.46
C SER A 520 -33.00 -16.93 37.34
N ALA A 521 -31.97 -17.51 36.74
CA ALA A 521 -30.73 -17.75 37.46
C ALA A 521 -30.01 -16.44 37.74
N PRO A 522 -29.21 -16.38 38.81
CA PRO A 522 -28.45 -15.15 39.09
C PRO A 522 -27.50 -14.75 37.98
N LYS A 523 -26.93 -15.74 37.27
CA LYS A 523 -26.03 -15.55 36.13
C LYS A 523 -25.02 -14.43 36.35
N GLY A 524 -24.50 -14.30 37.57
CA GLY A 524 -23.47 -13.32 37.84
C GLY A 524 -23.03 -13.27 39.30
N VAL A 525 -21.72 -13.25 39.51
CA VAL A 525 -21.15 -13.15 40.85
C VAL A 525 -19.98 -12.17 40.79
N LEU A 526 -19.94 -11.22 41.73
CA LEU A 526 -18.89 -10.21 41.78
C LEU A 526 -18.06 -10.45 43.04
N LEU A 527 -16.74 -10.54 42.86
CA LEU A 527 -15.80 -10.78 43.95
C LEU A 527 -14.93 -9.53 44.10
N TYR A 528 -15.34 -8.63 45.00
CA TYR A 528 -14.62 -7.40 45.26
C TYR A 528 -14.11 -7.42 46.70
N GLY A 529 -12.82 -7.09 46.87
CA GLY A 529 -12.22 -7.11 48.18
C GLY A 529 -10.85 -6.46 48.20
N PRO A 530 -10.23 -6.39 49.38
CA PRO A 530 -8.91 -5.77 49.47
C PRO A 530 -7.87 -6.60 48.73
N PRO A 531 -6.82 -5.96 48.23
CA PRO A 531 -5.76 -6.72 47.54
C PRO A 531 -5.03 -7.65 48.49
N GLY A 532 -4.52 -8.74 47.94
CA GLY A 532 -3.85 -9.75 48.73
C GLY A 532 -4.76 -10.79 49.33
N CYS A 533 -6.03 -10.80 48.97
CA CYS A 533 -6.97 -11.78 49.50
C CYS A 533 -6.82 -13.10 48.74
N SER A 534 -7.76 -14.02 48.94
CA SER A 534 -7.71 -15.34 48.32
C SER A 534 -8.99 -15.61 47.52
N LYS A 535 -9.54 -14.58 46.88
CA LYS A 535 -10.72 -14.77 46.04
C LYS A 535 -10.43 -15.71 44.88
N THR A 536 -9.28 -15.51 44.21
CA THR A 536 -8.88 -16.41 43.14
C THR A 536 -8.64 -17.81 43.68
N LEU A 537 -8.02 -17.92 44.86
CA LEU A 537 -7.79 -19.23 45.45
C LEU A 537 -9.10 -19.94 45.76
N THR A 538 -10.08 -19.21 46.30
CA THR A 538 -11.38 -19.81 46.57
C THR A 538 -12.06 -20.26 45.28
N ALA A 539 -12.00 -19.44 44.24
CA ALA A 539 -12.61 -19.82 42.96
C ALA A 539 -11.94 -21.07 42.39
N LYS A 540 -10.61 -21.13 42.45
CA LYS A 540 -9.91 -22.30 41.93
C LYS A 540 -10.23 -23.55 42.75
N ALA A 541 -10.32 -23.40 44.07
CA ALA A 541 -10.66 -24.55 44.92
C ALA A 541 -12.07 -25.05 44.62
N LEU A 542 -13.01 -24.13 44.43
CA LEU A 542 -14.38 -24.55 44.09
C LEU A 542 -14.40 -25.23 42.73
N ALA A 543 -13.65 -24.71 41.77
CA ALA A 543 -13.58 -25.35 40.46
C ALA A 543 -12.99 -26.75 40.56
N THR A 544 -11.96 -26.93 41.38
CA THR A 544 -11.37 -28.24 41.58
C THR A 544 -12.35 -29.20 42.23
N GLU A 545 -13.05 -28.74 43.27
CA GLU A 545 -14.00 -29.60 43.98
C GLU A 545 -15.16 -30.01 43.08
N SER A 546 -15.70 -29.06 42.32
CA SER A 546 -16.81 -29.37 41.43
C SER A 546 -16.32 -30.15 40.21
N GLY A 547 -17.13 -31.10 39.75
CA GLY A 547 -16.81 -31.86 38.58
C GLY A 547 -17.08 -31.16 37.26
N ILE A 548 -17.64 -29.96 37.31
CA ILE A 548 -17.93 -29.21 36.09
C ILE A 548 -16.62 -28.63 35.54
N ASN A 549 -16.59 -28.44 34.21
CA ASN A 549 -15.41 -27.88 33.56
C ASN A 549 -15.22 -26.43 33.99
N PHE A 550 -13.96 -26.04 34.16
CA PHE A 550 -13.60 -24.70 34.58
C PHE A 550 -12.84 -24.00 33.46
N LEU A 551 -13.21 -22.75 33.18
CA LEU A 551 -12.56 -21.93 32.17
C LEU A 551 -12.17 -20.60 32.79
N ALA A 552 -10.90 -20.24 32.64
CA ALA A 552 -10.35 -19.02 33.24
C ALA A 552 -9.84 -18.09 32.14
N VAL A 553 -10.18 -16.81 32.25
CA VAL A 553 -9.76 -15.79 31.29
C VAL A 553 -9.07 -14.68 32.06
N LYS A 554 -7.87 -14.30 31.62
CA LYS A 554 -7.14 -13.19 32.21
C LYS A 554 -7.64 -11.88 31.62
N GLY A 555 -7.96 -10.92 32.49
CA GLY A 555 -8.52 -9.66 32.07
C GLY A 555 -7.60 -8.81 31.22
N PRO A 556 -6.51 -8.32 31.81
CA PRO A 556 -5.58 -7.46 31.05
C PRO A 556 -4.88 -8.16 29.90
N GLU A 557 -4.86 -9.49 29.88
CA GLU A 557 -4.10 -10.22 28.87
C GLU A 557 -4.80 -10.31 27.53
N ILE A 558 -6.08 -9.94 27.44
CA ILE A 558 -6.85 -10.09 26.20
C ILE A 558 -7.17 -8.73 25.58
N PHE A 559 -7.76 -7.82 26.36
CA PHE A 559 -8.21 -6.55 25.80
C PHE A 559 -7.05 -5.58 25.56
N ASN A 560 -6.02 -5.61 26.41
CA ASN A 560 -4.88 -4.72 26.21
C ASN A 560 -4.04 -5.16 25.04
N LYS A 561 -3.76 -6.48 24.93
CA LYS A 561 -2.90 -6.98 23.87
C LYS A 561 -3.54 -6.80 22.49
N TYR A 562 -4.85 -7.05 22.39
CA TYR A 562 -5.57 -6.98 21.13
C TYR A 562 -6.45 -5.73 21.14
N VAL A 563 -6.06 -4.72 20.35
CA VAL A 563 -6.86 -3.51 20.27
C VAL A 563 -8.17 -3.77 19.52
N GLY A 564 -8.11 -4.58 18.47
CA GLY A 564 -9.29 -4.86 17.67
C GLY A 564 -9.72 -6.31 17.74
N GLU A 565 -8.76 -7.22 17.96
CA GLU A 565 -9.05 -8.64 18.03
C GLU A 565 -9.67 -9.06 19.35
N SER A 566 -9.79 -8.13 20.31
CA SER A 566 -10.40 -8.47 21.59
C SER A 566 -11.86 -8.90 21.42
N GLU A 567 -12.58 -8.23 20.52
CA GLU A 567 -13.97 -8.61 20.27
C GLU A 567 -14.06 -10.02 19.72
N ARG A 568 -13.21 -10.36 18.76
CA ARG A 568 -13.22 -11.71 18.20
C ARG A 568 -12.82 -12.74 19.26
N ALA A 569 -11.86 -12.41 20.11
CA ALA A 569 -11.46 -13.31 21.18
C ALA A 569 -12.62 -13.54 22.15
N ILE A 570 -13.36 -12.48 22.48
CA ILE A 570 -14.53 -12.63 23.35
C ILE A 570 -15.57 -13.52 22.68
N ARG A 571 -15.83 -13.30 21.39
CA ARG A 571 -16.80 -14.13 20.68
C ARG A 571 -16.41 -15.60 20.72
N GLU A 572 -15.14 -15.89 20.40
CA GLU A 572 -14.73 -17.29 20.32
C GLU A 572 -14.71 -17.95 21.69
N ILE A 573 -14.27 -17.23 22.73
CA ILE A 573 -14.25 -17.83 24.06
C ILE A 573 -15.67 -18.07 24.56
N PHE A 574 -16.60 -17.14 24.27
CA PHE A 574 -17.98 -17.33 24.69
C PHE A 574 -18.61 -18.51 23.96
N ARG A 575 -18.38 -18.63 22.65
CA ARG A 575 -18.97 -19.75 21.92
C ARG A 575 -18.35 -21.07 22.34
N LYS A 576 -17.04 -21.09 22.65
CA LYS A 576 -16.41 -22.29 23.15
C LYS A 576 -16.98 -22.70 24.50
N ALA A 577 -17.18 -21.73 25.40
CA ALA A 577 -17.77 -22.04 26.70
C ALA A 577 -19.19 -22.56 26.55
N ARG A 578 -19.97 -21.96 25.65
CA ARG A 578 -21.34 -22.42 25.43
C ARG A 578 -21.37 -23.83 24.85
N SER A 579 -20.48 -24.12 23.88
CA SER A 579 -20.50 -25.42 23.23
C SER A 579 -19.99 -26.53 24.15
N ALA A 580 -18.89 -26.28 24.85
CA ALA A 580 -18.24 -27.31 25.66
C ALA A 580 -18.92 -27.43 27.04
N ALA A 581 -20.23 -27.72 26.98
CA ALA A 581 -21.08 -27.96 28.15
C ALA A 581 -21.21 -26.70 29.01
N PRO A 582 -22.18 -26.64 29.92
CA PRO A 582 -22.22 -25.53 30.88
C PRO A 582 -20.95 -25.50 31.72
N SER A 583 -20.48 -24.28 32.01
CA SER A 583 -19.24 -24.11 32.73
C SER A 583 -19.25 -22.74 33.39
N ILE A 584 -18.31 -22.53 34.31
CA ILE A 584 -18.15 -21.27 35.03
C ILE A 584 -16.89 -20.58 34.51
N ILE A 585 -17.02 -19.30 34.19
CA ILE A 585 -15.91 -18.48 33.70
C ILE A 585 -15.48 -17.52 34.78
N PHE A 586 -14.17 -17.37 34.95
CA PHE A 586 -13.59 -16.53 35.99
C PHE A 586 -12.65 -15.52 35.36
N PHE A 587 -12.79 -14.26 35.77
CA PHE A 587 -11.93 -13.18 35.30
C PHE A 587 -11.09 -12.68 36.46
N ASP A 588 -9.77 -12.64 36.27
CA ASP A 588 -8.88 -12.18 37.32
C ASP A 588 -9.08 -10.69 37.61
N GLU A 589 -9.17 -9.88 36.55
CA GLU A 589 -9.38 -8.44 36.69
C GLU A 589 -10.44 -7.99 35.71
N ILE A 590 -11.35 -7.13 36.20
CA ILE A 590 -12.38 -6.55 35.35
C ILE A 590 -12.35 -5.04 35.49
N ASP A 591 -11.56 -4.55 36.46
CA ASP A 591 -11.47 -3.11 36.68
C ASP A 591 -10.89 -2.39 35.45
N ALA A 592 -9.85 -2.97 34.85
CA ALA A 592 -9.28 -2.39 33.63
C ALA A 592 -10.18 -2.61 32.42
N LEU A 593 -11.13 -3.55 32.50
CA LEU A 593 -12.02 -3.82 31.38
C LEU A 593 -13.09 -2.74 31.20
N SER A 594 -13.28 -1.87 32.17
CA SER A 594 -14.26 -0.78 32.09
C SER A 594 -13.60 0.53 32.48
N PRO A 595 -12.68 1.04 31.66
CA PRO A 595 -12.05 2.33 31.96
C PRO A 595 -12.83 3.50 31.38
N ASP A 596 -14.08 3.25 30.99
CA ASP A 596 -14.88 4.27 30.32
C ASP A 596 -15.18 5.46 31.24
N ARG A 597 -15.02 5.31 32.54
CA ARG A 597 -15.30 6.39 33.48
C ARG A 597 -14.07 7.16 33.91
N ASP A 598 -12.91 6.52 33.96
CA ASP A 598 -11.67 7.16 34.42
C ASP A 598 -10.67 7.18 33.26
N GLY A 599 -10.07 8.34 33.02
CA GLY A 599 -9.09 8.48 31.95
C GLY A 599 -9.67 8.32 30.56
N SER A 600 -10.82 8.94 30.29
CA SER A 600 -11.47 8.92 28.99
C SER A 600 -11.91 7.52 28.59
N SER A 601 -12.56 7.40 27.44
CA SER A 601 -13.07 6.13 26.94
C SER A 601 -12.48 5.87 25.56
N THR A 602 -11.85 4.71 25.39
CA THR A 602 -11.31 4.33 24.10
C THR A 602 -12.29 3.44 23.34
N SER A 603 -12.04 3.28 22.04
CA SER A 603 -12.91 2.47 21.21
C SER A 603 -12.89 1.00 21.64
N ALA A 604 -11.70 0.48 21.93
CA ALA A 604 -11.58 -0.92 22.36
C ALA A 604 -12.27 -1.15 23.69
N ALA A 605 -12.13 -0.19 24.62
CA ALA A 605 -12.78 -0.32 25.92
C ALA A 605 -14.30 -0.34 25.77
N ASN A 606 -14.84 0.56 24.96
CA ASN A 606 -16.28 0.57 24.73
C ASN A 606 -16.74 -0.71 24.05
N HIS A 607 -15.96 -1.21 23.09
CA HIS A 607 -16.31 -2.45 22.40
C HIS A 607 -16.38 -3.61 23.38
N VAL A 608 -15.34 -3.78 24.21
CA VAL A 608 -15.34 -4.91 25.13
C VAL A 608 -16.42 -4.73 26.19
N LEU A 609 -16.70 -3.50 26.62
CA LEU A 609 -17.75 -3.28 27.60
C LEU A 609 -19.11 -3.65 27.05
N THR A 610 -19.44 -3.18 25.84
CA THR A 610 -20.74 -3.52 25.26
C THR A 610 -20.82 -5.00 24.91
N SER A 611 -19.70 -5.64 24.57
CA SER A 611 -19.70 -7.08 24.35
C SER A 611 -20.01 -7.82 25.64
N LEU A 612 -19.40 -7.41 26.74
CA LEU A 612 -19.69 -8.04 28.03
C LEU A 612 -21.16 -7.85 28.41
N LEU A 613 -21.69 -6.64 28.21
CA LEU A 613 -23.08 -6.37 28.55
C LEU A 613 -24.04 -7.23 27.72
N ASN A 614 -23.86 -7.21 26.39
CA ASN A 614 -24.81 -7.95 25.55
C ASN A 614 -24.57 -9.45 25.56
N GLU A 615 -23.47 -9.93 26.14
CA GLU A 615 -23.31 -11.35 26.37
C GLU A 615 -23.91 -11.78 27.71
N ILE A 616 -23.74 -10.97 28.75
CA ILE A 616 -24.34 -11.29 30.04
C ILE A 616 -25.86 -11.23 29.95
N ASP A 617 -26.40 -10.19 29.32
CA ASP A 617 -27.83 -10.03 29.15
C ASP A 617 -28.14 -9.86 27.66
N GLY A 618 -29.10 -10.62 27.18
CA GLY A 618 -29.46 -10.57 25.77
C GLY A 618 -30.66 -11.44 25.48
N VAL A 619 -30.84 -11.73 24.19
CA VAL A 619 -31.96 -12.58 23.78
C VAL A 619 -31.80 -13.99 24.31
N GLU A 620 -30.56 -14.49 24.38
CA GLU A 620 -30.33 -15.84 24.88
C GLU A 620 -30.62 -15.91 26.37
N GLU A 621 -31.28 -17.01 26.80
CA GLU A 621 -31.60 -17.18 28.21
C GLU A 621 -30.34 -17.33 29.05
N LEU A 622 -29.38 -18.13 28.57
CA LEU A 622 -28.08 -18.32 29.23
C LEU A 622 -28.29 -18.83 30.66
N LYS A 623 -28.81 -20.06 30.73
CA LYS A 623 -29.07 -20.70 32.02
C LYS A 623 -27.86 -21.46 32.54
N GLY A 624 -27.29 -22.33 31.72
CA GLY A 624 -26.17 -23.14 32.18
C GLY A 624 -24.92 -22.31 32.45
N VAL A 625 -24.69 -21.27 31.64
CA VAL A 625 -23.47 -20.47 31.76
C VAL A 625 -23.56 -19.61 33.01
N VAL A 626 -22.52 -19.66 33.84
CA VAL A 626 -22.41 -18.86 35.05
C VAL A 626 -21.10 -18.08 34.98
N ILE A 627 -21.18 -16.78 35.19
CA ILE A 627 -20.02 -15.88 35.09
C ILE A 627 -19.65 -15.40 36.49
N VAL A 628 -18.37 -15.51 36.83
CA VAL A 628 -17.84 -15.03 38.09
C VAL A 628 -16.73 -14.02 37.78
N ALA A 629 -16.84 -12.83 38.35
CA ALA A 629 -15.90 -11.75 38.11
C ALA A 629 -15.26 -11.30 39.42
N ALA A 630 -13.96 -11.06 39.37
CA ALA A 630 -13.19 -10.58 40.51
C ALA A 630 -12.46 -9.30 40.16
N THR A 631 -12.50 -8.32 41.06
CA THR A 631 -11.87 -7.04 40.84
C THR A 631 -11.13 -6.60 42.11
N ASN A 632 -10.09 -5.80 41.92
CA ASN A 632 -9.37 -5.26 43.07
C ASN A 632 -10.16 -4.16 43.75
N ARG A 633 -10.84 -3.32 42.98
CA ARG A 633 -11.62 -2.21 43.52
C ARG A 633 -12.78 -1.92 42.58
N PRO A 634 -14.01 -1.79 43.10
CA PRO A 634 -15.15 -1.48 42.23
C PRO A 634 -15.21 -0.04 41.76
N ASP A 635 -14.24 0.80 42.15
CA ASP A 635 -14.23 2.19 41.69
C ASP A 635 -14.09 2.28 40.18
N GLU A 636 -13.23 1.43 39.60
CA GLU A 636 -13.00 1.42 38.16
C GLU A 636 -14.06 0.64 37.39
N ILE A 637 -15.22 0.39 38.00
CA ILE A 637 -16.31 -0.34 37.35
C ILE A 637 -17.48 0.62 37.18
N ASP A 638 -17.99 0.71 35.96
CA ASP A 638 -19.11 1.59 35.67
C ASP A 638 -20.40 1.06 36.29
N ALA A 639 -21.35 1.97 36.53
CA ALA A 639 -22.62 1.58 37.12
C ALA A 639 -23.47 0.76 36.17
N ALA A 640 -23.19 0.79 34.86
CA ALA A 640 -23.95 -0.02 33.92
C ALA A 640 -23.73 -1.50 34.17
N LEU A 641 -22.50 -1.90 34.49
CA LEU A 641 -22.23 -3.31 34.80
C LEU A 641 -22.95 -3.75 36.07
N LEU A 642 -22.98 -2.89 37.08
CA LEU A 642 -23.65 -3.21 38.35
C LEU A 642 -25.10 -2.75 38.28
N ARG A 643 -25.93 -3.58 37.68
CA ARG A 643 -27.36 -3.37 37.56
C ARG A 643 -28.08 -4.65 37.93
N PRO A 644 -29.35 -4.57 38.35
CA PRO A 644 -30.08 -5.79 38.69
C PRO A 644 -30.15 -6.74 37.51
N GLY A 645 -30.02 -8.04 37.81
CA GLY A 645 -30.00 -9.07 36.79
C GLY A 645 -28.65 -9.39 36.21
N ARG A 646 -27.61 -8.62 36.58
CA ARG A 646 -26.26 -8.88 36.11
C ARG A 646 -25.28 -8.56 37.23
N LEU A 647 -24.54 -9.58 37.68
CA LEU A 647 -23.56 -9.44 38.76
C LEU A 647 -24.17 -8.80 40.00
N ASP A 648 -25.42 -9.15 40.29
CA ASP A 648 -26.12 -8.55 41.42
C ASP A 648 -25.54 -9.01 42.75
N ARG A 649 -25.17 -10.28 42.84
CA ARG A 649 -24.64 -10.82 44.09
C ARG A 649 -23.29 -10.21 44.42
N HIS A 650 -23.10 -9.89 45.70
CA HIS A 650 -21.89 -9.26 46.19
C HIS A 650 -21.27 -10.11 47.30
N ILE A 651 -19.96 -10.27 47.26
CA ILE A 651 -19.20 -11.01 48.26
C ILE A 651 -18.15 -10.09 48.84
N TYR A 652 -18.11 -9.99 50.18
CA TYR A 652 -17.15 -9.11 50.83
C TYR A 652 -15.72 -9.57 50.59
N VAL A 653 -15.47 -10.88 50.69
CA VAL A 653 -14.16 -11.53 50.55
C VAL A 653 -13.05 -10.64 51.11
N GLY A 654 -13.22 -10.24 52.38
CA GLY A 654 -12.27 -9.37 53.03
C GLY A 654 -11.04 -10.10 53.52
N PRO A 655 -10.26 -9.45 54.38
CA PRO A 655 -9.05 -10.09 54.89
C PRO A 655 -9.39 -11.30 55.75
N PRO A 656 -8.51 -12.29 55.79
CA PRO A 656 -8.79 -13.49 56.60
C PRO A 656 -8.88 -13.16 58.08
N ASP A 657 -9.70 -13.93 58.79
CA ASP A 657 -9.90 -13.74 60.20
C ASP A 657 -8.85 -14.51 60.99
N VAL A 658 -9.03 -14.59 62.31
CA VAL A 658 -8.05 -15.27 63.17
C VAL A 658 -7.99 -16.75 62.84
N ASN A 659 -9.15 -17.39 62.65
CA ASN A 659 -9.16 -18.82 62.38
C ASN A 659 -8.45 -19.16 61.08
N ALA A 660 -8.70 -18.38 60.02
CA ALA A 660 -8.05 -18.65 58.74
C ALA A 660 -6.54 -18.48 58.84
N ARG A 661 -6.07 -17.42 59.51
CA ARG A 661 -4.64 -17.21 59.67
C ARG A 661 -4.01 -18.34 60.48
N LEU A 662 -4.69 -18.77 61.55
CA LEU A 662 -4.18 -19.88 62.35
C LEU A 662 -4.09 -21.15 61.53
N GLU A 663 -5.11 -21.43 60.71
CA GLU A 663 -5.11 -22.68 59.95
C GLU A 663 -4.09 -22.66 58.82
N ILE A 664 -3.85 -21.49 58.22
CA ILE A 664 -2.82 -21.42 57.19
C ILE A 664 -1.43 -21.48 57.83
N LEU A 665 -1.26 -20.92 59.03
CA LEU A 665 -0.01 -21.09 59.75
C LEU A 665 0.21 -22.52 60.23
N LYS A 666 -0.87 -23.28 60.38
CA LYS A 666 -0.75 -24.69 60.73
C LYS A 666 0.04 -25.48 59.70
N LYS A 667 -0.15 -25.21 58.41
CA LYS A 667 0.63 -25.89 57.38
C LYS A 667 2.11 -25.57 57.50
N CYS A 668 2.44 -24.29 57.75
CA CYS A 668 3.83 -23.91 57.92
C CYS A 668 4.45 -24.59 59.14
N THR A 669 3.70 -24.62 60.25
CA THR A 669 4.20 -25.29 61.45
C THR A 669 4.32 -26.80 61.25
N LYS A 670 3.50 -27.38 60.37
CA LYS A 670 3.59 -28.80 60.05
C LYS A 670 4.76 -29.10 59.12
N LYS A 671 5.18 -28.13 58.31
CA LYS A 671 6.28 -28.36 57.37
C LYS A 671 7.56 -28.73 58.12
N PHE A 672 7.86 -28.03 59.20
CA PHE A 672 9.01 -28.34 60.06
C PHE A 672 8.51 -28.82 61.42
N ASN A 673 9.44 -29.01 62.35
CA ASN A 673 9.07 -29.42 63.68
C ASN A 673 8.56 -28.22 64.47
N THR A 674 7.64 -28.47 65.40
CA THR A 674 6.91 -27.39 66.05
C THR A 674 7.00 -27.42 67.57
N GLU A 675 7.04 -28.62 68.16
CA GLU A 675 6.95 -28.73 69.61
C GLU A 675 8.15 -28.09 70.30
N GLU A 676 9.35 -28.25 69.74
CA GLU A 676 10.55 -27.69 70.33
C GLU A 676 10.87 -26.28 69.82
N SER A 677 10.06 -25.74 68.90
CA SER A 677 10.30 -24.40 68.37
C SER A 677 9.85 -23.31 69.32
N GLY A 678 9.08 -23.63 70.35
CA GLY A 678 8.63 -22.65 71.32
C GLY A 678 7.74 -21.56 70.77
N VAL A 679 6.77 -21.93 69.92
CA VAL A 679 5.82 -20.98 69.35
C VAL A 679 4.41 -21.50 69.60
N ASP A 680 3.50 -20.58 69.92
CA ASP A 680 2.10 -20.90 70.17
C ASP A 680 1.24 -20.28 69.08
N LEU A 681 0.27 -21.06 68.60
CA LEU A 681 -0.54 -20.63 67.46
C LEU A 681 -1.40 -19.42 67.82
N HIS A 682 -1.98 -19.41 69.02
CA HIS A 682 -2.88 -18.32 69.40
C HIS A 682 -2.16 -16.98 69.45
N GLU A 683 -0.96 -16.95 70.06
CA GLU A 683 -0.21 -15.70 70.15
C GLU A 683 0.23 -15.23 68.77
N LEU A 684 0.64 -16.15 67.90
CA LEU A 684 1.05 -15.77 66.56
C LEU A 684 -0.12 -15.15 65.79
N ALA A 685 -1.31 -15.75 65.90
CA ALA A 685 -2.48 -15.18 65.23
C ALA A 685 -2.86 -13.83 65.82
N ASP A 686 -2.80 -13.70 67.15
CA ASP A 686 -3.17 -12.43 67.78
C ASP A 686 -2.20 -11.32 67.38
N ARG A 687 -0.90 -11.61 67.35
CA ARG A 687 0.08 -10.60 66.98
C ARG A 687 -0.06 -10.22 65.51
N THR A 688 -0.34 -11.19 64.64
CA THR A 688 -0.42 -10.98 63.20
C THR A 688 -1.88 -10.84 62.76
N GLU A 689 -2.71 -10.20 63.58
CA GLU A 689 -4.12 -10.08 63.25
C GLU A 689 -4.36 -9.10 62.10
N GLY A 690 -3.51 -8.08 61.97
CA GLY A 690 -3.67 -7.06 60.96
C GLY A 690 -3.10 -7.38 59.60
N TYR A 691 -2.58 -8.58 59.40
CA TYR A 691 -1.97 -8.98 58.13
C TYR A 691 -2.94 -9.85 57.34
N SER A 692 -2.66 -9.97 56.05
CA SER A 692 -3.43 -10.83 55.15
C SER A 692 -2.66 -12.13 54.88
N GLY A 693 -3.27 -13.00 54.08
CA GLY A 693 -2.65 -14.27 53.75
C GLY A 693 -1.32 -14.14 53.03
N ALA A 694 -1.23 -13.24 52.04
CA ALA A 694 0.03 -13.00 51.36
C ALA A 694 1.08 -12.46 52.33
N GLU A 695 0.67 -11.57 53.22
CA GLU A 695 1.60 -11.05 54.22
C GLU A 695 2.05 -12.15 55.18
N VAL A 696 1.15 -13.05 55.55
CA VAL A 696 1.51 -14.17 56.42
C VAL A 696 2.53 -15.07 55.72
N VAL A 697 2.30 -15.36 54.44
CA VAL A 697 3.23 -16.19 53.68
C VAL A 697 4.59 -15.51 53.58
N LEU A 698 4.60 -14.20 53.33
CA LEU A 698 5.85 -13.45 53.26
C LEU A 698 6.59 -13.49 54.60
N LEU A 699 5.86 -13.31 55.70
CA LEU A 699 6.48 -13.38 57.02
C LEU A 699 7.07 -14.75 57.29
N CYS A 700 6.34 -15.81 56.92
CA CYS A 700 6.86 -17.16 57.11
C CYS A 700 8.11 -17.40 56.28
N GLN A 701 8.11 -16.91 55.03
CA GLN A 701 9.29 -17.08 54.19
C GLN A 701 10.49 -16.32 54.74
N GLU A 702 10.26 -15.10 55.22
CA GLU A 702 11.36 -14.32 55.81
C GLU A 702 11.90 -15.00 57.07
N ALA A 703 11.00 -15.52 57.91
CA ALA A 703 11.44 -16.22 59.11
C ALA A 703 12.24 -17.47 58.77
N GLY A 704 11.79 -18.22 57.77
CA GLY A 704 12.54 -19.40 57.35
C GLY A 704 13.90 -19.05 56.79
N LEU A 705 13.98 -17.98 55.99
CA LEU A 705 15.26 -17.55 55.46
C LEU A 705 16.21 -17.12 56.58
N ALA A 706 15.69 -16.38 57.56
CA ALA A 706 16.52 -15.96 58.69
C ALA A 706 17.00 -17.16 59.49
N ALA A 707 16.13 -18.16 59.68
CA ALA A 707 16.52 -19.35 60.42
C ALA A 707 17.59 -20.14 59.68
N ILE A 708 17.44 -20.31 58.36
CA ILE A 708 18.41 -21.10 57.60
C ILE A 708 19.67 -20.34 57.28
N MET A 709 19.69 -19.02 57.46
CA MET A 709 20.92 -18.27 57.23
C MET A 709 21.98 -18.57 58.30
N GLU A 710 21.55 -18.86 59.53
CA GLU A 710 22.46 -19.18 60.61
C GLU A 710 22.56 -20.69 60.77
N ASP A 711 23.78 -21.19 60.97
CA ASP A 711 24.05 -22.61 61.18
C ASP A 711 23.63 -23.44 59.96
N LEU A 712 23.55 -22.79 58.80
CA LEU A 712 23.16 -23.43 57.53
C LEU A 712 21.79 -24.07 57.73
N ASP A 713 21.61 -25.34 57.41
CA ASP A 713 20.31 -25.97 57.55
C ASP A 713 19.90 -26.07 59.02
N VAL A 714 18.64 -25.77 59.30
CA VAL A 714 18.08 -25.80 60.64
C VAL A 714 16.81 -26.63 60.63
N ALA A 715 16.65 -27.48 61.65
CA ALA A 715 15.46 -28.32 61.72
C ALA A 715 14.28 -27.59 62.34
N LYS A 716 14.48 -26.39 62.87
CA LYS A 716 13.43 -25.64 63.52
C LYS A 716 13.68 -24.14 63.35
N VAL A 717 12.63 -23.36 63.56
CA VAL A 717 12.70 -21.90 63.52
C VAL A 717 12.20 -21.35 64.84
N GLU A 718 12.94 -20.38 65.39
CA GLU A 718 12.62 -19.81 66.67
C GLU A 718 11.69 -18.59 66.53
N LEU A 719 11.15 -18.15 67.66
CA LEU A 719 10.23 -17.01 67.67
C LEU A 719 10.95 -15.70 67.38
N ARG A 720 12.26 -15.63 67.64
CA ARG A 720 13.01 -14.41 67.35
C ARG A 720 13.01 -14.11 65.85
N HIS A 721 13.14 -15.16 65.03
CA HIS A 721 13.08 -14.97 63.59
C HIS A 721 11.71 -14.44 63.16
N PHE A 722 10.64 -14.97 63.76
CA PHE A 722 9.30 -14.50 63.45
C PHE A 722 9.13 -13.03 63.84
N GLU A 723 9.64 -12.65 65.00
CA GLU A 723 9.54 -11.27 65.44
C GLU A 723 10.34 -10.35 64.53
N LYS A 724 11.55 -10.78 64.12
CA LYS A 724 12.35 -9.98 63.21
C LYS A 724 11.66 -9.80 61.86
N ALA A 725 11.05 -10.88 61.34
CA ALA A 725 10.32 -10.78 60.09
C ALA A 725 9.11 -9.84 60.23
N PHE A 726 8.41 -9.92 61.36
CA PHE A 726 7.25 -9.06 61.57
C PHE A 726 7.65 -7.60 61.65
N LYS A 727 8.73 -7.29 62.37
CA LYS A 727 9.15 -5.90 62.51
C LYS A 727 9.80 -5.35 61.25
N GLY A 728 10.49 -6.19 60.48
CA GLY A 728 11.15 -5.71 59.28
C GLY A 728 10.17 -5.29 58.20
N ILE A 729 9.10 -6.05 58.02
CA ILE A 729 8.13 -5.80 56.95
C ILE A 729 6.91 -5.11 57.54
N ALA A 730 6.13 -4.48 56.66
CA ALA A 730 4.92 -3.78 57.04
C ALA A 730 3.75 -4.29 56.20
N ARG A 731 2.56 -4.26 56.79
CA ARG A 731 1.38 -4.72 56.07
C ARG A 731 1.07 -3.85 54.86
N GLY A 732 1.21 -2.53 55.01
CA GLY A 732 0.93 -1.62 53.93
C GLY A 732 -0.53 -1.36 53.67
N ILE A 733 -1.42 -1.81 54.56
CA ILE A 733 -2.85 -1.62 54.41
C ILE A 733 -3.31 -0.49 55.33
N THR A 734 -4.07 0.45 54.76
CA THR A 734 -4.56 1.62 55.47
C THR A 734 -6.04 1.46 55.81
N PRO A 735 -6.49 1.99 56.95
CA PRO A 735 -7.91 1.86 57.32
C PRO A 735 -8.87 2.58 56.37
N GLU A 736 -8.41 3.59 55.63
CA GLU A 736 -9.33 4.35 54.79
C GLU A 736 -9.86 3.51 53.64
N MET A 737 -9.01 2.67 53.03
CA MET A 737 -9.49 1.80 51.96
C MET A 737 -10.46 0.75 52.50
N LEU A 738 -10.20 0.24 53.70
CA LEU A 738 -11.13 -0.70 54.33
C LEU A 738 -12.48 -0.04 54.59
N SER A 739 -12.47 1.20 55.08
CA SER A 739 -13.72 1.91 55.30
C SER A 739 -14.45 2.18 54.00
N TYR A 740 -13.71 2.52 52.94
CA TYR A 740 -14.32 2.72 51.63
C TYR A 740 -14.97 1.45 51.12
N TYR A 741 -14.28 0.31 51.28
CA TYR A 741 -14.88 -0.96 50.87
C TYR A 741 -16.12 -1.28 51.68
N GLU A 742 -16.08 -1.01 52.99
CA GLU A 742 -17.24 -1.28 53.84
C GLU A 742 -18.43 -0.42 53.44
N GLU A 743 -18.20 0.86 53.16
CA GLU A 743 -19.32 1.72 52.78
C GLU A 743 -19.81 1.40 51.37
N PHE A 744 -18.92 0.95 50.48
CA PHE A 744 -19.38 0.48 49.17
C PHE A 744 -20.25 -0.76 49.31
N ALA A 745 -19.87 -1.68 50.19
CA ALA A 745 -20.69 -2.86 50.44
C ALA A 745 -22.04 -2.46 51.04
N LEU A 746 -22.04 -1.50 51.97
CA LEU A 746 -23.31 -1.02 52.52
C LEU A 746 -24.15 -0.34 51.46
N ARG A 747 -23.51 0.46 50.58
CA ARG A 747 -24.25 1.13 49.51
C ARG A 747 -24.84 0.11 48.54
N SER A 748 -24.08 -0.93 48.20
CA SER A 748 -24.55 -1.95 47.28
C SER A 748 -25.52 -2.91 47.96
N LYS B 1 22.62 -36.99 -23.50
CA LYS B 1 22.99 -36.86 -22.10
C LYS B 1 23.52 -35.45 -21.80
N LEU B 2 24.78 -35.23 -22.15
CA LEU B 2 25.46 -33.95 -21.95
C LEU B 2 25.41 -33.53 -20.49
N PRO B 3 26.15 -34.21 -19.59
CA PRO B 3 26.13 -33.82 -18.18
C PRO B 3 27.02 -32.61 -17.93
N ALA B 4 26.38 -31.50 -17.58
CA ALA B 4 27.11 -30.26 -17.37
C ALA B 4 27.96 -30.31 -16.10
N GLU B 5 27.44 -30.91 -15.04
CA GLU B 5 28.10 -30.94 -13.75
C GLU B 5 28.31 -32.38 -13.29
N PHE B 6 29.40 -32.60 -12.54
CA PHE B 6 29.75 -33.91 -12.03
C PHE B 6 29.82 -33.87 -10.51
N ILE B 7 29.50 -35.00 -9.88
CA ILE B 7 29.58 -35.14 -8.44
C ILE B 7 30.65 -36.18 -8.11
N THR B 8 31.15 -36.10 -6.88
CA THR B 8 32.25 -36.95 -6.43
C THR B 8 31.80 -37.85 -5.29
N ARG B 9 32.40 -39.03 -5.22
CA ARG B 9 32.18 -39.99 -4.15
C ARG B 9 33.50 -40.64 -3.78
N PRO B 10 33.66 -41.06 -2.52
CA PRO B 10 34.91 -41.71 -2.12
C PRO B 10 35.07 -43.08 -2.78
N HIS B 11 36.32 -43.48 -2.94
CA HIS B 11 36.63 -44.77 -3.55
C HIS B 11 36.33 -45.90 -2.57
N PRO B 12 35.46 -46.84 -2.92
CA PRO B 12 35.22 -47.98 -2.02
C PRO B 12 36.45 -48.85 -1.79
N SER B 13 37.40 -48.85 -2.72
CA SER B 13 38.59 -49.68 -2.58
C SER B 13 39.46 -49.19 -1.44
N LYS B 14 40.04 -50.13 -0.69
CA LYS B 14 40.91 -49.82 0.43
C LYS B 14 42.36 -49.75 -0.06
N ASP B 15 43.31 -49.72 0.89
CA ASP B 15 44.73 -49.68 0.61
C ASP B 15 45.13 -48.42 -0.16
N HIS B 16 46.38 -48.36 -0.60
CA HIS B 16 46.91 -47.20 -1.29
C HIS B 16 47.48 -47.61 -2.65
N GLY B 17 47.83 -46.61 -3.44
CA GLY B 17 48.41 -46.84 -4.75
C GLY B 17 47.40 -47.05 -5.84
N LYS B 18 46.58 -48.10 -5.72
CA LYS B 18 45.57 -48.38 -6.74
C LYS B 18 44.50 -47.30 -6.78
N GLU B 19 44.04 -46.83 -5.62
CA GLU B 19 42.95 -45.88 -5.58
C GLU B 19 43.38 -44.47 -5.95
N THR B 20 44.59 -44.08 -5.60
CA THR B 20 45.03 -42.70 -5.84
C THR B 20 45.28 -42.44 -7.31
N CYS B 21 45.06 -41.19 -7.72
CA CYS B 21 45.29 -40.74 -9.09
C CYS B 21 44.49 -41.57 -10.10
N THR B 22 43.26 -41.92 -9.74
CA THR B 22 42.39 -42.69 -10.61
C THR B 22 41.00 -42.06 -10.64
N ALA B 23 40.35 -42.19 -11.78
CA ALA B 23 39.00 -41.66 -11.99
C ALA B 23 38.09 -42.77 -12.50
N TYR B 24 36.88 -42.82 -11.95
CA TYR B 24 35.86 -43.77 -12.37
C TYR B 24 34.81 -43.00 -13.16
N ILE B 25 35.03 -42.87 -14.46
CA ILE B 25 34.15 -42.13 -15.36
C ILE B 25 33.43 -43.12 -16.26
N HIS B 26 32.17 -42.83 -16.56
CA HIS B 26 31.39 -43.70 -17.43
C HIS B 26 32.01 -43.73 -18.83
N PRO B 27 32.02 -44.88 -19.49
CA PRO B 27 32.58 -44.94 -20.86
C PRO B 27 31.88 -44.03 -21.85
N ASN B 28 30.58 -43.77 -21.67
CA ASN B 28 29.86 -42.90 -22.59
C ASN B 28 30.43 -41.48 -22.55
N VAL B 29 30.72 -40.97 -21.35
CA VAL B 29 31.34 -39.66 -21.24
C VAL B 29 32.74 -39.67 -21.85
N LEU B 30 33.52 -40.72 -21.58
CA LEU B 30 34.86 -40.81 -22.15
C LEU B 30 34.81 -40.91 -23.67
N SER B 31 33.86 -41.67 -24.21
CA SER B 31 33.72 -41.78 -25.65
C SER B 31 33.36 -40.44 -26.28
N SER B 32 32.46 -39.70 -25.64
CA SER B 32 32.09 -38.37 -26.14
C SER B 32 33.23 -37.37 -26.01
N LEU B 33 34.16 -37.59 -25.08
CA LEU B 33 35.30 -36.71 -24.89
C LEU B 33 36.52 -37.15 -25.68
N GLU B 34 36.41 -38.21 -26.47
CA GLU B 34 37.49 -38.79 -27.28
C GLU B 34 38.81 -38.80 -26.52
N ILE B 35 38.78 -39.34 -25.30
CA ILE B 35 39.94 -39.44 -24.43
C ILE B 35 40.24 -40.91 -24.20
N ASN B 36 41.48 -41.31 -24.50
CA ASN B 36 41.88 -42.69 -24.33
C ASN B 36 41.95 -43.04 -22.84
N PRO B 37 41.75 -44.31 -22.48
CA PRO B 37 41.87 -44.70 -21.07
C PRO B 37 43.23 -44.41 -20.46
N GLY B 38 44.30 -44.52 -21.24
CA GLY B 38 45.63 -44.24 -20.75
C GLY B 38 46.04 -42.79 -20.92
N SER B 39 45.12 -41.87 -20.63
CA SER B 39 45.37 -40.45 -20.75
C SER B 39 45.19 -39.79 -19.37
N PHE B 40 45.26 -38.45 -19.36
CA PHE B 40 45.14 -37.68 -18.14
C PHE B 40 43.80 -36.94 -18.14
N CYS B 41 43.08 -37.02 -17.02
CA CYS B 41 41.79 -36.38 -16.85
C CYS B 41 41.93 -35.18 -15.93
N THR B 42 41.39 -34.04 -16.36
CA THR B 42 41.50 -32.80 -15.62
C THR B 42 40.16 -32.49 -14.94
N VAL B 43 40.22 -32.18 -13.65
CA VAL B 43 39.03 -31.92 -12.84
C VAL B 43 39.16 -30.55 -12.19
N GLY B 44 38.08 -29.77 -12.27
CA GLY B 44 38.06 -28.45 -11.67
C GLY B 44 36.70 -28.08 -11.12
N LYS B 45 36.68 -27.34 -10.01
CA LYS B 45 35.42 -26.96 -9.36
C LYS B 45 34.88 -25.69 -10.03
N ILE B 46 33.90 -25.88 -10.91
CA ILE B 46 33.19 -24.82 -11.63
C ILE B 46 34.15 -23.78 -12.19
N GLY B 47 35.39 -24.18 -12.43
CA GLY B 47 36.42 -23.26 -12.88
C GLY B 47 37.53 -23.10 -11.87
N GLU B 48 37.85 -21.84 -11.53
CA GLU B 48 38.89 -21.52 -10.55
C GLU B 48 40.23 -22.16 -10.93
N ASN B 49 40.53 -22.17 -12.23
CA ASN B 49 41.76 -22.69 -12.81
C ASN B 49 42.22 -23.99 -12.16
N GLY B 50 41.28 -24.90 -11.91
CA GLY B 50 41.60 -26.20 -11.33
C GLY B 50 41.73 -27.25 -12.42
N ILE B 51 42.83 -28.00 -12.37
CA ILE B 51 43.11 -29.00 -13.39
C ILE B 51 43.25 -30.37 -12.74
N LEU B 52 44.27 -30.54 -11.90
CA LEU B 52 44.49 -31.75 -11.11
C LEU B 52 44.44 -33.00 -11.98
N VAL B 53 45.43 -33.10 -12.88
CA VAL B 53 45.49 -34.23 -13.80
C VAL B 53 45.68 -35.52 -13.03
N ILE B 54 44.91 -36.55 -13.41
CA ILE B 54 45.02 -37.89 -12.84
C ILE B 54 44.98 -38.90 -13.98
N ALA B 55 45.49 -40.09 -13.70
CA ALA B 55 45.63 -41.14 -14.71
C ALA B 55 44.47 -42.12 -14.63
N ARG B 56 44.51 -43.11 -15.52
CA ARG B 56 43.53 -44.19 -15.60
C ARG B 56 42.14 -43.69 -15.97
N ALA B 57 41.23 -44.62 -16.26
CA ALA B 57 39.86 -44.30 -16.64
C ALA B 57 38.90 -45.20 -15.86
N GLY B 58 37.60 -44.96 -16.05
CA GLY B 58 36.60 -45.72 -15.33
C GLY B 58 36.32 -47.09 -15.92
N ASP B 59 35.54 -47.86 -15.17
CA ASP B 59 35.19 -49.21 -15.58
C ASP B 59 33.91 -49.62 -14.86
N GLU B 60 33.29 -50.69 -15.36
CA GLU B 60 32.09 -51.30 -14.77
C GLU B 60 30.87 -50.40 -14.89
N GLU B 61 29.68 -51.01 -14.92
CA GLU B 61 28.42 -50.28 -15.03
C GLU B 61 27.73 -50.10 -13.68
N VAL B 62 28.40 -50.46 -12.58
CA VAL B 62 27.77 -50.37 -11.27
C VAL B 62 27.51 -48.91 -10.88
N HIS B 63 28.35 -47.97 -11.37
CA HIS B 63 28.13 -46.59 -10.97
C HIS B 63 27.39 -45.83 -12.07
N PRO B 64 26.55 -44.86 -11.69
CA PRO B 64 25.83 -44.07 -12.69
C PRO B 64 26.77 -43.12 -13.42
N VAL B 65 26.24 -42.54 -14.51
CA VAL B 65 27.04 -41.70 -15.39
C VAL B 65 27.53 -40.45 -14.67
N ASN B 66 26.65 -39.80 -13.89
CA ASN B 66 26.95 -38.49 -13.35
C ASN B 66 28.14 -38.53 -12.38
N VAL B 67 28.18 -39.52 -11.51
CA VAL B 67 29.17 -39.54 -10.44
C VAL B 67 30.51 -40.04 -10.98
N ILE B 68 31.59 -39.38 -10.54
CA ILE B 68 32.95 -39.82 -10.84
C ILE B 68 33.75 -39.76 -9.54
N THR B 69 34.54 -40.79 -9.29
CA THR B 69 35.29 -40.93 -8.04
C THR B 69 36.76 -40.63 -8.29
N LEU B 70 37.33 -39.75 -7.47
CA LEU B 70 38.75 -39.40 -7.56
C LEU B 70 39.42 -39.42 -6.19
N SER B 71 38.79 -40.05 -5.20
CA SER B 71 39.31 -40.20 -3.85
C SER B 71 39.43 -38.86 -3.11
N THR B 72 39.52 -38.91 -1.78
CA THR B 72 39.63 -37.70 -0.98
C THR B 72 41.05 -37.17 -0.89
N THR B 73 42.05 -37.97 -1.29
CA THR B 73 43.43 -37.52 -1.22
C THR B 73 43.71 -36.43 -2.25
N ILE B 74 43.28 -36.66 -3.50
CA ILE B 74 43.47 -35.66 -4.54
C ILE B 74 42.57 -34.45 -4.28
N ARG B 75 41.36 -34.68 -3.78
CA ARG B 75 40.39 -33.61 -3.55
C ARG B 75 40.85 -32.62 -2.49
N SER B 76 41.85 -32.97 -1.68
CA SER B 76 42.32 -32.07 -0.63
C SER B 76 43.12 -30.88 -1.17
N VAL B 77 43.47 -30.88 -2.46
CA VAL B 77 44.25 -29.78 -3.02
C VAL B 77 43.43 -28.49 -3.02
N GLY B 78 42.20 -28.57 -3.53
CA GLY B 78 41.36 -27.39 -3.63
C GLY B 78 40.20 -27.41 -2.65
N ASN B 79 40.36 -28.16 -1.55
CA ASN B 79 39.30 -28.32 -0.56
C ASN B 79 38.02 -28.83 -1.19
N LEU B 80 38.16 -29.81 -2.09
CA LEU B 80 37.02 -30.35 -2.82
C LEU B 80 36.19 -31.26 -1.92
N ILE B 81 35.21 -30.67 -1.23
CA ILE B 81 34.33 -31.48 -0.39
C ILE B 81 33.40 -32.31 -1.26
N LEU B 82 32.77 -33.30 -0.64
CA LEU B 82 31.87 -34.18 -1.37
C LEU B 82 30.66 -33.41 -1.87
N GLY B 83 30.18 -33.77 -3.05
CA GLY B 83 29.01 -33.15 -3.63
C GLY B 83 29.25 -31.86 -4.37
N ASP B 84 30.48 -31.37 -4.41
CA ASP B 84 30.78 -30.15 -5.14
C ASP B 84 30.65 -30.37 -6.64
N ARG B 85 30.19 -29.32 -7.34
CA ARG B 85 30.10 -29.38 -8.79
C ARG B 85 31.50 -29.48 -9.38
N LEU B 86 31.68 -30.40 -10.33
CA LEU B 86 32.98 -30.70 -10.90
C LEU B 86 32.91 -30.64 -12.42
N GLU B 87 33.94 -30.07 -13.04
CA GLU B 87 34.02 -29.94 -14.48
C GLU B 87 35.15 -30.80 -15.03
N LEU B 88 34.94 -31.33 -16.23
CA LEU B 88 35.91 -32.19 -16.89
C LEU B 88 36.35 -31.56 -18.20
N LYS B 89 37.66 -31.49 -18.42
CA LYS B 89 38.23 -30.94 -19.64
C LYS B 89 39.23 -31.92 -20.23
N LYS B 90 39.22 -32.06 -21.56
CA LYS B 90 40.09 -33.00 -22.24
C LYS B 90 41.47 -32.44 -22.53
N ALA B 91 41.67 -31.13 -22.39
CA ALA B 91 42.97 -30.54 -22.66
C ALA B 91 43.97 -30.93 -21.59
N GLN B 92 45.17 -31.32 -22.00
CA GLN B 92 46.20 -31.75 -21.06
C GLN B 92 47.58 -31.43 -21.64
N VAL B 93 48.56 -31.36 -20.76
CA VAL B 93 49.94 -31.08 -21.11
C VAL B 93 50.83 -32.14 -20.48
N GLN B 94 51.79 -32.64 -21.24
CA GLN B 94 52.67 -33.70 -20.75
C GLN B 94 53.53 -33.18 -19.60
N PRO B 95 53.49 -33.80 -18.43
CA PRO B 95 54.28 -33.30 -17.30
C PRO B 95 55.76 -33.55 -17.52
N PRO B 96 56.63 -32.69 -17.00
CA PRO B 96 58.06 -32.94 -17.04
C PRO B 96 58.53 -33.70 -15.80
N TYR B 97 59.80 -34.08 -15.84
CA TYR B 97 60.39 -34.81 -14.71
C TYR B 97 60.61 -33.88 -13.52
N ALA B 98 60.39 -34.40 -12.32
CA ALA B 98 60.56 -33.64 -11.10
C ALA B 98 62.00 -33.72 -10.61
N THR B 99 62.37 -32.79 -9.73
CA THR B 99 63.71 -32.73 -9.19
C THR B 99 63.67 -32.01 -7.84
N LYS B 100 64.75 -32.19 -7.08
CA LYS B 100 64.95 -31.60 -5.75
C LYS B 100 63.66 -31.61 -4.93
N VAL B 101 63.10 -32.80 -4.76
CA VAL B 101 61.88 -32.96 -3.99
C VAL B 101 62.20 -33.04 -2.50
N THR B 102 61.19 -32.76 -1.68
CA THR B 102 61.31 -32.84 -0.24
C THR B 102 60.01 -33.35 0.36
N VAL B 103 60.11 -33.95 1.54
CA VAL B 103 58.97 -34.52 2.24
C VAL B 103 58.96 -34.00 3.67
N GLY B 104 57.81 -33.44 4.08
CA GLY B 104 57.63 -32.96 5.43
C GLY B 104 56.76 -33.92 6.25
N SER B 105 56.63 -33.60 7.54
CA SER B 105 55.85 -34.39 8.47
C SER B 105 54.72 -33.53 9.01
N LEU B 106 53.48 -34.02 8.86
CA LEU B 106 52.34 -33.29 9.38
C LEU B 106 52.23 -33.45 10.89
N GLN B 107 52.57 -34.62 11.41
CA GLN B 107 52.49 -34.88 12.85
C GLN B 107 53.70 -34.28 13.56
N GLY B 108 53.68 -34.36 14.89
CA GLY B 108 54.79 -33.84 15.68
C GLY B 108 56.08 -34.59 15.43
N TYR B 109 55.99 -35.90 15.23
CA TYR B 109 57.17 -36.71 14.97
C TYR B 109 57.81 -36.32 13.65
N ASN B 110 59.15 -36.24 13.64
CA ASN B 110 59.90 -35.88 12.45
C ASN B 110 61.05 -36.85 12.24
N ILE B 111 61.35 -37.12 10.96
CA ILE B 111 62.41 -38.04 10.56
C ILE B 111 62.16 -39.41 11.18
N LEU B 112 61.13 -40.10 10.69
CA LEU B 112 60.83 -41.48 11.09
C LEU B 112 60.73 -42.34 9.85
N GLU B 113 61.20 -43.58 9.97
CA GLU B 113 61.17 -44.57 8.89
C GLU B 113 61.88 -44.03 7.64
N CYS B 114 63.19 -43.82 7.80
CA CYS B 114 64.00 -43.32 6.69
C CYS B 114 64.02 -44.29 5.52
N MET B 115 64.05 -45.59 5.80
CA MET B 115 64.00 -46.59 4.74
C MET B 115 62.68 -46.56 3.98
N GLU B 116 61.59 -46.16 4.63
CA GLU B 116 60.29 -45.87 4.02
C GLU B 116 59.88 -46.93 2.99
N GLU B 117 59.63 -48.14 3.50
CA GLU B 117 59.19 -49.23 2.63
C GLU B 117 57.90 -48.86 1.90
N LYS B 118 56.94 -48.27 2.60
CA LYS B 118 55.66 -47.92 1.99
C LYS B 118 55.80 -46.79 0.96
N VAL B 119 56.89 -46.03 1.01
CA VAL B 119 57.11 -45.00 0.01
C VAL B 119 57.87 -45.53 -1.20
N ILE B 120 58.62 -46.63 -1.02
CA ILE B 120 59.35 -47.21 -2.15
C ILE B 120 58.40 -47.68 -3.23
N GLN B 121 57.30 -48.34 -2.83
CA GLN B 121 56.29 -48.76 -3.81
C GLN B 121 55.61 -47.56 -4.45
N LYS B 122 55.54 -46.43 -3.74
CA LYS B 122 54.99 -45.22 -4.33
C LYS B 122 55.92 -44.63 -5.39
N LEU B 123 57.22 -44.85 -5.25
CA LEU B 123 58.17 -44.35 -6.24
C LEU B 123 57.93 -44.98 -7.61
N LEU B 124 57.70 -46.30 -7.63
CA LEU B 124 57.42 -46.97 -8.89
C LEU B 124 56.06 -46.57 -9.44
N ASP B 125 55.04 -46.56 -8.57
CA ASP B 125 53.69 -46.16 -8.98
C ASP B 125 53.47 -44.70 -8.61
N ASP B 126 54.22 -43.83 -9.31
CA ASP B 126 54.08 -42.40 -9.08
C ASP B 126 52.70 -41.90 -9.48
N SER B 127 52.22 -42.32 -10.64
CA SER B 127 50.89 -41.94 -11.15
C SER B 127 50.73 -40.43 -11.20
N GLY B 128 51.80 -39.72 -11.57
CA GLY B 128 51.76 -38.28 -11.66
C GLY B 128 51.63 -37.58 -10.33
N VAL B 129 52.68 -37.66 -9.51
CA VAL B 129 52.64 -37.01 -8.20
C VAL B 129 52.57 -35.50 -8.38
N ILE B 130 52.05 -34.83 -7.34
CA ILE B 130 51.83 -33.39 -7.37
C ILE B 130 52.28 -32.80 -6.03
N MET B 131 52.80 -31.57 -6.08
CA MET B 131 53.42 -30.92 -4.93
C MET B 131 52.53 -30.60 -3.73
N PRO B 132 51.18 -30.48 -3.85
CA PRO B 132 50.37 -30.25 -2.63
C PRO B 132 50.50 -31.33 -1.55
N GLY B 133 51.26 -32.38 -1.80
CA GLY B 133 51.55 -33.35 -0.75
C GLY B 133 50.38 -34.22 -0.33
N MET B 134 49.98 -35.12 -1.21
CA MET B 134 48.90 -36.08 -0.97
C MET B 134 48.97 -36.65 0.44
N ILE B 135 47.88 -36.50 1.19
CA ILE B 135 47.82 -36.98 2.58
C ILE B 135 47.32 -38.42 2.55
N PHE B 136 48.22 -39.35 2.81
CA PHE B 136 47.90 -40.77 2.81
C PHE B 136 47.59 -41.24 4.23
N GLN B 137 46.67 -42.21 4.32
CA GLN B 137 46.32 -42.77 5.62
C GLN B 137 47.46 -43.56 6.24
N ASN B 138 48.46 -43.93 5.44
CA ASN B 138 49.69 -44.62 5.86
C ASN B 138 49.45 -46.04 6.31
N LEU B 139 48.20 -46.51 6.35
CA LEU B 139 47.86 -47.87 6.77
C LEU B 139 48.46 -48.19 8.13
N LYS B 140 49.39 -49.14 8.17
CA LYS B 140 50.08 -49.53 9.38
C LYS B 140 51.56 -49.19 9.25
N THR B 141 52.13 -48.59 10.30
CA THR B 141 53.52 -48.18 10.30
C THR B 141 54.48 -49.30 10.72
N LYS B 142 54.03 -50.55 10.68
CA LYS B 142 54.85 -51.71 11.05
C LYS B 142 55.38 -51.56 12.48
N ALA B 143 54.43 -51.49 13.42
CA ALA B 143 54.69 -51.38 14.85
C ALA B 143 55.28 -50.02 15.21
N GLY B 144 54.94 -49.51 16.40
CA GLY B 144 55.43 -48.22 16.85
C GLY B 144 54.34 -47.17 16.90
N ASP B 145 53.47 -47.16 15.90
CA ASP B 145 52.37 -46.20 15.84
C ASP B 145 51.29 -46.76 14.93
N GLU B 146 50.08 -46.22 15.10
CA GLU B 146 48.96 -46.66 14.27
C GLU B 146 49.06 -46.10 12.85
N SER B 147 49.49 -44.85 12.73
CA SER B 147 49.62 -44.21 11.42
C SER B 147 50.41 -42.91 11.60
N ILE B 148 51.22 -42.58 10.59
CA ILE B 148 52.01 -41.36 10.58
C ILE B 148 51.68 -40.59 9.31
N ASP B 149 51.29 -39.33 9.48
CA ASP B 149 50.92 -38.50 8.34
C ASP B 149 52.18 -37.93 7.67
N VAL B 150 52.20 -37.96 6.33
CA VAL B 150 53.31 -37.45 5.55
C VAL B 150 52.76 -36.46 4.52
N VAL B 151 53.44 -35.33 4.39
CA VAL B 151 53.03 -34.27 3.48
C VAL B 151 54.25 -33.78 2.71
N ILE B 152 54.06 -33.50 1.42
CA ILE B 152 55.12 -32.99 0.56
C ILE B 152 54.88 -31.50 0.34
N THR B 153 55.92 -30.70 0.55
CA THR B 153 55.84 -29.25 0.39
C THR B 153 56.36 -28.77 -0.94
N ASP B 154 57.49 -29.30 -1.41
CA ASP B 154 58.10 -28.89 -2.67
C ASP B 154 58.45 -30.12 -3.49
N ALA B 155 58.42 -29.96 -4.81
CA ALA B 155 58.74 -31.06 -5.71
C ALA B 155 59.62 -30.57 -6.87
N PHE B 181 47.06 -19.31 -14.79
CA PHE B 181 47.46 -20.43 -15.62
C PHE B 181 47.07 -21.75 -14.99
N TYR B 182 48.03 -22.41 -14.34
CA TYR B 182 47.82 -23.69 -13.68
C TYR B 182 48.01 -23.51 -12.18
N LEU B 183 47.07 -24.04 -11.40
CA LEU B 183 47.18 -23.95 -9.95
C LEU B 183 48.33 -24.81 -9.42
N SER B 184 48.60 -25.93 -10.08
CA SER B 184 49.67 -26.85 -9.69
C SER B 184 50.16 -27.55 -10.94
N PRO B 185 51.33 -27.16 -11.46
CA PRO B 185 51.84 -27.79 -12.68
C PRO B 185 52.11 -29.28 -12.46
N PRO B 186 51.74 -30.12 -13.42
CA PRO B 186 51.98 -31.56 -13.27
C PRO B 186 53.48 -31.88 -13.30
N PHE B 187 53.84 -32.96 -12.62
CA PHE B 187 55.22 -33.40 -12.53
C PHE B 187 55.29 -34.92 -12.63
N ILE B 188 56.46 -35.40 -13.03
CA ILE B 188 56.72 -36.84 -13.16
C ILE B 188 57.83 -37.20 -12.18
N PHE B 189 57.60 -38.23 -11.37
CA PHE B 189 58.54 -38.67 -10.36
C PHE B 189 59.23 -39.95 -10.81
N ARG B 190 60.56 -39.95 -10.78
CA ARG B 190 61.35 -41.12 -11.14
C ARG B 190 62.43 -41.33 -10.09
N LYS B 191 62.60 -42.57 -9.65
CA LYS B 191 63.60 -42.89 -8.66
C LYS B 191 65.00 -42.74 -9.25
N GLY B 192 65.93 -42.24 -8.45
CA GLY B 192 67.31 -42.03 -8.86
C GLY B 192 67.58 -40.69 -9.51
N SER B 193 66.67 -40.22 -10.37
CA SER B 193 66.85 -38.94 -11.02
C SER B 193 66.82 -37.79 -10.02
N THR B 194 65.93 -37.87 -9.04
CA THR B 194 65.79 -36.84 -8.02
C THR B 194 66.21 -37.38 -6.66
N HIS B 195 66.60 -36.46 -5.78
CA HIS B 195 67.06 -36.80 -4.44
C HIS B 195 65.95 -36.49 -3.44
N ILE B 196 65.68 -37.44 -2.55
CA ILE B 196 64.62 -37.28 -1.56
C ILE B 196 65.16 -36.51 -0.36
N THR B 197 64.32 -35.65 0.22
CA THR B 197 64.68 -34.85 1.37
C THR B 197 63.62 -35.02 2.45
N PHE B 198 64.05 -35.12 3.70
CA PHE B 198 63.16 -35.30 4.84
C PHE B 198 63.15 -34.02 5.68
N SER B 199 61.95 -33.59 6.03
CA SER B 199 61.77 -32.37 6.83
C SER B 199 60.47 -32.51 7.62
N LYS B 200 60.04 -31.40 8.22
CA LYS B 200 58.79 -31.37 8.98
C LYS B 200 58.11 -30.03 8.75
N GLU B 201 56.95 -30.05 8.10
CA GLU B 201 56.18 -28.85 7.83
C GLU B 201 54.70 -29.15 8.02
N THR B 202 53.99 -28.22 8.66
CA THR B 202 52.56 -28.41 8.89
C THR B 202 51.78 -28.45 7.59
N GLN B 203 52.10 -27.55 6.66
CA GLN B 203 51.40 -27.47 5.38
C GLN B 203 52.43 -27.32 4.27
N ALA B 204 51.94 -27.12 3.04
CA ALA B 204 52.80 -26.97 1.88
C ALA B 204 53.36 -25.55 1.83
N ASN B 205 54.17 -25.28 0.81
CA ASN B 205 54.77 -23.96 0.65
C ASN B 205 53.70 -22.92 0.31
N ARG B 206 53.89 -21.71 0.83
CA ARG B 206 52.93 -20.64 0.59
C ARG B 206 52.99 -20.10 -0.84
N LYS B 207 54.08 -20.35 -1.56
CA LYS B 207 54.21 -19.84 -2.92
C LYS B 207 53.24 -20.52 -3.88
N TYR B 208 52.69 -21.67 -3.51
CA TYR B 208 51.71 -22.37 -4.35
C TYR B 208 50.29 -21.89 -4.12
N ASN B 209 50.08 -20.97 -3.17
CA ASN B 209 48.79 -20.36 -2.84
C ASN B 209 47.66 -21.38 -2.77
N LEU B 210 47.96 -22.59 -2.31
CA LEU B 210 46.92 -23.60 -2.15
C LEU B 210 45.98 -23.22 -1.01
N PRO B 211 44.68 -23.46 -1.15
CA PRO B 211 43.75 -23.13 -0.07
C PRO B 211 44.05 -23.94 1.19
N GLU B 212 43.86 -23.29 2.34
CA GLU B 212 44.11 -23.93 3.62
C GLU B 212 42.82 -24.55 4.15
N PRO B 213 42.79 -25.86 4.39
CA PRO B 213 41.57 -26.46 4.96
C PRO B 213 41.26 -25.90 6.33
N LEU B 214 39.97 -25.77 6.62
CA LEU B 214 39.51 -25.22 7.88
C LEU B 214 39.30 -26.35 8.88
N SER B 215 40.03 -26.29 10.00
CA SER B 215 39.96 -27.28 11.06
C SER B 215 39.24 -26.70 12.27
N TYR B 216 38.99 -27.58 13.25
CA TYR B 216 38.32 -27.15 14.47
C TYR B 216 39.17 -26.21 15.30
N ALA B 217 40.50 -26.25 15.15
CA ALA B 217 41.36 -25.37 15.92
C ALA B 217 41.25 -23.92 15.45
N ALA B 218 40.90 -23.71 14.18
CA ALA B 218 40.78 -22.34 13.67
C ALA B 218 39.65 -21.58 14.37
N VAL B 219 38.53 -22.25 14.60
CA VAL B 219 37.38 -21.62 15.27
C VAL B 219 37.62 -21.67 16.78
N GLY B 220 37.52 -20.51 17.43
CA GLY B 220 37.71 -20.42 18.86
C GLY B 220 36.69 -19.51 19.51
N GLY B 221 36.62 -19.59 20.83
CA GLY B 221 35.72 -18.76 21.60
C GLY B 221 34.28 -19.24 21.64
N LEU B 222 33.97 -20.37 21.01
CA LEU B 222 32.63 -20.93 20.95
C LEU B 222 32.66 -22.41 21.27
N ASP B 223 33.33 -22.76 22.36
CA ASP B 223 33.54 -24.16 22.72
C ASP B 223 32.23 -24.90 22.91
N LYS B 224 31.45 -24.51 23.93
CA LYS B 224 30.21 -25.23 24.23
C LYS B 224 29.35 -25.40 22.99
N GLU B 225 29.26 -24.35 22.17
CA GLU B 225 28.51 -24.45 20.93
C GLU B 225 29.11 -25.47 19.98
N ILE B 226 30.44 -25.52 19.86
CA ILE B 226 31.04 -26.41 18.88
C ILE B 226 30.90 -27.87 19.31
N GLU B 227 31.05 -28.15 20.61
CA GLU B 227 30.78 -29.52 21.05
C GLU B 227 29.29 -29.87 20.96
N SER B 228 28.39 -28.91 21.20
CA SER B 228 26.97 -29.20 21.00
C SER B 228 26.67 -29.55 19.55
N LEU B 229 27.25 -28.79 18.61
CA LEU B 229 27.06 -29.10 17.19
C LEU B 229 27.68 -30.44 16.83
N LYS B 230 28.86 -30.73 17.39
CA LYS B 230 29.51 -32.02 17.11
C LYS B 230 28.64 -33.18 17.59
N SER B 231 28.05 -33.06 18.78
CA SER B 231 27.18 -34.11 19.28
C SER B 231 25.92 -34.23 18.43
N ALA B 232 25.29 -33.09 18.11
CA ALA B 232 24.06 -33.10 17.32
C ALA B 232 24.30 -33.58 15.88
N ILE B 233 25.54 -33.58 15.42
CA ILE B 233 25.85 -34.16 14.12
C ILE B 233 26.21 -35.63 14.23
N GLU B 234 26.98 -36.00 15.26
CA GLU B 234 27.49 -37.37 15.36
C GLU B 234 26.39 -38.35 15.78
N ILE B 235 25.56 -37.96 16.75
CA ILE B 235 24.56 -38.91 17.29
C ILE B 235 23.58 -39.38 16.22
N PRO B 236 22.95 -38.50 15.41
CA PRO B 236 22.02 -39.02 14.40
C PRO B 236 22.72 -39.66 13.21
N LEU B 237 23.95 -39.27 12.90
CA LEU B 237 24.63 -39.79 11.71
C LEU B 237 25.36 -41.08 12.01
N HIS B 238 26.28 -41.05 12.98
CA HIS B 238 27.13 -42.21 13.24
C HIS B 238 26.37 -43.35 13.91
N GLN B 239 25.31 -43.04 14.66
CA GLN B 239 24.53 -44.04 15.38
C GLN B 239 23.05 -43.86 15.08
N PRO B 240 22.61 -44.21 13.87
CA PRO B 240 21.17 -44.14 13.57
C PRO B 240 20.42 -45.40 13.94
N THR B 241 21.14 -46.52 14.04
CA THR B 241 20.50 -47.80 14.34
C THR B 241 19.92 -47.82 15.75
N LEU B 242 20.63 -47.23 16.71
CA LEU B 242 20.13 -47.20 18.09
C LEU B 242 18.82 -46.42 18.17
N PHE B 243 18.75 -45.28 17.49
CA PHE B 243 17.52 -44.49 17.51
C PHE B 243 16.41 -45.16 16.71
N SER B 244 16.76 -45.85 15.62
CA SER B 244 15.76 -46.59 14.86
C SER B 244 15.14 -47.70 15.71
N SER B 245 15.97 -48.42 16.47
CA SER B 245 15.44 -49.39 17.41
C SER B 245 14.60 -48.71 18.49
N PHE B 246 15.08 -47.57 19.00
CA PHE B 246 14.32 -46.81 19.98
C PHE B 246 13.03 -46.24 19.38
N GLY B 247 13.09 -45.79 18.13
CA GLY B 247 11.97 -45.13 17.51
C GLY B 247 11.83 -43.66 17.84
N VAL B 248 12.86 -43.04 18.43
CA VAL B 248 12.78 -41.64 18.82
C VAL B 248 12.68 -40.72 17.61
N SER B 249 13.10 -41.18 16.43
CA SER B 249 13.12 -40.36 15.22
C SER B 249 14.00 -39.13 15.44
N PRO B 250 15.32 -39.31 15.48
CA PRO B 250 16.20 -38.20 15.82
C PRO B 250 16.05 -37.07 14.81
N PRO B 251 16.26 -35.83 15.24
CA PRO B 251 16.00 -34.69 14.37
C PRO B 251 16.96 -34.65 13.18
N ARG B 252 16.45 -34.14 12.06
CA ARG B 252 17.23 -34.02 10.84
C ARG B 252 17.52 -32.57 10.47
N GLY B 253 17.11 -31.62 11.30
CA GLY B 253 17.35 -30.21 11.02
C GLY B 253 17.98 -29.48 12.18
N ILE B 254 19.09 -28.80 11.94
CA ILE B 254 19.80 -28.04 12.96
C ILE B 254 19.83 -26.58 12.53
N LEU B 255 19.37 -25.70 13.42
CA LEU B 255 19.29 -24.27 13.14
C LEU B 255 20.34 -23.53 13.98
N LEU B 256 21.11 -22.67 13.32
CA LEU B 256 22.12 -21.85 13.97
C LEU B 256 21.67 -20.38 13.87
N HIS B 257 21.24 -19.83 15.00
CA HIS B 257 20.74 -18.45 15.05
C HIS B 257 21.59 -17.64 16.01
N GLY B 258 21.93 -16.43 15.60
CA GLY B 258 22.72 -15.53 16.41
C GLY B 258 23.05 -14.24 15.69
N PRO B 259 23.72 -13.32 16.38
CA PRO B 259 24.11 -12.06 15.74
C PRO B 259 25.10 -12.32 14.62
N PRO B 260 25.11 -11.50 13.58
CA PRO B 260 26.06 -11.69 12.48
C PRO B 260 27.49 -11.51 12.93
N GLY B 261 28.40 -12.25 12.30
CA GLY B 261 29.80 -12.19 12.62
C GLY B 261 30.29 -13.26 13.57
N THR B 262 29.44 -14.19 13.98
CA THR B 262 29.87 -15.23 14.91
C THR B 262 30.72 -16.28 14.21
N GLY B 263 30.42 -16.60 12.96
CA GLY B 263 31.20 -17.59 12.23
C GLY B 263 30.44 -18.83 11.84
N LYS B 264 29.13 -18.67 11.58
CA LYS B 264 28.31 -19.81 11.20
C LYS B 264 28.79 -20.43 9.89
N THR B 265 29.22 -19.58 8.94
CA THR B 265 29.73 -20.08 7.67
C THR B 265 30.95 -20.96 7.88
N MET B 266 31.86 -20.54 8.77
CA MET B 266 33.01 -21.38 9.08
C MET B 266 32.57 -22.67 9.77
N LEU B 267 31.53 -22.60 10.58
CA LEU B 267 31.02 -23.82 11.21
C LEU B 267 30.54 -24.82 10.16
N LEU B 268 29.78 -24.36 9.18
CA LEU B 268 29.33 -25.23 8.10
C LEU B 268 30.52 -25.78 7.31
N ARG B 269 31.49 -24.91 7.01
CA ARG B 269 32.66 -25.34 6.24
C ARG B 269 33.46 -26.39 7.00
N VAL B 270 33.63 -26.19 8.32
CA VAL B 270 34.42 -27.13 9.12
C VAL B 270 33.70 -28.46 9.26
N VAL B 271 32.39 -28.44 9.51
CA VAL B 271 31.67 -29.71 9.62
C VAL B 271 31.58 -30.40 8.26
N ALA B 272 31.69 -29.67 7.15
CA ALA B 272 31.77 -30.31 5.85
C ALA B 272 33.15 -30.93 5.63
N ASN B 273 34.21 -30.21 6.01
CA ASN B 273 35.56 -30.72 5.79
C ASN B 273 35.87 -31.92 6.66
N THR B 274 35.49 -31.87 7.93
CA THR B 274 35.81 -32.95 8.87
C THR B 274 34.94 -34.19 8.68
N SER B 275 33.88 -34.10 7.88
CA SER B 275 32.99 -35.23 7.64
C SER B 275 33.18 -35.72 6.21
N ASN B 276 33.34 -37.02 6.05
CA ASN B 276 33.50 -37.63 4.74
C ASN B 276 32.17 -37.89 4.04
N ALA B 277 31.06 -37.55 4.69
CA ALA B 277 29.74 -37.75 4.10
C ALA B 277 29.50 -36.77 2.96
N HIS B 278 28.52 -37.09 2.13
CA HIS B 278 28.13 -36.21 1.04
C HIS B 278 27.65 -34.87 1.57
N VAL B 279 28.08 -33.79 0.94
CA VAL B 279 27.73 -32.43 1.33
C VAL B 279 27.01 -31.76 0.18
N LEU B 280 25.80 -31.26 0.44
CA LEU B 280 25.01 -30.56 -0.56
C LEU B 280 24.54 -29.24 0.05
N THR B 281 24.74 -28.15 -0.69
CA THR B 281 24.40 -26.83 -0.21
C THR B 281 23.37 -26.18 -1.12
N ILE B 282 22.58 -25.28 -0.54
CA ILE B 282 21.58 -24.52 -1.29
C ILE B 282 22.19 -23.21 -1.73
N ASN B 283 22.24 -22.98 -3.05
CA ASN B 283 22.81 -21.75 -3.57
C ASN B 283 21.94 -20.54 -3.23
N GLY B 284 20.64 -20.74 -3.02
CA GLY B 284 19.75 -19.68 -2.61
C GLY B 284 18.99 -19.06 -3.77
N PRO B 285 19.23 -17.77 -4.02
CA PRO B 285 18.49 -17.09 -5.09
C PRO B 285 18.71 -17.68 -6.47
N SER B 286 19.89 -18.25 -6.73
CA SER B 286 20.15 -18.83 -8.04
C SER B 286 19.26 -20.04 -8.30
N ILE B 287 19.01 -20.85 -7.26
CA ILE B 287 18.14 -22.02 -7.42
C ILE B 287 16.73 -21.57 -7.78
N VAL B 288 16.22 -20.54 -7.12
CA VAL B 288 14.89 -20.03 -7.42
C VAL B 288 14.90 -19.35 -8.77
N SER B 289 13.97 -19.76 -9.64
CA SER B 289 13.86 -19.23 -10.99
C SER B 289 12.43 -18.76 -11.23
N LYS B 290 12.19 -18.28 -12.46
CA LYS B 290 10.85 -17.80 -12.81
C LYS B 290 9.84 -18.95 -12.88
N TYR B 291 10.29 -20.13 -13.31
CA TYR B 291 9.38 -21.27 -13.40
C TYR B 291 9.02 -21.77 -12.01
N LEU B 292 7.72 -21.96 -11.78
CA LEU B 292 7.26 -22.43 -10.48
C LEU B 292 7.72 -23.87 -10.22
N GLY B 293 7.67 -24.72 -11.24
CA GLY B 293 8.06 -26.11 -11.07
C GLY B 293 9.55 -26.38 -11.12
N GLU B 294 10.35 -25.42 -11.58
CA GLU B 294 11.79 -25.63 -11.64
C GLU B 294 12.38 -25.80 -10.24
N THR B 295 11.96 -24.96 -9.29
CA THR B 295 12.43 -25.08 -7.91
C THR B 295 12.01 -26.42 -7.31
N GLU B 296 10.76 -26.84 -7.56
CA GLU B 296 10.28 -28.12 -7.06
C GLU B 296 11.11 -29.27 -7.63
N ALA B 297 11.37 -29.24 -8.93
CA ALA B 297 12.16 -30.30 -9.55
C ALA B 297 13.58 -30.33 -9.01
N ALA B 298 14.20 -29.15 -8.84
CA ALA B 298 15.56 -29.10 -8.32
C ALA B 298 15.62 -29.62 -6.89
N LEU B 299 14.65 -29.23 -6.06
CA LEU B 299 14.63 -29.70 -4.67
C LEU B 299 14.42 -31.21 -4.60
N ARG B 300 13.50 -31.73 -5.42
CA ARG B 300 13.28 -33.17 -5.44
C ARG B 300 14.52 -33.92 -5.91
N ASP B 301 15.20 -33.39 -6.94
CA ASP B 301 16.39 -34.04 -7.46
C ASP B 301 17.51 -34.06 -6.42
N ILE B 302 17.74 -32.93 -5.74
CA ILE B 302 18.82 -32.89 -4.75
C ILE B 302 18.48 -33.75 -3.55
N PHE B 303 17.21 -33.79 -3.14
CA PHE B 303 16.83 -34.67 -2.04
C PHE B 303 17.01 -36.14 -2.41
N ASN B 304 16.65 -36.51 -3.64
CA ASN B 304 16.83 -37.88 -4.08
C ASN B 304 18.32 -38.24 -4.16
N GLU B 305 19.14 -37.30 -4.63
CA GLU B 305 20.59 -37.54 -4.66
C GLU B 305 21.15 -37.72 -3.26
N ALA B 306 20.71 -36.90 -2.32
CA ALA B 306 21.17 -37.04 -0.93
C ALA B 306 20.72 -38.37 -0.34
N ARG B 307 19.49 -38.79 -0.63
CA ARG B 307 18.98 -40.04 -0.09
C ARG B 307 19.58 -41.27 -0.76
N LYS B 308 20.11 -41.12 -1.98
CA LYS B 308 20.67 -42.26 -2.68
C LYS B 308 21.89 -42.82 -1.93
N TYR B 309 22.76 -41.94 -1.44
CA TYR B 309 23.92 -42.33 -0.66
C TYR B 309 23.58 -42.18 0.82
N GLN B 310 23.91 -43.21 1.61
CA GLN B 310 23.60 -43.16 3.04
C GLN B 310 24.26 -41.99 3.74
N PRO B 311 25.58 -41.76 3.65
CA PRO B 311 26.17 -40.60 4.32
C PRO B 311 25.99 -39.34 3.49
N SER B 312 25.12 -38.43 3.96
CA SER B 312 24.84 -37.21 3.24
C SER B 312 24.51 -36.09 4.23
N ILE B 313 24.95 -34.89 3.90
CA ILE B 313 24.70 -33.70 4.73
C ILE B 313 24.13 -32.61 3.82
N ILE B 314 23.05 -31.98 4.27
CA ILE B 314 22.37 -30.93 3.51
C ILE B 314 22.65 -29.60 4.18
N PHE B 315 23.10 -28.62 3.39
CA PHE B 315 23.40 -27.28 3.87
C PHE B 315 22.41 -26.28 3.30
N ILE B 316 21.90 -25.41 4.15
CA ILE B 316 21.02 -24.32 3.74
C ILE B 316 21.60 -23.02 4.27
N ASP B 317 21.81 -22.05 3.37
CA ASP B 317 22.38 -20.77 3.72
C ASP B 317 21.32 -19.69 3.63
N GLU B 318 21.23 -18.86 4.67
CA GLU B 318 20.29 -17.74 4.73
C GLU B 318 18.85 -18.22 4.57
N ILE B 319 18.42 -19.05 5.52
CA ILE B 319 17.05 -19.53 5.53
C ILE B 319 16.05 -18.41 5.75
N ASP B 320 16.47 -17.30 6.36
CA ASP B 320 15.56 -16.18 6.59
C ASP B 320 15.08 -15.59 5.27
N SER B 321 15.99 -15.42 4.31
CA SER B 321 15.60 -14.85 3.01
C SER B 321 14.83 -15.87 2.18
N ILE B 322 15.28 -17.13 2.20
CA ILE B 322 14.62 -18.16 1.40
C ILE B 322 13.25 -18.49 1.97
N ALA B 323 13.14 -18.58 3.29
CA ALA B 323 11.90 -18.95 3.97
C ALA B 323 11.59 -17.90 5.03
N PRO B 324 10.99 -16.78 4.62
CA PRO B 324 10.64 -15.72 5.58
C PRO B 324 9.31 -16.04 6.26
N ASN B 325 8.87 -15.11 7.09
CA ASN B 325 7.62 -15.29 7.83
C ASN B 325 6.43 -15.12 6.89
N ARG B 326 5.61 -16.17 6.78
CA ARG B 326 4.43 -16.10 5.91
C ARG B 326 3.41 -15.09 6.44
N ALA B 327 3.22 -15.04 7.76
CA ALA B 327 2.26 -14.10 8.32
C ALA B 327 2.74 -12.65 8.18
N ASN B 328 4.02 -12.41 8.42
CA ASN B 328 4.54 -11.05 8.34
C ASN B 328 4.47 -10.50 6.91
N ASP B 329 4.85 -11.32 5.93
CA ASP B 329 4.86 -10.92 4.52
C ASP B 329 3.86 -11.80 3.77
N ASP B 330 2.77 -11.17 3.31
CA ASP B 330 1.72 -11.88 2.59
C ASP B 330 2.10 -12.07 1.11
N SER B 331 3.20 -12.78 0.90
CA SER B 331 3.72 -13.07 -0.41
C SER B 331 3.65 -14.58 -0.68
N GLY B 332 3.30 -14.94 -1.91
CA GLY B 332 3.21 -16.34 -2.27
C GLY B 332 3.77 -16.64 -3.65
N GLU B 333 4.76 -15.85 -4.08
CA GLU B 333 5.32 -16.03 -5.42
C GLU B 333 6.36 -17.15 -5.42
N VAL B 334 7.45 -16.97 -4.68
CA VAL B 334 8.53 -17.95 -4.65
C VAL B 334 8.90 -18.27 -3.20
N GLU B 335 7.97 -18.03 -2.28
CA GLU B 335 8.23 -18.27 -0.86
C GLU B 335 7.21 -19.15 -0.19
N SER B 336 6.16 -19.58 -0.89
CA SER B 336 5.13 -20.44 -0.32
C SER B 336 5.27 -21.89 -0.77
N ARG B 337 5.35 -22.13 -2.08
CA ARG B 337 5.50 -23.49 -2.58
C ARG B 337 6.81 -24.11 -2.10
N VAL B 338 7.90 -23.33 -2.09
CA VAL B 338 9.18 -23.85 -1.63
C VAL B 338 9.12 -24.23 -0.17
N VAL B 339 8.48 -23.41 0.66
CA VAL B 339 8.35 -23.73 2.08
C VAL B 339 7.50 -24.99 2.26
N ALA B 340 6.40 -25.09 1.52
CA ALA B 340 5.53 -26.26 1.65
C ALA B 340 6.25 -27.53 1.24
N THR B 341 6.98 -27.50 0.13
CA THR B 341 7.68 -28.71 -0.32
C THR B 341 8.85 -29.04 0.60
N LEU B 342 9.53 -28.03 1.17
CA LEU B 342 10.57 -28.30 2.14
C LEU B 342 10.00 -28.98 3.38
N LEU B 343 8.85 -28.50 3.86
CA LEU B 343 8.21 -29.12 5.01
C LEU B 343 7.79 -30.55 4.69
N THR B 344 7.23 -30.77 3.50
CA THR B 344 6.82 -32.12 3.10
C THR B 344 8.02 -33.06 3.02
N LEU B 345 9.12 -32.59 2.43
CA LEU B 345 10.32 -33.43 2.33
C LEU B 345 10.90 -33.74 3.70
N MET B 346 10.94 -32.74 4.59
CA MET B 346 11.45 -32.99 5.93
C MET B 346 10.55 -33.93 6.72
N ASP B 347 9.25 -33.91 6.43
CA ASP B 347 8.32 -34.84 7.08
C ASP B 347 8.34 -36.22 6.46
N GLY B 348 8.94 -36.39 5.29
CA GLY B 348 8.95 -37.65 4.59
C GLY B 348 10.22 -38.47 4.71
N MET B 349 11.28 -37.92 5.30
CA MET B 349 12.52 -38.67 5.43
C MET B 349 12.36 -39.80 6.43
N GLY B 350 12.90 -40.97 6.09
CA GLY B 350 12.80 -42.13 6.95
C GLY B 350 13.78 -42.09 8.10
N ALA B 351 13.54 -42.99 9.06
CA ALA B 351 14.40 -43.08 10.23
C ALA B 351 15.74 -43.73 9.91
N ALA B 352 15.74 -44.71 9.01
CA ALA B 352 16.98 -45.40 8.67
C ALA B 352 17.97 -44.46 7.99
N GLY B 353 17.49 -43.62 7.09
CA GLY B 353 18.36 -42.69 6.40
C GLY B 353 18.98 -41.68 7.36
N LYS B 354 20.25 -41.38 7.15
CA LYS B 354 21.00 -40.44 7.98
C LYS B 354 21.27 -39.18 7.16
N VAL B 355 20.30 -38.26 7.19
CA VAL B 355 20.39 -37.00 6.47
C VAL B 355 20.16 -35.87 7.47
N VAL B 356 21.07 -34.90 7.47
CA VAL B 356 21.00 -33.76 8.39
C VAL B 356 20.96 -32.47 7.57
N VAL B 357 20.13 -31.53 8.01
CA VAL B 357 19.95 -30.25 7.34
C VAL B 357 20.41 -29.15 8.30
N ILE B 358 21.28 -28.28 7.82
CA ILE B 358 21.82 -27.17 8.60
C ILE B 358 21.35 -25.88 7.97
N ALA B 359 20.71 -25.02 8.77
CA ALA B 359 20.23 -23.73 8.32
C ALA B 359 20.71 -22.65 9.28
N ALA B 360 21.16 -21.53 8.72
CA ALA B 360 21.66 -20.40 9.48
C ALA B 360 20.82 -19.17 9.20
N THR B 361 20.38 -18.50 10.26
CA THR B 361 19.57 -17.30 10.14
C THR B 361 20.14 -16.21 11.04
N ASN B 362 19.96 -14.95 10.61
CA ASN B 362 20.44 -13.83 11.40
C ASN B 362 19.56 -13.59 12.62
N ARG B 363 18.25 -13.69 12.47
CA ARG B 363 17.31 -13.52 13.56
C ARG B 363 16.27 -14.64 13.53
N PRO B 364 15.85 -15.17 14.68
CA PRO B 364 14.82 -16.21 14.65
C PRO B 364 13.41 -15.66 14.49
N ASN B 365 13.19 -14.39 14.83
CA ASN B 365 11.84 -13.83 14.77
C ASN B 365 11.31 -13.78 13.35
N SER B 366 12.15 -13.38 12.39
CA SER B 366 11.70 -13.28 11.01
C SER B 366 11.46 -14.65 10.38
N VAL B 367 11.97 -15.72 10.98
CA VAL B 367 11.72 -17.05 10.45
C VAL B 367 10.27 -17.45 10.69
N ASP B 368 9.69 -18.14 9.71
CA ASP B 368 8.29 -18.54 9.82
C ASP B 368 8.10 -19.47 11.00
N PRO B 369 7.00 -19.31 11.77
CA PRO B 369 6.77 -20.21 12.91
C PRO B 369 6.66 -21.67 12.53
N ALA B 370 6.19 -21.97 11.32
CA ALA B 370 6.14 -23.36 10.87
C ALA B 370 7.54 -23.96 10.79
N LEU B 371 8.51 -23.19 10.29
CA LEU B 371 9.88 -23.67 10.27
C LEU B 371 10.46 -23.77 11.67
N ARG B 372 10.04 -22.88 12.58
CA ARG B 372 10.51 -22.89 13.96
C ARG B 372 9.74 -23.85 14.85
N ARG B 373 8.76 -24.56 14.31
CA ARG B 373 8.03 -25.54 15.10
C ARG B 373 8.97 -26.64 15.55
N PRO B 374 8.92 -27.03 16.84
CA PRO B 374 9.88 -28.03 17.33
C PRO B 374 9.55 -29.45 16.88
N GLY B 375 9.32 -29.62 15.57
CA GLY B 375 9.12 -30.92 15.00
C GLY B 375 10.04 -31.17 13.81
N ARG B 376 10.57 -30.09 13.26
CA ARG B 376 11.46 -30.15 12.11
C ARG B 376 12.80 -29.46 12.38
N PHE B 377 12.81 -28.40 13.17
CA PHE B 377 14.01 -27.67 13.54
C PHE B 377 14.10 -27.50 15.05
N ASP B 378 13.73 -28.55 15.79
CA ASP B 378 13.76 -28.49 17.25
C ASP B 378 15.18 -28.32 17.76
N GLN B 379 16.14 -29.04 17.17
CA GLN B 379 17.54 -28.95 17.58
C GLN B 379 18.11 -27.62 17.10
N GLU B 380 18.25 -26.67 18.01
CA GLU B 380 18.76 -25.34 17.70
C GLU B 380 19.99 -25.05 18.57
N VAL B 381 21.01 -24.48 17.96
CA VAL B 381 22.24 -24.08 18.64
C VAL B 381 22.28 -22.56 18.65
N GLU B 382 22.33 -21.97 19.83
CA GLU B 382 22.35 -20.52 19.99
C GLU B 382 23.77 -20.04 20.19
N ILE B 383 24.16 -19.04 19.40
CA ILE B 383 25.49 -18.44 19.48
C ILE B 383 25.32 -16.99 19.93
N GLY B 384 26.00 -16.62 21.01
CA GLY B 384 25.91 -15.29 21.57
C GLY B 384 27.21 -14.53 21.44
N ILE B 385 27.20 -13.32 22.02
CA ILE B 385 28.37 -12.44 22.00
C ILE B 385 29.44 -13.03 22.91
N PRO B 386 30.64 -13.28 22.41
CA PRO B 386 31.69 -13.83 23.26
C PRO B 386 32.07 -12.87 24.39
N ASP B 387 32.43 -13.46 25.53
CA ASP B 387 32.84 -12.68 26.69
C ASP B 387 34.33 -12.33 26.56
N VAL B 388 34.92 -11.83 27.65
CA VAL B 388 36.32 -11.41 27.61
C VAL B 388 37.23 -12.60 27.36
N ASP B 389 36.96 -13.73 28.03
CA ASP B 389 37.82 -14.90 27.88
C ASP B 389 37.76 -15.45 26.46
N ALA B 390 36.55 -15.53 25.88
CA ALA B 390 36.43 -16.03 24.52
C ALA B 390 37.10 -15.10 23.51
N ARG B 391 36.96 -13.79 23.70
CA ARG B 391 37.64 -12.85 22.82
C ARG B 391 39.16 -12.96 22.94
N PHE B 392 39.66 -13.15 24.16
CA PHE B 392 41.09 -13.34 24.35
C PHE B 392 41.57 -14.62 23.67
N ASP B 393 40.77 -15.69 23.77
CA ASP B 393 41.12 -16.94 23.09
C ASP B 393 41.14 -16.75 21.57
N ILE B 394 40.17 -16.02 21.04
CA ILE B 394 40.11 -15.77 19.60
C ILE B 394 41.33 -14.97 19.15
N LEU B 395 41.69 -13.95 19.92
CA LEU B 395 42.87 -13.14 19.57
C LEU B 395 44.14 -13.97 19.64
N THR B 396 44.27 -14.82 20.66
CA THR B 396 45.45 -15.67 20.75
C THR B 396 45.53 -16.64 19.59
N LYS B 397 44.40 -17.22 19.19
CA LYS B 397 44.39 -18.12 18.03
C LYS B 397 44.76 -17.36 16.76
N GLN B 398 44.25 -16.14 16.60
CA GLN B 398 44.59 -15.33 15.44
C GLN B 398 46.09 -15.04 15.38
N PHE B 399 46.66 -14.64 16.51
CA PHE B 399 48.09 -14.33 16.51
C PHE B 399 48.94 -15.57 16.32
N SER B 400 48.49 -16.71 16.88
CA SER B 400 49.22 -17.96 16.68
C SER B 400 49.21 -18.36 15.21
N ARG B 401 48.07 -18.20 14.53
CA ARG B 401 48.01 -18.52 13.11
C ARG B 401 48.85 -17.55 12.30
N MET B 402 48.88 -16.28 12.69
CA MET B 402 49.74 -15.30 12.02
C MET B 402 51.21 -15.60 12.28
N SER B 403 51.51 -16.34 13.36
CA SER B 403 52.84 -16.80 13.72
C SER B 403 53.68 -15.67 14.31
N SER B 404 54.65 -16.02 15.15
CA SER B 404 55.47 -15.06 15.86
C SER B 404 56.60 -14.49 15.01
N ASP B 405 56.79 -14.98 13.79
CA ASP B 405 57.82 -14.43 12.92
C ASP B 405 57.51 -12.99 12.53
N ARG B 406 56.23 -12.67 12.32
CA ARG B 406 55.83 -11.34 11.87
C ARG B 406 55.39 -10.42 13.00
N HIS B 407 55.37 -10.90 14.25
CA HIS B 407 54.95 -10.07 15.36
C HIS B 407 55.51 -10.64 16.65
N VAL B 408 55.78 -9.75 17.61
CA VAL B 408 56.22 -10.14 18.95
C VAL B 408 55.28 -9.50 19.96
N LEU B 409 54.66 -10.32 20.81
CA LEU B 409 53.73 -9.84 21.82
C LEU B 409 53.72 -10.85 22.98
N ASP B 410 53.23 -10.39 24.12
CA ASP B 410 53.06 -11.22 25.30
C ASP B 410 51.57 -11.39 25.60
N SER B 411 51.28 -12.28 26.55
CA SER B 411 49.88 -12.55 26.91
C SER B 411 49.23 -11.34 27.57
N GLU B 412 50.00 -10.51 28.25
CA GLU B 412 49.44 -9.33 28.90
C GLU B 412 48.86 -8.36 27.87
N ALA B 413 49.56 -8.15 26.77
CA ALA B 413 49.05 -7.26 25.72
C ALA B 413 47.76 -7.80 25.12
N ILE B 414 47.71 -9.11 24.88
CA ILE B 414 46.49 -9.71 24.32
C ILE B 414 45.33 -9.58 25.30
N LYS B 415 45.59 -9.80 26.58
CA LYS B 415 44.55 -9.65 27.59
C LYS B 415 44.06 -8.20 27.66
N TYR B 416 44.98 -7.24 27.58
CA TYR B 416 44.59 -5.84 27.60
C TYR B 416 43.74 -5.48 26.38
N ILE B 417 44.12 -6.00 25.20
CA ILE B 417 43.34 -5.76 23.99
C ILE B 417 41.95 -6.36 24.13
N ALA B 418 41.87 -7.59 24.66
CA ALA B 418 40.57 -8.23 24.84
C ALA B 418 39.70 -7.45 25.81
N SER B 419 40.28 -6.95 26.90
CA SER B 419 39.54 -6.13 27.84
C SER B 419 39.05 -4.85 27.18
N LYS B 420 39.91 -4.22 26.38
CA LYS B 420 39.50 -3.00 25.66
C LYS B 420 38.44 -3.31 24.62
N THR B 421 38.49 -4.50 24.03
CA THR B 421 37.58 -4.90 22.96
C THR B 421 36.29 -5.42 23.57
N HIS B 422 35.23 -4.60 23.51
CA HIS B 422 33.92 -5.00 24.01
C HIS B 422 32.85 -5.04 22.93
N GLY B 423 33.04 -4.32 21.83
CA GLY B 423 32.04 -4.29 20.77
C GLY B 423 32.41 -5.15 19.57
N TYR B 424 33.69 -5.20 19.24
CA TYR B 424 34.14 -5.99 18.09
C TYR B 424 33.90 -7.48 18.34
N VAL B 425 33.50 -8.19 17.28
CA VAL B 425 33.28 -9.62 17.34
C VAL B 425 33.53 -10.21 15.95
N GLY B 426 34.33 -11.27 15.92
CA GLY B 426 34.53 -12.04 14.70
C GLY B 426 35.06 -11.24 13.53
N ALA B 427 34.19 -10.99 12.54
CA ALA B 427 34.57 -10.21 11.38
C ALA B 427 35.06 -8.83 11.77
N ASP B 428 34.51 -8.25 12.84
CA ASP B 428 35.00 -6.98 13.34
C ASP B 428 36.45 -7.09 13.80
N LEU B 429 36.78 -8.18 14.51
CA LEU B 429 38.16 -8.39 14.94
C LEU B 429 39.08 -8.58 13.75
N THR B 430 38.64 -9.34 12.75
CA THR B 430 39.46 -9.54 11.56
C THR B 430 39.68 -8.21 10.82
N ALA B 431 38.64 -7.38 10.72
CA ALA B 431 38.78 -6.07 10.09
C ALA B 431 39.72 -5.18 10.89
N LEU B 432 39.66 -5.26 12.22
CA LEU B 432 40.58 -4.49 13.05
C LEU B 432 42.02 -4.91 12.81
N CYS B 433 42.27 -6.23 12.73
CA CYS B 433 43.62 -6.71 12.45
C CYS B 433 44.08 -6.27 11.06
N ARG B 434 43.19 -6.34 10.07
CA ARG B 434 43.55 -5.91 8.72
C ARG B 434 43.86 -4.43 8.67
N GLU B 435 43.10 -3.62 9.41
CA GLU B 435 43.37 -2.18 9.45
C GLU B 435 44.68 -1.89 10.17
N SER B 436 45.00 -2.67 11.21
CA SER B 436 46.29 -2.55 11.86
C SER B 436 47.43 -2.86 10.89
N VAL B 437 47.27 -3.91 10.09
CA VAL B 437 48.26 -4.22 9.06
C VAL B 437 48.36 -3.09 8.04
N MET B 438 47.21 -2.54 7.65
CA MET B 438 47.18 -1.40 6.74
C MET B 438 48.03 -0.25 7.28
N LYS B 439 47.78 0.14 8.53
CA LYS B 439 48.49 1.27 9.11
C LYS B 439 49.97 0.97 9.29
N THR B 440 50.30 -0.27 9.67
CA THR B 440 51.70 -0.64 9.82
C THR B 440 52.45 -0.54 8.49
N ILE B 441 51.85 -1.07 7.42
CA ILE B 441 52.50 -1.01 6.11
C ILE B 441 52.61 0.44 5.65
N GLN B 442 51.55 1.22 5.82
CA GLN B 442 51.59 2.62 5.39
C GLN B 442 52.66 3.40 6.13
N ARG B 443 52.76 3.21 7.45
CA ARG B 443 53.79 3.88 8.21
C ARG B 443 55.19 3.42 7.81
N GLY B 444 55.36 2.12 7.55
CA GLY B 444 56.66 1.63 7.14
C GLY B 444 57.14 2.22 5.84
N LEU B 445 56.26 2.24 4.83
CA LEU B 445 56.64 2.84 3.55
C LEU B 445 56.79 4.35 3.65
N GLY B 446 56.00 5.00 4.51
CA GLY B 446 56.13 6.44 4.67
C GLY B 446 57.43 6.85 5.33
N THR B 447 57.87 6.10 6.34
CA THR B 447 59.04 6.48 7.11
C THR B 447 60.33 5.85 6.59
N ASP B 448 60.38 4.52 6.54
CA ASP B 448 61.62 3.83 6.22
C ASP B 448 61.88 3.69 4.72
N ALA B 449 60.95 4.14 3.88
CA ALA B 449 61.13 4.14 2.42
C ALA B 449 61.41 2.74 1.89
N ASN B 450 60.40 1.87 2.04
CA ASN B 450 60.42 0.51 1.48
C ASN B 450 61.54 -0.33 2.09
N ILE B 451 61.60 -0.36 3.42
CA ILE B 451 62.54 -1.20 4.13
C ILE B 451 61.96 -2.60 4.24
N ASP B 452 62.79 -3.57 4.63
CA ASP B 452 62.30 -4.93 4.81
C ASP B 452 61.25 -4.98 5.91
N LYS B 453 60.22 -5.80 5.69
CA LYS B 453 59.07 -5.87 6.58
C LYS B 453 59.33 -6.71 7.84
N PHE B 454 60.50 -7.35 7.92
CA PHE B 454 60.81 -8.17 9.10
C PHE B 454 60.88 -7.31 10.36
N SER B 455 61.52 -6.15 10.28
CA SER B 455 61.68 -5.29 11.44
C SER B 455 60.42 -4.49 11.77
N LEU B 456 59.52 -4.29 10.80
CA LEU B 456 58.32 -3.51 11.05
C LEU B 456 57.42 -4.18 12.07
N LYS B 457 57.25 -5.50 11.97
CA LYS B 457 56.43 -6.33 12.84
C LYS B 457 55.09 -5.69 13.19
N VAL B 458 54.62 -5.88 14.42
CA VAL B 458 53.33 -5.37 14.87
C VAL B 458 53.51 -4.75 16.24
N THR B 459 52.95 -3.57 16.45
CA THR B 459 53.03 -2.86 17.71
C THR B 459 51.64 -2.62 18.28
N LEU B 460 51.55 -2.58 19.62
CA LEU B 460 50.27 -2.37 20.28
C LEU B 460 49.72 -0.98 20.00
N LYS B 461 50.60 0.02 19.83
CA LYS B 461 50.14 1.37 19.53
C LYS B 461 49.39 1.41 18.21
N ASP B 462 49.88 0.69 17.20
CA ASP B 462 49.19 0.64 15.92
C ASP B 462 47.83 -0.03 16.05
N VAL B 463 47.75 -1.10 16.85
CA VAL B 463 46.47 -1.77 17.07
C VAL B 463 45.47 -0.83 17.74
N GLU B 464 45.94 -0.07 18.74
CA GLU B 464 45.06 0.89 19.40
C GLU B 464 44.61 1.98 18.43
N SER B 465 45.52 2.46 17.58
CA SER B 465 45.17 3.48 16.60
C SER B 465 44.13 2.96 15.62
N ALA B 466 44.29 1.72 15.16
CA ALA B 466 43.30 1.13 14.25
C ALA B 466 41.96 0.96 14.94
N MET B 467 41.97 0.53 16.22
CA MET B 467 40.73 0.36 16.96
C MET B 467 40.00 1.69 17.11
N VAL B 468 40.74 2.77 17.38
CA VAL B 468 40.13 4.09 17.43
C VAL B 468 39.62 4.49 16.04
N ASP B 469 40.35 4.11 14.99
CA ASP B 469 39.97 4.51 13.63
C ASP B 469 38.63 3.89 13.23
N ILE B 470 38.47 2.58 13.42
CA ILE B 470 37.25 1.88 13.01
C ILE B 470 36.52 1.42 14.26
N ARG B 471 35.27 1.87 14.41
CA ARG B 471 34.46 1.47 15.54
C ARG B 471 33.69 0.18 15.23
N PRO B 472 33.36 -0.60 16.25
CA PRO B 472 32.61 -1.84 16.01
C PRO B 472 31.20 -1.55 15.53
N SER B 473 30.67 -2.49 14.74
CA SER B 473 29.31 -2.38 14.23
C SER B 473 28.28 -3.08 15.11
N ALA B 474 28.70 -3.72 16.19
CA ALA B 474 27.81 -4.43 17.10
C ALA B 474 27.54 -3.62 18.37
N MET B 475 27.45 -2.29 18.25
CA MET B 475 27.21 -1.46 19.41
C MET B 475 25.82 -1.65 20.01
N ARG B 476 24.87 -2.18 19.23
CA ARG B 476 23.51 -2.41 19.70
C ARG B 476 23.35 -3.89 20.02
N GLU B 477 22.94 -4.19 21.25
CA GLU B 477 22.76 -5.55 21.69
C GLU B 477 21.64 -5.61 22.72
N ILE B 478 21.01 -6.79 22.83
CA ILE B 478 19.92 -6.95 23.79
C ILE B 478 20.45 -6.96 25.21
N PHE B 479 21.59 -7.61 25.45
CA PHE B 479 22.22 -7.65 26.77
C PHE B 479 23.64 -7.14 26.65
N LEU B 480 24.03 -6.26 27.57
CA LEU B 480 25.36 -5.66 27.58
C LEU B 480 26.17 -6.24 28.74
N GLU B 481 27.41 -6.60 28.44
CA GLU B 481 28.32 -7.15 29.44
C GLU B 481 29.06 -6.00 30.12
N MET B 482 28.76 -5.77 31.40
CA MET B 482 29.37 -4.67 32.12
C MET B 482 30.83 -4.96 32.43
N PRO B 483 31.67 -3.93 32.55
CA PRO B 483 33.08 -4.15 32.87
C PRO B 483 33.24 -4.78 34.25
N LYS B 484 34.29 -5.59 34.39
CA LYS B 484 34.56 -6.29 35.63
C LYS B 484 35.10 -5.34 36.69
N VAL B 485 34.76 -5.61 37.95
CA VAL B 485 35.26 -4.84 39.08
C VAL B 485 35.36 -5.77 40.28
N TYR B 486 36.43 -5.60 41.06
CA TYR B 486 36.71 -6.49 42.19
C TYR B 486 36.07 -5.94 43.46
N TRP B 487 35.87 -6.84 44.43
CA TRP B 487 35.22 -6.47 45.68
C TRP B 487 36.05 -5.46 46.46
N SER B 488 37.38 -5.65 46.48
CA SER B 488 38.25 -4.78 47.26
C SER B 488 38.29 -3.35 46.74
N ASP B 489 37.81 -3.10 45.53
CA ASP B 489 37.83 -1.77 44.94
C ASP B 489 36.48 -1.05 45.00
N ILE B 490 35.46 -1.64 45.62
CA ILE B 490 34.16 -0.99 45.68
C ILE B 490 34.02 -0.10 46.90
N GLY B 491 34.83 -0.33 47.94
CA GLY B 491 34.89 0.60 49.06
C GLY B 491 33.62 0.72 49.89
N GLY B 492 33.00 -0.41 50.24
CA GLY B 492 31.84 -0.36 51.08
C GLY B 492 32.18 -0.35 52.57
N GLN B 493 31.13 -0.29 53.39
CA GLN B 493 31.29 -0.32 54.84
C GLN B 493 31.14 -1.76 55.34
N GLU B 494 31.05 -2.70 54.38
CA GLU B 494 30.94 -4.14 54.61
C GLU B 494 29.55 -4.53 55.11
N GLU B 495 28.74 -3.55 55.50
CA GLU B 495 27.39 -3.86 55.96
C GLU B 495 26.47 -4.10 54.78
N LEU B 496 26.34 -3.11 53.89
CA LEU B 496 25.59 -3.31 52.66
C LEU B 496 26.22 -4.41 51.81
N LYS B 497 27.55 -4.50 51.82
CA LYS B 497 28.23 -5.56 51.08
C LYS B 497 27.80 -6.93 51.58
N THR B 498 27.88 -7.15 52.91
CA THR B 498 27.49 -8.44 53.46
C THR B 498 26.01 -8.73 53.21
N LYS B 499 25.15 -7.71 53.38
CA LYS B 499 23.72 -7.91 53.18
C LYS B 499 23.41 -8.30 51.75
N MET B 500 24.01 -7.60 50.78
CA MET B 500 23.77 -7.91 49.37
C MET B 500 24.34 -9.28 49.02
N LYS B 501 25.48 -9.64 49.62
CA LYS B 501 26.05 -10.96 49.37
C LYS B 501 25.14 -12.06 49.89
N GLU B 502 24.56 -11.89 51.08
CA GLU B 502 23.72 -12.94 51.65
C GLU B 502 22.30 -12.92 51.11
N MET B 503 21.88 -11.83 50.45
CA MET B 503 20.47 -11.70 50.09
C MET B 503 20.11 -12.63 48.93
N ILE B 504 20.73 -12.43 47.77
CA ILE B 504 20.31 -13.12 46.55
C ILE B 504 21.24 -14.25 46.14
N GLN B 505 22.32 -14.48 46.88
CA GLN B 505 23.19 -15.62 46.56
C GLN B 505 22.55 -16.93 47.03
N LEU B 506 21.79 -16.88 48.12
CA LEU B 506 21.18 -18.10 48.65
C LEU B 506 20.21 -18.77 47.67
N PRO B 507 19.29 -18.06 47.01
CA PRO B 507 18.37 -18.77 46.10
C PRO B 507 19.06 -19.49 44.96
N LEU B 508 20.22 -19.01 44.50
CA LEU B 508 20.90 -19.60 43.36
C LEU B 508 21.95 -20.63 43.76
N GLU B 509 22.12 -20.90 45.05
CA GLU B 509 23.12 -21.85 45.52
C GLU B 509 22.54 -22.93 46.44
N ALA B 510 21.55 -22.57 47.26
CA ALA B 510 20.92 -23.49 48.21
C ALA B 510 19.55 -23.94 47.74
N SER B 511 19.42 -24.24 46.44
CA SER B 511 18.13 -24.67 45.90
C SER B 511 17.65 -25.95 46.55
N GLU B 512 18.56 -26.91 46.78
CA GLU B 512 18.17 -28.16 47.43
C GLU B 512 17.71 -27.91 48.86
N THR B 513 18.39 -27.04 49.59
CA THR B 513 17.97 -26.72 50.95
C THR B 513 16.61 -26.02 50.95
N PHE B 514 16.38 -25.13 49.99
CA PHE B 514 15.09 -24.47 49.88
C PHE B 514 13.98 -25.47 49.57
N ALA B 515 14.24 -26.41 48.67
CA ALA B 515 13.26 -27.44 48.36
C ALA B 515 12.97 -28.32 49.57
N ARG B 516 14.00 -28.65 50.34
CA ARG B 516 13.79 -29.41 51.58
C ARG B 516 12.95 -28.63 52.57
N LEU B 517 13.22 -27.32 52.72
CA LEU B 517 12.43 -26.50 53.61
C LEU B 517 11.08 -26.12 53.02
N GLY B 518 11.00 -25.95 51.71
CA GLY B 518 9.77 -25.56 51.06
C GLY B 518 9.75 -24.09 50.69
N ILE B 519 8.59 -23.44 50.89
CA ILE B 519 8.37 -22.01 50.65
C ILE B 519 8.86 -21.58 49.26
N SER B 520 8.89 -20.27 49.02
CA SER B 520 9.35 -19.71 47.76
C SER B 520 10.55 -18.82 48.01
N ALA B 521 11.60 -19.02 47.20
CA ALA B 521 12.80 -18.21 47.34
C ALA B 521 12.51 -16.76 46.89
N PRO B 522 13.25 -15.79 47.43
CA PRO B 522 13.04 -14.40 47.01
C PRO B 522 13.42 -14.19 45.54
N LYS B 523 12.42 -13.88 44.72
CA LYS B 523 12.61 -13.71 43.29
C LYS B 523 12.70 -12.25 42.86
N GLY B 524 12.73 -11.32 43.81
CA GLY B 524 12.78 -9.92 43.46
C GLY B 524 13.36 -9.03 44.54
N VAL B 525 14.33 -8.20 44.17
CA VAL B 525 14.95 -7.23 45.07
C VAL B 525 14.94 -5.87 44.37
N LEU B 526 14.42 -4.86 45.06
CA LEU B 526 14.31 -3.51 44.50
C LEU B 526 15.37 -2.63 45.14
N LEU B 527 16.11 -1.91 44.31
CA LEU B 527 17.20 -1.03 44.74
C LEU B 527 16.77 0.42 44.49
N TYR B 528 16.68 1.21 45.55
CA TYR B 528 16.31 2.62 45.46
C TYR B 528 17.18 3.42 46.42
N GLY B 529 17.63 4.59 45.95
CA GLY B 529 18.48 5.44 46.75
C GLY B 529 18.98 6.64 45.99
N PRO B 530 19.99 7.32 46.53
CA PRO B 530 20.58 8.45 45.81
C PRO B 530 21.18 7.99 44.50
N PRO B 531 21.09 8.81 43.46
CA PRO B 531 21.57 8.38 42.13
C PRO B 531 23.10 8.24 42.12
N GLY B 532 23.56 7.16 41.50
CA GLY B 532 24.99 6.96 41.28
C GLY B 532 25.82 6.80 42.54
N CYS B 533 25.27 6.17 43.57
CA CYS B 533 26.06 5.90 44.77
C CYS B 533 26.66 4.50 44.76
N SER B 534 25.81 3.47 44.79
CA SER B 534 26.27 2.09 44.77
C SER B 534 25.38 1.14 43.99
N LYS B 535 24.47 1.63 43.15
CA LYS B 535 23.41 0.80 42.62
C LYS B 535 23.93 -0.18 41.57
N THR B 536 24.46 0.34 40.47
CA THR B 536 24.91 -0.53 39.38
C THR B 536 26.26 -1.17 39.70
N LEU B 537 27.10 -0.50 40.50
CA LEU B 537 28.45 -0.98 40.73
C LEU B 537 28.48 -2.26 41.54
N THR B 538 27.60 -2.38 42.56
CA THR B 538 27.53 -3.62 43.33
C THR B 538 27.07 -4.78 42.45
N ALA B 539 26.10 -4.54 41.57
CA ALA B 539 25.67 -5.56 40.63
C ALA B 539 26.80 -5.96 39.70
N LYS B 540 27.59 -4.99 39.25
CA LYS B 540 28.74 -5.30 38.40
C LYS B 540 29.75 -6.17 39.14
N ALA B 541 30.02 -5.85 40.40
CA ALA B 541 30.93 -6.67 41.20
C ALA B 541 30.40 -8.08 41.39
N LEU B 542 29.09 -8.20 41.66
CA LEU B 542 28.50 -9.53 41.81
C LEU B 542 28.56 -10.31 40.51
N ALA B 543 28.46 -9.62 39.37
CA ALA B 543 28.58 -10.28 38.08
C ALA B 543 29.97 -10.89 37.92
N THR B 544 31.01 -10.15 38.30
CA THR B 544 32.36 -10.67 38.22
C THR B 544 32.56 -11.83 39.19
N GLU B 545 32.01 -11.72 40.40
CA GLU B 545 32.23 -12.76 41.39
C GLU B 545 31.52 -14.06 41.01
N SER B 546 30.24 -13.98 40.65
CA SER B 546 29.46 -15.17 40.37
C SER B 546 29.93 -15.85 39.09
N GLY B 547 30.05 -17.18 39.14
CA GLY B 547 30.41 -17.92 37.94
C GLY B 547 29.27 -18.05 36.96
N ILE B 548 28.04 -17.84 37.43
CA ILE B 548 26.88 -17.91 36.55
C ILE B 548 26.85 -16.72 35.61
N ASN B 549 26.17 -16.87 34.49
CA ASN B 549 26.08 -15.78 33.52
C ASN B 549 25.26 -14.64 34.10
N PHE B 550 25.65 -13.42 33.75
CA PHE B 550 24.97 -12.21 34.20
C PHE B 550 24.41 -11.47 33.00
N LEU B 551 23.13 -11.09 33.08
CA LEU B 551 22.46 -10.37 32.00
C LEU B 551 22.09 -8.98 32.48
N ALA B 552 22.54 -7.97 31.74
CA ALA B 552 22.27 -6.57 32.06
C ALA B 552 21.56 -5.91 30.89
N VAL B 553 20.43 -5.26 31.19
CA VAL B 553 19.65 -4.56 30.17
C VAL B 553 19.27 -3.19 30.72
N LYS B 554 19.40 -2.17 29.87
CA LYS B 554 19.06 -0.81 30.26
C LYS B 554 17.56 -0.57 30.07
N GLY B 555 16.99 0.22 30.98
CA GLY B 555 15.57 0.47 30.99
C GLY B 555 15.07 1.33 29.83
N PRO B 556 15.47 2.60 29.81
CA PRO B 556 14.91 3.52 28.81
C PRO B 556 15.29 3.19 27.38
N GLU B 557 16.33 2.39 27.15
CA GLU B 557 16.84 2.16 25.81
C GLU B 557 16.11 1.04 25.06
N ILE B 558 15.22 0.30 25.72
CA ILE B 558 14.56 -0.85 25.12
C ILE B 558 13.08 -0.58 24.84
N PHE B 559 12.37 0.05 25.79
CA PHE B 559 10.95 0.24 25.60
C PHE B 559 10.65 1.49 24.78
N ASN B 560 11.52 2.50 24.84
CA ASN B 560 11.28 3.74 24.11
C ASN B 560 11.44 3.53 22.61
N LYS B 561 12.52 2.86 22.19
CA LYS B 561 12.81 2.69 20.78
C LYS B 561 12.07 1.55 20.14
N TYR B 562 11.39 0.70 20.92
CA TYR B 562 10.65 -0.44 20.41
C TYR B 562 9.20 -0.33 20.88
N VAL B 563 8.36 0.26 20.04
CA VAL B 563 6.94 0.42 20.38
C VAL B 563 6.25 -0.94 20.40
N GLY B 564 6.62 -1.83 19.48
CA GLY B 564 6.01 -3.14 19.42
C GLY B 564 6.99 -4.28 19.58
N GLU B 565 8.27 -4.00 19.30
CA GLU B 565 9.31 -5.01 19.42
C GLU B 565 9.76 -5.21 20.86
N SER B 566 9.31 -4.34 21.78
CA SER B 566 9.72 -4.48 23.18
C SER B 566 9.22 -5.78 23.79
N GLU B 567 7.99 -6.19 23.44
CA GLU B 567 7.43 -7.43 24.00
C GLU B 567 8.26 -8.63 23.58
N ARG B 568 8.55 -8.76 22.28
CA ARG B 568 9.33 -9.90 21.82
C ARG B 568 10.76 -9.84 22.31
N ALA B 569 11.33 -8.64 22.43
CA ALA B 569 12.68 -8.52 22.98
C ALA B 569 12.72 -8.97 24.43
N ILE B 570 11.72 -8.59 25.22
CA ILE B 570 11.65 -9.02 26.61
C ILE B 570 11.48 -10.53 26.70
N ARG B 571 10.61 -11.09 25.86
CA ARG B 571 10.44 -12.54 25.86
C ARG B 571 11.73 -13.25 25.50
N GLU B 572 12.45 -12.73 24.49
CA GLU B 572 13.71 -13.35 24.08
C GLU B 572 14.76 -13.27 25.18
N ILE B 573 14.87 -12.13 25.85
CA ILE B 573 15.89 -11.99 26.90
C ILE B 573 15.54 -12.88 28.09
N PHE B 574 14.26 -12.99 28.44
CA PHE B 574 13.88 -13.86 29.53
C PHE B 574 14.12 -15.32 29.21
N ARG B 575 13.79 -15.76 27.98
CA ARG B 575 14.03 -17.16 27.64
C ARG B 575 15.53 -17.45 27.54
N LYS B 576 16.32 -16.49 27.07
CA LYS B 576 17.77 -16.68 27.04
C LYS B 576 18.33 -16.80 28.44
N ALA B 577 17.86 -15.95 29.37
CA ALA B 577 18.32 -16.05 30.75
C ALA B 577 17.91 -17.37 31.38
N ARG B 578 16.69 -17.83 31.11
CA ARG B 578 16.23 -19.11 31.65
C ARG B 578 17.04 -20.28 31.10
N SER B 579 17.33 -20.26 29.79
CA SER B 579 18.02 -21.39 29.17
C SER B 579 19.49 -21.42 29.56
N ALA B 580 20.14 -20.26 29.63
CA ALA B 580 21.57 -20.20 29.92
C ALA B 580 21.84 -20.31 31.42
N ALA B 581 21.48 -21.45 32.02
CA ALA B 581 21.74 -21.77 33.42
C ALA B 581 20.99 -20.81 34.34
N PRO B 582 20.96 -21.07 35.67
CA PRO B 582 20.43 -20.04 36.59
C PRO B 582 21.23 -18.76 36.51
N SER B 583 20.56 -17.61 36.58
CA SER B 583 21.21 -16.33 36.38
C SER B 583 20.44 -15.24 37.12
N ILE B 584 21.09 -14.11 37.30
CA ILE B 584 20.51 -12.93 37.95
C ILE B 584 20.31 -11.86 36.88
N ILE B 585 19.13 -11.26 36.87
CA ILE B 585 18.78 -10.23 35.90
C ILE B 585 18.73 -8.89 36.63
N PHE B 586 19.49 -7.92 36.14
CA PHE B 586 19.56 -6.59 36.74
C PHE B 586 19.10 -5.56 35.72
N PHE B 587 18.21 -4.67 36.15
CA PHE B 587 17.70 -3.59 35.32
C PHE B 587 18.35 -2.28 35.74
N ASP B 588 18.95 -1.57 34.78
CA ASP B 588 19.59 -0.31 35.10
C ASP B 588 18.58 0.73 35.59
N GLU B 589 17.43 0.83 34.89
CA GLU B 589 16.37 1.75 35.27
C GLU B 589 15.04 1.02 35.17
N ILE B 590 14.16 1.26 36.15
CA ILE B 590 12.83 0.68 36.16
C ILE B 590 11.74 1.71 36.38
N ASP B 591 12.09 2.94 36.78
CA ASP B 591 11.08 3.97 36.99
C ASP B 591 10.36 4.32 35.68
N ALA B 592 11.11 4.42 34.59
CA ALA B 592 10.50 4.72 33.29
C ALA B 592 9.72 3.55 32.73
N LEU B 593 9.89 2.36 33.28
CA LEU B 593 9.17 1.18 32.80
C LEU B 593 7.71 1.15 33.26
N SER B 594 7.32 1.98 34.21
CA SER B 594 5.95 2.04 34.70
C SER B 594 5.47 3.49 34.71
N PRO B 595 5.28 4.09 33.54
CA PRO B 595 4.77 5.46 33.49
C PRO B 595 3.25 5.53 33.46
N ASP B 596 2.60 4.42 33.82
CA ASP B 596 1.15 4.33 33.76
C ASP B 596 0.45 5.30 34.71
N ARG B 597 1.17 5.82 35.70
CA ARG B 597 0.57 6.72 36.68
C ARG B 597 0.86 8.19 36.41
N ASP B 598 1.99 8.52 35.78
CA ASP B 598 2.37 9.89 35.48
C ASP B 598 2.42 10.09 33.98
N GLY B 599 1.80 11.17 33.51
CA GLY B 599 1.76 11.44 32.08
C GLY B 599 0.95 10.45 31.28
N SER B 600 -0.24 10.08 31.77
CA SER B 600 -1.14 9.14 31.10
C SER B 600 -0.53 7.75 31.00
N SER B 601 -1.28 6.80 30.43
CA SER B 601 -0.85 5.41 30.30
C SER B 601 -0.91 5.02 28.83
N THR B 602 0.25 4.99 28.17
CA THR B 602 0.32 4.56 26.80
C THR B 602 0.14 3.05 26.69
N SER B 603 -0.24 2.60 25.49
CA SER B 603 -0.47 1.17 25.28
C SER B 603 0.81 0.37 25.47
N ALA B 604 1.94 0.87 24.95
CA ALA B 604 3.19 0.16 25.08
C ALA B 604 3.63 0.05 26.54
N ALA B 605 3.41 1.11 27.31
CA ALA B 605 3.76 1.07 28.73
C ALA B 605 2.95 0.01 29.47
N ASN B 606 1.64 -0.05 29.22
CA ASN B 606 0.82 -1.08 29.84
C ASN B 606 1.24 -2.47 29.40
N HIS B 607 1.57 -2.63 28.11
CA HIS B 607 2.00 -3.92 27.60
C HIS B 607 3.27 -4.39 28.30
N VAL B 608 4.27 -3.51 28.39
CA VAL B 608 5.53 -3.92 29.02
C VAL B 608 5.34 -4.14 30.52
N LEU B 609 4.47 -3.35 31.16
CA LEU B 609 4.22 -3.54 32.58
C LEU B 609 3.58 -4.90 32.86
N THR B 610 2.53 -5.24 32.11
CA THR B 610 1.90 -6.54 32.32
C THR B 610 2.82 -7.68 31.90
N SER B 611 3.69 -7.45 30.91
CA SER B 611 4.64 -8.49 30.51
C SER B 611 5.64 -8.77 31.62
N LEU B 612 6.22 -7.72 32.21
CA LEU B 612 7.15 -7.94 33.31
C LEU B 612 6.44 -8.55 34.51
N LEU B 613 5.19 -8.12 34.77
CA LEU B 613 4.46 -8.66 35.90
C LEU B 613 4.22 -10.16 35.75
N ASN B 614 3.65 -10.58 34.62
CA ASN B 614 3.35 -11.99 34.44
C ASN B 614 4.57 -12.83 34.07
N GLU B 615 5.72 -12.20 33.79
CA GLU B 615 6.95 -12.96 33.68
C GLU B 615 7.59 -13.16 35.04
N ILE B 616 7.51 -12.17 35.93
CA ILE B 616 8.03 -12.33 37.28
C ILE B 616 7.20 -13.33 38.06
N ASP B 617 5.87 -13.20 37.99
CA ASP B 617 4.97 -14.11 38.69
C ASP B 617 4.04 -14.79 37.68
N GLY B 618 3.94 -16.10 37.78
CA GLY B 618 3.09 -16.84 36.87
C GLY B 618 3.05 -18.31 37.24
N VAL B 619 2.68 -19.14 36.26
CA VAL B 619 2.63 -20.58 36.49
C VAL B 619 4.03 -21.14 36.73
N GLU B 620 5.04 -20.59 36.06
CA GLU B 620 6.41 -21.07 36.23
C GLU B 620 6.91 -20.76 37.64
N GLU B 621 7.62 -21.73 38.22
CA GLU B 621 8.16 -21.55 39.56
C GLU B 621 9.20 -20.43 39.60
N LEU B 622 10.09 -20.39 38.60
CA LEU B 622 11.13 -19.37 38.47
C LEU B 622 12.01 -19.34 39.73
N LYS B 623 12.73 -20.46 39.90
CA LYS B 623 13.62 -20.63 41.04
C LYS B 623 15.03 -20.08 40.76
N GLY B 624 15.67 -20.57 39.72
CA GLY B 624 17.03 -20.15 39.42
C GLY B 624 17.13 -18.68 39.03
N VAL B 625 16.13 -18.19 38.29
CA VAL B 625 16.16 -16.81 37.82
C VAL B 625 15.90 -15.87 38.99
N VAL B 626 16.75 -14.86 39.12
CA VAL B 626 16.61 -13.83 40.14
C VAL B 626 16.49 -12.48 39.46
N ILE B 627 15.46 -11.72 39.84
CA ILE B 627 15.17 -10.43 39.24
C ILE B 627 15.59 -9.33 40.20
N VAL B 628 16.39 -8.40 39.70
CA VAL B 628 16.85 -7.24 40.47
C VAL B 628 16.37 -5.98 39.77
N ALA B 629 15.65 -5.13 40.50
CA ALA B 629 15.11 -3.90 39.97
C ALA B 629 15.79 -2.70 40.62
N ALA B 630 16.17 -1.72 39.80
CA ALA B 630 16.84 -0.52 40.27
C ALA B 630 16.10 0.70 39.76
N THR B 631 15.80 1.64 40.67
CA THR B 631 15.11 2.86 40.33
C THR B 631 15.78 4.04 41.02
N ASN B 632 15.82 5.18 40.32
CA ASN B 632 16.33 6.40 40.92
C ASN B 632 15.35 6.96 41.94
N ARG B 633 14.06 6.99 41.60
CA ARG B 633 13.01 7.45 42.49
C ARG B 633 11.87 6.44 42.45
N PRO B 634 11.46 5.87 43.59
CA PRO B 634 10.37 4.90 43.58
C PRO B 634 8.99 5.51 43.40
N ASP B 635 8.88 6.83 43.30
CA ASP B 635 7.58 7.46 43.11
C ASP B 635 6.97 7.11 41.76
N GLU B 636 7.80 6.91 40.73
CA GLU B 636 7.35 6.59 39.39
C GLU B 636 7.04 5.11 39.21
N ILE B 637 6.87 4.36 40.30
CA ILE B 637 6.56 2.93 40.25
C ILE B 637 5.12 2.74 40.65
N ASP B 638 4.38 1.98 39.84
CA ASP B 638 2.98 1.73 40.13
C ASP B 638 2.82 0.90 41.41
N ALA B 639 1.73 1.16 42.13
CA ALA B 639 1.48 0.45 43.37
C ALA B 639 1.19 -1.03 43.13
N ALA B 640 0.63 -1.36 41.96
CA ALA B 640 0.35 -2.76 41.65
C ALA B 640 1.61 -3.60 41.50
N LEU B 641 2.75 -2.97 41.24
CA LEU B 641 4.01 -3.71 41.14
C LEU B 641 4.53 -4.09 42.53
N LEU B 642 4.35 -3.23 43.52
CA LEU B 642 4.84 -3.47 44.87
C LEU B 642 3.81 -4.28 45.64
N ARG B 643 3.88 -5.60 45.50
CA ARG B 643 3.04 -6.54 46.21
C ARG B 643 3.92 -7.63 46.82
N PRO B 644 3.47 -8.27 47.90
CA PRO B 644 4.24 -9.38 48.47
C PRO B 644 4.47 -10.48 47.45
N GLY B 645 5.67 -11.04 47.47
CA GLY B 645 6.07 -12.05 46.51
C GLY B 645 6.67 -11.53 45.23
N ARG B 646 6.69 -10.21 45.03
CA ARG B 646 7.29 -9.63 43.82
C ARG B 646 7.96 -8.32 44.21
N LEU B 647 9.29 -8.30 44.12
CA LEU B 647 10.09 -7.10 44.40
C LEU B 647 9.77 -6.52 45.77
N ASP B 648 9.53 -7.40 46.75
CA ASP B 648 9.18 -6.95 48.09
C ASP B 648 10.40 -6.43 48.85
N ARG B 649 11.56 -7.05 48.62
CA ARG B 649 12.76 -6.66 49.35
C ARG B 649 13.21 -5.25 48.96
N HIS B 650 13.61 -4.48 49.96
CA HIS B 650 14.03 -3.09 49.77
C HIS B 650 15.38 -2.87 50.41
N ILE B 651 16.25 -2.12 49.71
CA ILE B 651 17.56 -1.74 50.21
C ILE B 651 17.65 -0.22 50.19
N TYR B 652 18.01 0.36 51.34
CA TYR B 652 18.12 1.82 51.43
C TYR B 652 19.23 2.36 50.53
N VAL B 653 20.38 1.68 50.53
CA VAL B 653 21.60 2.07 49.81
C VAL B 653 21.77 3.58 49.79
N GLY B 654 21.93 4.16 50.99
CA GLY B 654 22.09 5.59 51.11
C GLY B 654 23.50 6.04 50.81
N PRO B 655 23.75 7.33 51.07
CA PRO B 655 25.09 7.89 50.82
C PRO B 655 26.13 7.22 51.70
N PRO B 656 27.36 7.08 51.20
CA PRO B 656 28.39 6.40 51.99
C PRO B 656 28.81 7.24 53.19
N ASP B 657 29.26 6.55 54.24
CA ASP B 657 29.75 7.23 55.43
C ASP B 657 31.21 7.67 55.21
N VAL B 658 31.84 8.10 56.30
CA VAL B 658 33.21 8.59 56.25
C VAL B 658 34.16 7.44 55.90
N ASN B 659 33.87 6.24 56.40
CA ASN B 659 34.74 5.10 56.16
C ASN B 659 34.71 4.68 54.70
N ALA B 660 33.52 4.54 54.13
CA ALA B 660 33.41 4.15 52.73
C ALA B 660 33.98 5.23 51.81
N ARG B 661 33.71 6.50 52.13
CA ARG B 661 34.26 7.60 51.34
C ARG B 661 35.78 7.59 51.39
N LEU B 662 36.35 7.37 52.57
CA LEU B 662 37.81 7.29 52.68
C LEU B 662 38.36 6.12 51.89
N GLU B 663 37.68 4.96 51.95
CA GLU B 663 38.18 3.78 51.26
C GLU B 663 38.15 3.98 49.74
N ILE B 664 37.08 4.57 49.22
CA ILE B 664 37.01 4.80 47.78
C ILE B 664 37.97 5.92 47.36
N LEU B 665 38.19 6.89 48.25
CA LEU B 665 39.18 7.93 47.96
C LEU B 665 40.58 7.34 47.91
N LYS B 666 40.83 6.29 48.70
CA LYS B 666 42.11 5.61 48.64
C LYS B 666 42.34 5.00 47.26
N LYS B 667 41.29 4.38 46.69
CA LYS B 667 41.40 3.84 45.33
C LYS B 667 41.58 4.95 44.31
N CYS B 668 40.85 6.05 44.47
CA CYS B 668 40.98 7.16 43.52
C CYS B 668 42.38 7.76 43.56
N THR B 669 42.97 7.86 44.75
CA THR B 669 44.31 8.39 44.97
C THR B 669 45.38 7.34 44.71
N LYS B 670 46.58 7.57 45.23
CA LYS B 670 47.78 6.75 45.16
C LYS B 670 48.26 6.56 43.72
N LYS B 671 47.67 7.31 42.79
CA LYS B 671 48.33 7.53 41.51
C LYS B 671 49.48 8.52 41.63
N PHE B 672 49.39 9.46 42.57
CA PHE B 672 50.46 10.39 42.89
C PHE B 672 50.89 10.13 44.33
N ASN B 673 51.77 10.99 44.85
CA ASN B 673 52.27 10.83 46.21
C ASN B 673 51.31 11.50 47.20
N THR B 674 51.48 11.18 48.48
CA THR B 674 50.52 11.61 49.49
C THR B 674 51.15 12.38 50.64
N GLU B 675 52.34 11.96 51.09
CA GLU B 675 52.90 12.53 52.32
C GLU B 675 53.25 14.01 52.16
N GLU B 676 53.73 14.41 50.98
CA GLU B 676 54.11 15.81 50.79
C GLU B 676 52.93 16.70 50.44
N SER B 677 51.74 16.13 50.21
CA SER B 677 50.57 16.95 49.91
C SER B 677 50.05 17.69 51.12
N GLY B 678 50.41 17.26 52.32
CA GLY B 678 49.97 17.94 53.53
C GLY B 678 48.48 17.91 53.76
N VAL B 679 47.85 16.76 53.52
CA VAL B 679 46.41 16.59 53.70
C VAL B 679 46.19 15.39 54.60
N ASP B 680 45.27 15.54 55.56
CA ASP B 680 44.91 14.47 56.48
C ASP B 680 43.61 13.80 56.05
N LEU B 681 43.57 12.48 56.23
CA LEU B 681 42.43 11.70 55.73
C LEU B 681 41.15 12.02 56.48
N HIS B 682 41.23 12.16 57.81
CA HIS B 682 40.03 12.36 58.61
C HIS B 682 39.36 13.69 58.29
N GLU B 683 40.13 14.77 58.18
CA GLU B 683 39.55 16.08 57.90
C GLU B 683 38.94 16.14 56.51
N LEU B 684 39.56 15.46 55.54
CA LEU B 684 39.01 15.43 54.19
C LEU B 684 37.64 14.77 54.18
N ALA B 685 37.48 13.66 54.90
CA ALA B 685 36.18 12.99 54.98
C ALA B 685 35.17 13.82 55.76
N ASP B 686 35.61 14.44 56.86
CA ASP B 686 34.69 15.24 57.68
C ASP B 686 34.18 16.44 56.91
N ARG B 687 35.05 17.13 56.17
CA ARG B 687 34.63 18.30 55.40
C ARG B 687 33.72 17.91 54.24
N THR B 688 33.91 16.71 53.68
CA THR B 688 33.13 16.23 52.56
C THR B 688 32.02 15.27 53.02
N GLU B 689 31.44 15.56 54.19
CA GLU B 689 30.40 14.70 54.73
C GLU B 689 29.13 14.75 53.89
N GLY B 690 28.75 15.94 53.42
CA GLY B 690 27.51 16.11 52.70
C GLY B 690 27.55 15.75 51.22
N TYR B 691 28.70 15.28 50.74
CA TYR B 691 28.87 14.95 49.32
C TYR B 691 28.97 13.44 49.16
N SER B 692 28.38 12.93 48.07
CA SER B 692 28.42 11.52 47.78
C SER B 692 29.79 11.12 47.22
N GLY B 693 30.02 9.81 47.12
CA GLY B 693 31.31 9.33 46.65
C GLY B 693 31.58 9.70 45.20
N ALA B 694 30.54 9.71 44.37
CA ALA B 694 30.70 10.22 43.01
C ALA B 694 31.07 11.69 43.02
N GLU B 695 30.45 12.46 43.91
CA GLU B 695 30.82 13.86 44.07
C GLU B 695 32.24 13.98 44.62
N VAL B 696 32.66 13.03 45.44
CA VAL B 696 34.04 13.01 45.93
C VAL B 696 35.01 12.80 44.76
N VAL B 697 34.68 11.88 43.87
CA VAL B 697 35.51 11.64 42.69
C VAL B 697 35.56 12.87 41.80
N LEU B 698 34.42 13.52 41.62
CA LEU B 698 34.39 14.75 40.84
C LEU B 698 35.23 15.85 41.49
N LEU B 699 35.18 15.94 42.81
CA LEU B 699 36.00 16.91 43.53
C LEU B 699 37.48 16.63 43.34
N CYS B 700 37.86 15.34 43.40
CA CYS B 700 39.26 14.97 43.17
C CYS B 700 39.69 15.32 41.75
N GLN B 701 38.82 15.07 40.77
CA GLN B 701 39.13 15.40 39.37
C GLN B 701 39.32 16.91 39.20
N GLU B 702 38.43 17.69 39.81
CA GLU B 702 38.54 19.15 39.72
C GLU B 702 39.81 19.64 40.39
N ALA B 703 40.17 19.06 41.54
CA ALA B 703 41.39 19.44 42.22
C ALA B 703 42.62 19.10 41.39
N GLY B 704 42.62 17.92 40.75
CA GLY B 704 43.72 17.57 39.86
C GLY B 704 43.83 18.52 38.67
N LEU B 705 42.68 18.89 38.10
CA LEU B 705 42.70 19.86 37.00
C LEU B 705 43.25 21.20 37.46
N ALA B 706 42.84 21.67 38.64
CA ALA B 706 43.36 22.93 39.16
C ALA B 706 44.86 22.84 39.41
N ALA B 707 45.33 21.70 39.94
CA ALA B 707 46.76 21.54 40.18
C ALA B 707 47.55 21.54 38.88
N ILE B 708 47.06 20.86 37.84
CA ILE B 708 47.76 20.82 36.57
C ILE B 708 47.61 22.10 35.77
N MET B 709 46.66 22.97 36.14
CA MET B 709 46.58 24.28 35.50
C MET B 709 47.85 25.09 35.73
N GLU B 710 48.40 25.04 36.94
CA GLU B 710 49.58 25.80 37.31
C GLU B 710 50.83 24.96 37.06
N ASP B 711 51.81 25.55 36.39
CA ASP B 711 53.11 24.92 36.12
C ASP B 711 52.97 23.60 35.36
N LEU B 712 51.96 23.53 34.48
CA LEU B 712 51.70 22.35 33.66
C LEU B 712 51.58 21.10 34.53
N ASP B 713 52.34 20.06 34.20
CA ASP B 713 52.30 18.82 34.96
C ASP B 713 52.85 19.05 36.37
N VAL B 714 52.19 18.45 37.35
CA VAL B 714 52.58 18.57 38.75
C VAL B 714 52.68 17.19 39.37
N ALA B 715 53.52 17.07 40.39
CA ALA B 715 53.72 15.78 41.05
C ALA B 715 52.57 15.42 41.98
N LYS B 716 51.95 16.41 42.61
CA LYS B 716 50.90 16.15 43.59
C LYS B 716 49.97 17.35 43.67
N VAL B 717 48.81 17.13 44.30
CA VAL B 717 47.80 18.17 44.47
C VAL B 717 47.88 18.68 45.91
N GLU B 718 47.83 20.00 46.06
CA GLU B 718 47.94 20.64 47.37
C GLU B 718 46.56 20.82 47.99
N LEU B 719 46.56 21.22 49.27
CA LEU B 719 45.30 21.44 49.99
C LEU B 719 44.59 22.69 49.47
N ARG B 720 45.34 23.68 48.98
CA ARG B 720 44.70 24.87 48.43
C ARG B 720 43.87 24.52 47.20
N HIS B 721 44.37 23.62 46.36
CA HIS B 721 43.58 23.13 45.23
C HIS B 721 42.33 22.41 45.71
N PHE B 722 42.46 21.62 46.79
CA PHE B 722 41.30 20.94 47.36
C PHE B 722 40.24 21.95 47.78
N GLU B 723 40.65 23.01 48.50
CA GLU B 723 39.70 24.02 48.94
C GLU B 723 39.08 24.77 47.78
N LYS B 724 39.89 25.10 46.76
CA LYS B 724 39.37 25.81 45.60
C LYS B 724 38.34 24.97 44.85
N ALA B 725 38.63 23.68 44.67
CA ALA B 725 37.65 22.81 44.02
C ALA B 725 36.41 22.62 44.87
N PHE B 726 36.58 22.57 46.20
CA PHE B 726 35.43 22.43 47.08
C PHE B 726 34.51 23.63 47.00
N LYS B 727 35.07 24.84 47.00
CA LYS B 727 34.24 26.04 46.95
C LYS B 727 33.67 26.25 45.56
N GLY B 728 34.41 25.85 44.52
CA GLY B 728 33.92 26.02 43.15
C GLY B 728 32.72 25.15 42.84
N ILE B 729 32.73 23.91 43.32
CA ILE B 729 31.67 22.96 43.00
C ILE B 729 30.64 22.96 44.11
N ALA B 730 29.43 22.50 43.80
CA ALA B 730 28.34 22.39 44.75
C ALA B 730 27.75 20.99 44.69
N ARG B 731 27.28 20.50 45.84
CA ARG B 731 26.72 19.16 45.90
C ARG B 731 25.46 19.04 45.05
N GLY B 732 24.60 20.05 45.08
CA GLY B 732 23.38 20.02 44.31
C GLY B 732 22.32 19.07 44.84
N ILE B 733 22.45 18.58 46.06
CA ILE B 733 21.49 17.67 46.67
C ILE B 733 20.81 18.40 47.82
N THR B 734 19.49 18.22 47.92
CA THR B 734 18.66 18.87 48.92
C THR B 734 18.17 17.86 49.96
N PRO B 735 18.00 18.29 51.21
CA PRO B 735 17.55 17.35 52.26
C PRO B 735 16.15 16.81 52.05
N GLU B 736 15.31 17.49 51.26
CA GLU B 736 13.93 17.04 51.13
C GLU B 736 13.82 15.71 50.41
N MET B 737 14.66 15.47 49.40
CA MET B 737 14.66 14.18 48.73
C MET B 737 15.15 13.07 49.65
N LEU B 738 16.14 13.37 50.50
CA LEU B 738 16.58 12.40 51.49
C LEU B 738 15.47 12.07 52.48
N SER B 739 14.73 13.08 52.92
CA SER B 739 13.60 12.84 53.83
C SER B 739 12.52 12.02 53.14
N TYR B 740 12.25 12.30 51.87
CA TYR B 740 11.27 11.52 51.12
C TYR B 740 11.70 10.06 51.01
N TYR B 741 12.98 9.81 50.72
CA TYR B 741 13.47 8.44 50.67
C TYR B 741 13.36 7.76 52.02
N GLU B 742 13.68 8.49 53.11
CA GLU B 742 13.58 7.91 54.44
C GLU B 742 12.14 7.55 54.79
N GLU B 743 11.19 8.43 54.47
CA GLU B 743 9.80 8.13 54.79
C GLU B 743 9.23 7.03 53.89
N PHE B 744 9.72 6.93 52.65
CA PHE B 744 9.34 5.80 51.80
C PHE B 744 9.88 4.50 52.37
N ALA B 745 11.10 4.51 52.88
CA ALA B 745 11.65 3.32 53.53
C ALA B 745 10.86 2.94 54.77
N LEU B 746 10.45 3.95 55.56
CA LEU B 746 9.63 3.68 56.74
C LEU B 746 8.29 3.08 56.35
N ARG B 747 7.67 3.61 55.28
CA ARG B 747 6.39 3.06 54.82
C ARG B 747 6.54 1.62 54.34
N SER B 748 7.63 1.33 53.63
CA SER B 748 7.86 -0.02 53.13
C SER B 748 8.32 -0.95 54.25
N LYS C 1 30.64 -17.76 -34.44
CA LYS C 1 31.30 -16.87 -33.50
C LYS C 1 30.64 -15.49 -33.49
N LEU C 2 30.93 -14.70 -34.53
CA LEU C 2 30.41 -13.35 -34.71
C LEU C 2 30.72 -12.49 -33.49
N PRO C 3 31.99 -12.12 -33.27
CA PRO C 3 32.34 -11.30 -32.11
C PRO C 3 31.96 -9.84 -32.33
N ALA C 4 30.91 -9.39 -31.63
CA ALA C 4 30.45 -8.02 -31.79
C ALA C 4 31.42 -7.03 -31.18
N GLU C 5 32.01 -7.38 -30.03
CA GLU C 5 32.90 -6.48 -29.31
C GLU C 5 34.20 -7.20 -28.99
N PHE C 6 35.27 -6.42 -28.78
CA PHE C 6 36.59 -6.94 -28.51
C PHE C 6 37.19 -6.24 -27.31
N ILE C 7 38.09 -6.95 -26.61
CA ILE C 7 38.78 -6.40 -25.46
C ILE C 7 40.17 -5.96 -25.91
N THR C 8 40.79 -5.07 -25.12
CA THR C 8 42.11 -4.55 -25.41
C THR C 8 43.10 -4.99 -24.35
N ARG C 9 44.32 -5.29 -24.76
CA ARG C 9 45.40 -5.68 -23.87
C ARG C 9 46.71 -5.12 -24.39
N PRO C 10 47.63 -4.76 -23.50
CA PRO C 10 48.94 -4.29 -23.94
C PRO C 10 49.82 -5.43 -24.43
N HIS C 11 50.81 -5.08 -25.23
CA HIS C 11 51.75 -6.06 -25.75
C HIS C 11 52.69 -6.52 -24.64
N PRO C 12 52.76 -7.82 -24.34
CA PRO C 12 53.72 -8.28 -23.33
C PRO C 12 55.17 -7.98 -23.68
N SER C 13 55.51 -8.01 -24.96
CA SER C 13 56.88 -7.71 -25.38
C SER C 13 57.15 -6.21 -25.26
N LYS C 14 58.38 -5.88 -24.86
CA LYS C 14 58.83 -4.50 -24.70
C LYS C 14 59.77 -4.17 -25.85
N ASP C 15 59.26 -3.46 -26.85
CA ASP C 15 60.04 -3.11 -28.02
C ASP C 15 59.54 -1.78 -28.57
N HIS C 16 60.37 -1.15 -29.40
CA HIS C 16 60.05 0.11 -30.04
C HIS C 16 59.86 -0.09 -31.53
N GLY C 17 58.71 0.34 -32.04
CA GLY C 17 58.39 0.22 -33.46
C GLY C 17 57.70 -1.07 -33.86
N LYS C 18 58.18 -2.20 -33.33
CA LYS C 18 57.58 -3.48 -33.68
C LYS C 18 56.17 -3.63 -33.12
N GLU C 19 55.98 -3.27 -31.85
CA GLU C 19 54.68 -3.46 -31.21
C GLU C 19 53.65 -2.42 -31.65
N THR C 20 54.08 -1.20 -31.97
CA THR C 20 53.15 -0.15 -32.33
C THR C 20 52.52 -0.41 -33.69
N CYS C 21 51.28 0.08 -33.85
CA CYS C 21 50.53 -0.05 -35.10
C CYS C 21 50.37 -1.51 -35.52
N THR C 22 50.18 -2.39 -34.53
CA THR C 22 50.00 -3.81 -34.78
C THR C 22 48.81 -4.33 -33.97
N ALA C 23 48.12 -5.31 -34.53
CA ALA C 23 46.99 -5.95 -33.88
C ALA C 23 47.16 -7.46 -33.93
N TYR C 24 46.81 -8.13 -32.83
CA TYR C 24 46.85 -9.59 -32.75
C TYR C 24 45.42 -10.08 -32.73
N ILE C 25 44.86 -10.30 -33.91
CA ILE C 25 43.49 -10.76 -34.08
C ILE C 25 43.52 -12.20 -34.58
N HIS C 26 42.52 -12.98 -34.17
CA HIS C 26 42.43 -14.36 -34.60
C HIS C 26 42.20 -14.42 -36.11
N PRO C 27 42.85 -15.36 -36.81
CA PRO C 27 42.66 -15.45 -38.27
C PRO C 27 41.22 -15.72 -38.68
N ASN C 28 40.43 -16.36 -37.83
CA ASN C 28 39.04 -16.63 -38.17
C ASN C 28 38.25 -15.34 -38.34
N VAL C 29 38.48 -14.36 -37.46
CA VAL C 29 37.81 -13.06 -37.60
C VAL C 29 38.30 -12.35 -38.86
N LEU C 30 39.61 -12.40 -39.13
CA LEU C 30 40.14 -11.77 -40.33
C LEU C 30 39.60 -12.42 -41.60
N SER C 31 39.50 -13.76 -41.59
CA SER C 31 38.95 -14.46 -42.74
C SER C 31 37.50 -14.09 -42.98
N SER C 32 36.71 -13.99 -41.91
CA SER C 32 35.31 -13.59 -42.05
C SER C 32 35.18 -12.13 -42.48
N LEU C 33 36.17 -11.31 -42.18
CA LEU C 33 36.18 -9.91 -42.56
C LEU C 33 36.88 -9.66 -43.90
N GLU C 34 37.36 -10.72 -44.54
CA GLU C 34 38.08 -10.66 -45.82
C GLU C 34 39.04 -9.47 -45.87
N ILE C 35 39.90 -9.38 -44.86
CA ILE C 35 40.89 -8.32 -44.74
C ILE C 35 42.26 -8.96 -44.88
N ASN C 36 43.05 -8.48 -45.84
CA ASN C 36 44.37 -9.02 -46.08
C ASN C 36 45.31 -8.63 -44.93
N PRO C 37 46.32 -9.47 -44.64
CA PRO C 37 47.28 -9.10 -43.59
C PRO C 37 48.01 -7.80 -43.86
N GLY C 38 48.30 -7.48 -45.12
CA GLY C 38 48.98 -6.25 -45.44
C GLY C 38 48.04 -5.09 -45.68
N SER C 39 47.00 -4.99 -44.87
CA SER C 39 45.99 -3.92 -44.99
C SER C 39 45.95 -3.13 -43.70
N PHE C 40 44.99 -2.21 -43.61
CA PHE C 40 44.81 -1.36 -42.45
C PHE C 40 43.55 -1.79 -41.70
N CYS C 41 43.67 -1.95 -40.39
CA CYS C 41 42.56 -2.36 -39.53
C CYS C 41 42.07 -1.16 -38.74
N THR C 42 40.75 -0.94 -38.75
CA THR C 42 40.14 0.19 -38.08
C THR C 42 39.53 -0.28 -36.75
N VAL C 43 39.96 0.33 -35.65
CA VAL C 43 39.47 -0.02 -34.32
C VAL C 43 38.98 1.25 -33.63
N GLY C 44 37.83 1.16 -33.01
CA GLY C 44 37.25 2.30 -32.31
C GLY C 44 36.62 1.87 -31.01
N LYS C 45 36.60 2.80 -30.05
CA LYS C 45 36.05 2.54 -28.72
C LYS C 45 34.60 2.99 -28.69
N ILE C 46 33.69 2.01 -28.60
CA ILE C 46 32.25 2.19 -28.44
C ILE C 46 31.68 3.22 -29.43
N GLY C 47 32.40 3.47 -30.52
CA GLY C 47 31.92 4.38 -31.53
C GLY C 47 32.62 5.72 -31.58
N GLU C 48 31.86 6.79 -31.37
CA GLU C 48 32.31 8.18 -31.49
C GLU C 48 33.27 8.36 -32.67
N ASN C 49 32.85 7.83 -33.83
CA ASN C 49 33.58 7.92 -35.09
C ASN C 49 35.08 7.73 -34.92
N GLY C 50 35.45 6.65 -34.24
CA GLY C 50 36.84 6.29 -34.06
C GLY C 50 37.28 5.33 -35.15
N ILE C 51 38.46 5.59 -35.72
CA ILE C 51 38.96 4.79 -36.83
C ILE C 51 40.27 4.13 -36.42
N LEU C 52 41.29 4.93 -36.15
CA LEU C 52 42.58 4.46 -35.63
C LEU C 52 43.16 3.33 -36.51
N VAL C 53 43.47 3.67 -37.75
CA VAL C 53 44.04 2.69 -38.67
C VAL C 53 45.43 2.27 -38.20
N ILE C 54 45.67 0.96 -38.18
CA ILE C 54 46.97 0.41 -37.87
C ILE C 54 47.29 -0.69 -38.88
N ALA C 55 48.58 -0.99 -39.00
CA ALA C 55 49.05 -1.94 -39.99
C ALA C 55 49.15 -3.34 -39.41
N ARG C 56 49.58 -4.30 -40.24
CA ARG C 56 49.80 -5.69 -39.86
C ARG C 56 48.52 -6.39 -39.43
N ALA C 57 48.60 -7.70 -39.20
CA ALA C 57 47.47 -8.50 -38.78
C ALA C 57 47.91 -9.46 -37.68
N GLY C 58 46.94 -10.18 -37.13
CA GLY C 58 47.22 -11.09 -36.04
C GLY C 58 47.84 -12.41 -36.51
N ASP C 59 48.41 -13.12 -35.55
CA ASP C 59 49.02 -14.41 -35.81
C ASP C 59 49.08 -15.19 -34.51
N GLU C 60 49.33 -16.50 -34.65
CA GLU C 60 49.50 -17.43 -33.52
C GLU C 60 48.18 -17.66 -32.79
N GLU C 61 48.00 -18.88 -32.27
CA GLU C 61 46.78 -19.25 -31.55
C GLU C 61 46.93 -19.15 -30.04
N VAL C 62 47.98 -18.48 -29.55
CA VAL C 62 48.21 -18.38 -28.12
C VAL C 62 47.11 -17.56 -27.45
N HIS C 63 46.51 -16.59 -28.17
CA HIS C 63 45.47 -15.80 -27.54
C HIS C 63 44.09 -16.22 -28.03
N PRO C 64 43.08 -16.12 -27.17
CA PRO C 64 41.71 -16.44 -27.58
C PRO C 64 41.22 -15.54 -28.70
N VAL C 65 40.08 -15.94 -29.27
CA VAL C 65 39.53 -15.22 -30.43
C VAL C 65 39.09 -13.82 -30.04
N ASN C 66 38.41 -13.69 -28.89
CA ASN C 66 37.81 -12.42 -28.52
C ASN C 66 38.86 -11.35 -28.26
N VAL C 67 39.96 -11.70 -27.61
CA VAL C 67 40.95 -10.70 -27.20
C VAL C 67 41.77 -10.28 -28.40
N ILE C 68 41.97 -8.97 -28.54
CA ILE C 68 42.89 -8.39 -29.51
C ILE C 68 43.81 -7.44 -28.77
N THR C 69 45.11 -7.53 -29.06
CA THR C 69 46.14 -6.79 -28.35
C THR C 69 46.74 -5.73 -29.26
N LEU C 70 46.84 -4.51 -28.74
CA LEU C 70 47.47 -3.41 -29.46
C LEU C 70 48.39 -2.67 -28.49
N SER C 71 49.37 -1.97 -29.05
CA SER C 71 50.38 -1.32 -28.23
C SER C 71 49.76 -0.25 -27.33
N THR C 72 50.29 -0.14 -26.11
CA THR C 72 49.77 0.83 -25.15
C THR C 72 50.05 2.27 -25.56
N THR C 73 50.97 2.49 -26.50
CA THR C 73 51.26 3.85 -26.95
C THR C 73 50.05 4.47 -27.64
N ILE C 74 49.32 3.67 -28.43
CA ILE C 74 48.12 4.17 -29.09
C ILE C 74 47.05 4.49 -28.05
N ARG C 75 46.97 3.69 -26.99
CA ARG C 75 45.94 3.91 -25.96
C ARG C 75 46.11 5.25 -25.26
N SER C 76 47.34 5.76 -25.19
CA SER C 76 47.59 7.04 -24.54
C SER C 76 47.20 8.23 -25.40
N VAL C 77 46.87 8.01 -26.67
CA VAL C 77 46.50 9.10 -27.56
C VAL C 77 45.02 9.43 -27.42
N GLY C 78 44.16 8.45 -27.68
CA GLY C 78 42.73 8.65 -27.60
C GLY C 78 42.15 8.29 -26.25
N ASN C 79 43.00 8.22 -25.24
CA ASN C 79 42.60 7.88 -23.87
C ASN C 79 41.87 6.54 -23.82
N LEU C 80 42.35 5.57 -24.60
CA LEU C 80 41.76 4.24 -24.61
C LEU C 80 42.15 3.49 -23.35
N ILE C 81 41.31 3.55 -22.32
CA ILE C 81 41.58 2.85 -21.07
C ILE C 81 41.38 1.36 -21.29
N LEU C 82 41.87 0.56 -20.35
CA LEU C 82 41.74 -0.90 -20.46
C LEU C 82 40.27 -1.30 -20.36
N GLY C 83 39.93 -2.40 -21.03
CA GLY C 83 38.59 -2.94 -20.99
C GLY C 83 37.58 -2.24 -21.87
N ASP C 84 38.00 -1.27 -22.68
CA ASP C 84 37.06 -0.55 -23.54
C ASP C 84 36.54 -1.45 -24.64
N ARG C 85 35.27 -1.28 -24.99
CA ARG C 85 34.68 -2.02 -26.08
C ARG C 85 35.36 -1.64 -27.40
N LEU C 86 35.65 -2.63 -28.23
CA LEU C 86 36.34 -2.42 -29.49
C LEU C 86 35.51 -2.99 -30.64
N GLU C 87 35.48 -2.25 -31.75
CA GLU C 87 34.77 -2.65 -32.95
C GLU C 87 35.73 -2.65 -34.13
N LEU C 88 35.54 -3.59 -35.05
CA LEU C 88 36.40 -3.76 -36.20
C LEU C 88 35.59 -3.58 -37.48
N LYS C 89 36.07 -2.73 -38.37
CA LYS C 89 35.43 -2.48 -39.66
C LYS C 89 36.39 -2.76 -40.80
N LYS C 90 35.89 -3.41 -41.84
CA LYS C 90 36.73 -3.73 -43.00
C LYS C 90 36.98 -2.52 -43.88
N ALA C 91 36.05 -1.56 -43.91
CA ALA C 91 36.22 -0.38 -44.75
C ALA C 91 37.35 0.48 -44.25
N GLN C 92 38.16 0.99 -45.19
CA GLN C 92 39.29 1.86 -44.85
C GLN C 92 39.59 2.75 -46.04
N VAL C 93 40.27 3.86 -45.76
CA VAL C 93 40.67 4.83 -46.76
C VAL C 93 42.16 5.07 -46.63
N GLN C 94 42.86 5.05 -47.75
CA GLN C 94 44.31 5.23 -47.74
C GLN C 94 44.65 6.65 -47.29
N PRO C 95 45.45 6.82 -46.22
CA PRO C 95 45.77 8.17 -45.78
C PRO C 95 46.72 8.85 -46.74
N PRO C 96 46.71 10.18 -46.80
CA PRO C 96 47.65 10.91 -47.67
C PRO C 96 48.99 11.11 -46.98
N TYR C 97 49.93 11.66 -47.73
CA TYR C 97 51.27 11.90 -47.20
C TYR C 97 51.25 13.08 -46.22
N ALA C 98 52.07 12.96 -45.17
CA ALA C 98 52.17 14.02 -44.17
C ALA C 98 53.14 15.11 -44.63
N THR C 99 52.97 16.30 -44.05
CA THR C 99 53.81 17.43 -44.38
C THR C 99 53.79 18.42 -43.23
N LYS C 100 54.77 19.33 -43.24
CA LYS C 100 54.94 20.41 -42.25
C LYS C 100 54.63 19.92 -40.84
N VAL C 101 55.38 18.90 -40.43
CA VAL C 101 55.20 18.30 -39.11
C VAL C 101 56.08 19.03 -38.09
N THR C 102 55.74 18.86 -36.82
CA THR C 102 56.52 19.42 -35.72
C THR C 102 56.45 18.48 -34.54
N VAL C 103 57.46 18.56 -33.67
CA VAL C 103 57.58 17.68 -32.51
C VAL C 103 57.65 18.54 -31.26
N GLY C 104 56.77 18.24 -30.29
CA GLY C 104 56.77 18.92 -29.02
C GLY C 104 57.37 18.05 -27.92
N SER C 105 57.69 18.71 -26.79
CA SER C 105 58.29 18.06 -25.64
C SER C 105 57.31 18.12 -24.47
N LEU C 106 57.01 16.95 -23.91
CA LEU C 106 56.10 16.89 -22.77
C LEU C 106 56.79 17.35 -21.49
N GLN C 107 58.07 17.03 -21.33
CA GLN C 107 58.80 17.39 -20.13
C GLN C 107 59.25 18.85 -20.19
N GLY C 108 59.87 19.31 -19.11
CA GLY C 108 60.35 20.68 -19.06
C GLY C 108 61.48 20.96 -20.04
N TYR C 109 62.34 19.98 -20.28
CA TYR C 109 63.44 20.16 -21.21
C TYR C 109 62.92 20.37 -22.63
N ASN C 110 63.51 21.32 -23.34
CA ASN C 110 63.14 21.62 -24.72
C ASN C 110 64.35 21.63 -25.62
N ILE C 111 64.20 21.04 -26.81
CA ILE C 111 65.26 20.96 -27.81
C ILE C 111 66.48 20.27 -27.22
N LEU C 112 66.40 18.96 -27.01
CA LEU C 112 67.53 18.15 -26.59
C LEU C 112 67.66 16.94 -27.51
N GLU C 113 68.89 16.49 -27.70
CA GLU C 113 69.20 15.33 -28.53
C GLU C 113 68.67 15.50 -29.95
N CYS C 114 69.20 16.50 -30.64
CA CYS C 114 68.75 16.82 -31.98
C CYS C 114 69.05 15.69 -32.97
N MET C 115 70.06 14.88 -32.68
CA MET C 115 70.38 13.76 -33.57
C MET C 115 69.27 12.73 -33.59
N GLU C 116 68.67 12.46 -32.42
CA GLU C 116 67.47 11.63 -32.26
C GLU C 116 67.49 10.39 -33.15
N GLU C 117 68.48 9.51 -32.88
CA GLU C 117 68.58 8.28 -33.65
C GLU C 117 67.33 7.41 -33.48
N LYS C 118 66.81 7.31 -32.26
CA LYS C 118 65.62 6.51 -32.03
C LYS C 118 64.42 7.08 -32.77
N VAL C 119 64.27 8.41 -32.77
CA VAL C 119 63.18 9.04 -33.50
C VAL C 119 63.34 8.82 -35.00
N ILE C 120 64.58 8.94 -35.50
CA ILE C 120 64.82 8.74 -36.92
C ILE C 120 64.52 7.29 -37.31
N GLN C 121 64.89 6.34 -36.43
CA GLN C 121 64.60 4.94 -36.71
C GLN C 121 63.10 4.69 -36.83
N LYS C 122 62.33 5.29 -35.93
CA LYS C 122 60.87 5.19 -36.03
C LYS C 122 60.37 5.89 -37.29
N LEU C 123 60.95 7.04 -37.62
CA LEU C 123 60.56 7.75 -38.83
C LEU C 123 60.88 6.94 -40.07
N LEU C 124 62.05 6.27 -40.09
CA LEU C 124 62.42 5.45 -41.24
C LEU C 124 61.46 4.28 -41.40
N ASP C 125 61.05 3.67 -40.29
CA ASP C 125 60.12 2.55 -40.34
C ASP C 125 58.72 3.05 -40.71
N ASP C 126 57.84 2.11 -41.05
CA ASP C 126 56.48 2.45 -41.41
C ASP C 126 55.76 3.09 -40.22
N SER C 127 54.95 4.11 -40.50
CA SER C 127 54.25 4.85 -39.45
C SER C 127 52.83 5.13 -39.93
N GLY C 128 51.87 4.39 -39.37
CA GLY C 128 50.47 4.63 -39.64
C GLY C 128 49.85 5.55 -38.60
N VAL C 129 50.70 6.28 -37.90
CA VAL C 129 50.29 7.15 -36.79
C VAL C 129 49.50 8.34 -37.32
N ILE C 130 48.85 9.07 -36.41
CA ILE C 130 48.02 10.22 -36.75
C ILE C 130 48.73 11.45 -36.20
N MET C 131 48.18 12.65 -36.42
CA MET C 131 48.91 13.86 -36.06
C MET C 131 49.27 13.97 -34.58
N PRO C 132 48.60 13.28 -33.65
CA PRO C 132 49.19 13.16 -32.30
C PRO C 132 50.58 12.57 -32.30
N GLY C 133 50.86 11.62 -33.20
CA GLY C 133 52.20 11.07 -33.33
C GLY C 133 52.67 10.29 -32.12
N MET C 134 51.75 9.61 -31.43
CA MET C 134 52.09 8.73 -30.31
C MET C 134 52.75 9.48 -29.15
N ILE C 135 53.09 8.75 -28.09
CA ILE C 135 53.83 9.29 -26.95
C ILE C 135 54.97 8.31 -26.70
N PHE C 136 56.19 8.69 -27.08
CA PHE C 136 57.32 7.77 -27.01
C PHE C 136 57.95 7.80 -25.62
N GLN C 137 58.08 6.61 -25.02
CA GLN C 137 58.78 6.51 -23.74
C GLN C 137 60.28 6.72 -23.93
N ASN C 138 60.83 6.29 -25.08
CA ASN C 138 62.20 6.53 -25.50
C ASN C 138 63.21 5.71 -24.69
N LEU C 139 62.74 5.00 -23.68
CA LEU C 139 63.59 4.18 -22.81
C LEU C 139 64.79 4.97 -22.31
N LYS C 140 65.97 4.65 -22.81
CA LYS C 140 67.19 5.39 -22.49
C LYS C 140 67.44 6.42 -23.58
N THR C 141 67.63 7.68 -23.16
CA THR C 141 67.80 8.79 -24.09
C THR C 141 69.28 9.09 -24.24
N LYS C 142 69.92 8.35 -25.15
CA LYS C 142 71.35 8.52 -25.45
C LYS C 142 72.20 8.42 -24.19
N ALA C 143 71.89 7.42 -23.37
CA ALA C 143 72.58 7.18 -22.10
C ALA C 143 72.51 8.39 -21.18
N GLY C 144 71.40 9.13 -21.24
CA GLY C 144 71.21 10.29 -20.39
C GLY C 144 70.31 10.00 -19.21
N ASP C 145 70.14 8.72 -18.89
CA ASP C 145 69.30 8.26 -17.79
C ASP C 145 67.85 8.69 -17.97
N GLU C 146 67.01 8.42 -16.96
CA GLU C 146 65.59 8.73 -16.93
C GLU C 146 64.89 8.46 -18.27
N SER C 147 63.94 9.31 -18.65
CA SER C 147 63.25 9.16 -19.92
C SER C 147 62.73 10.52 -20.36
N ILE C 148 62.56 10.66 -21.67
CA ILE C 148 62.04 11.88 -22.27
C ILE C 148 60.81 11.52 -23.10
N ASP C 149 59.71 12.24 -22.86
CA ASP C 149 58.46 12.00 -23.56
C ASP C 149 58.23 13.11 -24.58
N VAL C 150 58.02 12.71 -25.84
CA VAL C 150 57.80 13.65 -26.94
C VAL C 150 56.47 13.30 -27.62
N VAL C 151 55.69 14.33 -27.94
CA VAL C 151 54.41 14.17 -28.60
C VAL C 151 54.34 15.12 -29.77
N ILE C 152 53.82 14.64 -30.90
CA ILE C 152 53.67 15.45 -32.10
C ILE C 152 52.40 16.28 -31.99
N THR C 153 52.53 17.60 -32.09
CA THR C 153 51.38 18.48 -31.95
C THR C 153 50.69 18.78 -33.27
N ASP C 154 51.46 18.96 -34.35
CA ASP C 154 50.91 19.27 -35.66
C ASP C 154 51.59 18.41 -36.71
N ALA C 155 50.86 18.14 -37.79
CA ALA C 155 51.38 17.33 -38.89
C ALA C 155 50.69 17.70 -40.20
N PHE C 181 32.36 12.91 -40.17
CA PHE C 181 33.32 12.27 -41.06
C PHE C 181 34.31 11.40 -40.28
N TYR C 182 35.52 11.91 -40.11
CA TYR C 182 36.59 11.20 -39.42
C TYR C 182 37.05 12.02 -38.22
N LEU C 183 37.29 11.35 -37.10
CA LEU C 183 37.76 12.03 -35.91
C LEU C 183 39.13 12.67 -36.14
N SER C 184 40.03 11.94 -36.81
CA SER C 184 41.36 12.46 -37.11
C SER C 184 41.88 11.82 -38.40
N PRO C 185 42.13 12.60 -39.44
CA PRO C 185 42.62 12.04 -40.70
C PRO C 185 44.02 11.48 -40.54
N PRO C 186 44.22 10.21 -40.87
CA PRO C 186 45.55 9.61 -40.74
C PRO C 186 46.52 10.19 -41.76
N PHE C 187 47.81 10.08 -41.43
CA PHE C 187 48.87 10.61 -42.26
C PHE C 187 49.96 9.55 -42.45
N ILE C 188 50.69 9.67 -43.56
CA ILE C 188 51.81 8.79 -43.87
C ILE C 188 53.07 9.64 -43.92
N PHE C 189 54.10 9.22 -43.19
CA PHE C 189 55.37 9.94 -43.11
C PHE C 189 56.44 9.18 -43.87
N ARG C 190 57.16 9.88 -44.73
CA ARG C 190 58.30 9.34 -45.45
C ARG C 190 59.47 10.30 -45.35
N LYS C 191 60.68 9.76 -45.38
CA LYS C 191 61.87 10.57 -45.22
C LYS C 191 62.07 11.50 -46.41
N GLY C 192 62.38 12.76 -46.13
CA GLY C 192 62.63 13.75 -47.16
C GLY C 192 61.40 14.48 -47.66
N SER C 193 60.19 14.09 -47.25
CA SER C 193 58.99 14.76 -47.73
C SER C 193 58.82 16.11 -47.06
N THR C 194 59.12 16.21 -45.76
CA THR C 194 58.92 17.44 -45.02
C THR C 194 60.10 17.64 -44.07
N HIS C 195 60.24 18.87 -43.57
CA HIS C 195 61.30 19.23 -42.65
C HIS C 195 60.81 19.09 -41.21
N ILE C 196 61.69 18.56 -40.36
CA ILE C 196 61.35 18.36 -38.96
C ILE C 196 61.46 19.68 -38.21
N THR C 197 60.53 19.91 -37.28
CA THR C 197 60.49 21.13 -36.48
C THR C 197 60.51 20.76 -35.01
N PHE C 198 61.28 21.52 -34.22
CA PHE C 198 61.43 21.27 -32.79
C PHE C 198 60.66 22.33 -32.02
N SER C 199 59.85 21.88 -31.06
CA SER C 199 59.07 22.78 -30.23
C SER C 199 58.79 22.08 -28.90
N LYS C 200 57.96 22.70 -28.07
CA LYS C 200 57.59 22.14 -26.77
C LYS C 200 56.16 22.55 -26.44
N GLU C 201 55.28 21.57 -26.27
CA GLU C 201 53.90 21.82 -25.90
C GLU C 201 53.42 20.74 -24.96
N THR C 202 52.65 21.14 -23.95
CA THR C 202 52.12 20.16 -22.99
C THR C 202 51.16 19.20 -23.68
N GLN C 203 50.31 19.72 -24.56
CA GLN C 203 49.35 18.91 -25.30
C GLN C 203 49.44 19.27 -26.78
N ALA C 204 48.65 18.56 -27.60
CA ALA C 204 48.63 18.80 -29.03
C ALA C 204 47.79 20.03 -29.33
N ASN C 205 47.56 20.29 -30.62
CA ASN C 205 46.77 21.46 -31.01
C ASN C 205 45.32 21.31 -30.57
N ARG C 206 44.73 22.41 -30.12
CA ARG C 206 43.35 22.38 -29.65
C ARG C 206 42.36 22.20 -30.79
N LYS C 207 42.77 22.44 -32.03
CA LYS C 207 41.87 22.27 -33.17
C LYS C 207 41.59 20.80 -33.47
N TYR C 208 42.40 19.89 -32.94
CA TYR C 208 42.21 18.46 -33.14
C TYR C 208 41.26 17.84 -32.13
N ASN C 209 40.81 18.62 -31.14
CA ASN C 209 39.86 18.20 -30.11
C ASN C 209 40.17 16.82 -29.54
N LEU C 210 41.46 16.48 -29.43
CA LEU C 210 41.84 15.20 -28.86
C LEU C 210 41.56 15.19 -27.36
N PRO C 211 41.22 14.03 -26.80
CA PRO C 211 40.95 13.96 -25.36
C PRO C 211 42.20 14.28 -24.55
N GLU C 212 41.98 14.90 -23.39
CA GLU C 212 43.07 15.29 -22.51
C GLU C 212 43.13 14.32 -21.34
N PRO C 213 44.21 13.54 -21.19
CA PRO C 213 44.29 12.60 -20.08
C PRO C 213 44.40 13.33 -18.75
N LEU C 214 43.44 13.09 -17.87
CA LEU C 214 43.43 13.73 -16.56
C LEU C 214 44.57 13.19 -15.70
N SER C 215 45.24 14.09 -14.99
CA SER C 215 46.34 13.74 -14.10
C SER C 215 45.97 14.08 -12.67
N TYR C 216 46.87 13.69 -11.76
CA TYR C 216 46.66 13.95 -10.33
C TYR C 216 46.74 15.44 -10.00
N ALA C 217 47.36 16.24 -10.88
CA ALA C 217 47.44 17.68 -10.62
C ALA C 217 46.09 18.35 -10.72
N ALA C 218 45.19 17.82 -11.56
CA ALA C 218 43.86 18.41 -11.68
C ALA C 218 43.08 18.30 -10.37
N VAL C 219 43.18 17.16 -9.69
CA VAL C 219 42.50 17.00 -8.41
C VAL C 219 43.26 17.76 -7.33
N GLY C 220 42.56 18.60 -6.60
CA GLY C 220 43.18 19.40 -5.55
C GLY C 220 42.30 19.46 -4.33
N GLY C 221 42.92 19.86 -3.22
CA GLY C 221 42.23 20.01 -1.96
C GLY C 221 41.89 18.72 -1.25
N LEU C 222 42.38 17.58 -1.75
CA LEU C 222 42.11 16.27 -1.17
C LEU C 222 43.40 15.46 -1.06
N ASP C 223 44.45 16.11 -0.54
CA ASP C 223 45.77 15.48 -0.51
C ASP C 223 45.75 14.22 0.37
N LYS C 224 45.18 14.32 1.57
CA LYS C 224 45.11 13.16 2.44
C LYS C 224 44.24 12.06 1.85
N GLU C 225 43.08 12.44 1.29
CA GLU C 225 42.19 11.45 0.70
C GLU C 225 42.83 10.79 -0.51
N ILE C 226 43.49 11.57 -1.37
CA ILE C 226 44.10 11.00 -2.57
C ILE C 226 45.28 10.11 -2.18
N GLU C 227 46.03 10.49 -1.14
CA GLU C 227 47.12 9.64 -0.68
C GLU C 227 46.60 8.33 -0.12
N SER C 228 45.52 8.38 0.66
CA SER C 228 44.92 7.16 1.20
C SER C 228 44.41 6.26 0.09
N LEU C 229 43.75 6.85 -0.91
CA LEU C 229 43.24 6.07 -2.03
C LEU C 229 44.38 5.44 -2.82
N LYS C 230 45.46 6.20 -3.04
CA LYS C 230 46.61 5.67 -3.77
C LYS C 230 47.24 4.50 -3.01
N SER C 231 47.38 4.64 -1.69
CA SER C 231 47.90 3.52 -0.90
C SER C 231 46.98 2.31 -0.98
N ALA C 232 45.66 2.53 -0.87
CA ALA C 232 44.71 1.44 -0.87
C ALA C 232 44.61 0.75 -2.23
N ILE C 233 44.97 1.44 -3.32
CA ILE C 233 44.98 0.79 -4.63
C ILE C 233 46.36 0.27 -5.01
N GLU C 234 47.42 0.69 -4.32
CA GLU C 234 48.76 0.24 -4.66
C GLU C 234 49.21 -0.95 -3.82
N ILE C 235 49.05 -0.87 -2.49
CA ILE C 235 49.57 -1.93 -1.61
C ILE C 235 48.92 -3.29 -1.91
N PRO C 236 47.59 -3.41 -1.98
CA PRO C 236 47.01 -4.74 -2.30
C PRO C 236 47.35 -5.24 -3.69
N LEU C 237 47.73 -4.36 -4.61
CA LEU C 237 47.98 -4.77 -6.00
C LEU C 237 49.45 -5.15 -6.22
N HIS C 238 50.37 -4.23 -5.92
CA HIS C 238 51.77 -4.43 -6.28
C HIS C 238 52.48 -5.43 -5.37
N GLN C 239 51.97 -5.68 -4.16
CA GLN C 239 52.63 -6.54 -3.19
C GLN C 239 51.64 -7.59 -2.66
N PRO C 240 51.31 -8.59 -3.48
CA PRO C 240 50.44 -9.67 -2.99
C PRO C 240 51.20 -10.78 -2.27
N THR C 241 52.47 -10.97 -2.65
CA THR C 241 53.26 -12.05 -2.06
C THR C 241 53.52 -11.82 -0.58
N LEU C 242 53.82 -10.57 -0.20
CA LEU C 242 54.04 -10.25 1.20
C LEU C 242 52.79 -10.53 2.02
N PHE C 243 51.62 -10.20 1.48
CA PHE C 243 50.38 -10.41 2.22
C PHE C 243 50.01 -11.88 2.27
N SER C 244 50.31 -12.64 1.22
CA SER C 244 50.12 -14.08 1.27
C SER C 244 51.02 -14.71 2.34
N SER C 245 52.25 -14.21 2.45
CA SER C 245 53.12 -14.65 3.53
C SER C 245 52.56 -14.25 4.89
N PHE C 246 51.94 -13.07 4.99
CA PHE C 246 51.34 -12.63 6.24
C PHE C 246 50.19 -13.53 6.67
N GLY C 247 49.56 -14.25 5.75
CA GLY C 247 48.45 -15.11 6.06
C GLY C 247 47.09 -14.43 6.11
N VAL C 248 47.02 -13.14 5.78
CA VAL C 248 45.77 -12.40 5.79
C VAL C 248 45.52 -11.88 4.37
N SER C 249 44.29 -12.07 3.90
CA SER C 249 43.93 -11.63 2.56
C SER C 249 43.94 -10.11 2.48
N PRO C 250 44.53 -9.53 1.43
CA PRO C 250 44.51 -8.08 1.30
C PRO C 250 43.10 -7.57 1.07
N PRO C 251 42.78 -6.36 1.53
CA PRO C 251 41.47 -5.78 1.22
C PRO C 251 41.30 -5.57 -0.27
N ARG C 252 40.08 -5.80 -0.76
CA ARG C 252 39.79 -5.68 -2.18
C ARG C 252 38.72 -4.65 -2.51
N GLY C 253 37.93 -4.21 -1.54
CA GLY C 253 36.86 -3.26 -1.76
C GLY C 253 37.17 -1.93 -1.07
N ILE C 254 37.05 -0.85 -1.84
CA ILE C 254 37.26 0.50 -1.34
C ILE C 254 35.97 1.30 -1.53
N LEU C 255 35.49 1.92 -0.46
CA LEU C 255 34.26 2.70 -0.47
C LEU C 255 34.58 4.18 -0.50
N LEU C 256 33.96 4.89 -1.44
CA LEU C 256 34.10 6.34 -1.56
C LEU C 256 32.70 6.94 -1.37
N HIS C 257 32.42 7.41 -0.16
CA HIS C 257 31.11 7.95 0.18
C HIS C 257 31.26 9.41 0.60
N GLY C 258 30.37 10.25 0.08
CA GLY C 258 30.38 11.66 0.38
C GLY C 258 29.30 12.41 -0.37
N PRO C 259 29.32 13.74 -0.27
CA PRO C 259 28.33 14.55 -0.99
C PRO C 259 28.45 14.34 -2.49
N PRO C 260 27.34 14.36 -3.21
CA PRO C 260 27.39 14.15 -4.66
C PRO C 260 28.12 15.29 -5.36
N GLY C 261 28.80 14.96 -6.45
CA GLY C 261 29.48 15.96 -7.25
C GLY C 261 30.85 16.37 -6.75
N THR C 262 31.35 15.74 -5.68
CA THR C 262 32.62 16.20 -5.04
C THR C 262 33.87 15.42 -5.48
N GLY C 263 34.07 15.23 -6.78
CA GLY C 263 35.26 14.55 -7.34
C GLY C 263 35.23 13.03 -7.19
N LYS C 264 34.11 12.45 -6.74
CA LYS C 264 34.09 10.97 -6.52
C LYS C 264 34.28 10.19 -7.82
N THR C 265 33.52 10.50 -8.88
CA THR C 265 33.69 9.77 -10.17
C THR C 265 35.02 10.16 -10.83
N MET C 266 35.40 11.44 -10.74
CA MET C 266 36.65 11.93 -11.37
C MET C 266 37.83 11.07 -10.91
N LEU C 267 38.02 10.96 -9.60
CA LEU C 267 39.08 10.17 -9.00
C LEU C 267 39.16 8.79 -9.64
N LEU C 268 38.00 8.17 -9.90
CA LEU C 268 37.99 6.87 -10.54
C LEU C 268 38.58 6.95 -11.94
N ARG C 269 38.18 7.97 -12.71
CA ARG C 269 38.71 8.12 -14.07
C ARG C 269 40.21 8.36 -14.06
N VAL C 270 40.69 9.20 -13.14
CA VAL C 270 42.12 9.52 -13.12
C VAL C 270 42.95 8.32 -12.67
N VAL C 271 42.45 7.54 -11.71
CA VAL C 271 43.20 6.36 -11.29
C VAL C 271 43.16 5.28 -12.36
N ALA C 272 42.06 5.21 -13.14
CA ALA C 272 42.04 4.31 -14.28
C ALA C 272 43.06 4.74 -15.33
N ASN C 273 43.16 6.05 -15.58
CA ASN C 273 44.11 6.56 -16.57
C ASN C 273 45.55 6.32 -16.13
N THR C 274 45.86 6.53 -14.85
CA THR C 274 47.23 6.44 -14.38
C THR C 274 47.67 5.02 -14.04
N SER C 275 46.76 4.06 -14.05
CA SER C 275 47.08 2.67 -13.74
C SER C 275 47.05 1.84 -15.02
N ASN C 276 48.07 1.02 -15.21
CA ASN C 276 48.20 0.17 -16.38
C ASN C 276 47.44 -1.14 -16.24
N ALA C 277 46.82 -1.40 -15.09
CA ALA C 277 46.07 -2.63 -14.90
C ALA C 277 44.76 -2.58 -15.68
N HIS C 278 44.15 -3.75 -15.84
CA HIS C 278 42.89 -3.85 -16.56
C HIS C 278 41.79 -3.10 -15.83
N VAL C 279 40.92 -2.43 -16.59
CA VAL C 279 39.83 -1.64 -16.05
C VAL C 279 38.52 -2.21 -16.59
N LEU C 280 37.60 -2.52 -15.68
CA LEU C 280 36.28 -3.04 -16.04
C LEU C 280 35.21 -2.28 -15.28
N THR C 281 34.15 -1.90 -15.99
CA THR C 281 33.04 -1.16 -15.40
C THR C 281 31.73 -1.85 -15.75
N ILE C 282 30.73 -1.61 -14.90
CA ILE C 282 29.39 -2.18 -15.08
C ILE C 282 28.47 -1.08 -15.56
N ASN C 283 27.65 -1.39 -16.58
CA ASN C 283 26.72 -0.40 -17.11
C ASN C 283 25.55 -0.14 -16.17
N GLY C 284 25.30 -1.03 -15.21
CA GLY C 284 24.22 -0.87 -14.28
C GLY C 284 22.90 -1.37 -14.81
N PRO C 285 21.95 -0.45 -15.00
CA PRO C 285 20.64 -0.86 -15.55
C PRO C 285 20.72 -1.48 -16.93
N SER C 286 21.70 -1.08 -17.75
CA SER C 286 21.87 -1.69 -19.06
C SER C 286 22.30 -3.15 -18.95
N ILE C 287 23.11 -3.47 -17.94
CA ILE C 287 23.57 -4.85 -17.75
C ILE C 287 22.38 -5.75 -17.42
N VAL C 288 21.52 -5.31 -16.52
CA VAL C 288 20.37 -6.12 -16.11
C VAL C 288 19.29 -6.05 -17.19
N SER C 289 18.46 -7.10 -17.23
CA SER C 289 17.40 -7.20 -18.21
C SER C 289 16.26 -8.02 -17.60
N LYS C 290 15.29 -8.40 -18.45
CA LYS C 290 14.16 -9.18 -17.95
C LYS C 290 14.53 -10.62 -17.64
N TYR C 291 15.56 -11.14 -18.31
CA TYR C 291 15.99 -12.51 -18.06
C TYR C 291 16.65 -12.63 -16.69
N LEU C 292 16.22 -13.61 -15.90
CA LEU C 292 16.79 -13.77 -14.56
C LEU C 292 18.24 -14.22 -14.62
N GLY C 293 18.56 -15.15 -15.53
CA GLY C 293 19.92 -15.66 -15.62
C GLY C 293 20.88 -14.81 -16.42
N GLU C 294 20.37 -13.81 -17.15
CA GLU C 294 21.25 -12.95 -17.94
C GLU C 294 22.21 -12.17 -17.04
N THR C 295 21.70 -11.62 -15.93
CA THR C 295 22.55 -10.87 -15.01
C THR C 295 23.63 -11.76 -14.41
N GLU C 296 23.26 -12.96 -13.99
CA GLU C 296 24.23 -13.89 -13.41
C GLU C 296 25.28 -14.28 -14.44
N ALA C 297 24.86 -14.56 -15.67
CA ALA C 297 25.81 -14.93 -16.72
C ALA C 297 26.77 -13.77 -17.02
N ALA C 298 26.25 -12.54 -17.10
CA ALA C 298 27.10 -11.39 -17.37
C ALA C 298 28.10 -11.16 -16.25
N LEU C 299 27.64 -11.28 -15.00
CA LEU C 299 28.55 -11.11 -13.87
C LEU C 299 29.62 -12.20 -13.87
N ARG C 300 29.24 -13.45 -14.11
CA ARG C 300 30.22 -14.53 -14.17
C ARG C 300 31.24 -14.26 -15.26
N ASP C 301 30.79 -13.82 -16.44
CA ASP C 301 31.70 -13.53 -17.53
C ASP C 301 32.65 -12.40 -17.18
N ILE C 302 32.14 -11.33 -16.55
CA ILE C 302 32.99 -10.17 -16.28
C ILE C 302 34.02 -10.49 -15.21
N PHE C 303 33.64 -11.23 -14.16
CA PHE C 303 34.63 -11.60 -13.15
C PHE C 303 35.61 -12.65 -13.67
N ASN C 304 35.16 -13.53 -14.56
CA ASN C 304 36.10 -14.46 -15.19
C ASN C 304 37.12 -13.71 -16.05
N GLU C 305 36.67 -12.70 -16.79
CA GLU C 305 37.59 -11.89 -17.57
C GLU C 305 38.55 -11.14 -16.67
N ALA C 306 38.05 -10.60 -15.55
CA ALA C 306 38.93 -9.90 -14.61
C ALA C 306 39.98 -10.84 -14.02
N ARG C 307 39.58 -12.05 -13.65
CA ARG C 307 40.50 -13.01 -13.05
C ARG C 307 41.44 -13.64 -14.06
N LYS C 308 41.10 -13.61 -15.36
CA LYS C 308 41.97 -14.20 -16.37
C LYS C 308 43.32 -13.49 -16.42
N TYR C 309 43.31 -12.17 -16.35
CA TYR C 309 44.53 -11.37 -16.33
C TYR C 309 44.86 -10.97 -14.91
N GLN C 310 46.12 -11.14 -14.51
CA GLN C 310 46.52 -10.83 -13.14
C GLN C 310 46.29 -9.36 -12.78
N PRO C 311 46.75 -8.37 -13.54
CA PRO C 311 46.48 -6.98 -13.15
C PRO C 311 45.11 -6.56 -13.65
N SER C 312 44.21 -6.24 -12.72
CA SER C 312 42.85 -5.85 -13.07
C SER C 312 42.27 -4.99 -11.95
N ILE C 313 41.56 -3.94 -12.35
CA ILE C 313 40.89 -3.04 -11.41
C ILE C 313 39.42 -2.95 -11.81
N ILE C 314 38.53 -3.12 -10.84
CA ILE C 314 37.09 -3.13 -11.08
C ILE C 314 36.51 -1.81 -10.58
N PHE C 315 35.78 -1.12 -11.44
CA PHE C 315 35.11 0.13 -11.10
C PHE C 315 33.60 -0.07 -11.21
N ILE C 316 32.89 0.21 -10.12
CA ILE C 316 31.43 0.11 -10.09
C ILE C 316 30.87 1.44 -9.58
N ASP C 317 29.82 1.91 -10.22
CA ASP C 317 29.25 3.22 -9.94
C ASP C 317 27.78 3.09 -9.56
N GLU C 318 27.35 3.95 -8.63
CA GLU C 318 25.95 4.03 -8.20
C GLU C 318 25.47 2.69 -7.67
N ILE C 319 26.09 2.26 -6.57
CA ILE C 319 25.69 1.01 -5.93
C ILE C 319 24.27 1.11 -5.36
N ASP C 320 23.86 2.30 -4.91
CA ASP C 320 22.54 2.43 -4.32
C ASP C 320 21.44 2.06 -5.31
N SER C 321 21.59 2.46 -6.58
CA SER C 321 20.61 2.10 -7.59
C SER C 321 20.65 0.61 -7.92
N ILE C 322 21.85 0.08 -8.16
CA ILE C 322 21.96 -1.32 -8.58
C ILE C 322 21.77 -2.26 -7.39
N ALA C 323 22.23 -1.86 -6.20
CA ALA C 323 22.18 -2.71 -5.00
C ALA C 323 21.53 -1.91 -3.87
N PRO C 324 20.22 -1.76 -3.89
CA PRO C 324 19.54 -1.04 -2.80
C PRO C 324 19.54 -1.86 -1.52
N ASN C 325 19.03 -1.23 -0.46
CA ASN C 325 18.96 -1.90 0.84
C ASN C 325 17.90 -2.99 0.81
N ARG C 326 18.28 -4.19 1.25
CA ARG C 326 17.33 -5.30 1.28
C ARG C 326 16.29 -5.11 2.37
N ALA C 327 16.69 -4.59 3.53
CA ALA C 327 15.75 -4.36 4.61
C ALA C 327 14.74 -3.27 4.26
N ASN C 328 15.21 -2.19 3.61
CA ASN C 328 14.32 -1.09 3.28
C ASN C 328 13.33 -1.48 2.19
N ASP C 329 13.82 -2.12 1.12
CA ASP C 329 12.99 -2.53 -0.01
C ASP C 329 13.10 -4.04 -0.17
N ASP C 330 11.95 -4.72 -0.09
CA ASP C 330 11.90 -6.17 -0.24
C ASP C 330 11.61 -6.56 -1.68
N SER C 331 12.54 -6.20 -2.56
CA SER C 331 12.45 -6.48 -3.99
C SER C 331 13.45 -7.57 -4.34
N GLY C 332 12.96 -8.77 -4.60
CA GLY C 332 13.78 -9.91 -4.97
C GLY C 332 13.96 -10.11 -6.46
N GLU C 333 13.51 -9.16 -7.29
CA GLU C 333 13.58 -9.34 -8.74
C GLU C 333 15.00 -9.16 -9.27
N VAL C 334 15.57 -7.98 -9.08
CA VAL C 334 16.89 -7.68 -9.62
C VAL C 334 17.76 -7.04 -8.53
N GLU C 335 17.33 -7.15 -7.27
CA GLU C 335 18.05 -6.54 -6.16
C GLU C 335 18.62 -7.59 -5.21
N SER C 336 17.77 -8.50 -4.69
CA SER C 336 18.26 -9.48 -3.74
C SER C 336 19.20 -10.49 -4.39
N ARG C 337 18.79 -11.02 -5.55
CA ARG C 337 19.63 -11.99 -6.24
C ARG C 337 20.96 -11.38 -6.68
N VAL C 338 20.92 -10.14 -7.20
CA VAL C 338 22.14 -9.48 -7.64
C VAL C 338 23.07 -9.25 -6.45
N VAL C 339 22.53 -8.78 -5.33
CA VAL C 339 23.36 -8.55 -4.15
C VAL C 339 23.99 -9.85 -3.66
N ALA C 340 23.18 -10.92 -3.61
CA ALA C 340 23.67 -12.20 -3.10
C ALA C 340 24.77 -12.74 -4.01
N THR C 341 24.57 -12.70 -5.33
CA THR C 341 25.58 -13.23 -6.24
C THR C 341 26.83 -12.36 -6.23
N LEU C 342 26.69 -11.04 -6.09
CA LEU C 342 27.86 -10.19 -5.97
C LEU C 342 28.66 -10.51 -4.72
N LEU C 343 27.97 -10.73 -3.59
CA LEU C 343 28.67 -11.10 -2.36
C LEU C 343 29.39 -12.44 -2.52
N THR C 344 28.72 -13.42 -3.12
CA THR C 344 29.34 -14.73 -3.29
C THR C 344 30.55 -14.66 -4.20
N LEU C 345 30.46 -13.88 -5.29
CA LEU C 345 31.61 -13.74 -6.17
C LEU C 345 32.74 -12.97 -5.51
N MET C 346 32.42 -11.96 -4.71
CA MET C 346 33.46 -11.22 -4.00
C MET C 346 34.16 -12.10 -2.97
N ASP C 347 33.42 -13.01 -2.34
CA ASP C 347 34.00 -13.95 -1.38
C ASP C 347 34.59 -15.18 -2.06
N GLY C 348 34.53 -15.27 -3.38
CA GLY C 348 35.00 -16.43 -4.09
C GLY C 348 36.51 -16.54 -4.20
N MET C 349 37.14 -15.58 -4.87
CA MET C 349 38.58 -15.63 -5.08
C MET C 349 39.32 -15.42 -3.76
N GLY C 350 40.51 -16.02 -3.68
CA GLY C 350 41.36 -15.90 -2.51
C GLY C 350 42.33 -14.74 -2.61
N ALA C 351 43.38 -14.83 -1.79
CA ALA C 351 44.40 -13.79 -1.74
C ALA C 351 45.46 -13.95 -2.83
N ALA C 352 45.43 -15.04 -3.60
CA ALA C 352 46.43 -15.25 -4.64
C ALA C 352 46.33 -14.18 -5.72
N GLY C 353 45.11 -13.85 -6.16
CA GLY C 353 44.93 -12.85 -7.18
C GLY C 353 45.07 -11.44 -6.65
N LYS C 354 45.13 -10.49 -7.59
CA LYS C 354 45.21 -9.06 -7.28
C LYS C 354 44.12 -8.34 -8.05
N VAL C 355 42.92 -8.30 -7.47
CA VAL C 355 41.77 -7.63 -8.06
C VAL C 355 41.19 -6.69 -7.02
N VAL C 356 41.08 -5.41 -7.36
CA VAL C 356 40.55 -4.38 -6.46
C VAL C 356 39.31 -3.78 -7.09
N VAL C 357 38.21 -3.78 -6.33
CA VAL C 357 36.97 -3.16 -6.74
C VAL C 357 36.81 -1.85 -5.99
N ILE C 358 36.46 -0.79 -6.72
CA ILE C 358 36.34 0.55 -6.16
C ILE C 358 34.88 0.93 -6.15
N ALA C 359 34.39 1.36 -4.99
CA ALA C 359 32.98 1.59 -4.76
C ALA C 359 32.73 3.06 -4.44
N ALA C 360 31.72 3.65 -5.09
CA ALA C 360 31.33 5.03 -4.86
C ALA C 360 29.81 5.09 -4.69
N THR C 361 29.37 5.73 -3.61
CA THR C 361 27.95 5.89 -3.31
C THR C 361 27.68 7.31 -2.85
N ASN C 362 26.46 7.78 -3.09
CA ASN C 362 26.06 9.10 -2.62
C ASN C 362 25.79 9.11 -1.12
N ARG C 363 25.10 8.09 -0.61
CA ARG C 363 24.76 8.01 0.80
C ARG C 363 25.08 6.60 1.31
N PRO C 364 25.86 6.47 2.39
CA PRO C 364 26.16 5.13 2.90
C PRO C 364 25.01 4.47 3.63
N ASN C 365 24.05 5.25 4.15
CA ASN C 365 22.94 4.67 4.90
C ASN C 365 22.06 3.81 4.01
N SER C 366 21.80 4.25 2.78
CA SER C 366 20.95 3.51 1.87
C SER C 366 21.61 2.23 1.35
N VAL C 367 22.92 2.10 1.49
CA VAL C 367 23.60 0.88 1.06
C VAL C 367 23.20 -0.29 1.96
N ASP C 368 23.14 -1.48 1.38
CA ASP C 368 22.74 -2.65 2.14
C ASP C 368 23.77 -2.93 3.23
N PRO C 369 23.33 -3.28 4.45
CA PRO C 369 24.30 -3.57 5.52
C PRO C 369 25.23 -4.72 5.21
N ALA C 370 24.80 -5.67 4.37
CA ALA C 370 25.67 -6.77 4.00
C ALA C 370 26.90 -6.27 3.24
N LEU C 371 26.70 -5.32 2.31
CA LEU C 371 27.83 -4.72 1.62
C LEU C 371 28.66 -3.85 2.56
N ARG C 372 28.00 -3.14 3.48
CA ARG C 372 28.70 -2.30 4.45
C ARG C 372 29.36 -3.12 5.55
N ARG C 373 29.07 -4.41 5.65
CA ARG C 373 29.72 -5.26 6.64
C ARG C 373 31.22 -5.31 6.34
N PRO C 374 32.08 -5.14 7.35
CA PRO C 374 33.52 -5.12 7.08
C PRO C 374 34.08 -6.49 6.75
N GLY C 375 33.52 -7.14 5.72
CA GLY C 375 34.03 -8.41 5.25
C GLY C 375 34.30 -8.38 3.76
N ARG C 376 33.70 -7.41 3.06
CA ARG C 376 33.89 -7.26 1.62
C ARG C 376 34.31 -5.84 1.29
N PHE C 377 33.77 -4.87 2.04
CA PHE C 377 34.07 -3.46 1.85
C PHE C 377 34.56 -2.84 3.16
N ASP C 378 35.46 -3.55 3.84
CA ASP C 378 35.98 -3.07 5.12
C ASP C 378 36.79 -1.78 4.95
N GLN C 379 37.60 -1.72 3.89
CA GLN C 379 38.41 -0.53 3.63
C GLN C 379 37.52 0.56 3.04
N GLU C 380 37.27 1.61 3.80
CA GLU C 380 36.38 2.69 3.40
C GLU C 380 37.13 4.01 3.49
N VAL C 381 37.01 4.82 2.44
CA VAL C 381 37.63 6.15 2.37
C VAL C 381 36.50 7.17 2.37
N GLU C 382 36.51 8.05 3.37
CA GLU C 382 35.46 9.05 3.53
C GLU C 382 35.90 10.38 2.91
N ILE C 383 35.03 10.94 2.08
CA ILE C 383 35.29 12.22 1.43
C ILE C 383 34.23 13.20 1.88
N GLY C 384 34.64 14.44 2.16
CA GLY C 384 33.75 15.47 2.65
C GLY C 384 33.84 16.74 1.83
N ILE C 385 33.06 17.72 2.25
CA ILE C 385 33.00 19.02 1.58
C ILE C 385 34.32 19.75 1.84
N PRO C 386 35.00 20.22 0.79
CA PRO C 386 36.27 20.93 1.00
C PRO C 386 36.07 22.20 1.81
N ASP C 387 37.07 22.52 2.64
CA ASP C 387 37.05 23.73 3.45
C ASP C 387 37.55 24.91 2.62
N VAL C 388 37.82 26.03 3.29
CA VAL C 388 38.20 27.26 2.59
C VAL C 388 39.53 27.05 1.87
N ASP C 389 40.51 26.45 2.56
CA ASP C 389 41.82 26.25 1.96
C ASP C 389 41.76 25.31 0.76
N ALA C 390 41.02 24.20 0.90
CA ALA C 390 40.92 23.24 -0.19
C ALA C 390 40.20 23.85 -1.39
N ARG C 391 39.14 24.61 -1.15
CA ARG C 391 38.42 25.25 -2.24
C ARG C 391 39.27 26.30 -2.92
N PHE C 392 40.06 27.05 -2.14
CA PHE C 392 40.99 28.01 -2.73
C PHE C 392 42.03 27.32 -3.59
N ASP C 393 42.54 26.18 -3.12
CA ASP C 393 43.50 25.41 -3.92
C ASP C 393 42.87 24.91 -5.21
N ILE C 394 41.62 24.43 -5.13
CA ILE C 394 40.93 23.95 -6.32
C ILE C 394 40.72 25.08 -7.32
N LEU C 395 40.32 26.26 -6.82
CA LEU C 395 40.13 27.41 -7.70
C LEU C 395 41.43 27.82 -8.37
N THR C 396 42.53 27.84 -7.61
CA THR C 396 43.82 28.20 -8.18
C THR C 396 44.25 27.19 -9.24
N LYS C 397 44.04 25.89 -8.97
CA LYS C 397 44.37 24.87 -9.95
C LYS C 397 43.55 25.03 -11.22
N GLN C 398 42.25 25.30 -11.07
CA GLN C 398 41.38 25.50 -12.24
C GLN C 398 41.84 26.71 -13.05
N PHE C 399 42.16 27.81 -12.38
CA PHE C 399 42.61 29.00 -13.10
C PHE C 399 43.95 28.76 -13.79
N SER C 400 44.86 28.03 -13.14
CA SER C 400 46.13 27.69 -13.76
C SER C 400 45.93 26.82 -15.00
N ARG C 401 45.01 25.85 -14.91
CA ARG C 401 44.72 25.01 -16.07
C ARG C 401 44.12 25.83 -17.20
N MET C 402 43.21 26.76 -16.89
CA MET C 402 42.61 27.60 -17.91
C MET C 402 43.59 28.63 -18.45
N SER C 403 44.68 28.89 -17.73
CA SER C 403 45.78 29.77 -18.15
C SER C 403 45.37 31.23 -18.09
N SER C 404 46.34 32.11 -17.86
CA SER C 404 46.10 33.53 -17.68
C SER C 404 46.03 34.30 -18.99
N ASP C 405 46.21 33.62 -20.13
CA ASP C 405 46.09 34.31 -21.42
C ASP C 405 44.67 34.74 -21.71
N ARG C 406 43.68 34.16 -21.02
CA ARG C 406 42.28 34.52 -21.22
C ARG C 406 41.65 35.25 -20.03
N HIS C 407 42.25 35.14 -18.85
CA HIS C 407 41.73 35.79 -17.66
C HIS C 407 42.85 36.46 -16.89
N VAL C 408 42.54 37.58 -16.25
CA VAL C 408 43.48 38.30 -15.40
C VAL C 408 42.89 38.40 -14.00
N LEU C 409 43.65 37.93 -13.01
CA LEU C 409 43.21 37.94 -11.62
C LEU C 409 44.43 37.95 -10.71
N ASP C 410 44.21 38.36 -9.46
CA ASP C 410 45.23 38.31 -8.43
C ASP C 410 44.80 37.40 -7.30
N SER C 411 45.79 36.94 -6.52
CA SER C 411 45.54 35.91 -5.51
C SER C 411 44.49 36.34 -4.49
N GLU C 412 44.42 37.65 -4.19
CA GLU C 412 43.41 38.11 -3.24
C GLU C 412 42.00 37.91 -3.78
N ALA C 413 41.83 38.00 -5.09
CA ALA C 413 40.50 37.76 -5.67
C ALA C 413 40.09 36.30 -5.49
N ILE C 414 40.99 35.36 -5.74
CA ILE C 414 40.67 33.96 -5.55
C ILE C 414 40.44 33.67 -4.06
N LYS C 415 41.20 34.32 -3.18
CA LYS C 415 40.99 34.14 -1.74
C LYS C 415 39.60 34.62 -1.33
N TYR C 416 39.19 35.79 -1.84
CA TYR C 416 37.86 36.31 -1.53
C TYR C 416 36.77 35.40 -2.09
N ILE C 417 36.97 34.88 -3.30
CA ILE C 417 36.00 33.97 -3.89
C ILE C 417 35.87 32.71 -3.04
N ALA C 418 37.00 32.16 -2.59
CA ALA C 418 36.97 30.98 -1.74
C ALA C 418 36.28 31.28 -0.41
N SER C 419 36.52 32.46 0.14
CA SER C 419 35.80 32.87 1.35
C SER C 419 34.30 32.97 1.09
N LYS C 420 33.91 33.32 -0.14
CA LYS C 420 32.52 33.35 -0.55
C LYS C 420 32.11 32.07 -1.29
N THR C 421 32.68 30.94 -0.89
CA THR C 421 32.42 29.65 -1.56
C THR C 421 31.97 28.64 -0.52
N HIS C 422 30.97 29.03 0.27
CA HIS C 422 30.49 28.17 1.35
C HIS C 422 29.90 26.87 0.81
N GLY C 423 29.14 26.94 -0.27
CA GLY C 423 28.46 25.76 -0.78
C GLY C 423 28.89 25.31 -2.16
N TYR C 424 29.60 26.17 -2.89
CA TYR C 424 30.00 25.85 -4.26
C TYR C 424 31.10 24.80 -4.22
N VAL C 425 30.73 23.53 -4.42
CA VAL C 425 31.68 22.43 -4.42
C VAL C 425 31.45 21.57 -5.66
N GLY C 426 32.54 21.24 -6.34
CA GLY C 426 32.47 20.32 -7.46
C GLY C 426 31.68 20.88 -8.62
N ALA C 427 30.50 20.29 -8.84
CA ALA C 427 29.65 20.69 -9.96
C ALA C 427 29.21 22.15 -9.82
N ASP C 428 28.82 22.55 -8.61
CA ASP C 428 28.43 23.95 -8.39
C ASP C 428 29.61 24.90 -8.63
N LEU C 429 30.80 24.51 -8.17
CA LEU C 429 31.96 25.36 -8.35
C LEU C 429 32.30 25.52 -9.83
N THR C 430 32.21 24.42 -10.59
CA THR C 430 32.46 24.51 -12.03
C THR C 430 31.38 25.33 -12.73
N ALA C 431 30.12 25.18 -12.32
CA ALA C 431 29.04 25.97 -12.90
C ALA C 431 29.22 27.44 -12.60
N LEU C 432 29.84 27.77 -11.46
CA LEU C 432 30.09 29.16 -11.10
C LEU C 432 30.98 29.83 -12.15
N CYS C 433 32.00 29.12 -12.62
CA CYS C 433 32.87 29.60 -13.68
C CYS C 433 32.23 29.53 -15.07
N ARG C 434 31.46 28.47 -15.33
CA ARG C 434 30.81 28.35 -16.64
C ARG C 434 29.80 29.46 -16.87
N GLU C 435 28.98 29.76 -15.86
CA GLU C 435 28.02 30.86 -15.98
C GLU C 435 28.73 32.19 -16.08
N SER C 436 29.87 32.35 -15.41
CA SER C 436 30.66 33.56 -15.55
C SER C 436 31.16 33.73 -16.97
N VAL C 437 31.65 32.65 -17.59
CA VAL C 437 32.12 32.72 -18.97
C VAL C 437 30.96 33.07 -19.89
N MET C 438 29.79 32.44 -19.69
CA MET C 438 28.63 32.74 -20.52
C MET C 438 28.21 34.19 -20.38
N LYS C 439 28.18 34.70 -19.15
CA LYS C 439 27.80 36.10 -18.92
C LYS C 439 28.79 37.05 -19.56
N THR C 440 30.10 36.75 -19.45
CA THR C 440 31.10 37.59 -20.09
C THR C 440 30.92 37.60 -21.60
N ILE C 441 30.68 36.43 -22.20
CA ILE C 441 30.50 36.35 -23.65
C ILE C 441 29.27 37.15 -24.09
N GLN C 442 28.16 36.98 -23.38
CA GLN C 442 26.94 37.68 -23.79
C GLN C 442 27.08 39.19 -23.57
N ARG C 443 27.75 39.60 -22.50
CA ARG C 443 27.98 41.03 -22.28
C ARG C 443 28.85 41.62 -23.39
N GLY C 444 29.92 40.90 -23.76
CA GLY C 444 30.78 41.39 -24.83
C GLY C 444 30.04 41.49 -26.15
N LEU C 445 29.23 40.47 -26.47
CA LEU C 445 28.44 40.50 -27.71
C LEU C 445 27.45 41.65 -27.70
N GLY C 446 26.79 41.89 -26.56
CA GLY C 446 25.80 42.96 -26.49
C GLY C 446 26.42 44.34 -26.57
N THR C 447 27.57 44.54 -25.93
CA THR C 447 28.15 45.87 -25.82
C THR C 447 29.11 46.17 -26.99
N ASP C 448 30.14 45.36 -27.16
CA ASP C 448 31.20 45.67 -28.11
C ASP C 448 30.85 45.27 -29.54
N ALA C 449 29.71 44.60 -29.76
CA ALA C 449 29.24 44.22 -31.09
C ALA C 449 30.25 43.33 -31.82
N ASN C 450 30.47 42.15 -31.23
CA ASN C 450 31.23 41.06 -31.86
C ASN C 450 32.67 41.48 -32.17
N ILE C 451 33.37 41.92 -31.12
CA ILE C 451 34.82 42.12 -31.21
C ILE C 451 35.52 40.80 -30.97
N ASP C 452 36.83 40.76 -31.24
CA ASP C 452 37.60 39.56 -30.97
C ASP C 452 37.59 39.27 -29.47
N LYS C 453 37.45 37.99 -29.13
CA LYS C 453 37.35 37.56 -27.73
C LYS C 453 38.69 37.58 -27.01
N PHE C 454 39.79 37.83 -27.72
CA PHE C 454 41.10 37.83 -27.09
C PHE C 454 41.21 38.90 -26.01
N SER C 455 40.69 40.11 -26.30
CA SER C 455 40.78 41.23 -25.38
C SER C 455 39.60 41.31 -24.41
N LEU C 456 38.60 40.44 -24.55
CA LEU C 456 37.44 40.49 -23.66
C LEU C 456 37.83 40.16 -22.22
N LYS C 457 38.69 39.16 -22.03
CA LYS C 457 39.17 38.74 -20.72
C LYS C 457 38.04 38.37 -19.78
N VAL C 458 38.33 38.27 -18.48
CA VAL C 458 37.37 37.88 -17.46
C VAL C 458 37.43 38.90 -16.34
N THR C 459 36.26 39.37 -15.90
CA THR C 459 36.15 40.36 -14.84
C THR C 459 35.58 39.72 -13.58
N LEU C 460 36.11 40.13 -12.42
CA LEU C 460 35.66 39.56 -11.16
C LEU C 460 34.20 39.93 -10.88
N LYS C 461 33.82 41.18 -11.15
CA LYS C 461 32.44 41.61 -10.92
C LYS C 461 31.45 40.70 -11.64
N ASP C 462 31.82 40.24 -12.84
CA ASP C 462 30.99 39.26 -13.53
C ASP C 462 30.96 37.94 -12.77
N VAL C 463 32.04 37.59 -12.06
CA VAL C 463 32.03 36.37 -11.26
C VAL C 463 31.05 36.49 -10.10
N GLU C 464 31.03 37.64 -9.42
CA GLU C 464 30.02 37.83 -8.37
C GLU C 464 28.62 37.89 -8.96
N SER C 465 28.47 38.42 -10.17
CA SER C 465 27.17 38.40 -10.83
C SER C 465 26.71 36.97 -11.07
N ALA C 466 27.61 36.10 -11.52
CA ALA C 466 27.27 34.69 -11.70
C ALA C 466 26.94 34.03 -10.37
N MET C 467 27.67 34.39 -9.31
CA MET C 467 27.37 33.87 -7.98
C MET C 467 25.95 34.25 -7.55
N VAL C 468 25.55 35.50 -7.81
CA VAL C 468 24.18 35.91 -7.50
C VAL C 468 23.19 35.17 -8.38
N ASP C 469 23.55 34.92 -9.64
CA ASP C 469 22.64 34.26 -10.57
C ASP C 469 22.34 32.83 -10.14
N ILE C 470 23.37 32.04 -9.86
CA ILE C 470 23.21 30.64 -9.52
C ILE C 470 23.71 30.40 -8.11
N ARG C 471 22.89 29.76 -7.28
CA ARG C 471 23.19 29.46 -5.89
C ARG C 471 23.58 28.00 -5.73
N PRO C 472 24.41 27.68 -4.74
CA PRO C 472 24.83 26.29 -4.54
C PRO C 472 23.72 25.44 -3.92
N SER C 473 23.92 24.13 -4.00
CA SER C 473 22.98 23.16 -3.47
C SER C 473 23.55 22.38 -2.28
N ALA C 474 24.60 22.89 -1.65
CA ALA C 474 25.22 22.23 -0.51
C ALA C 474 24.71 22.75 0.83
N MET C 475 23.67 23.58 0.83
CA MET C 475 23.14 24.11 2.07
C MET C 475 22.51 23.03 2.95
N ARG C 476 22.18 21.88 2.38
CA ARG C 476 21.60 20.78 3.13
C ARG C 476 22.64 19.91 3.82
N GLU C 477 23.85 20.41 4.00
CA GLU C 477 24.89 19.64 4.67
C GLU C 477 24.51 19.41 6.14
N ILE C 478 24.77 18.18 6.61
CA ILE C 478 24.46 17.86 8.00
C ILE C 478 25.36 18.64 8.96
N PHE C 479 26.61 18.88 8.58
CA PHE C 479 27.54 19.67 9.38
C PHE C 479 28.01 20.84 8.53
N LEU C 480 28.11 22.01 9.14
CA LEU C 480 28.52 23.23 8.46
C LEU C 480 29.68 23.88 9.20
N GLU C 481 30.51 24.59 8.45
CA GLU C 481 31.71 25.24 8.98
C GLU C 481 31.44 26.72 9.21
N MET C 482 31.75 27.19 10.42
CA MET C 482 31.58 28.59 10.73
C MET C 482 32.57 29.46 9.95
N PRO C 483 32.17 30.67 9.57
CA PRO C 483 33.08 31.56 8.87
C PRO C 483 34.28 31.91 9.72
N LYS C 484 35.43 32.08 9.07
CA LYS C 484 36.67 32.40 9.76
C LYS C 484 36.84 33.91 9.91
N TYR C 486 39.33 34.97 14.21
CA TYR C 486 40.50 35.36 14.98
C TYR C 486 40.09 35.98 16.31
N TRP C 487 40.95 36.84 16.86
CA TRP C 487 40.67 37.46 18.15
C TRP C 487 40.40 38.96 18.04
N SER C 488 40.64 39.57 16.88
CA SER C 488 40.34 40.99 16.71
C SER C 488 38.84 41.25 16.81
N ASP C 489 38.03 40.37 16.22
CA ASP C 489 36.58 40.55 16.25
C ASP C 489 36.04 40.37 17.68
N ILE C 490 36.55 39.37 18.40
CA ILE C 490 36.09 39.08 19.76
C ILE C 490 36.99 39.86 20.72
N GLY C 491 36.54 41.06 21.09
CA GLY C 491 37.29 41.89 22.00
C GLY C 491 36.59 42.07 23.33
N GLY C 492 37.15 41.49 24.39
CA GLY C 492 36.55 41.59 25.71
C GLY C 492 37.56 41.79 26.82
N GLN C 493 37.24 41.29 28.01
CA GLN C 493 38.11 41.39 29.17
C GLN C 493 39.16 40.29 29.23
N GLU C 494 39.13 39.36 28.27
CA GLU C 494 40.13 38.29 28.11
C GLU C 494 40.04 37.26 29.24
N GLU C 495 39.19 37.50 30.24
CA GLU C 495 39.09 36.56 31.35
C GLU C 495 38.37 35.28 30.92
N LEU C 496 37.19 35.43 30.32
CA LEU C 496 36.47 34.26 29.83
C LEU C 496 37.22 33.58 28.70
N LYS C 497 37.89 34.35 27.85
CA LYS C 497 38.68 33.76 26.78
C LYS C 497 39.84 32.94 27.33
N THR C 498 40.53 33.46 28.34
CA THR C 498 41.61 32.70 28.98
C THR C 498 41.06 31.45 29.66
N LYS C 499 39.90 31.57 30.30
CA LYS C 499 39.28 30.41 30.94
C LYS C 499 38.95 29.33 29.92
N MET C 500 38.37 29.72 28.77
CA MET C 500 38.05 28.72 27.76
C MET C 500 39.31 28.13 27.13
N LYS C 501 40.36 28.94 27.01
CA LYS C 501 41.65 28.41 26.55
C LYS C 501 42.17 27.34 27.49
N GLU C 502 42.11 27.61 28.80
CA GLU C 502 42.66 26.65 29.76
C GLU C 502 41.71 25.49 30.04
N MET C 503 40.46 25.56 29.60
CA MET C 503 39.54 24.45 29.77
C MET C 503 39.45 23.55 28.53
N ILE C 504 39.08 24.11 27.37
CA ILE C 504 38.80 23.27 26.21
C ILE C 504 40.08 22.74 25.59
N GLN C 505 41.13 23.58 25.52
CA GLN C 505 42.32 23.19 24.76
C GLN C 505 43.12 22.08 25.43
N LEU C 506 43.14 22.05 26.76
CA LEU C 506 44.01 21.11 27.47
C LEU C 506 43.70 19.64 27.17
N PRO C 507 42.46 19.16 27.20
CA PRO C 507 42.22 17.75 26.88
C PRO C 507 42.58 17.37 25.45
N LEU C 508 42.63 18.35 24.54
CA LEU C 508 42.93 18.03 23.14
C LEU C 508 44.41 17.74 22.92
N GLU C 509 45.29 18.42 23.66
CA GLU C 509 46.73 18.29 23.45
C GLU C 509 47.46 17.57 24.58
N ALA C 510 46.83 17.41 25.73
CA ALA C 510 47.44 16.76 26.90
C ALA C 510 46.90 15.35 27.12
N SER C 511 46.67 14.60 26.03
CA SER C 511 46.14 13.26 26.17
C SER C 511 47.12 12.35 26.92
N GLU C 512 48.41 12.47 26.63
CA GLU C 512 49.40 11.66 27.33
C GLU C 512 49.45 12.01 28.81
N THR C 513 49.37 13.30 29.15
CA THR C 513 49.36 13.70 30.55
C THR C 513 48.12 13.18 31.27
N PHE C 514 46.95 13.26 30.60
CA PHE C 514 45.73 12.75 31.19
C PHE C 514 45.81 11.24 31.41
N ALA C 515 46.38 10.51 30.45
CA ALA C 515 46.56 9.08 30.63
C ALA C 515 47.51 8.77 31.77
N ARG C 516 48.59 9.54 31.90
CA ARG C 516 49.54 9.31 32.98
C ARG C 516 48.92 9.57 34.34
N LEU C 517 48.14 10.65 34.46
CA LEU C 517 47.53 10.98 35.75
C LEU C 517 46.21 10.24 35.95
N GLY C 518 45.38 10.18 34.91
CA GLY C 518 44.10 9.51 35.01
C GLY C 518 42.94 10.48 35.15
N ILE C 519 42.17 10.32 36.24
CA ILE C 519 41.02 11.15 36.60
C ILE C 519 40.13 11.48 35.41
N SER C 520 40.12 10.60 34.41
CA SER C 520 39.29 10.73 33.21
C SER C 520 39.52 12.10 32.57
N ALA C 521 38.49 12.66 31.96
CA ALA C 521 38.53 13.97 31.33
C ALA C 521 37.23 14.69 31.61
N PRO C 522 37.23 16.03 31.59
CA PRO C 522 35.97 16.76 31.78
C PRO C 522 34.92 16.41 30.74
N LYS C 523 35.34 16.18 29.48
CA LYS C 523 34.49 15.69 28.38
C LYS C 523 33.15 16.43 28.30
N GLY C 524 33.14 17.70 28.69
CA GLY C 524 31.92 18.49 28.58
C GLY C 524 31.99 19.86 29.23
N VAL C 525 31.49 20.87 28.53
CA VAL C 525 31.40 22.23 29.04
C VAL C 525 30.02 22.77 28.69
N LEU C 526 29.36 23.36 29.68
CA LEU C 526 28.00 23.89 29.52
C LEU C 526 28.05 25.41 29.43
N LEU C 527 27.38 25.96 28.42
CA LEU C 527 27.30 27.40 28.22
C LEU C 527 25.86 27.85 28.43
N TYR C 528 25.64 28.64 29.48
CA TYR C 528 24.32 29.19 29.79
C TYR C 528 24.48 30.67 30.12
N GLY C 529 23.60 31.49 29.56
CA GLY C 529 23.67 32.92 29.77
C GLY C 529 22.52 33.67 29.14
N PRO C 530 22.51 34.99 29.28
CA PRO C 530 21.42 35.79 28.71
C PRO C 530 21.47 35.75 27.19
N PRO C 531 20.32 35.93 26.53
CA PRO C 531 20.32 35.96 25.06
C PRO C 531 21.13 37.13 24.53
N GLY C 532 21.69 36.94 23.34
CA GLY C 532 22.54 37.93 22.72
C GLY C 532 24.00 37.89 23.14
N CYS C 533 24.39 36.93 23.96
CA CYS C 533 25.78 36.80 24.37
C CYS C 533 26.62 36.22 23.22
N SER C 534 27.93 36.39 23.34
CA SER C 534 28.87 36.01 22.29
C SER C 534 29.47 34.63 22.50
N LYS C 535 28.72 33.70 23.08
CA LYS C 535 29.22 32.33 23.25
C LYS C 535 29.51 31.69 21.89
N THR C 536 28.62 31.87 20.92
CA THR C 536 28.86 31.36 19.58
C THR C 536 30.07 32.04 18.95
N LEU C 537 30.22 33.35 19.17
CA LEU C 537 31.36 34.08 18.63
C LEU C 537 32.67 33.57 19.25
N THR C 538 32.66 33.32 20.56
CA THR C 538 33.84 32.77 21.21
C THR C 538 34.18 31.39 20.68
N ALA C 539 33.16 30.56 20.46
CA ALA C 539 33.39 29.23 19.90
C ALA C 539 33.98 29.33 18.49
N LYS C 540 33.46 30.25 17.68
CA LYS C 540 33.98 30.44 16.33
C LYS C 540 35.43 30.91 16.38
N ALA C 541 35.75 31.83 17.30
CA ALA C 541 37.12 32.30 17.43
C ALA C 541 38.06 31.18 17.86
N LEU C 542 37.61 30.34 18.80
CA LEU C 542 38.42 29.21 19.24
C LEU C 542 38.65 28.24 18.08
N ALA C 543 37.62 27.96 17.30
CA ALA C 543 37.77 27.07 16.14
C ALA C 543 38.74 27.66 15.12
N THR C 544 38.65 28.96 14.87
CA THR C 544 39.54 29.60 13.91
C THR C 544 40.99 29.56 14.39
N GLU C 545 41.22 29.84 15.68
CA GLU C 545 42.58 29.88 16.20
C GLU C 545 43.18 28.47 16.27
N SER C 546 42.44 27.52 16.81
CA SER C 546 42.95 26.16 16.97
C SER C 546 43.05 25.46 15.62
N GLY C 547 44.16 24.77 15.41
CA GLY C 547 44.34 23.98 14.19
C GLY C 547 43.64 22.65 14.20
N ILE C 548 43.02 22.26 15.32
CA ILE C 548 42.31 21.00 15.38
C ILE C 548 40.96 21.12 14.67
N ASN C 549 40.41 19.97 14.30
CA ASN C 549 39.13 19.95 13.60
C ASN C 549 38.01 20.43 14.51
N PHE C 550 37.04 21.13 13.93
CA PHE C 550 35.88 21.64 14.65
C PHE C 550 34.62 21.27 13.89
N LEU C 551 33.61 20.79 14.63
CA LEU C 551 32.33 20.42 14.05
C LEU C 551 31.22 21.25 14.69
N ALA C 552 30.41 21.88 13.85
CA ALA C 552 29.29 22.69 14.29
C ALA C 552 28.00 22.10 13.74
N VAL C 553 27.00 21.96 14.61
CA VAL C 553 25.72 21.40 14.23
C VAL C 553 24.61 22.34 14.70
N LYS C 554 23.48 22.29 14.01
CA LYS C 554 22.31 23.09 14.34
C LYS C 554 21.36 22.26 15.18
N GLY C 555 20.97 22.81 16.33
CA GLY C 555 20.13 22.10 17.27
C GLY C 555 18.72 21.82 16.76
N PRO C 556 17.92 22.89 16.62
CA PRO C 556 16.53 22.68 16.17
C PRO C 556 16.40 22.16 14.75
N GLU C 557 17.44 22.27 13.92
CA GLU C 557 17.31 21.92 12.51
C GLU C 557 17.30 20.41 12.28
N ILE C 558 17.96 19.63 13.14
CA ILE C 558 18.15 18.20 12.86
C ILE C 558 16.98 17.38 13.36
N PHE C 559 16.63 17.49 14.65
CA PHE C 559 15.61 16.61 15.21
C PHE C 559 14.20 17.02 14.81
N ASN C 560 13.94 18.32 14.67
CA ASN C 560 12.60 18.76 14.27
C ASN C 560 12.28 18.35 12.84
N LYS C 561 13.25 18.52 11.92
CA LYS C 561 13.00 18.20 10.52
C LYS C 561 12.94 16.69 10.30
N TYR C 562 13.84 15.93 10.91
CA TYR C 562 13.92 14.49 10.74
C TYR C 562 13.33 13.83 11.99
N VAL C 563 12.07 13.39 11.88
CA VAL C 563 11.41 12.76 13.02
C VAL C 563 12.03 11.40 13.32
N GLY C 564 12.43 10.66 12.27
CA GLY C 564 12.98 9.34 12.46
C GLY C 564 14.44 9.23 12.10
N GLU C 565 14.92 10.12 11.22
CA GLU C 565 16.32 10.11 10.80
C GLU C 565 17.23 10.88 11.74
N SER C 566 16.69 11.47 12.81
CA SER C 566 17.52 12.21 13.76
C SER C 566 18.52 11.30 14.44
N GLU C 567 18.10 10.08 14.81
CA GLU C 567 19.00 9.14 15.45
C GLU C 567 20.14 8.75 14.52
N ARG C 568 19.81 8.47 13.25
CA ARG C 568 20.85 8.13 12.27
C ARG C 568 21.80 9.29 12.04
N ALA C 569 21.27 10.51 11.96
CA ALA C 569 22.12 11.68 11.77
C ALA C 569 23.06 11.86 12.96
N ILE C 570 22.54 11.70 14.17
CA ILE C 570 23.36 11.83 15.37
C ILE C 570 24.47 10.78 15.37
N ARG C 571 24.11 9.52 15.06
CA ARG C 571 25.10 8.46 15.04
C ARG C 571 26.18 8.73 14.00
N GLU C 572 25.79 9.18 12.81
CA GLU C 572 26.77 9.38 11.76
C GLU C 572 27.67 10.59 12.05
N ILE C 573 27.12 11.66 12.63
CA ILE C 573 27.97 12.80 12.94
C ILE C 573 28.95 12.44 14.07
N PHE C 574 28.49 11.69 15.08
CA PHE C 574 29.41 11.29 16.14
C PHE C 574 30.50 10.35 15.62
N ARG C 575 30.15 9.39 14.76
CA ARG C 575 31.18 8.50 14.25
C ARG C 575 32.15 9.22 13.32
N LYS C 576 31.65 10.19 12.54
CA LYS C 576 32.54 11.00 11.72
C LYS C 576 33.49 11.81 12.56
N ALA C 577 32.98 12.42 13.65
CA ALA C 577 33.84 13.20 14.53
C ALA C 577 34.89 12.31 15.19
N ARG C 578 34.49 11.11 15.62
CA ARG C 578 35.44 10.19 16.25
C ARG C 578 36.51 9.74 15.26
N SER C 579 36.12 9.44 14.03
CA SER C 579 37.07 8.92 13.06
C SER C 579 38.03 10.01 12.56
N ALA C 580 37.50 11.20 12.28
CA ALA C 580 38.30 12.28 11.72
C ALA C 580 39.02 13.07 12.82
N ALA C 581 39.87 12.35 13.57
CA ALA C 581 40.73 12.89 14.62
C ALA C 581 39.90 13.42 15.79
N PRO C 582 40.50 13.58 16.97
CA PRO C 582 39.77 14.22 18.08
C PRO C 582 39.34 15.63 17.70
N SER C 583 38.14 16.01 18.13
CA SER C 583 37.57 17.29 17.78
C SER C 583 36.55 17.69 18.84
N ILE C 584 36.19 18.97 18.82
CA ILE C 584 35.19 19.52 19.73
C ILE C 584 33.88 19.73 18.97
N ILE C 585 32.77 19.52 19.66
CA ILE C 585 31.44 19.66 19.09
C ILE C 585 30.71 20.75 19.85
N PHE C 586 30.22 21.75 19.12
CA PHE C 586 29.52 22.88 19.71
C PHE C 586 28.05 22.85 19.27
N PHE C 587 27.14 22.96 20.22
CA PHE C 587 25.71 22.98 19.95
C PHE C 587 25.21 24.41 20.07
N ASP C 588 24.64 24.94 18.97
CA ASP C 588 24.11 26.29 19.00
C ASP C 588 22.93 26.41 19.94
N GLU C 589 22.03 25.43 19.92
CA GLU C 589 20.84 25.43 20.78
C GLU C 589 20.67 24.04 21.37
N ILE C 590 20.82 23.93 22.69
CA ILE C 590 20.63 22.66 23.38
C ILE C 590 19.36 22.62 24.22
N ASP C 591 18.72 23.77 24.46
CA ASP C 591 17.49 23.79 25.24
C ASP C 591 16.37 23.05 24.54
N ALA C 592 16.26 23.22 23.22
CA ALA C 592 15.20 22.56 22.45
C ALA C 592 15.37 21.05 22.35
N LEU C 593 16.54 20.53 22.71
CA LEU C 593 16.80 19.10 22.63
C LEU C 593 16.37 18.34 23.88
N SER C 594 15.88 19.04 24.91
CA SER C 594 15.38 18.40 26.13
C SER C 594 14.02 18.97 26.50
N PRO C 595 12.99 18.70 25.68
CA PRO C 595 11.64 19.17 26.00
C PRO C 595 10.79 18.17 26.78
N ASP C 596 11.39 17.12 27.36
CA ASP C 596 10.62 16.05 27.98
C ASP C 596 9.79 16.53 29.17
N ARG C 597 10.12 17.68 29.76
CA ARG C 597 9.40 18.18 30.91
C ARG C 597 8.47 19.35 30.61
N ASP C 598 8.70 20.07 29.51
CA ASP C 598 7.87 21.20 29.12
C ASP C 598 7.20 20.91 27.79
N GLY C 599 5.89 21.12 27.73
CA GLY C 599 5.15 20.85 26.50
C GLY C 599 5.11 19.38 26.11
N SER C 600 4.84 18.50 27.08
CA SER C 600 4.75 17.06 26.88
C SER C 600 6.08 16.48 26.42
N SER C 601 6.13 15.16 26.22
CA SER C 601 7.36 14.46 25.84
C SER C 601 7.08 13.66 24.57
N THR C 602 7.53 14.18 23.44
CA THR C 602 7.39 13.46 22.18
C THR C 602 8.37 12.30 22.12
N SER C 603 8.03 11.30 21.29
CA SER C 603 8.87 10.11 21.18
C SER C 603 10.24 10.45 20.60
N ALA C 604 10.28 11.31 19.58
CA ALA C 604 11.56 11.65 18.96
C ALA C 604 12.47 12.38 19.92
N ALA C 605 11.91 13.29 20.73
CA ALA C 605 12.72 14.00 21.71
C ALA C 605 13.31 13.05 22.74
N ASN C 606 12.50 12.10 23.23
CA ASN C 606 13.03 11.12 24.18
C ASN C 606 14.11 10.26 23.54
N HIS C 607 13.90 9.86 22.28
CA HIS C 607 14.89 9.03 21.59
C HIS C 607 16.22 9.77 21.44
N VAL C 608 16.17 11.03 21.00
CA VAL C 608 17.41 11.76 20.81
C VAL C 608 18.07 12.09 22.14
N LEU C 609 17.28 12.35 23.19
CA LEU C 609 17.85 12.59 24.51
C LEU C 609 18.57 11.34 25.02
N THR C 610 17.94 10.18 24.88
CA THR C 610 18.60 8.94 25.29
C THR C 610 19.85 8.68 24.47
N SER C 611 19.79 8.96 23.17
CA SER C 611 20.95 8.74 22.30
C SER C 611 22.13 9.62 22.72
N LEU C 612 21.87 10.91 22.94
CA LEU C 612 22.96 11.79 23.37
C LEU C 612 23.48 11.39 24.75
N LEU C 613 22.57 11.00 25.65
CA LEU C 613 22.99 10.62 27.00
C LEU C 613 23.90 9.41 26.98
N ASN C 614 23.48 8.33 26.32
CA ASN C 614 24.29 7.12 26.31
C ASN C 614 25.44 7.19 25.32
N GLU C 615 25.51 8.23 24.48
CA GLU C 615 26.70 8.46 23.67
C GLU C 615 27.76 9.22 24.46
N ILE C 616 27.36 10.27 25.18
CA ILE C 616 28.32 11.01 25.97
C ILE C 616 28.78 10.20 27.19
N ASP C 617 27.92 9.34 27.72
CA ASP C 617 28.25 8.50 28.86
C ASP C 617 27.87 7.06 28.53
N GLY C 618 28.86 6.27 28.08
CA GLY C 618 28.62 4.89 27.73
C GLY C 618 29.82 4.01 27.98
N VAL C 619 29.90 2.88 27.28
CA VAL C 619 31.03 1.97 27.43
C VAL C 619 32.31 2.61 26.92
N GLU C 620 32.21 3.42 25.86
CA GLU C 620 33.39 4.08 25.31
C GLU C 620 33.92 5.14 26.28
N GLU C 621 35.25 5.22 26.37
CA GLU C 621 35.86 6.20 27.27
C GLU C 621 35.56 7.63 26.82
N LEU C 622 35.62 7.88 25.51
CA LEU C 622 35.36 9.20 24.94
C LEU C 622 36.29 10.24 25.55
N LYS C 623 37.58 10.06 25.26
CA LYS C 623 38.63 10.92 25.79
C LYS C 623 38.89 12.12 24.87
N GLY C 624 39.22 11.86 23.61
CA GLY C 624 39.51 12.94 22.69
C GLY C 624 38.30 13.80 22.38
N VAL C 625 37.12 13.19 22.31
CA VAL C 625 35.91 13.92 21.98
C VAL C 625 35.53 14.84 23.14
N VAL C 626 35.27 16.10 22.82
CA VAL C 626 34.83 17.10 23.80
C VAL C 626 33.55 17.73 23.29
N ILE C 627 32.54 17.80 24.14
CA ILE C 627 31.22 18.32 23.78
C ILE C 627 31.03 19.68 24.45
N VAL C 628 30.49 20.63 23.68
CA VAL C 628 30.17 21.96 24.17
C VAL C 628 28.71 22.23 23.86
N ALA C 629 27.94 22.60 24.88
CA ALA C 629 26.52 22.87 24.74
C ALA C 629 26.22 24.29 25.16
N ALA C 630 25.51 25.03 24.30
CA ALA C 630 25.10 26.39 24.57
C ALA C 630 23.59 26.46 24.60
N THR C 631 23.04 27.07 25.66
CA THR C 631 21.60 27.18 25.84
C THR C 631 21.22 28.62 26.12
N ASN C 632 20.06 29.03 25.61
CA ASN C 632 19.54 30.36 25.91
C ASN C 632 19.04 30.43 27.35
N ARG C 633 18.27 29.42 27.77
CA ARG C 633 17.74 29.34 29.12
C ARG C 633 17.93 27.92 29.63
N PRO C 634 18.44 27.73 30.85
CA PRO C 634 18.60 26.38 31.38
C PRO C 634 17.31 25.72 31.84
N ASP C 635 16.18 26.45 31.79
CA ASP C 635 14.90 25.88 32.22
C ASP C 635 14.44 24.75 31.32
N GLU C 636 14.91 24.70 30.07
CA GLU C 636 14.53 23.65 29.14
C GLU C 636 15.54 22.50 29.11
N ILE C 637 16.25 22.27 30.21
CA ILE C 637 17.24 21.21 30.30
C ILE C 637 16.86 20.31 31.48
N ASP C 638 16.77 19.00 31.21
CA ASP C 638 16.41 18.05 32.25
C ASP C 638 17.56 17.83 33.21
N ALA C 639 17.23 17.38 34.42
CA ALA C 639 18.23 17.10 35.44
C ALA C 639 19.10 15.90 35.11
N ALA C 640 18.71 15.09 34.13
CA ALA C 640 19.52 13.93 33.75
C ALA C 640 20.87 14.36 33.19
N LEU C 641 20.89 15.45 32.42
CA LEU C 641 22.15 15.94 31.89
C LEU C 641 22.99 16.63 32.95
N LEU C 642 22.34 17.24 33.95
CA LEU C 642 23.04 17.93 35.03
C LEU C 642 23.43 16.93 36.11
N ARG C 643 24.37 16.07 35.75
CA ARG C 643 24.91 15.04 36.64
C ARG C 643 26.44 15.06 36.55
N PRO C 644 27.12 14.61 37.60
CA PRO C 644 28.59 14.56 37.55
C PRO C 644 29.07 13.66 36.43
N GLY C 645 30.17 14.07 35.80
CA GLY C 645 30.75 13.34 34.69
C GLY C 645 30.33 13.83 33.32
N ARG C 646 29.30 14.67 33.24
CA ARG C 646 28.84 15.22 31.97
C ARG C 646 28.51 16.69 32.15
N LEU C 647 29.06 17.54 31.27
CA LEU C 647 28.83 18.99 31.27
C LEU C 647 28.92 19.61 32.66
N ASP C 648 29.80 19.05 33.50
CA ASP C 648 29.94 19.55 34.87
C ASP C 648 30.44 20.99 34.89
N ARG C 649 31.38 21.32 34.01
CA ARG C 649 31.91 22.68 33.96
C ARG C 649 30.83 23.67 33.54
N HIS C 650 30.77 24.80 34.22
CA HIS C 650 29.77 25.83 33.97
C HIS C 650 30.45 27.17 33.72
N ILE C 651 29.96 27.89 32.72
CA ILE C 651 30.49 29.22 32.37
C ILE C 651 29.34 30.21 32.47
N TYR C 652 29.57 31.30 33.22
CA TYR C 652 28.53 32.31 33.39
C TYR C 652 28.20 32.98 32.06
N VAL C 653 29.22 33.32 31.27
CA VAL C 653 29.12 34.00 29.97
C VAL C 653 27.97 35.01 29.97
N GLY C 654 28.09 36.02 30.83
CA GLY C 654 27.06 37.02 30.96
C GLY C 654 27.21 38.15 29.96
N PRO C 655 26.50 39.26 30.21
CA PRO C 655 26.60 40.40 29.30
C PRO C 655 28.01 40.98 29.31
N PRO C 656 28.46 41.58 28.21
CA PRO C 656 29.80 42.16 28.18
C PRO C 656 29.94 43.31 29.15
N ASP C 657 31.15 43.46 29.68
CA ASP C 657 31.45 44.50 30.66
C ASP C 657 31.80 45.80 29.94
N VAL C 658 32.32 46.77 30.69
CA VAL C 658 32.65 48.08 30.11
C VAL C 658 33.76 47.94 29.08
N ASN C 659 34.78 47.14 29.40
CA ASN C 659 35.94 47.00 28.52
C ASN C 659 35.54 46.42 27.16
N ALA C 660 34.71 45.37 27.18
CA ALA C 660 34.30 44.74 25.93
C ALA C 660 33.48 45.69 25.07
N ARG C 661 32.53 46.40 25.67
CA ARG C 661 31.73 47.35 24.92
C ARG C 661 32.58 48.48 24.35
N LEU C 662 33.54 48.97 25.14
CA LEU C 662 34.44 50.01 24.65
C LEU C 662 35.27 49.51 23.48
N GLU C 663 35.78 48.28 23.58
CA GLU C 663 36.59 47.74 22.49
C GLU C 663 35.78 47.55 21.22
N ILE C 664 34.56 47.03 21.34
CA ILE C 664 33.75 46.82 20.14
C ILE C 664 33.32 48.16 19.55
N LEU C 665 33.04 49.16 20.40
CA LEU C 665 32.73 50.49 19.89
C LEU C 665 33.92 51.09 19.15
N LYS C 666 35.12 50.92 19.69
CA LYS C 666 36.32 51.42 19.01
C LYS C 666 36.51 50.71 17.67
N LYS C 667 36.29 49.39 17.65
CA LYS C 667 36.42 48.64 16.40
C LYS C 667 35.41 49.12 15.36
N CYS C 668 34.17 49.37 15.78
CA CYS C 668 33.17 49.88 14.85
C CYS C 668 33.51 51.27 14.35
N THR C 669 34.03 52.14 15.23
CA THR C 669 34.32 53.50 14.84
C THR C 669 35.63 53.59 14.05
N LYS C 670 36.41 52.50 14.06
CA LYS C 670 37.66 52.46 13.31
C LYS C 670 37.43 52.64 11.81
N LYS C 671 36.23 52.30 11.33
CA LYS C 671 35.92 52.43 9.91
C LYS C 671 36.04 53.88 9.45
N PHE C 672 35.47 54.82 10.21
CA PHE C 672 35.58 56.23 9.91
C PHE C 672 36.61 56.88 10.84
N ASN C 673 36.70 58.21 10.78
CA ASN C 673 37.64 58.93 11.61
C ASN C 673 37.09 59.10 13.02
N THR C 674 37.93 59.62 13.92
CA THR C 674 37.55 59.72 15.33
C THR C 674 37.69 61.14 15.86
N GLU C 675 38.74 61.85 15.44
CA GLU C 675 39.04 63.15 16.04
C GLU C 675 37.96 64.18 15.75
N GLU C 676 37.44 64.21 14.53
CA GLU C 676 36.43 65.20 14.15
C GLU C 676 35.01 64.73 14.41
N SER C 677 34.82 63.50 14.91
CA SER C 677 33.48 63.01 15.20
C SER C 677 32.89 63.67 16.44
N GLY C 678 33.72 64.27 17.28
CA GLY C 678 33.23 64.92 18.49
C GLY C 678 32.62 63.96 19.50
N VAL C 679 33.18 62.76 19.63
CA VAL C 679 32.68 61.75 20.56
C VAL C 679 33.84 61.26 21.41
N ASP C 680 33.58 61.05 22.69
CA ASP C 680 34.57 60.52 23.62
C ASP C 680 34.26 59.06 23.96
N LEU C 681 35.33 58.27 24.02
CA LEU C 681 35.18 56.82 24.19
C LEU C 681 34.60 56.47 25.56
N HIS C 682 35.06 57.15 26.61
CA HIS C 682 34.68 56.77 27.96
C HIS C 682 33.19 57.02 28.21
N GLU C 683 32.69 58.19 27.80
CA GLU C 683 31.27 58.49 27.99
C GLU C 683 30.38 57.60 27.12
N LEU C 684 30.89 57.18 25.96
CA LEU C 684 30.12 56.24 25.14
C LEU C 684 29.91 54.92 25.87
N ALA C 685 30.94 54.43 26.55
CA ALA C 685 30.79 53.23 27.36
C ALA C 685 29.91 53.49 28.58
N ASP C 686 30.00 54.69 29.16
CA ASP C 686 29.19 55.01 30.33
C ASP C 686 27.70 55.01 29.99
N ARG C 687 27.33 55.60 28.86
CA ARG C 687 25.92 55.72 28.50
C ARG C 687 25.31 54.36 28.16
N THR C 688 26.07 53.51 27.49
CA THR C 688 25.60 52.20 27.02
C THR C 688 26.05 51.09 27.96
N GLU C 689 26.08 51.37 29.27
CA GLU C 689 26.56 50.38 30.24
C GLU C 689 25.58 49.23 30.41
N GLY C 690 24.28 49.49 30.30
CA GLY C 690 23.26 48.49 30.52
C GLY C 690 22.88 47.65 29.33
N TYR C 691 23.58 47.78 28.20
CA TYR C 691 23.25 47.05 26.99
C TYR C 691 24.18 45.86 26.81
N SER C 692 24.00 45.16 25.69
CA SER C 692 24.81 44.03 25.31
C SER C 692 25.44 44.28 23.95
N GLY C 693 26.33 43.36 23.53
CA GLY C 693 27.05 43.56 22.30
C GLY C 693 26.15 43.59 21.06
N ALA C 694 25.16 42.70 21.02
CA ALA C 694 24.28 42.64 19.86
C ALA C 694 23.49 43.94 19.69
N GLU C 695 22.90 44.44 20.78
CA GLU C 695 22.19 45.70 20.69
C GLU C 695 23.12 46.89 20.52
N VAL C 696 24.37 46.79 20.99
CA VAL C 696 25.34 47.84 20.69
C VAL C 696 25.60 47.93 19.19
N VAL C 697 25.78 46.77 18.55
CA VAL C 697 25.96 46.76 17.09
C VAL C 697 24.70 47.26 16.40
N LEU C 698 23.53 46.88 16.92
CA LEU C 698 22.27 47.33 16.33
C LEU C 698 22.13 48.84 16.39
N LEU C 699 22.45 49.44 17.55
CA LEU C 699 22.35 50.89 17.67
C LEU C 699 23.43 51.60 16.86
N CYS C 700 24.61 50.99 16.71
CA CYS C 700 25.62 51.56 15.83
C CYS C 700 25.13 51.58 14.38
N GLN C 701 24.49 50.49 13.94
CA GLN C 701 23.93 50.45 12.60
C GLN C 701 22.83 51.48 12.43
N GLU C 702 21.98 51.63 13.45
CA GLU C 702 20.92 52.63 13.40
C GLU C 702 21.49 54.05 13.31
N ALA C 703 22.55 54.32 14.07
CA ALA C 703 23.20 55.63 14.01
C ALA C 703 23.81 55.87 12.64
N GLY C 704 24.43 54.84 12.06
CA GLY C 704 24.97 54.98 10.71
C GLY C 704 23.89 55.25 9.68
N LEU C 705 22.75 54.56 9.81
CA LEU C 705 21.63 54.81 8.90
C LEU C 705 21.10 56.24 9.06
N ALA C 706 21.00 56.71 10.31
CA ALA C 706 20.54 58.08 10.55
C ALA C 706 21.54 59.10 10.01
N ALA C 707 22.83 58.78 10.03
CA ALA C 707 23.82 59.68 9.46
C ALA C 707 23.74 59.70 7.94
N ILE C 708 23.55 58.53 7.31
CA ILE C 708 23.56 58.48 5.86
C ILE C 708 22.22 58.90 5.24
N MET C 709 21.14 58.93 6.01
CA MET C 709 19.87 59.41 5.48
C MET C 709 19.80 60.92 5.36
N GLU C 710 20.78 61.64 5.91
CA GLU C 710 20.80 63.09 5.88
C GLU C 710 21.91 63.57 4.95
N ASP C 711 21.58 64.53 4.09
CA ASP C 711 22.54 65.11 3.13
C ASP C 711 23.12 64.05 2.20
N LEU C 712 22.33 63.03 1.88
CA LEU C 712 22.72 61.94 0.97
C LEU C 712 23.97 61.29 1.54
N ASP C 713 25.01 61.06 0.74
CA ASP C 713 26.22 60.41 1.24
C ASP C 713 26.95 61.32 2.22
N VAL C 714 27.46 60.72 3.30
CA VAL C 714 28.20 61.43 4.33
C VAL C 714 29.50 60.68 4.60
N ALA C 715 30.47 61.41 5.15
CA ALA C 715 31.76 60.85 5.49
C ALA C 715 31.97 60.63 6.98
N LYS C 716 31.18 61.29 7.83
CA LYS C 716 31.34 61.17 9.28
C LYS C 716 29.97 61.14 9.93
N VAL C 717 29.93 60.62 11.15
CA VAL C 717 28.72 60.52 11.95
C VAL C 717 28.92 61.30 13.24
N GLU C 718 27.93 62.10 13.61
CA GLU C 718 28.00 62.94 14.78
C GLU C 718 27.38 62.25 15.99
N LEU C 719 27.57 62.87 17.16
CA LEU C 719 27.03 62.31 18.39
C LEU C 719 25.50 62.37 18.42
N ARG C 720 24.92 63.32 17.70
CA ARG C 720 23.46 63.45 17.67
C ARG C 720 22.81 62.21 17.07
N HIS C 721 23.41 61.67 16.00
CA HIS C 721 22.88 60.44 15.41
C HIS C 721 22.95 59.28 16.38
N PHE C 722 24.06 59.17 17.11
CA PHE C 722 24.19 58.10 18.10
C PHE C 722 23.15 58.24 19.21
N GLU C 723 22.94 59.47 19.68
CA GLU C 723 21.93 59.70 20.73
C GLU C 723 20.53 59.37 20.22
N LYS C 724 20.22 59.77 18.98
CA LYS C 724 18.92 59.45 18.42
C LYS C 724 18.72 57.94 18.28
N ALA C 725 19.75 57.23 17.82
CA ALA C 725 19.65 55.78 17.71
C ALA C 725 19.47 55.13 19.08
N PHE C 726 20.20 55.62 20.09
CA PHE C 726 20.08 55.06 21.43
C PHE C 726 18.68 55.29 22.01
N LYS C 727 18.14 56.50 21.84
CA LYS C 727 16.83 56.80 22.41
C LYS C 727 15.69 56.15 21.63
N GLY C 728 15.86 55.94 20.32
CA GLY C 728 14.81 55.32 19.54
C GLY C 728 14.59 53.86 19.90
N ILE C 729 15.66 53.13 20.14
CA ILE C 729 15.58 51.71 20.42
C ILE C 729 15.60 51.49 21.93
N ALA C 730 15.12 50.31 22.34
CA ALA C 730 15.08 49.93 23.74
C ALA C 730 15.89 48.65 23.95
N ARG C 731 16.53 48.54 25.11
CA ARG C 731 17.35 47.37 25.41
C ARG C 731 16.51 46.10 25.44
N GLY C 732 15.34 46.14 26.05
CA GLY C 732 14.49 44.98 26.15
C GLY C 732 14.91 43.96 27.19
N ILE C 733 15.87 44.30 28.05
CA ILE C 733 16.38 43.40 29.07
C ILE C 733 15.83 43.83 30.43
N THR C 734 15.30 42.88 31.19
CA THR C 734 14.70 43.13 32.48
C THR C 734 15.58 42.58 33.60
N PRO C 735 15.60 43.23 34.77
CA PRO C 735 16.43 42.74 35.87
C PRO C 735 16.05 41.34 36.38
N GLU C 736 14.79 40.94 36.22
CA GLU C 736 14.36 39.67 36.80
C GLU C 736 15.05 38.48 36.13
N MET C 737 15.22 38.52 34.81
CA MET C 737 15.90 37.44 34.12
C MET C 737 17.38 37.38 34.51
N LEU C 738 18.01 38.53 34.69
CA LEU C 738 19.39 38.56 35.15
C LEU C 738 19.51 37.97 36.55
N SER C 739 18.57 38.31 37.44
CA SER C 739 18.59 37.75 38.79
C SER C 739 18.36 36.24 38.76
N TYR C 740 17.47 35.78 37.90
CA TYR C 740 17.23 34.35 37.76
C TYR C 740 18.48 33.62 37.27
N TYR C 741 19.18 34.21 36.29
CA TYR C 741 20.42 33.62 35.81
C TYR C 741 21.47 33.60 36.91
N GLU C 742 21.57 34.67 37.69
CA GLU C 742 22.55 34.72 38.78
C GLU C 742 22.25 33.66 39.83
N GLU C 743 20.98 33.50 40.20
CA GLU C 743 20.65 32.50 41.22
C GLU C 743 20.79 31.08 40.69
N PHE C 744 20.55 30.88 39.39
CA PHE C 744 20.81 29.57 38.79
C PHE C 744 22.31 29.26 38.80
N ALA C 745 23.14 30.26 38.51
CA ALA C 745 24.59 30.07 38.57
C ALA C 745 25.03 29.77 39.99
N LEU C 746 24.45 30.46 40.98
CA LEU C 746 24.78 30.18 42.38
C LEU C 746 24.33 28.78 42.77
N ARG C 747 23.14 28.38 42.32
CA ARG C 747 22.65 27.02 42.61
C ARG C 747 23.54 25.96 41.98
N SER C 748 23.97 26.19 40.74
CA SER C 748 24.81 25.24 40.04
C SER C 748 26.25 25.30 40.54
N LYS D 1 15.78 -4.57 -46.45
CA LYS D 1 15.78 -3.18 -46.04
C LYS D 1 14.39 -2.74 -45.58
N LEU D 2 13.55 -2.34 -46.52
CA LEU D 2 12.20 -1.88 -46.27
C LEU D 2 12.18 -0.74 -45.27
N PRO D 3 12.68 0.45 -45.64
CA PRO D 3 12.71 1.58 -44.70
C PRO D 3 11.33 2.23 -44.58
N ALA D 4 10.70 2.07 -43.42
CA ALA D 4 9.38 2.66 -43.21
C ALA D 4 9.43 4.18 -43.20
N GLU D 5 10.47 4.75 -42.61
CA GLU D 5 10.61 6.20 -42.49
C GLU D 5 11.97 6.63 -43.02
N PHE D 6 12.04 7.90 -43.42
CA PHE D 6 13.25 8.48 -43.98
C PHE D 6 13.59 9.77 -43.24
N ILE D 7 14.88 10.08 -43.19
CA ILE D 7 15.38 11.31 -42.58
C ILE D 7 15.73 12.28 -43.69
N THR D 8 15.75 13.56 -43.36
CA THR D 8 15.99 14.61 -44.35
C THR D 8 17.22 15.42 -44.00
N ARG D 9 17.93 15.88 -45.03
CA ARG D 9 19.10 16.72 -44.89
C ARG D 9 19.08 17.78 -45.99
N PRO D 10 19.63 18.97 -45.73
CA PRO D 10 19.67 20.01 -46.76
C PRO D 10 20.61 19.66 -47.89
N HIS D 11 20.33 20.22 -49.05
CA HIS D 11 21.17 20.00 -50.23
C HIS D 11 22.48 20.76 -50.07
N PRO D 12 23.63 20.09 -50.17
CA PRO D 12 24.92 20.82 -50.07
C PRO D 12 25.11 21.86 -51.17
N SER D 13 24.49 21.65 -52.34
CA SER D 13 24.66 22.58 -53.44
C SER D 13 24.03 23.92 -53.12
N LYS D 14 24.69 25.00 -53.57
CA LYS D 14 24.20 26.35 -53.35
C LYS D 14 23.36 26.79 -54.54
N ASP D 15 23.04 28.08 -54.60
CA ASP D 15 22.26 28.68 -55.68
C ASP D 15 20.87 28.04 -55.79
N HIS D 16 20.21 28.26 -56.92
CA HIS D 16 18.87 27.72 -57.16
C HIS D 16 18.86 26.97 -58.48
N GLY D 17 17.70 26.43 -58.83
CA GLY D 17 17.55 25.70 -60.07
C GLY D 17 17.86 24.22 -59.95
N LYS D 18 19.14 23.90 -59.70
CA LYS D 18 19.54 22.51 -59.58
C LYS D 18 19.00 21.88 -58.30
N GLU D 19 19.03 22.62 -57.19
CA GLU D 19 18.62 22.05 -55.92
C GLU D 19 17.10 21.94 -55.78
N THR D 20 16.35 22.86 -56.36
CA THR D 20 14.90 22.85 -56.20
C THR D 20 14.27 21.73 -57.01
N CYS D 21 13.20 21.17 -56.45
CA CYS D 21 12.42 20.10 -57.09
C CYS D 21 13.30 18.89 -57.43
N THR D 22 14.23 18.57 -56.54
CA THR D 22 15.14 17.45 -56.72
C THR D 22 15.31 16.73 -55.39
N ALA D 23 15.66 15.44 -55.48
CA ALA D 23 15.89 14.62 -54.31
C ALA D 23 17.07 13.68 -54.56
N TYR D 24 17.68 13.23 -53.47
CA TYR D 24 18.77 12.27 -53.52
C TYR D 24 18.29 11.00 -52.81
N ILE D 25 17.66 10.11 -53.58
CA ILE D 25 17.09 8.87 -53.08
C ILE D 25 17.95 7.72 -53.57
N HIS D 26 18.22 6.78 -52.67
CA HIS D 26 19.05 5.64 -53.01
C HIS D 26 18.39 4.81 -54.11
N PRO D 27 19.16 4.35 -55.10
CA PRO D 27 18.56 3.59 -56.21
C PRO D 27 17.93 2.28 -55.78
N ASN D 28 18.33 1.72 -54.64
CA ASN D 28 17.80 0.42 -54.21
C ASN D 28 16.31 0.51 -53.91
N VAL D 29 15.90 1.50 -53.12
CA VAL D 29 14.47 1.65 -52.82
C VAL D 29 13.71 2.14 -54.05
N LEU D 30 14.36 2.94 -54.91
CA LEU D 30 13.71 3.37 -56.14
C LEU D 30 13.39 2.20 -57.05
N SER D 31 14.31 1.23 -57.15
CA SER D 31 14.05 0.04 -57.95
C SER D 31 12.90 -0.77 -57.37
N SER D 32 12.86 -0.91 -56.04
CA SER D 32 11.77 -1.63 -55.41
C SER D 32 10.43 -0.92 -55.55
N LEU D 33 10.45 0.40 -55.77
CA LEU D 33 9.23 1.18 -55.95
C LEU D 33 8.85 1.33 -57.42
N GLU D 34 9.61 0.70 -58.33
CA GLU D 34 9.41 0.77 -59.78
C GLU D 34 9.03 2.18 -60.23
N ILE D 35 9.84 3.15 -59.83
CA ILE D 35 9.65 4.55 -60.18
C ILE D 35 10.82 4.97 -61.05
N ASN D 36 10.52 5.47 -62.25
CA ASN D 36 11.55 5.91 -63.16
C ASN D 36 12.22 7.19 -62.65
N PRO D 37 13.49 7.40 -63.01
CA PRO D 37 14.15 8.65 -62.59
C PRO D 37 13.47 9.90 -63.10
N GLY D 38 12.86 9.84 -64.30
CA GLY D 38 12.16 10.98 -64.84
C GLY D 38 10.69 11.02 -64.47
N SER D 39 10.38 10.69 -63.22
CA SER D 39 9.03 10.67 -62.71
C SER D 39 8.92 11.62 -61.51
N PHE D 40 7.76 11.59 -60.86
CA PHE D 40 7.48 12.45 -59.71
C PHE D 40 7.50 11.62 -58.44
N CYS D 41 8.20 12.11 -57.43
CA CYS D 41 8.31 11.46 -56.14
C CYS D 41 7.48 12.21 -55.11
N THR D 42 6.68 11.48 -54.34
CA THR D 42 5.78 12.05 -53.36
C THR D 42 6.35 11.88 -51.96
N VAL D 43 6.45 12.98 -51.22
CA VAL D 43 6.98 12.99 -49.87
C VAL D 43 5.96 13.66 -48.95
N GLY D 44 5.72 13.06 -47.79
CA GLY D 44 4.79 13.61 -46.82
C GLY D 44 5.20 13.33 -45.39
N LYS D 45 4.99 14.30 -44.51
CA LYS D 45 5.37 14.16 -43.10
C LYS D 45 4.32 13.30 -42.40
N ILE D 46 4.66 12.02 -42.20
CA ILE D 46 3.85 11.02 -41.49
C ILE D 46 2.40 11.03 -41.96
N GLY D 47 2.17 11.50 -43.18
CA GLY D 47 0.82 11.56 -43.72
C GLY D 47 0.28 12.97 -43.85
N GLU D 48 -0.85 13.23 -43.20
CA GLU D 48 -1.50 14.54 -43.23
C GLU D 48 -1.86 14.98 -44.65
N ASN D 49 -2.17 14.00 -45.51
CA ASN D 49 -2.56 14.26 -46.90
C ASN D 49 -1.51 15.08 -47.63
N GLY D 50 -0.24 14.80 -47.37
CA GLY D 50 0.86 15.49 -48.02
C GLY D 50 1.39 14.67 -49.18
N ILE D 51 1.60 15.33 -50.31
CA ILE D 51 2.06 14.67 -51.52
C ILE D 51 3.39 15.27 -51.96
N LEU D 52 3.37 16.56 -52.31
CA LEU D 52 4.57 17.33 -52.65
C LEU D 52 5.41 16.62 -53.72
N VAL D 53 4.83 16.50 -54.92
CA VAL D 53 5.52 15.85 -56.03
C VAL D 53 6.71 16.71 -56.45
N ILE D 54 7.85 16.06 -56.65
CA ILE D 54 9.06 16.71 -57.14
C ILE D 54 9.67 15.84 -58.23
N ALA D 55 10.47 16.47 -59.09
CA ALA D 55 11.03 15.81 -60.24
C ALA D 55 12.40 15.22 -59.92
N ARG D 56 12.97 14.52 -60.91
CA ARG D 56 14.30 13.92 -60.83
C ARG D 56 14.39 12.85 -59.75
N ALA D 57 15.53 12.16 -59.68
CA ALA D 57 15.76 11.10 -58.71
C ALA D 57 17.18 11.22 -58.18
N GLY D 58 17.52 10.34 -57.23
CA GLY D 58 18.82 10.38 -56.61
C GLY D 58 19.90 9.70 -57.43
N ASP D 59 21.14 9.87 -56.97
CA ASP D 59 22.30 9.28 -57.63
C ASP D 59 23.42 9.17 -56.62
N GLU D 60 24.44 8.38 -56.98
CA GLU D 60 25.66 8.18 -56.19
C GLU D 60 25.38 7.44 -54.89
N GLU D 61 26.40 6.77 -54.35
CA GLU D 61 26.30 6.02 -53.10
C GLU D 61 26.89 6.76 -51.92
N VAL D 62 27.20 8.06 -52.08
CA VAL D 62 27.81 8.81 -50.99
C VAL D 62 26.86 8.95 -49.80
N HIS D 63 25.54 8.92 -50.06
CA HIS D 63 24.58 9.07 -48.97
C HIS D 63 23.94 7.73 -48.63
N PRO D 64 23.63 7.49 -47.35
CA PRO D 64 22.95 6.26 -46.97
C PRO D 64 21.54 6.18 -47.55
N VAL D 65 20.96 4.98 -47.46
CA VAL D 65 19.64 4.75 -48.03
C VAL D 65 18.58 5.57 -47.31
N ASN D 66 18.65 5.64 -45.98
CA ASN D 66 17.59 6.29 -45.21
C ASN D 66 17.48 7.78 -45.51
N VAL D 67 18.62 8.46 -45.64
CA VAL D 67 18.60 9.91 -45.80
C VAL D 67 18.15 10.27 -47.21
N ILE D 68 17.29 11.29 -47.31
CA ILE D 68 16.85 11.84 -48.57
C ILE D 68 16.95 13.36 -48.48
N THR D 69 17.53 13.99 -49.50
CA THR D 69 17.74 15.43 -49.50
C THR D 69 16.54 16.13 -50.09
N LEU D 70 15.97 17.07 -49.33
CA LEU D 70 14.81 17.83 -49.77
C LEU D 70 15.06 19.33 -49.84
N SER D 71 16.17 19.83 -49.28
CA SER D 71 16.54 21.24 -49.29
C SER D 71 15.57 22.09 -48.48
N THR D 72 16.04 23.25 -48.02
CA THR D 72 15.17 24.16 -47.26
C THR D 72 14.13 24.84 -48.15
N THR D 73 14.38 24.91 -49.45
CA THR D 73 13.42 25.54 -50.36
C THR D 73 12.12 24.76 -50.43
N ILE D 74 12.21 23.45 -50.68
CA ILE D 74 11.02 22.63 -50.75
C ILE D 74 10.40 22.45 -49.36
N ARG D 75 11.25 22.29 -48.34
CA ARG D 75 10.78 22.01 -46.99
C ARG D 75 10.01 23.17 -46.37
N SER D 76 10.05 24.36 -46.97
CA SER D 76 9.33 25.50 -46.44
C SER D 76 7.84 25.49 -46.78
N VAL D 77 7.35 24.44 -47.44
CA VAL D 77 5.95 24.41 -47.84
C VAL D 77 5.05 24.16 -46.63
N GLY D 78 5.28 23.06 -45.92
CA GLY D 78 4.45 22.70 -44.80
C GLY D 78 5.18 22.66 -43.46
N ASN D 79 6.08 23.62 -43.25
CA ASN D 79 6.89 23.69 -42.04
C ASN D 79 7.65 22.39 -41.80
N LEU D 80 8.21 21.84 -42.87
CA LEU D 80 8.95 20.59 -42.80
C LEU D 80 10.32 20.83 -42.17
N ILE D 81 10.40 20.74 -40.85
CA ILE D 81 11.65 20.94 -40.13
C ILE D 81 12.57 19.75 -40.37
N LEU D 82 13.85 19.89 -40.05
CA LEU D 82 14.80 18.81 -40.24
C LEU D 82 14.47 17.65 -39.29
N GLY D 83 14.74 16.44 -39.76
CA GLY D 83 14.57 15.25 -38.95
C GLY D 83 13.17 14.68 -38.90
N ASP D 84 12.22 15.25 -39.64
CA ASP D 84 10.86 14.73 -39.64
C ASP D 84 10.76 13.49 -40.53
N ARG D 85 9.97 12.52 -40.09
CA ARG D 85 9.77 11.31 -40.86
C ARG D 85 8.97 11.61 -42.12
N LEU D 86 9.37 10.96 -43.22
CA LEU D 86 8.74 11.18 -44.51
C LEU D 86 8.31 9.86 -45.11
N GLU D 87 7.22 9.90 -45.89
CA GLU D 87 6.67 8.72 -46.55
C GLU D 87 6.78 8.87 -48.05
N LEU D 88 7.17 7.80 -48.73
CA LEU D 88 7.35 7.79 -50.18
C LEU D 88 6.29 6.89 -50.80
N LYS D 89 5.54 7.43 -51.76
CA LYS D 89 4.50 6.69 -52.45
C LYS D 89 4.72 6.77 -53.96
N LYS D 90 4.52 5.63 -54.63
CA LYS D 90 4.73 5.58 -56.07
C LYS D 90 3.60 6.24 -56.85
N ALA D 91 2.40 6.31 -56.28
CA ALA D 91 1.26 6.85 -57.00
C ALA D 91 1.45 8.34 -57.27
N GLN D 92 1.10 8.76 -58.48
CA GLN D 92 1.21 10.15 -58.88
C GLN D 92 0.14 10.47 -59.91
N VAL D 93 -0.16 11.76 -60.04
CA VAL D 93 -1.16 12.27 -60.99
C VAL D 93 -0.51 13.35 -61.83
N GLN D 94 -0.73 13.29 -63.13
CA GLN D 94 -0.14 14.28 -64.03
C GLN D 94 -0.70 15.66 -63.76
N PRO D 95 0.12 16.66 -63.45
CA PRO D 95 -0.41 17.98 -63.16
C PRO D 95 -0.94 18.66 -64.41
N PRO D 96 -1.90 19.55 -64.28
CA PRO D 96 -2.37 20.32 -65.43
C PRO D 96 -1.61 21.64 -65.57
N TYR D 97 -1.87 22.32 -66.67
CA TYR D 97 -1.23 23.60 -66.93
C TYR D 97 -1.80 24.69 -66.03
N ALA D 98 -0.94 25.60 -65.58
CA ALA D 98 -1.35 26.69 -64.71
C ALA D 98 -1.76 27.90 -65.53
N THR D 99 -2.48 28.81 -64.88
CA THR D 99 -2.96 30.03 -65.53
C THR D 99 -3.23 31.08 -64.47
N LYS D 100 -3.37 32.33 -64.93
CA LYS D 100 -3.63 33.51 -64.09
C LYS D 100 -2.85 33.47 -62.78
N VAL D 101 -1.53 33.36 -62.91
CA VAL D 101 -0.64 33.31 -61.77
C VAL D 101 -0.28 34.72 -61.34
N THR D 102 0.24 34.83 -60.12
CA THR D 102 0.69 36.12 -59.59
C THR D 102 1.81 35.87 -58.59
N VAL D 103 2.59 36.91 -58.35
CA VAL D 103 3.72 36.85 -57.42
C VAL D 103 3.60 37.99 -56.43
N GLY D 104 3.64 37.65 -55.14
CA GLY D 104 3.61 38.65 -54.09
C GLY D 104 4.98 38.88 -53.49
N SER D 105 5.07 39.94 -52.67
CA SER D 105 6.31 40.32 -52.01
C SER D 105 6.16 40.12 -50.51
N LEU D 106 7.07 39.33 -49.93
CA LEU D 106 7.03 39.12 -48.48
C LEU D 106 7.50 40.35 -47.73
N GLN D 107 8.51 41.05 -48.26
CA GLN D 107 9.05 42.23 -47.61
C GLN D 107 8.17 43.45 -47.88
N GLY D 108 8.54 44.58 -47.29
CA GLY D 108 7.79 45.80 -47.47
C GLY D 108 7.83 46.33 -48.89
N TYR D 109 8.97 46.17 -49.57
CA TYR D 109 9.10 46.65 -50.94
C TYR D 109 8.13 45.92 -51.86
N ASN D 110 7.44 46.69 -52.70
CA ASN D 110 6.45 46.15 -53.62
C ASN D 110 6.73 46.64 -55.03
N ILE D 111 6.60 45.72 -56.00
CA ILE D 111 6.84 46.01 -57.41
C ILE D 111 8.25 46.55 -57.61
N LEU D 112 9.25 45.68 -57.47
CA LEU D 112 10.64 46.02 -57.72
C LEU D 112 11.23 45.03 -58.72
N GLU D 113 12.10 45.54 -59.60
CA GLU D 113 12.78 44.75 -60.62
C GLU D 113 11.76 44.03 -61.51
N CYS D 114 11.01 44.85 -62.25
CA CYS D 114 9.96 44.33 -63.11
C CYS D 114 10.51 43.41 -64.19
N MET D 115 11.75 43.66 -64.66
CA MET D 115 12.33 42.80 -65.68
C MET D 115 12.61 41.40 -65.14
N GLU D 116 12.86 41.28 -63.83
CA GLU D 116 13.00 40.02 -63.10
C GLU D 116 13.78 38.95 -63.88
N GLU D 117 15.06 39.22 -64.16
CA GLU D 117 15.88 38.26 -64.89
C GLU D 117 15.99 36.95 -64.13
N LYS D 118 16.16 37.01 -62.81
CA LYS D 118 16.23 35.79 -62.01
C LYS D 118 14.92 35.00 -62.03
N VAL D 119 13.81 35.66 -62.31
CA VAL D 119 12.54 34.96 -62.50
C VAL D 119 12.37 34.45 -63.92
N ILE D 120 12.97 35.13 -64.91
CA ILE D 120 12.90 34.67 -66.29
C ILE D 120 13.57 33.31 -66.44
N GLN D 121 14.75 33.14 -65.82
CA GLN D 121 15.42 31.84 -65.85
C GLN D 121 14.64 30.78 -65.08
N LYS D 122 13.82 31.17 -64.11
CA LYS D 122 12.96 30.21 -63.43
C LYS D 122 11.89 29.66 -64.35
N LEU D 123 11.49 30.43 -65.37
CA LEU D 123 10.51 29.94 -66.33
C LEU D 123 11.05 28.75 -67.11
N LEU D 124 12.33 28.79 -67.49
CA LEU D 124 12.97 27.70 -68.21
C LEU D 124 13.39 26.57 -67.28
N ASP D 125 13.28 26.75 -65.97
CA ASP D 125 13.70 25.74 -65.02
C ASP D 125 12.84 24.49 -65.13
N ASP D 126 13.20 23.46 -64.36
CA ASP D 126 12.50 22.19 -64.42
C ASP D 126 11.04 22.35 -63.99
N SER D 127 10.16 21.65 -64.69
CA SER D 127 8.73 21.71 -64.37
C SER D 127 8.46 21.05 -63.03
N GLY D 128 7.37 21.47 -62.39
CA GLY D 128 7.00 20.97 -61.09
C GLY D 128 6.76 22.04 -60.07
N VAL D 129 6.55 23.28 -60.53
CA VAL D 129 6.23 24.37 -59.62
C VAL D 129 4.87 24.14 -58.99
N ILE D 130 4.70 24.62 -57.75
CA ILE D 130 3.50 24.37 -56.98
C ILE D 130 2.99 25.70 -56.40
N MET D 131 1.75 25.66 -55.93
CA MET D 131 1.08 26.89 -55.48
C MET D 131 1.64 27.51 -54.20
N PRO D 132 2.27 26.77 -53.23
CA PRO D 132 2.67 27.43 -51.98
C PRO D 132 3.66 28.58 -52.13
N GLY D 133 4.07 28.89 -53.35
CA GLY D 133 4.94 30.04 -53.55
C GLY D 133 6.37 29.80 -53.13
N MET D 134 7.08 28.95 -53.87
CA MET D 134 8.46 28.60 -53.59
C MET D 134 9.30 29.84 -53.31
N ILE D 135 9.88 29.87 -52.10
CA ILE D 135 10.65 31.02 -51.64
C ILE D 135 12.12 30.80 -51.94
N PHE D 136 12.82 31.89 -52.27
CA PHE D 136 14.24 31.86 -52.58
C PHE D 136 14.94 33.00 -51.86
N GLN D 137 16.22 32.79 -51.54
CA GLN D 137 17.01 33.82 -50.90
C GLN D 137 17.36 34.98 -51.82
N ASN D 138 17.31 34.74 -53.13
CA ASN D 138 17.52 35.73 -54.20
C ASN D 138 18.96 36.22 -54.29
N LEU D 139 19.85 35.79 -53.40
CA LEU D 139 21.25 36.20 -53.39
C LEU D 139 21.39 37.71 -53.38
N LYS D 140 22.01 38.27 -54.42
CA LYS D 140 22.17 39.71 -54.57
C LYS D 140 21.20 40.22 -55.62
N THR D 141 20.39 41.20 -55.24
CA THR D 141 19.35 41.73 -56.13
C THR D 141 19.91 42.86 -56.99
N LYS D 142 20.90 42.51 -57.82
CA LYS D 142 21.55 43.42 -58.76
C LYS D 142 22.10 44.60 -57.97
N ALA D 143 21.85 45.85 -58.37
CA ALA D 143 22.37 47.01 -57.65
C ALA D 143 21.59 47.32 -56.39
N GLY D 144 20.45 46.69 -56.18
CA GLY D 144 19.65 46.93 -54.99
C GLY D 144 20.07 46.20 -53.75
N ASP D 145 21.12 45.38 -53.83
CA ASP D 145 21.69 44.58 -52.75
C ASP D 145 20.57 43.85 -52.01
N GLU D 146 20.80 43.55 -50.72
CA GLU D 146 19.86 42.86 -49.83
C GLU D 146 19.22 41.64 -50.50
N SER D 147 18.00 41.28 -50.11
CA SER D 147 17.39 40.04 -50.59
C SER D 147 15.88 40.23 -50.70
N ILE D 148 15.37 40.14 -51.93
CA ILE D 148 13.94 40.28 -52.18
C ILE D 148 13.28 38.91 -52.11
N ASP D 149 12.24 38.80 -51.30
CA ASP D 149 11.50 37.56 -51.14
C ASP D 149 10.22 37.62 -51.95
N VAL D 150 10.00 36.61 -52.78
CA VAL D 150 8.83 36.53 -53.66
C VAL D 150 8.04 35.28 -53.32
N VAL D 151 6.72 35.42 -53.25
CA VAL D 151 5.82 34.33 -52.92
C VAL D 151 4.63 34.37 -53.88
N ILE D 152 4.20 33.21 -54.33
CA ILE D 152 3.05 33.08 -55.23
C ILE D 152 1.80 32.85 -54.39
N THR D 153 0.81 33.72 -54.56
CA THR D 153 -0.44 33.65 -53.81
C THR D 153 -1.59 33.08 -54.64
N ASP D 154 -1.84 33.62 -55.81
CA ASP D 154 -2.91 33.15 -56.70
C ASP D 154 -2.28 32.55 -57.94
N ALA D 155 -2.77 31.36 -58.32
CA ALA D 155 -2.27 30.67 -59.50
C ALA D 155 -3.37 29.84 -60.15
N PHE D 181 -8.57 15.66 -49.80
CA PHE D 181 -8.07 15.27 -51.11
C PHE D 181 -6.56 15.52 -51.21
N TYR D 182 -6.18 16.62 -51.83
CA TYR D 182 -4.78 16.99 -52.03
C TYR D 182 -4.51 18.28 -51.28
N LEU D 183 -3.42 18.31 -50.50
CA LEU D 183 -3.06 19.51 -49.77
C LEU D 183 -2.70 20.65 -50.71
N SER D 184 -1.95 20.34 -51.77
CA SER D 184 -1.56 21.34 -52.76
C SER D 184 -1.47 20.69 -54.14
N PRO D 185 -2.44 20.94 -55.01
CA PRO D 185 -2.41 20.33 -56.35
C PRO D 185 -1.19 20.81 -57.13
N PRO D 186 -0.56 19.93 -57.90
CA PRO D 186 0.60 20.33 -58.70
C PRO D 186 0.18 21.11 -59.93
N PHE D 187 1.09 21.97 -60.39
CA PHE D 187 0.84 22.84 -61.54
C PHE D 187 2.01 22.76 -62.51
N ILE D 188 1.70 23.00 -63.78
CA ILE D 188 2.70 23.08 -64.84
C ILE D 188 2.70 24.50 -65.39
N PHE D 189 3.88 25.12 -65.42
CA PHE D 189 4.01 26.50 -65.87
C PHE D 189 4.66 26.54 -67.25
N ARG D 190 4.05 27.29 -68.16
CA ARG D 190 4.59 27.50 -69.49
C ARG D 190 4.61 29.00 -69.77
N LYS D 191 5.75 29.49 -70.25
CA LYS D 191 5.89 30.91 -70.54
C LYS D 191 5.01 31.30 -71.74
N GLY D 192 4.38 32.47 -71.64
CA GLY D 192 3.51 32.98 -72.68
C GLY D 192 2.06 32.56 -72.55
N SER D 193 1.82 31.33 -72.08
CA SER D 193 0.45 30.85 -71.92
C SER D 193 -0.31 31.66 -70.89
N THR D 194 0.34 32.00 -69.78
CA THR D 194 -0.28 32.76 -68.70
C THR D 194 0.40 34.11 -68.54
N HIS D 195 -0.30 35.02 -67.88
CA HIS D 195 0.19 36.38 -67.64
C HIS D 195 0.66 36.51 -66.21
N ILE D 196 1.85 37.07 -66.03
CA ILE D 196 2.44 37.27 -64.70
C ILE D 196 1.91 38.58 -64.12
N THR D 197 1.52 38.54 -62.85
CA THR D 197 0.99 39.71 -62.15
C THR D 197 1.82 39.95 -60.90
N PHE D 198 2.11 41.23 -60.63
CA PHE D 198 2.92 41.63 -59.48
C PHE D 198 2.01 42.17 -58.39
N SER D 199 2.23 41.71 -57.16
CA SER D 199 1.46 42.14 -56.02
C SER D 199 2.33 42.02 -54.77
N LYS D 200 1.70 42.15 -53.59
CA LYS D 200 2.41 42.05 -52.33
C LYS D 200 1.51 41.34 -51.33
N GLU D 201 1.93 40.17 -50.87
CA GLU D 201 1.18 39.39 -49.89
C GLU D 201 2.15 38.80 -48.88
N THR D 202 1.77 38.88 -47.60
CA THR D 202 2.61 38.32 -46.54
C THR D 202 2.71 36.80 -46.67
N GLN D 203 1.61 36.13 -46.97
CA GLN D 203 1.57 34.68 -47.12
C GLN D 203 0.60 34.33 -48.23
N ALA D 204 0.26 33.06 -48.34
CA ALA D 204 -0.68 32.59 -49.35
C ALA D 204 -2.11 32.85 -48.90
N ASN D 205 -3.07 32.40 -49.70
CA ASN D 205 -4.47 32.59 -49.38
C ASN D 205 -4.87 31.74 -48.17
N ARG D 206 -5.75 32.28 -47.35
CA ARG D 206 -6.20 31.56 -46.16
C ARG D 206 -7.12 30.40 -46.51
N LYS D 207 -7.82 30.48 -47.65
CA LYS D 207 -8.74 29.43 -48.06
C LYS D 207 -8.05 28.12 -48.43
N TYR D 208 -6.74 28.15 -48.67
CA TYR D 208 -5.98 26.94 -49.00
C TYR D 208 -5.38 26.28 -47.77
N ASN D 209 -5.66 26.79 -46.58
CA ASN D 209 -5.18 26.27 -45.28
C ASN D 209 -3.72 25.84 -45.32
N LEU D 210 -2.88 26.60 -46.03
CA LEU D 210 -1.46 26.30 -46.07
C LEU D 210 -0.81 26.74 -44.77
N PRO D 211 -0.10 25.86 -44.06
CA PRO D 211 0.54 26.25 -42.80
C PRO D 211 1.62 27.31 -43.04
N GLU D 212 1.77 28.19 -42.06
CA GLU D 212 2.73 29.27 -42.13
C GLU D 212 3.84 29.08 -41.10
N PRO D 213 5.04 29.59 -41.37
CA PRO D 213 6.13 29.47 -40.40
C PRO D 213 5.84 30.27 -39.14
N LEU D 214 6.35 29.78 -38.02
CA LEU D 214 6.20 30.44 -36.73
C LEU D 214 7.37 31.40 -36.53
N SER D 215 7.09 32.69 -36.56
CA SER D 215 8.10 33.72 -36.41
C SER D 215 8.19 34.17 -34.95
N TYR D 216 9.25 34.91 -34.64
CA TYR D 216 9.44 35.42 -33.29
C TYR D 216 8.46 36.53 -32.94
N ALA D 217 7.80 37.11 -33.94
CA ALA D 217 6.81 38.15 -33.67
C ALA D 217 5.59 37.59 -32.96
N ALA D 218 5.23 36.34 -33.23
CA ALA D 218 4.07 35.74 -32.57
C ALA D 218 4.28 35.63 -31.06
N VAL D 219 5.47 35.24 -30.64
CA VAL D 219 5.78 35.11 -29.22
C VAL D 219 6.02 36.51 -28.64
N GLY D 220 5.33 36.81 -27.54
CA GLY D 220 5.46 38.10 -26.90
C GLY D 220 5.37 37.97 -25.39
N GLY D 221 5.82 39.03 -24.71
CA GLY D 221 5.79 39.09 -23.27
C GLY D 221 6.93 38.40 -22.57
N LEU D 222 7.84 37.77 -23.32
CA LEU D 222 8.99 37.07 -22.76
C LEU D 222 10.26 37.46 -23.52
N ASP D 223 10.45 38.76 -23.71
CA ASP D 223 11.59 39.24 -24.49
C ASP D 223 12.91 38.85 -23.84
N LYS D 224 13.02 39.01 -22.53
CA LYS D 224 14.25 38.62 -21.84
C LYS D 224 14.47 37.12 -21.91
N GLU D 225 13.42 36.33 -21.67
CA GLU D 225 13.54 34.89 -21.72
C GLU D 225 13.87 34.41 -23.13
N ILE D 226 13.21 34.99 -24.14
CA ILE D 226 13.48 34.56 -25.52
C ILE D 226 14.89 34.96 -25.94
N GLU D 227 15.37 36.12 -25.47
CA GLU D 227 16.74 36.51 -25.77
C GLU D 227 17.75 35.59 -25.10
N SER D 228 17.47 35.20 -23.84
CA SER D 228 18.35 34.25 -23.16
C SER D 228 18.38 32.91 -23.88
N LEU D 229 17.22 32.42 -24.32
CA LEU D 229 17.17 31.17 -25.05
C LEU D 229 17.91 31.28 -26.38
N LYS D 230 17.74 32.40 -27.09
CA LYS D 230 18.45 32.59 -28.35
C LYS D 230 19.96 32.58 -28.14
N SER D 231 20.43 33.26 -27.08
CA SER D 231 21.87 33.26 -26.79
C SER D 231 22.35 31.86 -26.44
N ALA D 232 21.62 31.17 -25.55
CA ALA D 232 22.03 29.83 -25.12
C ALA D 232 21.94 28.81 -26.24
N ILE D 233 21.22 29.12 -27.31
CA ILE D 233 21.21 28.25 -28.48
C ILE D 233 22.33 28.62 -29.46
N GLU D 234 22.53 29.92 -29.69
CA GLU D 234 23.47 30.35 -30.72
C GLU D 234 24.92 30.16 -30.28
N ILE D 235 25.25 30.52 -29.04
CA ILE D 235 26.65 30.48 -28.60
C ILE D 235 27.24 29.08 -28.65
N PRO D 236 26.62 28.04 -28.07
CA PRO D 236 27.20 26.70 -28.21
C PRO D 236 27.21 26.18 -29.64
N LEU D 237 26.23 26.58 -30.47
CA LEU D 237 26.13 26.05 -31.82
C LEU D 237 27.07 26.77 -32.78
N HIS D 238 26.89 28.07 -32.95
CA HIS D 238 27.64 28.81 -33.95
C HIS D 238 29.09 29.04 -33.56
N GLN D 239 29.41 29.02 -32.27
CA GLN D 239 30.76 29.27 -31.79
C GLN D 239 31.18 28.16 -30.83
N PRO D 240 31.47 26.96 -31.35
CA PRO D 240 31.99 25.89 -30.48
C PRO D 240 33.50 25.97 -30.32
N THR D 241 34.17 26.57 -31.30
CA THR D 241 35.63 26.64 -31.26
C THR D 241 36.13 27.51 -30.11
N LEU D 242 35.41 28.58 -29.78
CA LEU D 242 35.82 29.44 -28.68
C LEU D 242 35.86 28.67 -27.36
N PHE D 243 34.81 27.90 -27.08
CA PHE D 243 34.77 27.12 -25.85
C PHE D 243 35.70 25.91 -25.91
N SER D 244 35.92 25.36 -27.10
CA SER D 244 36.90 24.28 -27.24
C SER D 244 38.30 24.76 -26.90
N SER D 245 38.66 25.95 -27.37
CA SER D 245 39.93 26.55 -26.99
C SER D 245 39.94 26.88 -25.50
N PHE D 246 38.83 27.39 -24.97
CA PHE D 246 38.73 27.63 -23.54
C PHE D 246 38.79 26.33 -22.75
N GLY D 247 38.13 25.28 -23.25
CA GLY D 247 38.11 24.00 -22.56
C GLY D 247 37.42 24.05 -21.22
N VAL D 248 36.27 24.70 -21.13
CA VAL D 248 35.55 24.86 -19.88
C VAL D 248 34.22 24.09 -19.90
N SER D 249 34.10 23.07 -20.76
CA SER D 249 32.93 22.20 -20.82
C SER D 249 31.67 23.01 -21.07
N PRO D 250 31.46 23.50 -22.29
CA PRO D 250 30.26 24.32 -22.57
C PRO D 250 28.99 23.54 -22.30
N PRO D 251 27.96 24.22 -21.78
CA PRO D 251 26.72 23.51 -21.44
C PRO D 251 26.03 22.94 -22.67
N ARG D 252 25.38 21.80 -22.48
CA ARG D 252 24.66 21.12 -23.55
C ARG D 252 23.17 20.96 -23.27
N GLY D 253 22.70 21.37 -22.10
CA GLY D 253 21.30 21.21 -21.76
C GLY D 253 20.63 22.49 -21.30
N ILE D 254 19.44 22.77 -21.83
CA ILE D 254 18.66 23.94 -21.47
C ILE D 254 17.32 23.44 -20.92
N LEU D 255 16.95 23.93 -19.75
CA LEU D 255 15.71 23.54 -19.08
C LEU D 255 14.72 24.70 -19.10
N LEU D 256 13.49 24.41 -19.51
CA LEU D 256 12.42 25.39 -19.55
C LEU D 256 11.34 24.96 -18.56
N HIS D 257 11.26 25.65 -17.43
CA HIS D 257 10.31 25.34 -16.38
C HIS D 257 9.42 26.53 -16.10
N GLY D 258 8.13 26.27 -15.91
CA GLY D 258 7.17 27.30 -15.63
C GLY D 258 5.75 26.78 -15.60
N PRO D 259 4.79 27.67 -15.36
CA PRO D 259 3.39 27.25 -15.35
C PRO D 259 2.97 26.79 -16.74
N PRO D 260 2.01 25.86 -16.81
CA PRO D 260 1.55 25.40 -18.13
C PRO D 260 0.86 26.53 -18.89
N GLY D 261 0.99 26.47 -20.22
CA GLY D 261 0.41 27.46 -21.09
C GLY D 261 1.25 28.68 -21.35
N THR D 262 2.48 28.74 -20.82
CA THR D 262 3.33 29.91 -21.03
C THR D 262 3.82 29.99 -22.48
N GLY D 263 4.04 28.85 -23.13
CA GLY D 263 4.50 28.87 -24.51
C GLY D 263 5.83 28.16 -24.72
N LYS D 264 6.14 27.18 -23.87
CA LYS D 264 7.36 26.41 -24.01
C LYS D 264 7.38 25.65 -25.33
N THR D 265 6.21 25.09 -25.70
CA THR D 265 6.11 24.38 -26.97
C THR D 265 6.36 25.31 -28.15
N MET D 266 5.83 26.53 -28.10
CA MET D 266 6.13 27.49 -29.16
C MET D 266 7.59 27.87 -29.16
N LEU D 267 8.22 27.95 -27.98
CA LEU D 267 9.64 28.23 -27.93
C LEU D 267 10.44 27.15 -28.65
N LEU D 268 10.11 25.88 -28.37
CA LEU D 268 10.80 24.77 -29.03
C LEU D 268 10.54 24.80 -30.53
N ARG D 269 9.30 25.04 -30.93
CA ARG D 269 8.96 25.03 -32.34
C ARG D 269 9.65 26.16 -33.09
N VAL D 270 9.69 27.36 -32.49
CA VAL D 270 10.28 28.51 -33.16
C VAL D 270 11.80 28.39 -33.21
N VAL D 271 12.42 27.81 -32.17
CA VAL D 271 13.86 27.63 -32.23
C VAL D 271 14.21 26.52 -33.22
N ALA D 272 13.29 25.58 -33.44
CA ALA D 272 13.49 24.59 -34.51
C ALA D 272 13.36 25.24 -35.88
N ASN D 273 12.35 26.10 -36.05
CA ASN D 273 12.10 26.70 -37.36
C ASN D 273 13.20 27.70 -37.74
N THR D 274 13.59 28.57 -36.81
CA THR D 274 14.56 29.60 -37.10
C THR D 274 15.99 29.08 -37.22
N SER D 275 16.24 27.84 -36.85
CA SER D 275 17.56 27.24 -36.91
C SER D 275 17.58 26.20 -38.02
N ASN D 276 18.63 26.23 -38.85
CA ASN D 276 18.79 25.27 -39.93
C ASN D 276 19.41 23.96 -39.47
N ALA D 277 19.74 23.84 -38.19
CA ALA D 277 20.33 22.62 -37.67
C ALA D 277 19.29 21.49 -37.62
N HIS D 278 19.79 20.27 -37.51
CA HIS D 278 18.90 19.11 -37.43
C HIS D 278 18.05 19.16 -36.17
N VAL D 279 16.79 18.76 -36.30
CA VAL D 279 15.84 18.78 -35.19
C VAL D 279 15.42 17.35 -34.91
N LEU D 280 15.62 16.89 -33.67
CA LEU D 280 15.23 15.56 -33.24
C LEU D 280 14.48 15.67 -31.93
N THR D 281 13.33 15.01 -31.86
CA THR D 281 12.48 15.05 -30.67
C THR D 281 12.21 13.63 -30.17
N ILE D 282 11.90 13.54 -28.89
CA ILE D 282 11.60 12.27 -28.24
C ILE D 282 10.09 12.14 -28.14
N ASN D 283 9.55 11.06 -28.72
CA ASN D 283 8.11 10.85 -28.71
C ASN D 283 7.58 10.57 -27.31
N GLY D 284 8.42 10.12 -26.39
CA GLY D 284 8.01 9.85 -25.04
C GLY D 284 7.37 8.49 -24.88
N PRO D 285 6.08 8.46 -24.55
CA PRO D 285 5.39 7.17 -24.39
C PRO D 285 5.38 6.32 -25.65
N SER D 286 5.37 6.94 -26.82
CA SER D 286 5.40 6.17 -28.07
C SER D 286 6.70 5.39 -28.19
N ILE D 287 7.83 6.00 -27.82
CA ILE D 287 9.10 5.29 -27.80
C ILE D 287 9.08 4.18 -26.76
N VAL D 288 8.42 4.42 -25.63
CA VAL D 288 8.34 3.43 -24.57
C VAL D 288 7.52 2.24 -25.04
N SER D 289 8.06 1.04 -24.86
CA SER D 289 7.40 -0.20 -25.23
C SER D 289 7.60 -1.23 -24.13
N LYS D 290 7.02 -2.41 -24.32
CA LYS D 290 7.15 -3.47 -23.31
C LYS D 290 8.57 -4.01 -23.25
N TYR D 291 9.30 -3.98 -24.37
CA TYR D 291 10.67 -4.47 -24.38
C TYR D 291 11.58 -3.52 -23.62
N LEU D 292 12.39 -4.07 -22.72
CA LEU D 292 13.29 -3.25 -21.93
C LEU D 292 14.39 -2.63 -22.79
N GLY D 293 14.96 -3.41 -23.70
CA GLY D 293 16.03 -2.93 -24.55
C GLY D 293 15.62 -2.07 -25.72
N GLU D 294 14.31 -2.05 -26.05
CA GLU D 294 13.85 -1.24 -27.17
C GLU D 294 14.07 0.25 -26.92
N THR D 295 13.78 0.72 -25.70
CA THR D 295 13.98 2.12 -25.39
C THR D 295 15.46 2.49 -25.43
N GLU D 296 16.32 1.61 -24.90
CA GLU D 296 17.76 1.87 -24.94
C GLU D 296 18.26 1.91 -26.38
N ALA D 297 17.80 0.98 -27.22
CA ALA D 297 18.21 0.98 -28.62
C ALA D 297 17.74 2.24 -29.33
N ALA D 298 16.50 2.68 -29.06
CA ALA D 298 15.99 3.89 -29.69
C ALA D 298 16.79 5.12 -29.27
N LEU D 299 17.10 5.23 -27.97
CA LEU D 299 17.90 6.35 -27.50
C LEU D 299 19.30 6.34 -28.10
N ARG D 300 19.92 5.16 -28.18
CA ARG D 300 21.24 5.08 -28.79
C ARG D 300 21.19 5.47 -30.26
N ASP D 301 20.16 5.01 -30.98
CA ASP D 301 20.03 5.35 -32.40
C ASP D 301 19.82 6.84 -32.60
N ILE D 302 18.96 7.46 -31.78
CA ILE D 302 18.70 8.88 -31.97
C ILE D 302 19.93 9.71 -31.59
N PHE D 303 20.67 9.28 -30.56
CA PHE D 303 21.90 9.99 -30.21
C PHE D 303 22.95 9.85 -31.30
N ASN D 304 23.07 8.66 -31.90
CA ASN D 304 24.01 8.48 -33.01
C ASN D 304 23.61 9.32 -34.21
N GLU D 305 22.31 9.40 -34.50
CA GLU D 305 21.85 10.25 -35.59
C GLU D 305 22.15 11.72 -35.32
N ALA D 306 21.96 12.16 -34.07
CA ALA D 306 22.28 13.53 -33.73
C ALA D 306 23.77 13.81 -33.86
N ARG D 307 24.61 12.85 -33.44
CA ARG D 307 26.05 13.04 -33.51
C ARG D 307 26.60 12.90 -34.92
N LYS D 308 25.87 12.24 -35.82
CA LYS D 308 26.36 12.06 -37.19
C LYS D 308 26.52 13.40 -37.90
N TYR D 309 25.55 14.29 -37.75
CA TYR D 309 25.61 15.63 -38.33
C TYR D 309 25.90 16.63 -37.23
N GLN D 310 26.89 17.49 -37.46
CA GLN D 310 27.28 18.45 -36.43
C GLN D 310 26.15 19.38 -36.03
N PRO D 311 25.44 20.07 -36.96
CA PRO D 311 24.32 20.92 -36.53
C PRO D 311 23.09 20.08 -36.21
N SER D 312 22.79 19.92 -34.92
CA SER D 312 21.68 19.10 -34.48
C SER D 312 21.14 19.64 -33.16
N ILE D 313 19.84 19.48 -32.96
CA ILE D 313 19.17 19.92 -31.74
C ILE D 313 18.32 18.76 -31.23
N ILE D 314 18.44 18.46 -29.93
CA ILE D 314 17.68 17.41 -29.29
C ILE D 314 16.56 18.04 -28.48
N PHE D 315 15.32 17.63 -28.75
CA PHE D 315 14.14 18.17 -28.08
C PHE D 315 13.52 17.10 -27.21
N ILE D 316 13.15 17.47 -25.99
CA ILE D 316 12.48 16.58 -25.05
C ILE D 316 11.19 17.24 -24.60
N ASP D 317 10.07 16.54 -24.77
CA ASP D 317 8.76 17.03 -24.39
C ASP D 317 8.28 16.30 -23.15
N GLU D 318 7.86 17.06 -22.14
CA GLU D 318 7.38 16.51 -20.86
C GLU D 318 8.45 15.62 -20.23
N ILE D 319 9.58 16.24 -19.91
CA ILE D 319 10.68 15.51 -19.28
C ILE D 319 10.29 15.04 -17.89
N ASP D 320 9.36 15.74 -17.24
CA ASP D 320 8.93 15.34 -15.90
C ASP D 320 8.28 13.97 -15.92
N SER D 321 7.41 13.70 -16.90
CA SER D 321 6.79 12.39 -17.00
C SER D 321 7.80 11.32 -17.40
N ILE D 322 8.68 11.64 -18.35
CA ILE D 322 9.66 10.66 -18.81
C ILE D 322 10.71 10.42 -17.73
N ALA D 323 11.12 11.47 -17.02
CA ALA D 323 12.16 11.39 -16.00
C ALA D 323 11.64 11.97 -14.70
N PRO D 324 10.88 11.20 -13.95
CA PRO D 324 10.35 11.68 -12.67
C PRO D 324 11.38 11.51 -11.56
N ASN D 325 10.97 11.86 -10.34
CA ASN D 325 11.85 11.76 -9.19
C ASN D 325 12.02 10.29 -8.79
N ARG D 326 13.27 9.82 -8.76
CA ARG D 326 13.53 8.44 -8.38
C ARG D 326 13.17 8.18 -6.93
N ALA D 327 13.46 9.13 -6.04
CA ALA D 327 13.13 8.96 -4.63
C ALA D 327 11.61 8.93 -4.41
N ASN D 328 10.88 9.80 -5.11
CA ASN D 328 9.43 9.87 -4.92
C ASN D 328 8.74 8.60 -5.40
N ASP D 329 9.14 8.08 -6.55
CA ASP D 329 8.54 6.89 -7.15
C ASP D 329 9.63 5.83 -7.27
N ASP D 330 9.48 4.74 -6.50
CA ASP D 330 10.47 3.67 -6.49
C ASP D 330 10.19 2.67 -7.62
N SER D 331 10.28 3.19 -8.84
CA SER D 331 10.10 2.40 -10.05
C SER D 331 11.37 2.45 -10.88
N GLY D 332 11.85 1.28 -11.32
CA GLY D 332 13.05 1.21 -12.11
C GLY D 332 12.87 0.41 -13.39
N GLU D 333 11.66 -0.08 -13.62
CA GLU D 333 11.39 -0.87 -14.83
C GLU D 333 11.51 -0.01 -16.08
N VAL D 334 10.84 1.15 -16.09
CA VAL D 334 10.77 1.99 -17.29
C VAL D 334 11.23 3.39 -16.90
N GLU D 335 11.65 3.57 -15.65
CA GLU D 335 12.00 4.88 -15.13
C GLU D 335 13.50 5.05 -14.89
N SER D 336 14.11 4.16 -14.12
CA SER D 336 15.52 4.34 -13.79
C SER D 336 16.43 4.07 -14.99
N ARG D 337 16.11 3.04 -15.78
CA ARG D 337 16.99 2.65 -16.88
C ARG D 337 17.09 3.76 -17.92
N VAL D 338 15.96 4.35 -18.30
CA VAL D 338 15.98 5.40 -19.32
C VAL D 338 16.71 6.63 -18.81
N VAL D 339 16.51 6.99 -17.54
CA VAL D 339 17.19 8.16 -16.97
C VAL D 339 18.70 7.93 -16.97
N ALA D 340 19.13 6.75 -16.52
CA ALA D 340 20.56 6.46 -16.48
C ALA D 340 21.17 6.46 -17.87
N THR D 341 20.48 5.84 -18.84
CA THR D 341 21.07 5.76 -20.18
C THR D 341 21.09 7.11 -20.87
N LEU D 342 20.08 7.96 -20.64
CA LEU D 342 20.10 9.30 -21.23
C LEU D 342 21.18 10.15 -20.59
N LEU D 343 21.38 10.02 -19.28
CA LEU D 343 22.46 10.75 -18.63
C LEU D 343 23.82 10.30 -19.17
N THR D 344 24.01 8.99 -19.34
CA THR D 344 25.27 8.48 -19.87
C THR D 344 25.50 8.96 -21.30
N LEU D 345 24.45 8.94 -22.13
CA LEU D 345 24.59 9.37 -23.52
C LEU D 345 24.89 10.87 -23.60
N MET D 346 24.20 11.68 -22.79
CA MET D 346 24.41 13.12 -22.84
C MET D 346 25.68 13.56 -22.13
N ASP D 347 26.30 12.68 -21.34
CA ASP D 347 27.57 12.96 -20.70
C ASP D 347 28.75 12.34 -21.44
N GLY D 348 28.55 11.91 -22.68
CA GLY D 348 29.59 11.22 -23.41
C GLY D 348 30.33 12.07 -24.42
N MET D 349 29.60 12.89 -25.17
CA MET D 349 30.23 13.70 -26.21
C MET D 349 31.08 14.81 -25.60
N GLY D 350 32.14 15.19 -26.32
CA GLY D 350 33.03 16.24 -25.88
C GLY D 350 32.59 17.61 -26.37
N ALA D 351 33.49 18.59 -26.20
CA ALA D 351 33.21 19.95 -26.63
C ALA D 351 33.33 20.12 -28.14
N ALA D 352 33.85 19.14 -28.86
CA ALA D 352 33.99 19.27 -30.31
C ALA D 352 32.63 19.36 -30.98
N GLY D 353 31.69 18.53 -30.56
CA GLY D 353 30.36 18.56 -31.16
C GLY D 353 29.55 19.74 -30.68
N LYS D 354 28.50 20.05 -31.45
CA LYS D 354 27.57 21.14 -31.14
C LYS D 354 26.16 20.53 -31.03
N VAL D 355 25.84 20.03 -29.84
CA VAL D 355 24.55 19.41 -29.58
C VAL D 355 23.93 20.07 -28.36
N VAL D 356 22.70 20.55 -28.48
CA VAL D 356 21.98 21.22 -27.41
C VAL D 356 20.71 20.43 -27.12
N VAL D 357 20.46 20.13 -25.85
CA VAL D 357 19.29 19.39 -25.42
C VAL D 357 18.35 20.34 -24.71
N ILE D 358 17.09 20.36 -25.14
CA ILE D 358 16.06 21.23 -24.56
C ILE D 358 15.01 20.35 -23.89
N ALA D 359 14.76 20.62 -22.61
CA ALA D 359 13.78 19.88 -21.83
C ALA D 359 12.79 20.85 -21.22
N ALA D 360 11.50 20.54 -21.35
CA ALA D 360 10.42 21.36 -20.79
C ALA D 360 9.67 20.56 -19.73
N THR D 361 9.50 21.17 -18.55
CA THR D 361 8.82 20.52 -17.45
C THR D 361 7.79 21.47 -16.85
N ASN D 362 6.73 20.87 -16.29
CA ASN D 362 5.70 21.68 -15.64
C ASN D 362 6.19 22.25 -14.31
N ARG D 363 6.85 21.43 -13.50
CA ARG D 363 7.38 21.86 -12.22
C ARG D 363 8.78 21.31 -12.03
N PRO D 364 9.71 22.10 -11.48
CA PRO D 364 11.07 21.59 -11.24
C PRO D 364 11.16 20.66 -10.04
N ASN D 365 10.22 20.75 -9.09
CA ASN D 365 10.30 19.93 -7.88
C ASN D 365 10.18 18.45 -8.20
N SER D 366 9.26 18.08 -9.11
CA SER D 366 9.07 16.67 -9.43
C SER D 366 10.20 16.09 -10.27
N VAL D 367 11.06 16.93 -10.84
CA VAL D 367 12.19 16.43 -11.62
C VAL D 367 13.21 15.78 -10.68
N ASP D 368 13.88 14.75 -11.19
CA ASP D 368 14.88 14.05 -10.39
C ASP D 368 16.02 15.00 -10.04
N PRO D 369 16.53 14.95 -8.80
CA PRO D 369 17.64 15.83 -8.43
C PRO D 369 18.90 15.61 -9.26
N ALA D 370 19.12 14.40 -9.76
CA ALA D 370 20.27 14.14 -10.62
C ALA D 370 20.20 14.96 -11.90
N LEU D 371 19.02 15.04 -12.51
CA LEU D 371 18.85 15.87 -13.71
C LEU D 371 18.97 17.35 -13.39
N ARG D 372 18.55 17.77 -12.21
CA ARG D 372 18.62 19.16 -11.81
C ARG D 372 19.98 19.54 -11.22
N ARG D 373 20.90 18.59 -11.12
CA ARG D 373 22.23 18.91 -10.63
C ARG D 373 22.91 19.88 -11.60
N PRO D 374 23.61 20.90 -11.08
CA PRO D 374 24.23 21.89 -11.98
C PRO D 374 25.47 21.36 -12.68
N GLY D 375 25.37 20.17 -13.27
CA GLY D 375 26.44 19.62 -14.06
C GLY D 375 25.94 19.03 -15.37
N ARG D 376 24.64 18.89 -15.49
CA ARG D 376 24.00 18.35 -16.69
C ARG D 376 22.94 19.28 -17.27
N PHE D 377 22.17 19.96 -16.41
CA PHE D 377 21.14 20.90 -16.82
C PHE D 377 21.25 22.19 -16.03
N ASP D 378 22.48 22.69 -15.88
CA ASP D 378 22.71 23.91 -15.11
C ASP D 378 22.05 25.11 -15.77
N GLN D 379 22.13 25.21 -17.09
CA GLN D 379 21.54 26.33 -17.82
C GLN D 379 20.03 26.18 -17.81
N GLU D 380 19.36 26.93 -16.94
CA GLU D 380 17.91 26.88 -16.79
C GLU D 380 17.32 28.25 -17.06
N VAL D 381 16.23 28.26 -17.83
CA VAL D 381 15.49 29.49 -18.15
C VAL D 381 14.13 29.39 -17.48
N GLU D 382 13.82 30.38 -16.65
CA GLU D 382 12.58 30.40 -15.90
C GLU D 382 11.56 31.29 -16.61
N ILE D 383 10.35 30.76 -16.79
CA ILE D 383 9.25 31.48 -17.41
C ILE D 383 8.13 31.62 -16.38
N GLY D 384 7.71 32.86 -16.13
CA GLY D 384 6.67 33.14 -15.18
C GLY D 384 5.42 33.72 -15.82
N ILE D 385 4.48 34.07 -14.95
CA ILE D 385 3.22 34.67 -15.38
C ILE D 385 3.49 36.10 -15.86
N PRO D 386 3.13 36.44 -17.09
CA PRO D 386 3.38 37.81 -17.58
C PRO D 386 2.61 38.84 -16.76
N ASP D 387 3.23 39.99 -16.58
CA ASP D 387 2.64 41.11 -15.87
C ASP D 387 1.75 41.93 -16.82
N VAL D 388 1.34 43.12 -16.37
CA VAL D 388 0.30 43.87 -17.07
C VAL D 388 0.75 44.26 -18.47
N ASP D 389 1.94 44.88 -18.59
CA ASP D 389 2.37 45.36 -19.89
C ASP D 389 2.75 44.20 -20.82
N ALA D 390 3.30 43.12 -20.26
CA ALA D 390 3.58 41.94 -21.08
C ALA D 390 2.30 41.33 -21.62
N ARG D 391 1.27 41.24 -20.79
CA ARG D 391 -0.02 40.72 -21.26
C ARG D 391 -0.63 41.64 -22.30
N PHE D 392 -0.50 42.96 -22.11
CA PHE D 392 -0.98 43.90 -23.11
C PHE D 392 -0.25 43.71 -24.44
N ASP D 393 1.06 43.49 -24.39
CA ASP D 393 1.83 43.25 -25.61
C ASP D 393 1.38 41.96 -26.29
N ILE D 394 1.13 40.91 -25.49
CA ILE D 394 0.66 39.64 -26.06
C ILE D 394 -0.68 39.82 -26.74
N LEU D 395 -1.62 40.53 -26.09
CA LEU D 395 -2.93 40.76 -26.68
C LEU D 395 -2.81 41.59 -27.96
N THR D 396 -1.97 42.62 -27.96
CA THR D 396 -1.79 43.43 -29.16
C THR D 396 -1.20 42.61 -30.30
N LYS D 397 -0.22 41.74 -29.99
CA LYS D 397 0.35 40.88 -31.02
C LYS D 397 -0.69 39.91 -31.58
N GLN D 398 -1.52 39.34 -30.71
CA GLN D 398 -2.58 38.44 -31.16
C GLN D 398 -3.58 39.17 -32.05
N PHE D 399 -3.96 40.39 -31.66
CA PHE D 399 -4.90 41.16 -32.47
C PHE D 399 -4.30 41.54 -33.81
N SER D 400 -3.01 41.90 -33.83
CA SER D 400 -2.34 42.19 -35.10
C SER D 400 -2.29 40.95 -35.98
N ARG D 401 -2.04 39.78 -35.38
CA ARG D 401 -2.01 38.54 -36.17
C ARG D 401 -3.37 38.22 -36.76
N MET D 402 -4.44 38.40 -35.98
CA MET D 402 -5.77 38.12 -36.48
C MET D 402 -6.34 39.25 -37.34
N SER D 403 -5.63 40.38 -37.43
CA SER D 403 -5.91 41.45 -38.37
C SER D 403 -7.13 42.29 -37.97
N SER D 404 -7.09 43.58 -38.27
CA SER D 404 -8.14 44.51 -37.87
C SER D 404 -9.31 44.54 -38.83
N ASP D 405 -9.27 43.76 -39.92
CA ASP D 405 -10.40 43.71 -40.84
C ASP D 405 -11.63 43.03 -40.24
N ARG D 406 -11.46 42.32 -39.12
CA ARG D 406 -12.57 41.61 -38.48
C ARG D 406 -13.03 42.23 -37.17
N HIS D 407 -12.22 43.08 -36.55
CA HIS D 407 -12.56 43.69 -35.27
C HIS D 407 -12.10 45.14 -35.26
N VAL D 408 -12.75 45.95 -34.43
CA VAL D 408 -12.39 47.34 -34.23
C VAL D 408 -12.11 47.54 -32.74
N LEU D 409 -10.92 48.04 -32.41
CA LEU D 409 -10.52 48.26 -31.04
C LEU D 409 -9.48 49.35 -30.99
N ASP D 410 -9.28 49.91 -29.79
CA ASP D 410 -8.26 50.93 -29.55
C ASP D 410 -7.34 50.45 -28.45
N SER D 411 -6.26 51.22 -28.23
CA SER D 411 -5.27 50.85 -27.22
C SER D 411 -5.86 50.88 -25.81
N GLU D 412 -6.80 51.80 -25.55
CA GLU D 412 -7.38 51.91 -24.21
C GLU D 412 -8.14 50.63 -23.84
N ALA D 413 -8.92 50.08 -24.78
CA ALA D 413 -9.66 48.86 -24.49
C ALA D 413 -8.73 47.68 -24.23
N ILE D 414 -7.67 47.56 -25.03
CA ILE D 414 -6.71 46.47 -24.83
C ILE D 414 -6.01 46.62 -23.48
N LYS D 415 -5.63 47.85 -23.13
CA LYS D 415 -4.99 48.08 -21.83
C LYS D 415 -5.94 47.73 -20.68
N TYR D 416 -7.22 48.11 -20.81
CA TYR D 416 -8.19 47.80 -19.77
C TYR D 416 -8.37 46.28 -19.63
N ILE D 417 -8.44 45.59 -20.77
CA ILE D 417 -8.57 44.13 -20.73
C ILE D 417 -7.35 43.49 -20.07
N ALA D 418 -6.15 43.95 -20.44
CA ALA D 418 -4.93 43.41 -19.85
C ALA D 418 -4.87 43.65 -18.35
N SER D 419 -5.27 44.86 -17.92
CA SER D 419 -5.30 45.14 -16.49
C SER D 419 -6.32 44.26 -15.77
N LYS D 420 -7.48 44.06 -16.37
CA LYS D 420 -8.49 43.19 -15.77
C LYS D 420 -8.06 41.72 -15.82
N THR D 421 -7.42 41.33 -16.92
CA THR D 421 -6.98 39.94 -17.08
C THR D 421 -5.78 39.65 -16.18
N HIS D 422 -6.04 39.05 -15.01
CA HIS D 422 -4.95 38.72 -14.10
C HIS D 422 -4.75 37.21 -14.00
N GLY D 423 -5.79 36.44 -14.29
CA GLY D 423 -5.68 35.00 -14.15
C GLY D 423 -5.32 34.29 -15.44
N TYR D 424 -5.92 34.73 -16.55
CA TYR D 424 -5.67 34.09 -17.84
C TYR D 424 -4.23 34.31 -18.27
N VAL D 425 -3.65 33.29 -18.90
CA VAL D 425 -2.29 33.35 -19.40
C VAL D 425 -2.12 32.42 -20.60
N GLY D 426 -1.55 32.95 -21.68
CA GLY D 426 -1.21 32.15 -22.84
C GLY D 426 -2.36 31.40 -23.47
N ALA D 427 -2.38 30.08 -23.28
CA ALA D 427 -3.46 29.26 -23.78
C ALA D 427 -4.80 29.71 -23.23
N ASP D 428 -4.83 30.21 -21.99
CA ASP D 428 -6.05 30.77 -21.45
C ASP D 428 -6.49 32.00 -22.25
N LEU D 429 -5.55 32.85 -22.63
CA LEU D 429 -5.89 34.01 -23.45
C LEU D 429 -6.41 33.60 -24.82
N THR D 430 -5.78 32.59 -25.42
CA THR D 430 -6.26 32.10 -26.72
C THR D 430 -7.66 31.51 -26.61
N ALA D 431 -7.92 30.76 -25.53
CA ALA D 431 -9.26 30.24 -25.31
C ALA D 431 -10.26 31.35 -25.08
N LEU D 432 -9.85 32.42 -24.39
CA LEU D 432 -10.72 33.57 -24.22
C LEU D 432 -11.06 34.22 -25.54
N CYS D 433 -10.06 34.37 -26.42
CA CYS D 433 -10.32 34.94 -27.74
C CYS D 433 -11.25 34.04 -28.55
N ARG D 434 -11.04 32.73 -28.49
CA ARG D 434 -11.90 31.79 -29.21
C ARG D 434 -13.33 31.85 -28.69
N GLU D 435 -13.50 31.95 -27.37
CA GLU D 435 -14.83 32.05 -26.79
C GLU D 435 -15.49 33.37 -27.18
N SER D 436 -14.72 34.45 -27.25
CA SER D 436 -15.26 35.73 -27.70
C SER D 436 -15.74 35.64 -29.14
N VAL D 437 -14.96 34.98 -30.01
CA VAL D 437 -15.39 34.79 -31.38
C VAL D 437 -16.65 33.93 -31.44
N MET D 438 -16.70 32.87 -30.63
CA MET D 438 -17.87 32.01 -30.56
C MET D 438 -19.12 32.81 -30.19
N LYS D 439 -19.01 33.59 -29.12
CA LYS D 439 -20.16 34.38 -28.65
C LYS D 439 -20.58 35.42 -29.67
N THR D 440 -19.60 36.08 -30.31
CA THR D 440 -19.93 37.09 -31.31
C THR D 440 -20.69 36.47 -32.48
N ILE D 441 -20.19 35.34 -33.00
CA ILE D 441 -20.86 34.70 -34.12
C ILE D 441 -22.24 34.21 -33.71
N GLN D 442 -22.36 33.64 -32.52
CA GLN D 442 -23.65 33.12 -32.05
C GLN D 442 -24.67 34.24 -31.91
N ARG D 443 -24.27 35.37 -31.30
CA ARG D 443 -25.21 36.47 -31.13
C ARG D 443 -25.56 37.11 -32.46
N GLY D 444 -24.59 37.20 -33.39
CA GLY D 444 -24.90 37.73 -34.70
C GLY D 444 -25.91 36.86 -35.45
N LEU D 445 -25.71 35.54 -35.40
CA LEU D 445 -26.65 34.64 -36.04
C LEU D 445 -28.03 34.71 -35.38
N GLY D 446 -28.06 34.81 -34.05
CA GLY D 446 -29.34 34.86 -33.35
C GLY D 446 -30.11 36.14 -33.61
N THR D 447 -29.42 37.28 -33.68
CA THR D 447 -30.10 38.57 -33.77
C THR D 447 -30.31 39.02 -35.21
N ASP D 448 -29.24 39.05 -36.00
CA ASP D 448 -29.28 39.61 -37.34
C ASP D 448 -29.77 38.64 -38.40
N ALA D 449 -30.10 37.40 -38.01
CA ALA D 449 -30.67 36.40 -38.91
C ALA D 449 -29.73 36.08 -40.08
N ASN D 450 -28.55 35.56 -39.73
CA ASN D 450 -27.59 35.04 -40.71
C ASN D 450 -27.15 36.12 -41.71
N ILE D 451 -26.84 37.31 -41.17
CA ILE D 451 -26.32 38.39 -42.00
C ILE D 451 -24.82 38.18 -42.19
N ASP D 452 -24.22 38.91 -43.12
CA ASP D 452 -22.78 38.83 -43.30
C ASP D 452 -22.07 39.34 -42.05
N LYS D 453 -21.00 38.63 -41.68
CA LYS D 453 -20.26 38.91 -40.46
C LYS D 453 -19.14 39.94 -40.66
N PHE D 454 -19.04 40.52 -41.86
CA PHE D 454 -17.99 41.51 -42.12
C PHE D 454 -18.16 42.73 -41.24
N SER D 455 -19.40 43.21 -41.08
CA SER D 455 -19.68 44.40 -40.28
C SER D 455 -20.03 44.08 -38.84
N LEU D 456 -20.11 42.80 -38.47
CA LEU D 456 -20.45 42.44 -37.10
C LEU D 456 -19.37 42.89 -36.12
N LYS D 457 -18.10 42.70 -36.48
CA LYS D 457 -16.95 43.10 -35.67
C LYS D 457 -16.98 42.47 -34.28
N VAL D 458 -16.15 42.96 -33.38
CA VAL D 458 -16.03 42.43 -32.02
C VAL D 458 -16.17 43.59 -31.04
N THR D 459 -16.97 43.39 -30.00
CA THR D 459 -17.21 44.41 -28.98
C THR D 459 -16.64 43.95 -27.64
N LEU D 460 -16.35 44.93 -26.77
CA LEU D 460 -15.79 44.61 -25.46
C LEU D 460 -16.81 43.88 -24.58
N LYS D 461 -18.10 44.15 -24.77
CA LYS D 461 -19.12 43.46 -23.98
C LYS D 461 -19.10 41.96 -24.24
N ASP D 462 -18.91 41.56 -25.50
CA ASP D 462 -18.83 40.14 -25.82
C ASP D 462 -17.59 39.50 -25.19
N VAL D 463 -16.47 40.23 -25.17
CA VAL D 463 -15.27 39.73 -24.52
C VAL D 463 -15.52 39.54 -23.02
N GLU D 464 -16.19 40.50 -22.39
CA GLU D 464 -16.53 40.38 -20.97
C GLU D 464 -17.44 39.18 -20.74
N SER D 465 -18.41 38.96 -21.63
CA SER D 465 -19.30 37.81 -21.51
C SER D 465 -18.50 36.50 -21.62
N ALA D 466 -17.55 36.45 -22.54
CA ALA D 466 -16.70 35.27 -22.67
C ALA D 466 -15.86 35.06 -21.40
N MET D 467 -15.40 36.15 -20.79
CA MET D 467 -14.66 36.05 -19.54
C MET D 467 -15.49 35.41 -18.45
N VAL D 468 -16.78 35.75 -18.38
CA VAL D 468 -17.67 35.10 -17.43
C VAL D 468 -17.88 33.64 -17.84
N ASP D 469 -17.95 33.38 -19.15
CA ASP D 469 -18.22 32.04 -19.63
C ASP D 469 -17.11 31.06 -19.22
N ILE D 470 -15.86 31.47 -19.37
CA ILE D 470 -14.72 30.63 -19.03
C ILE D 470 -13.86 31.34 -17.99
N ARG D 471 -13.63 30.67 -16.87
CA ARG D 471 -12.83 31.22 -15.79
C ARG D 471 -11.36 30.89 -15.99
N PRO D 472 -10.45 31.70 -15.42
CA PRO D 472 -9.02 31.41 -15.55
C PRO D 472 -8.66 30.07 -14.93
N SER D 473 -7.72 29.37 -15.56
CA SER D 473 -7.26 28.07 -15.06
C SER D 473 -6.01 28.17 -14.21
N ALA D 474 -5.47 29.37 -14.00
CA ALA D 474 -4.26 29.58 -13.22
C ALA D 474 -4.53 30.48 -12.02
N MET D 475 -5.69 30.28 -11.38
CA MET D 475 -6.03 31.09 -10.21
C MET D 475 -5.08 30.83 -9.05
N ARG D 476 -4.72 29.57 -8.83
CA ARG D 476 -3.82 29.21 -7.74
C ARG D 476 -2.38 29.51 -8.17
N GLU D 477 -1.77 30.51 -7.54
CA GLU D 477 -0.40 30.90 -7.84
C GLU D 477 0.37 31.08 -6.54
N ILE D 478 1.66 30.74 -6.57
CA ILE D 478 2.50 30.89 -5.39
C ILE D 478 2.66 32.37 -5.02
N PHE D 479 2.92 33.21 -6.01
CA PHE D 479 3.08 34.64 -5.82
C PHE D 479 1.96 35.39 -6.54
N LEU D 480 1.41 36.41 -5.87
CA LEU D 480 0.31 37.19 -6.40
C LEU D 480 0.78 38.62 -6.64
N GLU D 481 0.37 39.18 -7.78
CA GLU D 481 0.70 40.55 -8.14
C GLU D 481 -0.38 41.48 -7.63
N MET D 482 -0.02 42.36 -6.69
CA MET D 482 -0.98 43.27 -6.11
C MET D 482 -1.44 44.30 -7.12
N PRO D 483 -2.69 44.77 -7.02
CA PRO D 483 -3.18 45.81 -7.93
C PRO D 483 -2.40 47.11 -7.77
N LYS D 484 -2.25 47.82 -8.88
CA LYS D 484 -1.49 49.06 -8.87
C LYS D 484 -2.28 50.18 -8.18
N VAL D 485 -1.59 50.93 -7.33
CA VAL D 485 -2.18 52.06 -6.64
C VAL D 485 -1.09 53.09 -6.39
N TYR D 486 -1.44 54.36 -6.46
CA TYR D 486 -0.50 55.46 -6.35
C TYR D 486 -0.50 56.02 -4.93
N TRP D 487 0.58 56.75 -4.61
CA TRP D 487 0.69 57.37 -3.29
C TRP D 487 -0.35 58.46 -3.09
N SER D 488 -0.76 59.14 -4.16
CA SER D 488 -1.77 60.18 -4.04
C SER D 488 -3.15 59.61 -3.73
N ASP D 489 -3.36 58.31 -3.95
CA ASP D 489 -4.67 57.72 -3.70
C ASP D 489 -4.96 57.63 -2.21
N ILE D 490 -3.97 57.21 -1.41
CA ILE D 490 -4.20 57.06 0.02
C ILE D 490 -4.33 58.42 0.69
N GLY D 491 -3.51 59.39 0.29
CA GLY D 491 -3.57 60.72 0.87
C GLY D 491 -3.31 60.74 2.37
N GLY D 492 -2.27 60.02 2.80
CA GLY D 492 -1.96 59.90 4.21
C GLY D 492 -1.28 61.13 4.77
N GLN D 493 -0.73 60.96 5.98
CA GLN D 493 -0.06 62.05 6.69
C GLN D 493 1.22 62.50 5.99
N GLU D 494 1.72 61.72 5.03
CA GLU D 494 2.96 61.95 4.30
C GLU D 494 4.17 61.68 5.19
N GLU D 495 3.95 61.49 6.49
CA GLU D 495 5.04 61.17 7.40
C GLU D 495 5.44 59.71 7.28
N LEU D 496 4.45 58.81 7.39
CA LEU D 496 4.74 57.40 7.16
C LEU D 496 5.19 57.15 5.73
N LYS D 497 4.61 57.89 4.78
CA LYS D 497 5.01 57.75 3.39
C LYS D 497 6.47 58.17 3.20
N THR D 498 6.86 59.30 3.81
CA THR D 498 8.25 59.73 3.72
C THR D 498 9.18 58.75 4.41
N LYS D 499 8.77 58.22 5.56
CA LYS D 499 9.59 57.24 6.26
C LYS D 499 9.80 55.98 5.41
N MET D 500 8.73 55.51 4.77
CA MET D 500 8.86 54.36 3.88
C MET D 500 9.78 54.66 2.70
N LYS D 501 9.61 55.83 2.10
CA LYS D 501 10.44 56.21 0.95
C LYS D 501 11.91 56.28 1.33
N GLU D 502 12.21 56.76 2.54
CA GLU D 502 13.58 56.88 2.99
C GLU D 502 14.13 55.63 3.66
N MET D 503 13.30 54.62 3.94
CA MET D 503 13.78 53.41 4.59
C MET D 503 13.86 52.21 3.64
N ILE D 504 12.83 51.96 2.84
CA ILE D 504 12.90 50.84 1.91
C ILE D 504 13.87 51.12 0.76
N GLN D 505 13.87 52.36 0.26
CA GLN D 505 14.60 52.65 -0.97
C GLN D 505 16.11 52.49 -0.79
N LEU D 506 16.66 52.96 0.33
CA LEU D 506 18.12 53.00 0.47
C LEU D 506 18.79 51.64 0.32
N PRO D 507 18.34 50.56 0.97
CA PRO D 507 19.00 49.26 0.74
C PRO D 507 18.87 48.76 -0.68
N LEU D 508 17.95 49.29 -1.48
CA LEU D 508 17.76 48.83 -2.85
C LEU D 508 18.73 49.47 -3.83
N GLU D 509 18.96 50.78 -3.75
CA GLU D 509 19.82 51.47 -4.70
C GLU D 509 21.17 51.89 -4.14
N ALA D 510 21.29 52.06 -2.82
CA ALA D 510 22.52 52.51 -2.19
C ALA D 510 23.33 51.36 -1.61
N SER D 511 23.35 50.22 -2.30
CA SER D 511 24.15 49.09 -1.83
C SER D 511 25.63 49.43 -1.82
N GLU D 512 26.11 50.11 -2.86
CA GLU D 512 27.51 50.52 -2.90
C GLU D 512 27.83 51.52 -1.78
N THR D 513 26.90 52.44 -1.51
CA THR D 513 27.11 53.39 -0.42
C THR D 513 27.17 52.67 0.92
N PHE D 514 26.28 51.68 1.13
CA PHE D 514 26.32 50.91 2.36
C PHE D 514 27.62 50.14 2.50
N ALA D 515 28.09 49.54 1.40
CA ALA D 515 29.36 48.81 1.44
C ALA D 515 30.52 49.75 1.76
N ARG D 516 30.53 50.94 1.16
CA ARG D 516 31.58 51.90 1.45
C ARG D 516 31.55 52.36 2.91
N LEU D 517 30.34 52.63 3.44
CA LEU D 517 30.23 53.04 4.82
C LEU D 517 30.46 51.87 5.77
N GLY D 518 30.00 50.68 5.41
CA GLY D 518 30.17 49.51 6.25
C GLY D 518 28.86 48.97 6.78
N ILE D 519 28.80 48.76 8.11
CA ILE D 519 27.68 48.19 8.84
C ILE D 519 26.96 47.11 8.04
N SER D 520 25.64 47.06 8.15
CA SER D 520 24.84 46.08 7.43
C SER D 520 23.45 46.65 7.18
N ALA D 521 22.77 46.08 6.19
CA ALA D 521 21.43 46.51 5.86
C ALA D 521 20.45 46.06 6.95
N PRO D 522 19.37 46.80 7.17
CA PRO D 522 18.38 46.37 8.17
C PRO D 522 17.76 45.01 7.87
N LYS D 523 17.59 44.67 6.59
CA LYS D 523 17.07 43.39 6.11
C LYS D 523 15.87 42.89 6.91
N GLY D 524 15.03 43.81 7.38
CA GLY D 524 13.86 43.42 8.13
C GLY D 524 12.89 44.57 8.35
N VAL D 525 11.61 44.34 8.05
CA VAL D 525 10.56 45.34 8.21
C VAL D 525 9.38 44.68 8.93
N LEU D 526 8.92 45.32 10.00
CA LEU D 526 7.78 44.84 10.77
C LEU D 526 6.67 45.87 10.71
N LEU D 527 5.45 45.42 10.44
CA LEU D 527 4.28 46.30 10.34
C LEU D 527 3.21 45.78 11.29
N TYR D 528 3.08 46.45 12.44
CA TYR D 528 2.07 46.11 13.44
C TYR D 528 1.16 47.31 13.65
N GLY D 529 -0.14 47.06 13.67
CA GLY D 529 -1.11 48.11 13.83
C GLY D 529 -2.52 47.59 14.04
N PRO D 530 -3.46 48.51 14.29
CA PRO D 530 -4.85 48.08 14.50
C PRO D 530 -5.43 47.50 13.21
N PRO D 531 -6.40 46.60 13.32
CA PRO D 531 -7.03 46.05 12.11
C PRO D 531 -7.76 47.14 11.33
N GLY D 532 -7.80 46.95 10.02
CA GLY D 532 -8.40 47.93 9.13
C GLY D 532 -7.50 49.06 8.69
N CYS D 533 -6.21 48.99 9.01
CA CYS D 533 -5.27 50.02 8.61
C CYS D 533 -4.90 49.84 7.14
N SER D 534 -3.94 50.61 6.66
CA SER D 534 -3.56 50.62 5.25
C SER D 534 -2.11 50.17 5.05
N LYS D 535 -1.62 49.26 5.90
CA LYS D 535 -0.27 48.75 5.73
C LYS D 535 -0.11 48.04 4.39
N THR D 536 -1.06 47.17 4.04
CA THR D 536 -1.03 46.52 2.74
C THR D 536 -1.19 47.53 1.61
N LEU D 537 -2.06 48.52 1.81
CA LEU D 537 -2.24 49.56 0.79
C LEU D 537 -0.96 50.38 0.60
N THR D 538 -0.28 50.71 1.70
CA THR D 538 0.99 51.43 1.58
C THR D 538 2.03 50.59 0.88
N ALA D 539 2.09 49.30 1.20
CA ALA D 539 3.03 48.41 0.51
C ALA D 539 2.74 48.34 -0.98
N LYS D 540 1.46 48.24 -1.35
CA LYS D 540 1.09 48.22 -2.77
C LYS D 540 1.46 49.53 -3.45
N ALA D 541 1.22 50.66 -2.78
CA ALA D 541 1.58 51.95 -3.36
C ALA D 541 3.08 52.07 -3.57
N LEU D 542 3.88 51.62 -2.59
CA LEU D 542 5.32 51.63 -2.75
C LEU D 542 5.77 50.74 -3.89
N ALA D 543 5.17 49.55 -4.01
CA ALA D 543 5.52 48.64 -5.09
C ALA D 543 5.20 49.25 -6.45
N THR D 544 4.04 49.89 -6.56
CA THR D 544 3.64 50.51 -7.83
C THR D 544 4.56 51.68 -8.17
N GLU D 545 4.87 52.53 -7.18
CA GLU D 545 5.70 53.70 -7.46
C GLU D 545 7.13 53.31 -7.81
N SER D 546 7.72 52.39 -7.07
CA SER D 546 9.08 51.95 -7.33
C SER D 546 9.12 51.05 -8.56
N GLY D 547 10.17 51.20 -9.37
CA GLY D 547 10.36 50.36 -10.53
C GLY D 547 10.87 48.97 -10.22
N ILE D 548 11.24 48.71 -8.97
CA ILE D 548 11.72 47.39 -8.57
C ILE D 548 10.56 46.40 -8.62
N ASN D 549 10.82 45.21 -9.16
CA ASN D 549 9.81 44.16 -9.17
C ASN D 549 9.43 43.80 -7.74
N PHE D 550 8.14 43.53 -7.53
CA PHE D 550 7.59 43.27 -6.21
C PHE D 550 6.97 41.88 -6.17
N LEU D 551 7.21 41.18 -5.05
CA LEU D 551 6.67 39.84 -4.84
C LEU D 551 5.89 39.83 -3.54
N ALA D 552 4.66 39.31 -3.59
CA ALA D 552 3.79 39.24 -2.43
C ALA D 552 3.37 37.80 -2.18
N VAL D 553 3.40 37.39 -0.91
CA VAL D 553 3.02 36.06 -0.50
C VAL D 553 1.97 36.16 0.60
N LYS D 554 0.84 35.50 0.40
CA LYS D 554 -0.21 35.47 1.42
C LYS D 554 0.21 34.53 2.56
N GLY D 555 0.07 35.00 3.79
CA GLY D 555 0.51 34.27 4.95
C GLY D 555 -0.26 32.99 5.20
N PRO D 556 -1.54 33.12 5.61
CA PRO D 556 -2.32 31.92 5.96
C PRO D 556 -2.75 31.08 4.77
N GLU D 557 -2.59 31.58 3.54
CA GLU D 557 -3.07 30.85 2.38
C GLU D 557 -2.18 29.65 2.04
N ILE D 558 -0.91 29.69 2.43
CA ILE D 558 0.07 28.70 1.99
C ILE D 558 0.29 27.61 3.04
N PHE D 559 0.63 27.98 4.28
CA PHE D 559 1.03 26.98 5.26
C PHE D 559 -0.14 26.27 5.90
N ASN D 560 -1.36 26.78 5.73
CA ASN D 560 -2.53 26.13 6.33
C ASN D 560 -2.76 24.75 5.74
N LYS D 561 -2.60 24.60 4.43
CA LYS D 561 -2.85 23.33 3.75
C LYS D 561 -1.59 22.73 3.14
N TYR D 562 -0.41 23.22 3.51
CA TYR D 562 0.87 22.64 3.09
C TYR D 562 1.45 21.89 4.28
N VAL D 563 1.08 20.60 4.40
CA VAL D 563 1.61 19.79 5.48
C VAL D 563 3.10 19.49 5.26
N GLY D 564 3.49 19.25 4.01
CA GLY D 564 4.88 18.99 3.70
C GLY D 564 5.40 19.87 2.59
N GLU D 565 4.49 20.48 1.83
CA GLU D 565 4.86 21.33 0.70
C GLU D 565 5.28 22.73 1.14
N SER D 566 5.11 23.08 2.41
CA SER D 566 5.47 24.43 2.86
C SER D 566 6.95 24.70 2.71
N GLU D 567 7.79 23.72 3.06
CA GLU D 567 9.24 23.92 2.99
C GLU D 567 9.70 24.15 1.56
N ARG D 568 9.26 23.30 0.63
CA ARG D 568 9.67 23.45 -0.76
C ARG D 568 9.07 24.70 -1.38
N ALA D 569 7.83 25.07 -1.01
CA ALA D 569 7.25 26.30 -1.50
C ALA D 569 8.04 27.51 -1.03
N ILE D 570 8.46 27.51 0.24
CA ILE D 570 9.27 28.61 0.76
C ILE D 570 10.61 28.68 0.04
N ARG D 571 11.24 27.53 -0.18
CA ARG D 571 12.52 27.51 -0.90
C ARG D 571 12.35 28.05 -2.30
N GLU D 572 11.29 27.63 -3.00
CA GLU D 572 11.06 28.08 -4.37
C GLU D 572 10.79 29.58 -4.43
N ILE D 573 9.98 30.10 -3.49
CA ILE D 573 9.65 31.52 -3.53
C ILE D 573 10.87 32.36 -3.17
N PHE D 574 11.71 31.89 -2.25
CA PHE D 574 12.94 32.60 -1.94
C PHE D 574 13.89 32.59 -3.12
N ARG D 575 14.00 31.45 -3.80
CA ARG D 575 14.86 31.39 -4.99
C ARG D 575 14.37 32.32 -6.08
N LYS D 576 13.05 32.37 -6.30
CA LYS D 576 12.50 33.27 -7.31
C LYS D 576 12.75 34.73 -6.94
N ALA D 577 12.55 35.08 -5.66
CA ALA D 577 12.78 36.45 -5.24
C ALA D 577 14.25 36.85 -5.41
N ARG D 578 15.16 35.94 -5.06
CA ARG D 578 16.59 36.25 -5.19
C ARG D 578 17.00 36.35 -6.66
N SER D 579 16.48 35.46 -7.51
CA SER D 579 16.88 35.46 -8.91
C SER D 579 16.32 36.65 -9.66
N ALA D 580 15.06 37.02 -9.38
CA ALA D 580 14.40 38.11 -10.10
C ALA D 580 14.78 39.47 -9.50
N ALA D 581 16.10 39.70 -9.43
CA ALA D 581 16.72 40.94 -8.95
C ALA D 581 16.42 41.16 -7.46
N PRO D 582 17.16 42.04 -6.78
CA PRO D 582 16.80 42.39 -5.41
C PRO D 582 15.40 42.99 -5.36
N SER D 583 14.65 42.64 -4.33
CA SER D 583 13.26 43.04 -4.22
C SER D 583 12.85 43.01 -2.75
N ILE D 584 11.56 43.26 -2.51
CA ILE D 584 10.98 43.25 -1.18
C ILE D 584 9.89 42.19 -1.13
N ILE D 585 9.90 41.37 -0.08
CA ILE D 585 8.91 40.33 0.12
C ILE D 585 7.96 40.79 1.22
N PHE D 586 6.67 40.84 0.91
CA PHE D 586 5.65 41.31 1.83
C PHE D 586 4.70 40.18 2.16
N PHE D 587 4.44 39.97 3.45
CA PHE D 587 3.52 38.97 3.93
C PHE D 587 2.23 39.64 4.39
N ASP D 588 1.10 39.16 3.87
CA ASP D 588 -0.19 39.76 4.21
C ASP D 588 -0.49 39.59 5.70
N GLU D 589 -0.26 38.39 6.24
CA GLU D 589 -0.52 38.10 7.65
C GLU D 589 0.63 37.24 8.16
N ILE D 590 1.56 37.86 8.89
CA ILE D 590 2.68 37.14 9.47
C ILE D 590 2.39 36.67 10.89
N ASP D 591 1.27 37.09 11.48
CA ASP D 591 0.94 36.69 12.84
C ASP D 591 0.75 35.18 12.96
N ALA D 592 0.07 34.58 11.98
CA ALA D 592 -0.17 33.15 12.02
C ALA D 592 1.06 32.33 11.67
N LEU D 593 2.12 32.96 11.15
CA LEU D 593 3.33 32.23 10.78
C LEU D 593 4.14 31.79 11.99
N SER D 594 3.83 32.28 13.19
CA SER D 594 4.52 31.88 14.42
C SER D 594 3.50 31.51 15.48
N PRO D 595 2.79 30.38 15.30
CA PRO D 595 1.81 29.96 16.30
C PRO D 595 2.42 29.10 17.39
N ASP D 596 3.75 29.11 17.50
CA ASP D 596 4.43 28.26 18.47
C ASP D 596 4.12 28.63 19.91
N ARG D 597 3.60 29.83 20.16
CA ARG D 597 3.31 30.28 21.51
C ARG D 597 1.85 30.06 21.93
N ASP D 598 0.91 30.13 20.99
CA ASP D 598 -0.50 29.97 21.29
C ASP D 598 -1.07 28.80 20.51
N GLY D 599 -1.90 28.00 21.16
CA GLY D 599 -2.48 26.83 20.54
C GLY D 599 -1.48 25.75 20.18
N SER D 600 -0.57 25.43 21.11
CA SER D 600 0.45 24.40 20.93
C SER D 600 1.41 24.74 19.80
N SER D 601 2.35 23.85 19.52
CA SER D 601 3.38 24.07 18.50
C SER D 601 3.43 22.84 17.60
N THR D 602 2.79 22.94 16.44
CA THR D 602 2.82 21.86 15.47
C THR D 602 4.19 21.77 14.80
N SER D 603 4.49 20.60 14.24
CA SER D 603 5.77 20.39 13.58
C SER D 603 5.94 21.31 12.37
N ALA D 604 4.88 21.49 11.58
CA ALA D 604 4.96 22.36 10.41
C ALA D 604 5.20 23.80 10.82
N ALA D 605 4.57 24.25 11.91
CA ALA D 605 4.79 25.61 12.40
C ALA D 605 6.25 25.81 12.80
N ASN D 606 6.82 24.85 13.52
CA ASN D 606 8.23 24.95 13.90
C ASN D 606 9.13 24.95 12.67
N HIS D 607 8.81 24.11 11.68
CA HIS D 607 9.62 24.05 10.47
C HIS D 607 9.60 25.37 9.72
N VAL D 608 8.41 25.95 9.54
CA VAL D 608 8.34 27.22 8.81
C VAL D 608 8.98 28.34 9.63
N LEU D 609 8.85 28.31 10.95
CA LEU D 609 9.46 29.34 11.79
C LEU D 609 10.99 29.28 11.68
N THR D 610 11.56 28.09 11.76
CA THR D 610 13.02 27.98 11.67
C THR D 610 13.51 28.27 10.25
N SER D 611 12.71 27.94 9.23
CA SER D 611 13.07 28.31 7.87
C SER D 611 13.11 29.83 7.70
N LEU D 612 12.10 30.52 8.24
CA LEU D 612 12.11 31.98 8.19
C LEU D 612 13.29 32.54 8.97
N LEU D 613 13.60 31.96 10.13
CA LEU D 613 14.70 32.45 10.95
C LEU D 613 16.04 32.31 10.22
N ASN D 614 16.34 31.12 9.71
CA ASN D 614 17.62 30.93 9.03
C ASN D 614 17.65 31.50 7.63
N GLU D 615 16.50 31.96 7.10
CA GLU D 615 16.53 32.72 5.86
C GLU D 615 16.83 34.19 6.13
N ILE D 616 16.14 34.79 7.11
CA ILE D 616 16.40 36.20 7.42
C ILE D 616 17.80 36.38 8.00
N ASP D 617 18.28 35.41 8.78
CA ASP D 617 19.62 35.47 9.35
C ASP D 617 20.28 34.10 9.14
N GLY D 618 21.12 34.01 8.10
CA GLY D 618 21.81 32.78 7.81
C GLY D 618 23.21 33.00 7.29
N VAL D 619 23.77 32.00 6.60
CA VAL D 619 25.12 32.13 6.05
C VAL D 619 25.14 33.19 4.95
N GLU D 620 24.07 33.29 4.16
CA GLU D 620 24.01 34.27 3.10
C GLU D 620 23.90 35.68 3.68
N GLU D 621 24.60 36.63 3.05
CA GLU D 621 24.55 38.02 3.51
C GLU D 621 23.15 38.60 3.38
N LEU D 622 22.49 38.36 2.24
CA LEU D 622 21.13 38.82 1.97
C LEU D 622 21.06 40.34 2.12
N LYS D 623 21.77 41.01 1.21
CA LYS D 623 21.85 42.47 1.20
C LYS D 623 20.71 43.10 0.40
N GLY D 624 20.58 42.72 -0.87
CA GLY D 624 19.54 43.30 -1.70
C GLY D 624 18.14 42.93 -1.26
N VAL D 625 17.97 41.70 -0.77
CA VAL D 625 16.65 41.23 -0.36
C VAL D 625 16.24 41.92 0.93
N VAL D 626 15.01 42.45 0.95
CA VAL D 626 14.45 43.11 2.12
C VAL D 626 13.16 42.39 2.49
N ILE D 627 13.03 42.00 3.75
CA ILE D 627 11.89 41.25 4.26
C ILE D 627 10.91 42.22 4.91
N VAL D 628 9.66 42.17 4.49
CA VAL D 628 8.59 43.00 5.04
C VAL D 628 7.52 42.08 5.59
N ALA D 629 7.16 42.28 6.86
CA ALA D 629 6.16 41.46 7.53
C ALA D 629 5.08 42.35 8.13
N ALA D 630 3.82 41.93 7.98
CA ALA D 630 2.67 42.64 8.53
C ALA D 630 1.92 41.70 9.47
N THR D 631 1.66 42.18 10.68
CA THR D 631 0.98 41.38 11.70
C THR D 631 -0.22 42.15 12.24
N ASN D 632 -1.29 41.40 12.51
CA ASN D 632 -2.49 42.03 13.10
C ASN D 632 -2.27 42.33 14.57
N ARG D 633 -1.63 41.41 15.31
CA ARG D 633 -1.37 41.59 16.73
C ARG D 633 -0.03 40.94 17.05
N PRO D 634 0.86 41.64 17.77
CA PRO D 634 2.14 41.04 18.15
C PRO D 634 2.07 40.06 19.31
N ASP D 635 0.87 39.83 19.87
CA ASP D 635 0.74 38.89 20.98
C ASP D 635 1.07 37.47 20.54
N GLU D 636 0.66 37.08 19.33
CA GLU D 636 0.88 35.75 18.80
C GLU D 636 2.16 35.66 17.98
N ILE D 637 3.16 36.48 18.29
CA ILE D 637 4.45 36.46 17.60
C ILE D 637 5.52 36.04 18.60
N ASP D 638 6.30 35.02 18.23
CA ASP D 638 7.34 34.52 19.11
C ASP D 638 8.44 35.55 19.29
N ALA D 639 9.05 35.56 20.48
CA ALA D 639 10.12 36.50 20.78
C ALA D 639 11.41 36.15 20.03
N ALA D 640 11.54 34.92 19.53
CA ALA D 640 12.74 34.55 18.79
C ALA D 640 12.84 35.34 17.49
N LEU D 641 11.72 35.57 16.81
CA LEU D 641 11.72 36.36 15.59
C LEU D 641 12.12 37.80 15.87
N LEU D 642 11.61 38.37 16.97
CA LEU D 642 11.90 39.76 17.34
C LEU D 642 13.18 39.78 18.15
N ARG D 643 14.31 39.85 17.46
CA ARG D 643 15.62 39.93 18.07
C ARG D 643 16.42 41.01 17.36
N PRO D 644 17.44 41.58 18.02
CA PRO D 644 18.27 42.58 17.36
C PRO D 644 18.92 42.01 16.10
N GLY D 645 18.97 42.83 15.06
CA GLY D 645 19.50 42.40 13.78
C GLY D 645 18.52 41.69 12.88
N ARG D 646 17.29 41.44 13.33
CA ARG D 646 16.29 40.78 12.50
C ARG D 646 14.92 41.37 12.84
N LEU D 647 14.30 42.01 11.85
CA LEU D 647 12.97 42.63 12.00
C LEU D 647 12.96 43.61 13.17
N ASP D 648 14.06 44.35 13.34
CA ASP D 648 14.16 45.28 14.46
C ASP D 648 13.30 46.52 14.24
N ARG D 649 13.19 46.99 13.00
CA ARG D 649 12.44 48.20 12.72
C ARG D 649 10.96 48.01 13.03
N HIS D 650 10.37 49.01 13.67
CA HIS D 650 8.96 48.98 14.06
C HIS D 650 8.25 50.20 13.52
N ILE D 651 7.05 49.99 12.98
CA ILE D 651 6.23 51.06 12.42
C ILE D 651 4.90 51.08 13.16
N TYR D 652 4.50 52.25 13.64
CA TYR D 652 3.25 52.38 14.37
C TYR D 652 2.05 52.08 13.47
N VAL D 653 2.05 52.67 12.26
CA VAL D 653 0.98 52.57 11.26
C VAL D 653 -0.40 52.49 11.92
N GLY D 654 -0.71 53.51 12.71
CA GLY D 654 -1.96 53.54 13.44
C GLY D 654 -3.11 54.05 12.58
N PRO D 655 -4.24 54.37 13.22
CA PRO D 655 -5.39 54.86 12.49
C PRO D 655 -5.11 56.20 11.85
N PRO D 656 -5.73 56.51 10.72
CA PRO D 656 -5.49 57.81 10.07
C PRO D 656 -5.99 58.96 10.91
N ASP D 657 -5.33 60.12 10.76
CA ASP D 657 -5.67 61.31 11.51
C ASP D 657 -6.76 62.09 10.76
N VAL D 658 -6.98 63.34 11.18
CA VAL D 658 -8.01 64.17 10.57
C VAL D 658 -7.68 64.44 9.11
N ASN D 659 -6.41 64.76 8.81
CA ASN D 659 -6.04 65.12 7.45
C ASN D 659 -6.23 63.96 6.48
N ALA D 660 -5.77 62.77 6.85
CA ALA D 660 -5.90 61.61 5.96
C ALA D 660 -7.36 61.25 5.74
N ARG D 661 -8.16 61.27 6.80
CA ARG D 661 -9.58 60.96 6.67
C ARG D 661 -10.28 62.00 5.79
N LEU D 662 -9.95 63.28 5.97
CA LEU D 662 -10.53 64.31 5.12
C LEU D 662 -10.15 64.11 3.66
N GLU D 663 -8.88 63.75 3.41
CA GLU D 663 -8.44 63.55 2.03
C GLU D 663 -9.12 62.35 1.38
N ILE D 664 -9.27 61.25 2.12
CA ILE D 664 -9.96 60.10 1.55
C ILE D 664 -11.44 60.39 1.37
N LEU D 665 -12.05 61.18 2.25
CA LEU D 665 -13.43 61.60 2.05
C LEU D 665 -13.57 62.44 0.78
N LYS D 666 -12.63 63.36 0.55
CA LYS D 666 -12.64 64.16 -0.66
C LYS D 666 -12.48 63.28 -1.89
N LYS D 667 -11.58 62.29 -1.83
CA LYS D 667 -11.39 61.38 -2.95
C LYS D 667 -12.67 60.59 -3.24
N CYS D 668 -13.35 60.12 -2.19
CA CYS D 668 -14.59 59.38 -2.38
C CYS D 668 -15.69 60.27 -2.95
N THR D 669 -15.79 61.52 -2.48
CA THR D 669 -16.84 62.41 -2.92
C THR D 669 -16.55 63.09 -4.25
N LYS D 670 -15.32 62.96 -4.77
CA LYS D 670 -15.00 63.57 -6.06
C LYS D 670 -15.85 62.99 -7.19
N LYS D 671 -16.38 61.77 -7.01
CA LYS D 671 -17.17 61.16 -8.07
C LYS D 671 -18.43 61.96 -8.37
N PHE D 672 -19.11 62.43 -7.33
CA PHE D 672 -20.32 63.23 -7.48
C PHE D 672 -20.03 64.69 -7.12
N ASN D 673 -21.06 65.51 -7.15
CA ASN D 673 -20.90 66.93 -6.88
C ASN D 673 -20.93 67.19 -5.37
N THR D 674 -20.48 68.39 -5.00
CA THR D 674 -20.26 68.68 -3.58
C THR D 674 -21.02 69.90 -3.07
N GLU D 675 -21.09 70.97 -3.87
CA GLU D 675 -21.62 72.24 -3.36
C GLU D 675 -23.11 72.14 -3.06
N GLU D 676 -23.87 71.41 -3.86
CA GLU D 676 -25.31 71.30 -3.62
C GLU D 676 -25.66 70.28 -2.54
N SER D 677 -24.69 69.49 -2.09
CA SER D 677 -24.96 68.51 -1.03
C SER D 677 -25.07 69.15 0.35
N GLY D 678 -24.59 70.38 0.51
CA GLY D 678 -24.69 71.06 1.79
C GLY D 678 -23.89 70.40 2.90
N VAL D 679 -22.67 69.97 2.61
CA VAL D 679 -21.79 69.33 3.58
C VAL D 679 -20.48 70.10 3.64
N ASP D 680 -20.01 70.37 4.86
CA ASP D 680 -18.75 71.07 5.08
C ASP D 680 -17.64 70.08 5.40
N LEU D 681 -16.44 70.37 4.88
CA LEU D 681 -15.34 69.43 4.99
C LEU D 681 -14.88 69.25 6.43
N HIS D 682 -14.77 70.36 7.18
CA HIS D 682 -14.21 70.28 8.53
C HIS D 682 -15.10 69.48 9.46
N GLU D 683 -16.41 69.71 9.41
CA GLU D 683 -17.32 68.99 10.31
C GLU D 683 -17.38 67.51 9.99
N LEU D 684 -17.25 67.14 8.72
CA LEU D 684 -17.25 65.72 8.36
C LEU D 684 -16.09 64.98 9.01
N ALA D 685 -14.90 65.59 9.00
CA ALA D 685 -13.75 64.98 9.65
C ALA D 685 -13.86 65.03 11.17
N ASP D 686 -14.40 66.14 11.70
CA ASP D 686 -14.52 66.28 13.15
C ASP D 686 -15.48 65.23 13.72
N ARG D 687 -16.61 65.01 13.06
CA ARG D 687 -17.56 64.00 13.52
C ARG D 687 -17.00 62.59 13.39
N THR D 688 -16.24 62.34 12.32
CA THR D 688 -15.67 61.03 12.04
C THR D 688 -14.20 60.96 12.46
N GLU D 689 -13.86 61.62 13.57
CA GLU D 689 -12.47 61.69 14.00
C GLU D 689 -11.96 60.35 14.52
N GLY D 690 -12.82 59.56 15.15
CA GLY D 690 -12.43 58.31 15.77
C GLY D 690 -12.48 57.08 14.89
N TYR D 691 -12.71 57.25 13.59
CA TYR D 691 -12.87 56.12 12.68
C TYR D 691 -11.56 55.82 11.95
N SER D 692 -11.51 54.63 11.35
CA SER D 692 -10.40 54.18 10.52
C SER D 692 -10.81 54.21 9.06
N GLY D 693 -9.82 54.06 8.18
CA GLY D 693 -10.07 54.21 6.75
C GLY D 693 -11.09 53.22 6.21
N ALA D 694 -10.99 51.95 6.63
CA ALA D 694 -11.90 50.92 6.15
C ALA D 694 -13.34 51.24 6.54
N GLU D 695 -13.55 51.61 7.81
CA GLU D 695 -14.91 51.91 8.25
C GLU D 695 -15.39 53.26 7.73
N VAL D 696 -14.47 54.18 7.42
CA VAL D 696 -14.88 55.40 6.72
C VAL D 696 -15.40 55.08 5.33
N VAL D 697 -14.70 54.18 4.62
CA VAL D 697 -15.17 53.76 3.30
C VAL D 697 -16.51 53.05 3.42
N LEU D 698 -16.67 52.21 4.46
CA LEU D 698 -17.94 51.53 4.68
C LEU D 698 -19.06 52.53 4.95
N LEU D 699 -18.77 53.58 5.74
CA LEU D 699 -19.77 54.60 6.01
C LEU D 699 -20.14 55.35 4.74
N CYS D 700 -19.16 55.64 3.88
CA CYS D 700 -19.45 56.29 2.61
C CYS D 700 -20.34 55.41 1.73
N GLN D 701 -20.05 54.11 1.69
CA GLN D 701 -20.88 53.18 0.92
C GLN D 701 -22.30 53.12 1.49
N GLU D 702 -22.42 53.10 2.81
CA GLU D 702 -23.75 53.08 3.44
C GLU D 702 -24.51 54.36 3.13
N ALA D 703 -23.83 55.51 3.16
CA ALA D 703 -24.48 56.77 2.82
C ALA D 703 -24.94 56.78 1.36
N GLY D 704 -24.12 56.26 0.46
CA GLY D 704 -24.53 56.15 -0.94
C GLY D 704 -25.73 55.24 -1.11
N LEU D 705 -25.74 54.11 -0.40
CA LEU D 705 -26.87 53.20 -0.47
C LEU D 705 -28.13 53.86 0.05
N ALA D 706 -28.03 54.58 1.17
CA ALA D 706 -29.19 55.29 1.71
C ALA D 706 -29.69 56.35 0.73
N ALA D 707 -28.75 57.03 0.06
CA ALA D 707 -29.14 58.04 -0.93
C ALA D 707 -29.88 57.41 -2.10
N ILE D 708 -29.40 56.25 -2.58
CA ILE D 708 -30.05 55.60 -3.72
C ILE D 708 -31.31 54.86 -3.34
N MET D 709 -31.55 54.62 -2.04
CA MET D 709 -32.84 54.06 -1.63
C MET D 709 -33.99 55.00 -2.01
N GLU D 710 -33.82 56.30 -1.80
CA GLU D 710 -34.88 57.26 -2.04
C GLU D 710 -34.80 57.80 -3.46
N ASP D 711 -35.94 57.76 -4.16
CA ASP D 711 -36.07 58.29 -5.52
C ASP D 711 -35.12 57.61 -6.49
N LEU D 712 -34.80 56.34 -6.25
CA LEU D 712 -33.92 55.55 -7.10
C LEU D 712 -32.58 56.25 -7.30
N ASP D 713 -32.24 56.56 -8.55
CA ASP D 713 -30.99 57.25 -8.84
C ASP D 713 -31.02 58.67 -8.29
N VAL D 714 -29.92 59.08 -7.68
CA VAL D 714 -29.77 60.41 -7.11
C VAL D 714 -28.49 61.03 -7.62
N ALA D 715 -28.55 62.33 -7.95
CA ALA D 715 -27.36 63.01 -8.46
C ALA D 715 -26.35 63.27 -7.35
N LYS D 716 -26.79 63.36 -6.11
CA LYS D 716 -25.89 63.64 -4.99
C LYS D 716 -26.49 63.07 -3.71
N VAL D 717 -25.65 62.97 -2.69
CA VAL D 717 -26.03 62.44 -1.39
C VAL D 717 -26.13 63.60 -0.40
N GLU D 718 -27.21 63.61 0.38
CA GLU D 718 -27.44 64.69 1.34
C GLU D 718 -26.80 64.35 2.68
N LEU D 719 -26.73 65.37 3.55
CA LEU D 719 -26.15 65.18 4.88
C LEU D 719 -27.02 64.29 5.76
N ARG D 720 -28.34 64.27 5.50
CA ARG D 720 -29.22 63.41 6.28
C ARG D 720 -28.87 61.93 6.08
N HIS D 721 -28.52 61.55 4.86
CA HIS D 721 -28.11 60.18 4.61
C HIS D 721 -26.82 59.85 5.37
N PHE D 722 -25.88 60.78 5.40
CA PHE D 722 -24.65 60.57 6.16
C PHE D 722 -24.94 60.41 7.65
N GLU D 723 -25.82 61.25 8.19
CA GLU D 723 -26.18 61.13 9.60
C GLU D 723 -26.88 59.81 9.90
N LYS D 724 -27.77 59.38 9.00
CA LYS D 724 -28.45 58.10 9.20
C LYS D 724 -27.47 56.94 9.16
N ALA D 725 -26.51 56.98 8.23
CA ALA D 725 -25.50 55.94 8.16
C ALA D 725 -24.62 55.94 9.41
N PHE D 726 -24.26 57.12 9.91
CA PHE D 726 -23.42 57.21 11.10
C PHE D 726 -24.15 56.67 12.32
N LYS D 727 -25.45 56.99 12.47
CA LYS D 727 -26.18 56.53 13.64
C LYS D 727 -26.56 55.06 13.55
N GLY D 728 -26.84 54.55 12.35
CA GLY D 728 -27.22 53.16 12.22
C GLY D 728 -26.09 52.20 12.51
N ILE D 729 -24.88 52.52 12.05
CA ILE D 729 -23.73 51.65 12.21
C ILE D 729 -22.88 52.14 13.37
N ALA D 730 -22.03 51.25 13.87
CA ALA D 730 -21.12 51.56 14.97
C ALA D 730 -19.72 51.11 14.60
N ARG D 731 -18.72 51.80 15.15
CA ARG D 731 -17.33 51.45 14.87
C ARG D 731 -17.00 50.05 15.38
N GLY D 732 -17.48 49.70 16.56
CA GLY D 732 -17.22 48.41 17.14
C GLY D 732 -15.82 48.21 17.70
N ILE D 733 -15.04 49.28 17.81
CA ILE D 733 -13.67 49.21 18.30
C ILE D 733 -13.56 50.09 19.55
N THR D 734 -13.02 49.52 20.62
CA THR D 734 -12.77 50.19 21.89
C THR D 734 -11.30 50.57 22.01
N PRO D 735 -10.98 51.69 22.64
CA PRO D 735 -9.59 52.17 22.64
C PRO D 735 -8.60 51.32 23.44
N GLU D 736 -9.02 50.20 24.03
CA GLU D 736 -8.07 49.41 24.80
C GLU D 736 -7.08 48.68 23.88
N MET D 737 -7.51 48.34 22.66
CA MET D 737 -6.54 47.85 21.68
C MET D 737 -5.50 48.91 21.37
N LEU D 738 -5.92 50.17 21.24
CA LEU D 738 -4.98 51.26 21.00
C LEU D 738 -4.02 51.42 22.17
N SER D 739 -4.52 51.32 23.40
CA SER D 739 -3.64 51.43 24.56
C SER D 739 -2.65 50.28 24.61
N TYR D 740 -3.11 49.06 24.29
CA TYR D 740 -2.20 47.91 24.26
C TYR D 740 -1.13 48.08 23.19
N TYR D 741 -1.51 48.57 22.01
CA TYR D 741 -0.53 48.81 20.96
C TYR D 741 0.47 49.87 21.39
N GLU D 742 0.00 50.94 22.03
CA GLU D 742 0.90 52.00 22.47
C GLU D 742 1.88 51.49 23.52
N GLU D 743 1.40 50.70 24.48
CA GLU D 743 2.31 50.19 25.51
C GLU D 743 3.26 49.14 24.96
N PHE D 744 2.83 48.38 23.94
CA PHE D 744 3.75 47.45 23.28
C PHE D 744 4.83 48.22 22.52
N ALA D 745 4.45 49.31 21.84
CA ALA D 745 5.43 50.13 21.15
C ALA D 745 6.42 50.76 22.13
N LEU D 746 5.92 51.23 23.27
CA LEU D 746 6.81 51.77 24.30
C LEU D 746 7.74 50.69 24.84
N ARG D 747 7.22 49.48 25.05
CA ARG D 747 8.06 48.38 25.51
C ARG D 747 9.11 48.01 24.47
N SER D 748 8.73 47.98 23.20
CA SER D 748 9.65 47.64 22.13
C SER D 748 10.63 48.78 21.86
N LYS E 1 -7.32 -10.33 -47.86
CA LYS E 1 -8.13 -9.22 -47.36
C LYS E 1 -9.00 -9.67 -46.18
N LEU E 2 -10.09 -10.38 -46.48
CA LEU E 2 -11.03 -10.88 -45.50
C LEU E 2 -11.57 -9.74 -44.64
N PRO E 3 -12.39 -8.84 -45.20
CA PRO E 3 -12.92 -7.73 -44.41
C PRO E 3 -14.04 -8.18 -43.49
N ALA E 4 -13.75 -8.23 -42.18
CA ALA E 4 -14.74 -8.67 -41.21
C ALA E 4 -15.85 -7.63 -41.07
N GLU E 5 -15.51 -6.35 -41.14
CA GLU E 5 -16.47 -5.27 -40.96
C GLU E 5 -16.41 -4.32 -42.15
N PHE E 6 -17.51 -3.60 -42.36
CA PHE E 6 -17.63 -2.66 -43.46
C PHE E 6 -18.10 -1.31 -42.93
N ILE E 7 -17.80 -0.27 -43.70
CA ILE E 7 -18.16 1.11 -43.37
C ILE E 7 -19.14 1.62 -44.40
N THR E 8 -20.26 2.17 -43.93
CA THR E 8 -21.30 2.68 -44.81
C THR E 8 -21.07 4.16 -45.11
N ARG E 9 -21.46 4.57 -46.33
CA ARG E 9 -21.34 5.95 -46.77
C ARG E 9 -22.56 6.30 -47.63
N PRO E 10 -22.99 7.55 -47.60
CA PRO E 10 -24.13 7.95 -48.43
C PRO E 10 -23.77 7.99 -49.92
N HIS E 11 -24.79 7.81 -50.75
CA HIS E 11 -24.60 7.86 -52.19
C HIS E 11 -24.53 9.32 -52.65
N PRO E 12 -23.48 9.74 -53.35
CA PRO E 12 -23.44 11.11 -53.89
C PRO E 12 -24.39 11.33 -55.06
N SER E 13 -25.06 10.29 -55.53
CA SER E 13 -25.93 10.43 -56.69
C SER E 13 -27.13 11.32 -56.38
N LYS E 14 -27.62 11.99 -57.42
CA LYS E 14 -28.74 12.91 -57.32
C LYS E 14 -30.04 12.18 -57.64
N ASP E 15 -31.14 12.69 -57.06
CA ASP E 15 -32.48 12.13 -57.22
C ASP E 15 -32.58 10.74 -56.60
N HIS E 16 -33.72 10.08 -56.77
CA HIS E 16 -33.99 8.77 -56.21
C HIS E 16 -34.21 7.76 -57.35
N GLY E 17 -34.58 6.54 -56.97
CA GLY E 17 -34.81 5.48 -57.93
C GLY E 17 -33.56 4.69 -58.22
N LYS E 18 -32.55 5.35 -58.79
CA LYS E 18 -31.29 4.67 -59.08
C LYS E 18 -30.52 4.36 -57.80
N GLU E 19 -30.52 5.29 -56.85
CA GLU E 19 -29.72 5.12 -55.64
C GLU E 19 -30.36 4.15 -54.65
N THR E 20 -31.69 4.10 -54.59
CA THR E 20 -32.35 3.28 -53.59
C THR E 20 -32.19 1.79 -53.89
N CYS E 21 -32.07 1.00 -52.82
CA CYS E 21 -31.97 -0.46 -52.91
C CYS E 21 -30.79 -0.89 -53.77
N THR E 22 -29.67 -0.17 -53.66
CA THR E 22 -28.47 -0.48 -54.43
C THR E 22 -27.26 -0.42 -53.51
N ALA E 23 -26.23 -1.18 -53.88
CA ALA E 23 -24.99 -1.25 -53.12
C ALA E 23 -23.80 -1.05 -54.03
N TYR E 24 -22.73 -0.51 -53.48
CA TYR E 24 -21.45 -0.32 -54.18
C TYR E 24 -20.40 -1.12 -53.42
N ILE E 25 -20.23 -2.38 -53.82
CA ILE E 25 -19.29 -3.29 -53.18
C ILE E 25 -18.16 -3.57 -54.15
N HIS E 26 -16.95 -3.69 -53.63
CA HIS E 26 -15.79 -3.97 -54.46
C HIS E 26 -15.95 -5.35 -55.11
N PRO E 27 -15.55 -5.50 -56.38
CA PRO E 27 -15.68 -6.80 -57.04
C PRO E 27 -14.91 -7.91 -56.36
N ASN E 28 -13.80 -7.60 -55.69
CA ASN E 28 -13.03 -8.62 -55.00
C ASN E 28 -13.83 -9.26 -53.88
N VAL E 29 -14.58 -8.45 -53.12
CA VAL E 29 -15.44 -9.00 -52.08
C VAL E 29 -16.55 -9.85 -52.68
N LEU E 30 -17.17 -9.36 -53.77
CA LEU E 30 -18.23 -10.12 -54.42
C LEU E 30 -17.71 -11.44 -54.98
N SER E 31 -16.51 -11.41 -55.58
CA SER E 31 -15.93 -12.65 -56.11
C SER E 31 -15.64 -13.64 -55.00
N SER E 32 -15.11 -13.16 -53.87
CA SER E 32 -14.82 -14.04 -52.75
C SER E 32 -16.11 -14.57 -52.11
N LEU E 33 -17.19 -13.81 -52.20
CA LEU E 33 -18.47 -14.21 -51.62
C LEU E 33 -19.38 -14.89 -52.64
N GLU E 34 -18.87 -15.15 -53.85
CA GLU E 34 -19.61 -15.79 -54.95
C GLU E 34 -21.06 -15.31 -55.03
N ILE E 35 -21.21 -13.98 -55.08
CA ILE E 35 -22.52 -13.34 -55.16
C ILE E 35 -22.64 -12.69 -56.53
N ASN E 36 -23.69 -13.06 -57.26
CA ASN E 36 -23.90 -12.49 -58.59
C ASN E 36 -24.33 -11.03 -58.47
N PRO E 37 -24.01 -10.20 -59.48
CA PRO E 37 -24.45 -8.80 -59.43
C PRO E 37 -25.95 -8.63 -59.37
N GLY E 38 -26.71 -9.53 -59.99
CA GLY E 38 -28.16 -9.44 -59.97
C GLY E 38 -28.78 -10.21 -58.82
N SER E 39 -28.18 -10.13 -57.65
CA SER E 39 -28.65 -10.82 -56.46
C SER E 39 -28.97 -9.80 -55.36
N PHE E 40 -29.29 -10.30 -54.18
CA PHE E 40 -29.64 -9.48 -53.03
C PHE E 40 -28.51 -9.53 -52.01
N CYS E 41 -28.12 -8.36 -51.51
CA CYS E 41 -27.04 -8.24 -50.53
C CYS E 41 -27.64 -7.95 -49.15
N THR E 42 -27.19 -8.71 -48.16
CA THR E 42 -27.70 -8.60 -46.80
C THR E 42 -26.73 -7.81 -45.94
N VAL E 43 -27.24 -6.79 -45.26
CA VAL E 43 -26.42 -5.92 -44.41
C VAL E 43 -27.08 -5.82 -43.03
N GLY E 44 -26.26 -5.89 -41.99
CA GLY E 44 -26.75 -5.78 -40.63
C GLY E 44 -25.74 -5.16 -39.69
N LYS E 45 -26.22 -4.43 -38.69
CA LYS E 45 -25.33 -3.76 -37.73
C LYS E 45 -24.93 -4.76 -36.65
N ILE E 46 -23.69 -5.26 -36.74
CA ILE E 46 -23.07 -6.19 -35.80
C ILE E 46 -24.03 -7.32 -35.39
N GLY E 47 -24.97 -7.64 -36.28
CA GLY E 47 -25.96 -8.66 -35.99
C GLY E 47 -27.36 -8.09 -35.82
N GLU E 48 -27.98 -8.36 -34.67
CA GLU E 48 -29.32 -7.89 -34.36
C GLU E 48 -30.33 -8.30 -35.43
N ASN E 49 -30.18 -9.53 -35.93
CA ASN E 49 -31.04 -10.15 -36.94
C ASN E 49 -31.44 -9.19 -38.06
N GLY E 50 -30.50 -8.37 -38.52
CA GLY E 50 -30.76 -7.44 -39.60
C GLY E 50 -30.33 -8.01 -40.93
N ILE E 51 -31.21 -7.90 -41.93
CA ILE E 51 -30.94 -8.46 -43.24
C ILE E 51 -30.90 -7.34 -44.27
N LEU E 52 -32.04 -6.66 -44.46
CA LEU E 52 -32.14 -5.48 -45.32
C LEU E 52 -31.56 -5.75 -46.71
N VAL E 53 -32.21 -6.67 -47.44
CA VAL E 53 -31.75 -7.03 -48.77
C VAL E 53 -31.90 -5.85 -49.72
N ILE E 54 -30.85 -5.59 -50.51
CA ILE E 54 -30.87 -4.57 -51.54
C ILE E 54 -30.22 -5.14 -52.79
N ALA E 55 -30.73 -4.75 -53.96
CA ALA E 55 -30.32 -5.33 -55.23
C ALA E 55 -29.08 -4.63 -55.77
N ARG E 56 -28.66 -5.02 -56.98
CA ARG E 56 -27.52 -4.44 -57.69
C ARG E 56 -26.20 -4.70 -56.97
N ALA E 57 -25.09 -4.40 -57.63
CA ALA E 57 -23.76 -4.59 -57.07
C ALA E 57 -22.92 -3.36 -57.37
N GLY E 58 -21.65 -3.41 -56.96
CA GLY E 58 -20.75 -2.30 -57.14
C GLY E 58 -20.22 -2.17 -58.56
N ASP E 59 -19.58 -1.03 -58.82
CA ASP E 59 -18.99 -0.76 -60.11
C ASP E 59 -17.74 0.10 -59.92
N GLU E 60 -16.87 0.06 -60.93
CA GLU E 60 -15.64 0.85 -61.02
C GLU E 60 -14.78 0.74 -59.76
N GLU E 61 -13.82 1.64 -59.60
CA GLU E 61 -12.90 1.63 -58.47
C GLU E 61 -12.82 3.02 -57.83
N VAL E 62 -13.99 3.62 -57.59
CA VAL E 62 -14.04 4.95 -57.00
C VAL E 62 -13.87 4.93 -55.49
N HIS E 63 -14.12 3.80 -54.84
CA HIS E 63 -14.05 3.70 -53.40
C HIS E 63 -13.17 2.52 -52.99
N PRO E 64 -12.54 2.61 -51.82
CA PRO E 64 -11.72 1.48 -51.34
C PRO E 64 -12.58 0.26 -51.05
N VAL E 65 -11.87 -0.85 -50.77
CA VAL E 65 -12.54 -2.13 -50.56
C VAL E 65 -13.33 -2.13 -49.26
N ASN E 66 -12.75 -1.59 -48.19
CA ASN E 66 -13.34 -1.71 -46.86
C ASN E 66 -14.62 -0.90 -46.69
N VAL E 67 -14.95 -0.01 -47.62
CA VAL E 67 -16.11 0.85 -47.52
C VAL E 67 -17.11 0.46 -48.60
N ILE E 68 -18.38 0.32 -48.21
CA ILE E 68 -19.48 0.04 -49.13
C ILE E 68 -20.56 1.09 -48.90
N THR E 69 -21.07 1.66 -50.00
CA THR E 69 -22.05 2.72 -49.93
C THR E 69 -23.42 2.18 -50.28
N LEU E 70 -24.41 2.50 -49.44
CA LEU E 70 -25.80 2.11 -49.68
C LEU E 70 -26.75 3.27 -49.42
N SER E 71 -26.23 4.50 -49.36
CA SER E 71 -27.00 5.73 -49.20
C SER E 71 -27.62 5.86 -47.81
N THR E 72 -27.70 7.09 -47.31
CA THR E 72 -28.31 7.34 -46.00
C THR E 72 -29.82 7.25 -46.04
N THR E 73 -30.43 7.38 -47.21
CA THR E 73 -31.88 7.29 -47.31
C THR E 73 -32.37 5.91 -46.91
N ILE E 74 -31.68 4.86 -47.37
CA ILE E 74 -32.03 3.50 -46.98
C ILE E 74 -31.71 3.27 -45.51
N ARG E 75 -30.60 3.84 -45.02
CA ARG E 75 -30.19 3.63 -43.64
C ARG E 75 -31.20 4.16 -42.64
N SER E 76 -32.04 5.12 -43.03
CA SER E 76 -33.05 5.64 -42.12
C SER E 76 -34.13 4.60 -41.80
N VAL E 77 -34.29 3.59 -42.64
CA VAL E 77 -35.27 2.55 -42.37
C VAL E 77 -34.88 1.73 -41.14
N GLY E 78 -33.61 1.32 -41.08
CA GLY E 78 -33.14 0.51 -39.98
C GLY E 78 -32.42 1.29 -38.90
N ASN E 79 -32.54 2.62 -38.95
CA ASN E 79 -31.89 3.52 -37.99
C ASN E 79 -30.39 3.27 -37.93
N LEU E 80 -29.78 3.06 -39.08
CA LEU E 80 -28.34 2.77 -39.16
C LEU E 80 -27.56 4.09 -39.23
N ILE E 81 -26.67 4.29 -38.26
CA ILE E 81 -25.82 5.47 -38.24
C ILE E 81 -24.62 5.24 -39.15
N LEU E 82 -23.87 6.30 -39.44
CA LEU E 82 -22.70 6.18 -40.29
C LEU E 82 -21.62 5.33 -39.62
N GLY E 83 -20.79 4.68 -40.44
CA GLY E 83 -19.69 3.89 -39.94
C GLY E 83 -20.08 2.65 -39.18
N ASP E 84 -21.35 2.23 -39.26
CA ASP E 84 -21.77 1.02 -38.57
C ASP E 84 -21.15 -0.21 -39.23
N ARG E 85 -20.70 -1.15 -38.41
CA ARG E 85 -20.13 -2.38 -38.93
C ARG E 85 -21.23 -3.21 -39.59
N LEU E 86 -20.95 -3.67 -40.81
CA LEU E 86 -21.92 -4.39 -41.62
C LEU E 86 -21.43 -5.81 -41.87
N GLU E 87 -22.32 -6.78 -41.66
CA GLU E 87 -22.03 -8.20 -41.90
C GLU E 87 -22.77 -8.66 -43.14
N LEU E 88 -22.05 -9.30 -44.06
CA LEU E 88 -22.61 -9.75 -45.32
C LEU E 88 -22.82 -11.26 -45.28
N LYS E 89 -24.02 -11.69 -45.69
CA LYS E 89 -24.36 -13.11 -45.74
C LYS E 89 -24.82 -13.45 -47.16
N LYS E 90 -24.26 -14.51 -47.72
CA LYS E 90 -24.61 -14.91 -49.08
C LYS E 90 -25.98 -15.56 -49.16
N ALA E 91 -26.49 -16.10 -48.06
CA ALA E 91 -27.79 -16.75 -48.07
C ALA E 91 -28.91 -15.73 -48.31
N GLN E 92 -29.90 -16.12 -49.09
CA GLN E 92 -31.02 -15.24 -49.39
C GLN E 92 -32.26 -16.08 -49.64
N VAL E 93 -33.42 -15.46 -49.50
CA VAL E 93 -34.72 -16.10 -49.68
C VAL E 93 -35.50 -15.31 -50.71
N GLN E 94 -36.13 -16.01 -51.65
CA GLN E 94 -36.89 -15.36 -52.71
C GLN E 94 -38.09 -14.65 -52.11
N PRO E 95 -38.24 -13.34 -52.33
CA PRO E 95 -39.36 -12.62 -51.74
C PRO E 95 -40.67 -13.03 -52.38
N PRO E 96 -41.77 -13.01 -51.63
CA PRO E 96 -43.10 -13.21 -52.23
C PRO E 96 -43.73 -11.88 -52.63
N TYR E 97 -44.87 -11.99 -53.30
CA TYR E 97 -45.60 -10.81 -53.75
C TYR E 97 -46.36 -10.17 -52.58
N ALA E 98 -46.33 -8.84 -52.54
CA ALA E 98 -47.02 -8.10 -51.49
C ALA E 98 -48.46 -7.80 -51.89
N THR E 99 -49.27 -7.45 -50.90
CA THR E 99 -50.68 -7.15 -51.12
C THR E 99 -51.18 -6.27 -49.98
N LYS E 100 -52.35 -5.68 -50.20
CA LYS E 100 -53.05 -4.81 -49.25
C LYS E 100 -52.09 -3.88 -48.51
N VAL E 101 -51.35 -3.10 -49.29
CA VAL E 101 -50.40 -2.14 -48.75
C VAL E 101 -51.12 -0.83 -48.45
N THR E 102 -50.48 0.01 -47.64
CA THR E 102 -51.03 1.31 -47.30
C THR E 102 -49.90 2.31 -47.17
N VAL E 103 -50.23 3.59 -47.35
CA VAL E 103 -49.26 4.67 -47.29
C VAL E 103 -49.74 5.71 -46.28
N GLY E 104 -48.86 6.06 -45.34
CA GLY E 104 -49.15 7.09 -44.36
C GLY E 104 -48.31 8.33 -44.62
N SER E 105 -48.68 9.40 -43.90
CA SER E 105 -48.01 10.69 -44.01
C SER E 105 -47.39 11.06 -42.66
N LEU E 106 -46.10 11.36 -42.67
CA LEU E 106 -45.42 11.75 -41.44
C LEU E 106 -45.89 13.14 -40.98
N GLN E 107 -46.09 14.05 -41.91
CA GLN E 107 -46.49 15.41 -41.58
C GLN E 107 -47.99 15.46 -41.25
N GLY E 108 -48.43 16.63 -40.80
CA GLY E 108 -49.83 16.80 -40.44
C GLY E 108 -50.76 16.68 -41.64
N TYR E 109 -50.32 17.14 -42.80
CA TYR E 109 -51.13 17.04 -44.00
C TYR E 109 -51.30 15.58 -44.42
N ASN E 110 -52.52 15.23 -44.80
CA ASN E 110 -52.85 13.86 -45.19
C ASN E 110 -53.67 13.87 -46.48
N ILE E 111 -53.47 12.83 -47.28
CA ILE E 111 -54.16 12.66 -48.56
C ILE E 111 -53.91 13.86 -49.45
N LEU E 112 -52.68 13.99 -49.95
CA LEU E 112 -52.30 15.04 -50.89
C LEU E 112 -51.68 14.40 -52.13
N GLU E 113 -52.02 14.94 -53.29
CA GLU E 113 -51.50 14.47 -54.58
C GLU E 113 -51.80 12.98 -54.79
N CYS E 114 -53.11 12.68 -54.88
CA CYS E 114 -53.54 11.30 -55.06
C CYS E 114 -53.03 10.69 -56.36
N MET E 115 -52.80 11.52 -57.37
CA MET E 115 -52.27 11.02 -58.64
C MET E 115 -50.84 10.51 -58.47
N GLU E 116 -50.07 11.12 -57.57
CA GLU E 116 -48.76 10.65 -57.12
C GLU E 116 -47.88 10.18 -58.28
N GLU E 117 -47.52 11.14 -59.15
CA GLU E 117 -46.61 10.83 -60.25
C GLU E 117 -45.28 10.29 -59.75
N LYS E 118 -44.75 10.89 -58.69
CA LYS E 118 -43.46 10.45 -58.15
C LYS E 118 -43.52 9.05 -57.55
N VAL E 119 -44.71 8.57 -57.19
CA VAL E 119 -44.85 7.21 -56.68
C VAL E 119 -45.12 6.20 -57.80
N ILE E 120 -45.65 6.66 -58.94
CA ILE E 120 -45.89 5.75 -60.06
C ILE E 120 -44.57 5.15 -60.56
N GLN E 121 -43.53 5.99 -60.69
CA GLN E 121 -42.24 5.48 -61.11
C GLN E 121 -41.64 4.54 -60.08
N LYS E 122 -42.01 4.68 -58.81
CA LYS E 122 -41.54 3.75 -57.79
C LYS E 122 -42.18 2.37 -57.96
N LEU E 123 -43.41 2.32 -58.47
CA LEU E 123 -44.07 1.03 -58.69
C LEU E 123 -43.31 0.20 -59.72
N LEU E 124 -42.84 0.84 -60.80
CA LEU E 124 -42.08 0.12 -61.81
C LEU E 124 -40.67 -0.19 -61.33
N ASP E 125 -40.13 0.63 -60.44
CA ASP E 125 -38.78 0.38 -59.93
C ASP E 125 -38.72 -0.92 -59.13
N ASP E 126 -39.72 -1.16 -58.27
CA ASP E 126 -39.77 -2.35 -57.44
C ASP E 126 -38.50 -2.52 -56.62
N SER E 127 -37.61 -3.42 -57.06
CA SER E 127 -36.32 -3.65 -56.43
C SER E 127 -36.47 -4.05 -54.97
N GLY E 128 -37.49 -4.84 -54.67
CA GLY E 128 -37.67 -5.37 -53.33
C GLY E 128 -38.06 -4.36 -52.28
N VAL E 129 -39.28 -3.84 -52.38
CA VAL E 129 -39.76 -2.89 -51.37
C VAL E 129 -39.85 -3.57 -50.01
N ILE E 130 -39.87 -2.75 -48.95
CA ILE E 130 -39.83 -3.23 -47.59
C ILE E 130 -40.89 -2.52 -46.77
N MET E 131 -41.38 -3.20 -45.71
CA MET E 131 -42.52 -2.74 -44.94
C MET E 131 -42.30 -1.51 -44.03
N PRO E 132 -41.07 -1.25 -43.48
CA PRO E 132 -40.95 -0.13 -42.54
C PRO E 132 -41.23 1.25 -43.15
N GLY E 133 -41.65 1.30 -44.41
CA GLY E 133 -42.01 2.57 -44.99
C GLY E 133 -40.83 3.38 -45.47
N MET E 134 -40.15 2.89 -46.51
CA MET E 134 -39.04 3.60 -47.14
C MET E 134 -39.37 5.07 -47.33
N ILE E 135 -38.59 5.93 -46.68
CA ILE E 135 -38.84 7.37 -46.69
C ILE E 135 -38.11 7.98 -47.87
N PHE E 136 -38.85 8.75 -48.68
CA PHE E 136 -38.29 9.45 -49.82
C PHE E 136 -38.34 10.95 -49.58
N GLN E 137 -37.29 11.65 -50.01
CA GLN E 137 -37.25 13.10 -49.85
C GLN E 137 -38.30 13.81 -50.68
N ASN E 138 -38.90 13.11 -51.65
CA ASN E 138 -39.98 13.57 -52.51
C ASN E 138 -39.54 14.67 -53.49
N LEU E 139 -38.29 15.11 -53.44
CA LEU E 139 -37.76 16.13 -54.34
C LEU E 139 -38.64 17.37 -54.36
N LYS E 140 -39.37 17.56 -55.44
CA LYS E 140 -40.31 18.67 -55.58
C LYS E 140 -41.73 18.14 -55.72
N THR E 141 -42.68 18.90 -55.21
CA THR E 141 -44.10 18.52 -55.21
C THR E 141 -44.87 19.20 -56.35
N LYS E 142 -44.23 19.38 -57.50
CA LYS E 142 -44.84 20.00 -58.68
C LYS E 142 -45.32 21.42 -58.35
N ALA E 143 -44.36 22.28 -58.01
CA ALA E 143 -44.61 23.68 -57.66
C ALA E 143 -45.52 23.81 -56.44
N GLY E 144 -45.46 22.83 -55.54
CA GLY E 144 -46.25 22.88 -54.31
C GLY E 144 -45.64 23.69 -53.20
N ASP E 145 -44.37 24.09 -53.34
CA ASP E 145 -43.67 24.89 -52.35
C ASP E 145 -43.66 24.21 -50.98
N GLU E 146 -43.52 22.89 -50.99
CA GLU E 146 -43.51 22.12 -49.74
C GLU E 146 -42.82 20.78 -50.01
N SER E 147 -42.38 20.15 -48.92
CA SER E 147 -41.75 18.84 -48.97
C SER E 147 -42.46 17.93 -47.99
N ILE E 148 -43.10 16.89 -48.51
CA ILE E 148 -43.86 15.93 -47.70
C ILE E 148 -43.26 14.55 -47.90
N ASP E 149 -42.95 13.89 -46.80
CA ASP E 149 -42.38 12.55 -46.81
C ASP E 149 -43.46 11.53 -46.50
N VAL E 150 -43.54 10.48 -47.31
CA VAL E 150 -44.55 9.44 -47.15
C VAL E 150 -43.93 8.28 -46.38
N VAL E 151 -44.80 7.42 -45.86
CA VAL E 151 -44.38 6.26 -45.08
C VAL E 151 -45.41 5.15 -45.26
N ILE E 152 -44.95 3.91 -45.16
CA ILE E 152 -45.80 2.73 -45.30
C ILE E 152 -45.80 2.00 -43.97
N THR E 153 -46.99 1.75 -43.42
CA THR E 153 -47.13 1.06 -42.15
C THR E 153 -47.48 -0.41 -42.30
N ASP E 154 -48.26 -0.77 -43.32
CA ASP E 154 -48.65 -2.16 -43.55
C ASP E 154 -48.41 -2.52 -45.01
N ALA E 155 -48.06 -3.78 -45.24
CA ALA E 155 -47.81 -4.27 -46.58
C ALA E 155 -48.20 -5.74 -46.71
N PHE E 181 -36.36 -14.43 -36.03
CA PHE E 181 -36.30 -14.90 -37.41
C PHE E 181 -35.73 -13.82 -38.33
N TYR E 182 -36.62 -13.11 -39.03
CA TYR E 182 -36.23 -12.06 -39.95
C TYR E 182 -36.84 -10.74 -39.48
N LEU E 183 -35.99 -9.72 -39.34
CA LEU E 183 -36.48 -8.40 -38.95
C LEU E 183 -37.39 -7.81 -40.01
N SER E 184 -37.04 -7.98 -41.28
CA SER E 184 -37.83 -7.43 -42.39
C SER E 184 -37.72 -8.37 -43.58
N PRO E 185 -38.61 -9.34 -43.70
CA PRO E 185 -38.61 -10.24 -44.86
C PRO E 185 -38.84 -9.46 -46.14
N PRO E 186 -38.16 -9.83 -47.23
CA PRO E 186 -38.31 -9.09 -48.48
C PRO E 186 -39.69 -9.27 -49.10
N PHE E 187 -40.18 -8.19 -49.71
CA PHE E 187 -41.44 -8.20 -50.44
C PHE E 187 -41.22 -7.77 -51.88
N ILE E 188 -42.19 -8.10 -52.73
CA ILE E 188 -42.18 -7.71 -54.14
C ILE E 188 -43.42 -6.87 -54.39
N PHE E 189 -43.21 -5.69 -54.99
CA PHE E 189 -44.29 -4.77 -55.29
C PHE E 189 -44.59 -4.81 -56.79
N ARG E 190 -45.84 -5.05 -57.15
CA ARG E 190 -46.27 -5.10 -58.53
C ARG E 190 -47.56 -4.31 -58.70
N LYS E 191 -47.61 -3.50 -59.76
CA LYS E 191 -48.80 -2.71 -60.02
C LYS E 191 -49.95 -3.61 -60.45
N GLY E 192 -51.15 -3.26 -60.00
CA GLY E 192 -52.36 -4.01 -60.30
C GLY E 192 -52.64 -5.15 -59.35
N SER E 193 -51.60 -5.89 -58.95
CA SER E 193 -51.78 -7.00 -58.02
C SER E 193 -52.25 -6.50 -56.65
N THR E 194 -51.71 -5.38 -56.19
CA THR E 194 -52.06 -4.81 -54.89
C THR E 194 -52.74 -3.45 -55.09
N HIS E 195 -53.53 -3.08 -54.10
CA HIS E 195 -54.27 -1.82 -54.13
C HIS E 195 -53.61 -0.81 -53.20
N ILE E 196 -53.40 0.41 -53.69
CA ILE E 196 -52.76 1.45 -52.91
C ILE E 196 -53.78 2.08 -51.96
N THR E 197 -53.33 2.41 -50.75
CA THR E 197 -54.18 3.02 -49.75
C THR E 197 -53.50 4.26 -49.19
N PHE E 198 -54.29 5.32 -48.98
CA PHE E 198 -53.79 6.58 -48.45
C PHE E 198 -54.26 6.75 -47.02
N SER E 199 -53.33 7.08 -46.13
CA SER E 199 -53.63 7.28 -44.72
C SER E 199 -52.59 8.21 -44.13
N LYS E 200 -52.56 8.29 -42.80
CA LYS E 200 -51.59 9.13 -42.10
C LYS E 200 -51.25 8.48 -40.77
N GLU E 201 -49.96 8.25 -40.53
CA GLU E 201 -49.50 7.66 -39.28
C GLU E 201 -48.20 8.33 -38.87
N THR E 202 -48.05 8.56 -37.57
CA THR E 202 -46.83 9.17 -37.06
C THR E 202 -45.63 8.27 -37.27
N GLN E 203 -45.79 6.97 -37.05
CA GLN E 203 -44.71 6.01 -37.22
C GLN E 203 -45.30 4.73 -37.79
N ALA E 204 -44.48 3.68 -37.86
CA ALA E 204 -44.92 2.40 -38.38
C ALA E 204 -45.72 1.64 -37.32
N ASN E 205 -46.20 0.47 -37.69
CA ASN E 205 -46.97 -0.36 -36.77
C ASN E 205 -46.09 -0.89 -35.64
N ARG E 206 -46.65 -0.91 -34.43
CA ARG E 206 -45.89 -1.38 -33.27
C ARG E 206 -45.73 -2.89 -33.25
N LYS E 207 -46.52 -3.62 -34.04
CA LYS E 207 -46.43 -5.08 -34.06
C LYS E 207 -45.13 -5.56 -34.69
N TYR E 208 -44.46 -4.72 -35.48
CA TYR E 208 -43.21 -5.10 -36.12
C TYR E 208 -41.98 -4.69 -35.31
N ASN E 209 -42.18 -4.13 -34.12
CA ASN E 209 -41.13 -3.69 -33.20
C ASN E 209 -39.99 -2.98 -33.93
N LEU E 210 -40.33 -2.17 -34.93
CA LEU E 210 -39.32 -1.47 -35.70
C LEU E 210 -38.69 -0.35 -34.85
N PRO E 211 -37.40 -0.11 -35.01
CA PRO E 211 -36.76 0.97 -34.24
C PRO E 211 -37.35 2.33 -34.60
N GLU E 212 -37.46 3.19 -33.59
CA GLU E 212 -37.99 4.54 -33.77
C GLU E 212 -36.87 5.55 -33.63
N PRO E 213 -36.58 6.34 -34.67
CA PRO E 213 -35.52 7.35 -34.55
C PRO E 213 -35.85 8.37 -33.48
N LEU E 214 -34.81 8.80 -32.78
CA LEU E 214 -34.95 9.77 -31.68
C LEU E 214 -34.86 11.18 -32.24
N SER E 215 -35.91 11.96 -32.06
CA SER E 215 -35.98 13.33 -32.54
C SER E 215 -35.66 14.30 -31.42
N TYR E 216 -35.48 15.57 -31.80
CA TYR E 216 -35.18 16.61 -30.83
C TYR E 216 -36.37 16.92 -29.93
N ALA E 217 -37.58 16.52 -30.33
CA ALA E 217 -38.76 16.79 -29.51
C ALA E 217 -38.81 15.87 -28.29
N ALA E 218 -38.18 14.69 -28.38
CA ALA E 218 -38.20 13.76 -27.25
C ALA E 218 -37.46 14.33 -26.05
N VAL E 219 -36.31 14.97 -26.29
CA VAL E 219 -35.53 15.57 -25.22
C VAL E 219 -36.15 16.90 -24.83
N GLY E 220 -36.43 17.07 -23.53
CA GLY E 220 -37.03 18.30 -23.05
C GLY E 220 -36.43 18.71 -21.72
N GLY E 221 -36.73 19.94 -21.33
CA GLY E 221 -36.28 20.49 -20.08
C GLY E 221 -34.87 21.05 -20.09
N LEU E 222 -34.16 20.97 -21.21
CA LEU E 222 -32.80 21.47 -21.36
C LEU E 222 -32.69 22.31 -22.63
N ASP E 223 -33.64 23.22 -22.81
CA ASP E 223 -33.72 23.98 -24.06
C ASP E 223 -32.45 24.79 -24.30
N LYS E 224 -31.95 25.48 -23.27
CA LYS E 224 -30.72 26.24 -23.43
C LYS E 224 -29.52 25.34 -23.71
N GLU E 225 -29.41 24.24 -22.96
CA GLU E 225 -28.30 23.32 -23.16
C GLU E 225 -28.37 22.65 -24.52
N ILE E 226 -29.56 22.21 -24.94
CA ILE E 226 -29.67 21.56 -26.24
C ILE E 226 -29.43 22.55 -27.38
N GLU E 227 -29.86 23.81 -27.21
CA GLU E 227 -29.56 24.82 -28.21
C GLU E 227 -28.07 25.10 -28.30
N SER E 228 -27.39 25.16 -27.15
CA SER E 228 -25.95 25.37 -27.15
C SER E 228 -25.23 24.21 -27.83
N LEU E 229 -25.66 22.97 -27.55
CA LEU E 229 -25.07 21.81 -28.20
C LEU E 229 -25.31 21.84 -29.70
N LYS E 230 -26.53 22.19 -30.12
CA LYS E 230 -26.85 22.28 -31.54
C LYS E 230 -25.96 23.32 -32.22
N SER E 231 -25.78 24.48 -31.60
CA SER E 231 -24.93 25.51 -32.19
C SER E 231 -23.48 25.05 -32.28
N ALA E 232 -22.98 24.44 -31.20
CA ALA E 232 -21.59 24.00 -31.16
C ALA E 232 -21.32 22.83 -32.09
N ILE E 233 -22.35 22.10 -32.48
CA ILE E 233 -22.19 21.04 -33.49
C ILE E 233 -22.34 21.59 -34.89
N GLU E 234 -23.25 22.55 -35.09
CA GLU E 234 -23.51 23.06 -36.42
C GLU E 234 -22.39 23.96 -36.92
N ILE E 235 -21.90 24.87 -36.07
CA ILE E 235 -20.96 25.90 -36.55
C ILE E 235 -19.64 25.34 -37.06
N PRO E 236 -18.98 24.38 -36.41
CA PRO E 236 -17.64 23.99 -36.92
C PRO E 236 -17.69 23.07 -38.12
N LEU E 237 -18.85 22.59 -38.53
CA LEU E 237 -18.99 21.68 -39.66
C LEU E 237 -19.42 22.39 -40.94
N HIS E 238 -20.54 23.12 -40.90
CA HIS E 238 -21.05 23.73 -42.12
C HIS E 238 -20.24 24.96 -42.52
N GLN E 239 -19.67 25.67 -41.54
CA GLN E 239 -18.93 26.91 -41.80
C GLN E 239 -17.56 26.84 -41.12
N PRO E 240 -16.63 26.06 -41.68
CA PRO E 240 -15.26 26.10 -41.16
C PRO E 240 -14.42 27.19 -41.83
N THR E 241 -14.86 27.63 -43.01
CA THR E 241 -14.12 28.63 -43.77
C THR E 241 -14.07 29.96 -43.03
N LEU E 242 -15.18 30.34 -42.39
CA LEU E 242 -15.20 31.61 -41.66
C LEU E 242 -14.20 31.59 -40.51
N PHE E 243 -14.15 30.48 -39.76
CA PHE E 243 -13.20 30.39 -38.66
C PHE E 243 -11.76 30.29 -39.16
N SER E 244 -11.54 29.63 -40.30
CA SER E 244 -10.21 29.61 -40.89
C SER E 244 -9.76 31.01 -41.28
N SER E 245 -10.67 31.80 -41.88
CA SER E 245 -10.33 33.16 -42.25
C SER E 245 -10.14 34.05 -41.04
N PHE E 246 -10.84 33.75 -39.93
CA PHE E 246 -10.68 34.54 -38.71
C PHE E 246 -9.31 34.39 -38.09
N GLY E 247 -8.54 33.37 -38.49
CA GLY E 247 -7.22 33.14 -37.96
C GLY E 247 -7.16 32.33 -36.69
N VAL E 248 -8.30 31.83 -36.20
CA VAL E 248 -8.35 31.02 -34.99
C VAL E 248 -8.91 29.64 -35.35
N SER E 249 -8.27 28.61 -34.84
CA SER E 249 -8.72 27.25 -35.11
C SER E 249 -10.07 27.01 -34.45
N PRO E 250 -11.03 26.40 -35.15
CA PRO E 250 -12.32 26.13 -34.54
C PRO E 250 -12.18 25.14 -33.40
N PRO E 251 -13.00 25.25 -32.36
CA PRO E 251 -12.95 24.28 -31.27
C PRO E 251 -13.31 22.88 -31.75
N ARG E 252 -12.63 21.88 -31.18
CA ARG E 252 -12.84 20.50 -31.57
C ARG E 252 -13.32 19.60 -30.44
N GLY E 253 -13.36 20.09 -29.21
CA GLY E 253 -13.75 19.27 -28.09
C GLY E 253 -14.85 19.87 -27.24
N ILE E 254 -15.96 19.15 -27.10
CA ILE E 254 -17.08 19.57 -26.25
C ILE E 254 -17.27 18.50 -25.19
N LEU E 255 -17.28 18.91 -23.92
CA LEU E 255 -17.42 17.99 -22.80
C LEU E 255 -18.82 18.11 -22.23
N LEU E 256 -19.50 16.96 -22.09
CA LEU E 256 -20.84 16.88 -21.52
C LEU E 256 -20.70 16.30 -20.12
N HIS E 257 -20.58 17.19 -19.13
CA HIS E 257 -20.38 16.78 -17.74
C HIS E 257 -21.63 17.09 -16.93
N GLY E 258 -22.04 16.13 -16.11
CA GLY E 258 -23.19 16.28 -15.27
C GLY E 258 -23.51 15.01 -14.49
N PRO E 259 -24.56 15.06 -13.66
CA PRO E 259 -24.94 13.87 -12.92
C PRO E 259 -25.41 12.77 -13.85
N PRO E 260 -25.24 11.50 -13.49
CA PRO E 260 -25.73 10.42 -14.35
C PRO E 260 -27.24 10.44 -14.46
N GLY E 261 -27.73 10.02 -15.62
CA GLY E 261 -29.17 9.94 -15.86
C GLY E 261 -29.82 11.23 -16.32
N THR E 262 -29.05 12.27 -16.64
CA THR E 262 -29.64 13.51 -17.11
C THR E 262 -30.15 13.41 -18.53
N GLY E 263 -29.57 12.54 -19.36
CA GLY E 263 -30.05 12.35 -20.72
C GLY E 263 -29.02 12.63 -21.78
N LYS E 264 -27.73 12.46 -21.46
CA LYS E 264 -26.68 12.66 -22.45
C LYS E 264 -26.75 11.59 -23.53
N THR E 265 -27.32 10.43 -23.22
CA THR E 265 -27.40 9.34 -24.18
C THR E 265 -28.23 9.73 -25.39
N MET E 266 -29.42 10.29 -25.17
CA MET E 266 -30.23 10.73 -26.29
C MET E 266 -29.59 11.91 -27.00
N LEU E 267 -28.85 12.74 -26.26
CA LEU E 267 -28.14 13.83 -26.90
C LEU E 267 -27.17 13.30 -27.95
N LEU E 268 -26.34 12.33 -27.55
CA LEU E 268 -25.39 11.73 -28.49
C LEU E 268 -26.11 11.02 -29.62
N ARG E 269 -27.17 10.26 -29.29
CA ARG E 269 -27.88 9.50 -30.32
C ARG E 269 -28.54 10.44 -31.34
N VAL E 270 -29.12 11.54 -30.87
CA VAL E 270 -29.80 12.46 -31.77
C VAL E 270 -28.79 13.22 -32.63
N VAL E 271 -27.69 13.69 -32.03
CA VAL E 271 -26.70 14.38 -32.84
C VAL E 271 -26.05 13.45 -33.83
N ALA E 272 -26.04 12.14 -33.57
CA ALA E 272 -25.59 11.19 -34.57
C ALA E 272 -26.63 11.00 -35.67
N ASN E 273 -27.90 10.87 -35.29
CA ASN E 273 -28.94 10.52 -36.26
C ASN E 273 -29.26 11.69 -37.18
N THR E 274 -29.42 12.88 -36.63
CA THR E 274 -29.87 14.02 -37.43
C THR E 274 -28.75 14.63 -38.28
N SER E 275 -27.51 14.22 -38.07
CA SER E 275 -26.38 14.74 -38.82
C SER E 275 -26.00 13.76 -39.92
N ASN E 276 -25.99 14.24 -41.16
CA ASN E 276 -25.60 13.41 -42.30
C ASN E 276 -24.10 13.13 -42.32
N ALA E 277 -23.32 13.79 -41.49
CA ALA E 277 -21.89 13.56 -41.44
C ALA E 277 -21.58 12.19 -40.86
N HIS E 278 -20.35 11.73 -41.12
CA HIS E 278 -19.92 10.44 -40.61
C HIS E 278 -19.84 10.46 -39.08
N VAL E 279 -20.16 9.32 -38.47
CA VAL E 279 -20.10 9.17 -37.02
C VAL E 279 -19.33 7.90 -36.69
N LEU E 280 -18.45 7.99 -35.70
CA LEU E 280 -17.68 6.84 -35.23
C LEU E 280 -17.66 6.87 -33.71
N THR E 281 -17.77 5.70 -33.09
CA THR E 281 -17.80 5.58 -31.65
C THR E 281 -16.63 4.74 -31.17
N ILE E 282 -16.18 5.02 -29.95
CA ILE E 282 -15.10 4.29 -29.31
C ILE E 282 -15.71 3.27 -28.36
N ASN E 283 -15.36 2.00 -28.54
CA ASN E 283 -15.92 0.94 -27.70
C ASN E 283 -15.48 1.06 -26.24
N GLY E 284 -14.36 1.74 -25.98
CA GLY E 284 -13.89 1.91 -24.62
C GLY E 284 -12.99 0.77 -24.18
N PRO E 285 -13.46 -0.01 -23.21
CA PRO E 285 -12.65 -1.15 -22.75
C PRO E 285 -12.37 -2.17 -23.83
N SER E 286 -13.28 -2.36 -24.79
CA SER E 286 -13.04 -3.30 -25.87
C SER E 286 -11.88 -2.85 -26.75
N ILE E 287 -11.77 -1.55 -27.00
CA ILE E 287 -10.67 -1.02 -27.80
C ILE E 287 -9.34 -1.25 -27.08
N VAL E 288 -9.31 -1.00 -25.76
CA VAL E 288 -8.10 -1.21 -24.99
C VAL E 288 -7.78 -2.69 -24.93
N SER E 289 -6.54 -3.05 -25.25
CA SER E 289 -6.09 -4.44 -25.28
C SER E 289 -4.80 -4.56 -24.49
N LYS E 290 -4.38 -5.82 -24.29
CA LYS E 290 -3.15 -6.07 -23.55
C LYS E 290 -1.93 -5.58 -24.31
N TYR E 291 -1.97 -5.59 -25.64
CA TYR E 291 -0.86 -5.10 -26.44
C TYR E 291 -0.77 -3.58 -26.32
N LEU E 292 0.44 -3.08 -26.05
CA LEU E 292 0.62 -1.62 -25.91
C LEU E 292 0.37 -0.91 -27.23
N GLY E 293 0.84 -1.47 -28.33
CA GLY E 293 0.68 -0.84 -29.63
C GLY E 293 -0.66 -1.06 -30.31
N GLU E 294 -1.46 -2.01 -29.82
CA GLU E 294 -2.76 -2.26 -30.43
C GLU E 294 -3.69 -1.07 -30.27
N THR E 295 -3.72 -0.47 -29.07
CA THR E 295 -4.56 0.70 -28.84
C THR E 295 -4.10 1.87 -29.70
N GLU E 296 -2.78 2.07 -29.80
CA GLU E 296 -2.26 3.14 -30.64
C GLU E 296 -2.65 2.93 -32.10
N ALA E 297 -2.51 1.71 -32.60
CA ALA E 297 -2.87 1.41 -33.99
C ALA E 297 -4.35 1.63 -34.23
N ALA E 298 -5.20 1.18 -33.29
CA ALA E 298 -6.64 1.36 -33.46
C ALA E 298 -7.02 2.84 -33.45
N LEU E 299 -6.43 3.62 -32.54
CA LEU E 299 -6.73 5.05 -32.50
C LEU E 299 -6.27 5.75 -33.76
N ARG E 300 -5.07 5.41 -34.25
CA ARG E 300 -4.58 6.01 -35.48
C ARG E 300 -5.46 5.64 -36.66
N ASP E 301 -5.90 4.38 -36.73
CA ASP E 301 -6.77 3.95 -37.83
C ASP E 301 -8.10 4.65 -37.79
N ILE E 302 -8.71 4.80 -36.61
CA ILE E 302 -10.01 5.44 -36.52
C ILE E 302 -9.88 6.93 -36.82
N PHE E 303 -8.79 7.57 -36.40
CA PHE E 303 -8.58 8.97 -36.72
C PHE E 303 -8.36 9.17 -38.23
N ASN E 304 -7.60 8.27 -38.86
CA ASN E 304 -7.41 8.36 -40.30
C ASN E 304 -8.72 8.15 -41.05
N GLU E 305 -9.54 7.21 -40.58
CA GLU E 305 -10.85 6.98 -41.20
C GLU E 305 -11.74 8.21 -41.06
N ALA E 306 -11.73 8.85 -39.88
CA ALA E 306 -12.52 10.05 -39.68
C ALA E 306 -12.02 11.19 -40.58
N ARG E 307 -10.70 11.33 -40.71
CA ARG E 307 -10.14 12.40 -41.52
C ARG E 307 -10.26 12.15 -43.01
N LYS E 308 -10.46 10.90 -43.43
CA LYS E 308 -10.57 10.60 -44.86
C LYS E 308 -11.79 11.28 -45.47
N TYR E 309 -12.92 11.24 -44.77
CA TYR E 309 -14.12 11.94 -45.19
C TYR E 309 -14.21 13.26 -44.44
N GLN E 310 -14.44 14.35 -45.19
CA GLN E 310 -14.48 15.67 -44.56
C GLN E 310 -15.56 15.77 -43.49
N PRO E 311 -16.85 15.44 -43.75
CA PRO E 311 -17.85 15.51 -42.67
C PRO E 311 -17.81 14.24 -41.83
N SER E 312 -17.32 14.39 -40.59
CA SER E 312 -17.20 13.25 -39.69
C SER E 312 -17.17 13.74 -38.25
N ILE E 313 -17.78 12.96 -37.36
CA ILE E 313 -17.79 13.24 -35.93
C ILE E 313 -17.36 11.98 -35.19
N ILE E 314 -16.83 12.18 -33.99
CA ILE E 314 -16.28 11.09 -33.18
C ILE E 314 -16.94 11.13 -31.81
N PHE E 315 -17.40 9.98 -31.34
CA PHE E 315 -18.00 9.83 -30.01
C PHE E 315 -17.06 9.06 -29.09
N ILE E 316 -16.89 9.57 -27.88
CA ILE E 316 -16.11 8.89 -26.84
C ILE E 316 -17.03 8.76 -25.62
N ASP E 317 -17.26 7.53 -25.18
CA ASP E 317 -18.13 7.27 -24.05
C ASP E 317 -17.32 6.94 -22.81
N GLU E 318 -17.70 7.53 -21.68
CA GLU E 318 -17.02 7.34 -20.41
C GLU E 318 -15.54 7.71 -20.52
N ILE E 319 -15.29 8.98 -20.84
CA ILE E 319 -13.92 9.46 -20.97
C ILE E 319 -13.20 9.42 -19.63
N ASP E 320 -13.95 9.53 -18.52
CA ASP E 320 -13.32 9.48 -17.20
C ASP E 320 -12.63 8.14 -16.96
N SER E 321 -13.30 7.03 -17.33
CA SER E 321 -12.69 5.72 -17.17
C SER E 321 -11.54 5.53 -18.14
N ILE E 322 -11.69 5.99 -19.38
CA ILE E 322 -10.62 5.85 -20.37
C ILE E 322 -9.45 6.77 -20.03
N ALA E 323 -9.74 7.99 -19.59
CA ALA E 323 -8.72 9.00 -19.30
C ALA E 323 -8.93 9.51 -17.88
N PRO E 324 -8.45 8.78 -16.89
CA PRO E 324 -8.57 9.23 -15.49
C PRO E 324 -7.48 10.24 -15.16
N ASN E 325 -7.49 10.69 -13.91
CA ASN E 325 -6.52 11.68 -13.45
C ASN E 325 -5.15 11.02 -13.26
N ARG E 326 -4.15 11.53 -13.97
CA ARG E 326 -2.80 10.99 -13.84
C ARG E 326 -2.22 11.27 -12.46
N ALA E 327 -2.49 12.45 -11.90
CA ALA E 327 -1.99 12.78 -10.57
C ALA E 327 -2.63 11.88 -9.50
N ASN E 328 -3.94 11.64 -9.62
CA ASN E 328 -4.63 10.82 -8.62
C ASN E 328 -4.19 9.37 -8.69
N ASP E 329 -4.14 8.80 -9.89
CA ASP E 329 -3.75 7.41 -10.10
C ASP E 329 -2.51 7.37 -10.99
N ASP E 330 -1.44 6.80 -10.47
CA ASP E 330 -0.17 6.72 -11.19
C ASP E 330 -0.11 5.41 -12.00
N SER E 331 -1.00 5.33 -12.98
CA SER E 331 -1.07 4.18 -13.88
C SER E 331 -0.68 4.63 -15.27
N GLY E 332 0.29 3.94 -15.86
CA GLY E 332 0.76 4.29 -17.19
C GLY E 332 0.68 3.15 -18.18
N GLU E 333 0.15 2.01 -17.74
CA GLU E 333 0.06 0.85 -18.62
C GLU E 333 -0.91 1.09 -19.77
N VAL E 334 -2.12 1.56 -19.46
CA VAL E 334 -3.15 1.78 -20.48
C VAL E 334 -3.76 3.15 -20.33
N GLU E 335 -3.21 3.97 -19.43
CA GLU E 335 -3.76 5.28 -19.13
C GLU E 335 -2.90 6.43 -19.63
N SER E 336 -1.62 6.46 -19.25
CA SER E 336 -0.76 7.57 -19.65
C SER E 336 -0.55 7.60 -21.16
N ARG E 337 -0.29 6.43 -21.76
CA ARG E 337 -0.06 6.37 -23.20
C ARG E 337 -1.30 6.78 -23.97
N VAL E 338 -2.48 6.31 -23.54
CA VAL E 338 -3.72 6.65 -24.23
C VAL E 338 -3.99 8.15 -24.13
N VAL E 339 -3.79 8.74 -22.95
CA VAL E 339 -4.01 10.17 -22.79
C VAL E 339 -3.04 10.96 -23.66
N ALA E 340 -1.76 10.56 -23.66
CA ALA E 340 -0.76 11.27 -24.45
C ALA E 340 -1.07 11.20 -25.94
N THR E 341 -1.43 10.02 -26.43
CA THR E 341 -1.71 9.89 -27.86
C THR E 341 -3.01 10.60 -28.24
N LEU E 342 -4.00 10.63 -27.34
CA LEU E 342 -5.21 11.40 -27.61
C LEU E 342 -4.91 12.88 -27.69
N LEU E 343 -4.07 13.39 -26.78
CA LEU E 343 -3.69 14.80 -26.83
C LEU E 343 -2.92 15.11 -28.11
N THR E 344 -2.01 14.21 -28.51
CA THR E 344 -1.24 14.42 -29.73
C THR E 344 -2.15 14.43 -30.95
N LEU E 345 -3.11 13.51 -31.01
CA LEU E 345 -4.04 13.47 -32.14
C LEU E 345 -4.91 14.71 -32.18
N MET E 346 -5.39 15.16 -31.01
CA MET E 346 -6.21 16.37 -30.97
C MET E 346 -5.42 17.59 -31.42
N ASP E 347 -4.15 17.68 -31.00
CA ASP E 347 -3.33 18.81 -31.41
C ASP E 347 -2.98 18.74 -32.89
N GLY E 348 -2.99 17.54 -33.47
CA GLY E 348 -2.64 17.38 -34.87
C GLY E 348 -3.74 17.62 -35.87
N MET E 349 -4.97 17.84 -35.40
CA MET E 349 -6.09 18.10 -36.30
C MET E 349 -5.93 19.47 -36.96
N GLY E 350 -6.15 19.51 -38.27
CA GLY E 350 -6.02 20.76 -39.00
C GLY E 350 -7.24 21.64 -38.85
N ALA E 351 -7.02 22.95 -39.10
CA ALA E 351 -8.12 23.90 -39.02
C ALA E 351 -9.14 23.68 -40.13
N ALA E 352 -8.68 23.34 -41.33
CA ALA E 352 -9.60 23.13 -42.45
C ALA E 352 -10.51 21.94 -42.20
N GLY E 353 -9.97 20.86 -41.64
CA GLY E 353 -10.76 19.67 -41.38
C GLY E 353 -11.92 19.91 -40.45
N LYS E 354 -13.12 19.49 -40.87
CA LYS E 354 -14.33 19.67 -40.07
C LYS E 354 -14.62 18.38 -39.30
N VAL E 355 -13.74 18.08 -38.35
CA VAL E 355 -13.85 16.90 -37.49
C VAL E 355 -13.95 17.37 -36.06
N VAL E 356 -14.97 16.90 -35.34
CA VAL E 356 -15.21 17.29 -33.96
C VAL E 356 -15.34 16.03 -33.11
N VAL E 357 -14.79 16.08 -31.89
CA VAL E 357 -14.83 14.97 -30.96
C VAL E 357 -15.51 15.45 -29.68
N ILE E 358 -16.53 14.72 -29.23
CA ILE E 358 -17.27 15.07 -28.04
C ILE E 358 -17.30 13.86 -27.10
N ALA E 359 -17.16 14.11 -25.81
CA ALA E 359 -17.15 13.07 -24.80
C ALA E 359 -18.01 13.49 -23.62
N ALA E 360 -18.51 12.49 -22.90
CA ALA E 360 -19.37 12.71 -21.73
C ALA E 360 -18.72 12.06 -20.51
N THR E 361 -18.71 12.79 -19.39
CA THR E 361 -18.15 12.31 -18.15
C THR E 361 -19.12 12.56 -17.00
N ASN E 362 -19.08 11.67 -16.01
CA ASN E 362 -19.95 11.85 -14.84
C ASN E 362 -19.43 12.95 -13.92
N ARG E 363 -18.13 13.00 -13.70
CA ARG E 363 -17.52 13.98 -12.80
C ARG E 363 -16.37 14.66 -13.52
N PRO E 364 -16.34 15.99 -13.61
CA PRO E 364 -15.22 16.67 -14.28
C PRO E 364 -13.96 16.74 -13.42
N ASN E 365 -14.08 16.67 -12.10
CA ASN E 365 -12.90 16.75 -11.24
C ASN E 365 -11.97 15.56 -11.45
N SER E 366 -12.54 14.36 -11.58
CA SER E 366 -11.73 13.16 -11.77
C SER E 366 -11.05 13.13 -13.13
N VAL E 367 -11.49 13.96 -14.08
CA VAL E 367 -10.87 14.00 -15.39
C VAL E 367 -9.46 14.60 -15.28
N ASP E 368 -8.55 14.09 -16.09
CA ASP E 368 -7.17 14.60 -16.09
C ASP E 368 -7.17 16.08 -16.45
N PRO E 369 -6.39 16.90 -15.76
CA PRO E 369 -6.40 18.35 -16.05
C PRO E 369 -5.75 18.69 -17.38
N ALA E 370 -4.95 17.79 -17.96
CA ALA E 370 -4.43 18.02 -19.30
C ALA E 370 -5.57 18.07 -20.32
N LEU E 371 -6.53 17.15 -20.21
CA LEU E 371 -7.71 17.19 -21.06
C LEU E 371 -8.57 18.41 -20.72
N ARG E 372 -8.69 18.73 -19.44
CA ARG E 372 -9.52 19.86 -19.01
C ARG E 372 -8.90 21.21 -19.37
N ARG E 373 -7.64 21.23 -19.82
CA ARG E 373 -7.03 22.48 -20.23
C ARG E 373 -7.79 23.06 -21.43
N PRO E 374 -8.09 24.35 -21.43
CA PRO E 374 -8.90 24.91 -22.52
C PRO E 374 -8.13 25.05 -23.83
N GLY E 375 -7.52 23.96 -24.27
CA GLY E 375 -6.85 23.92 -25.56
C GLY E 375 -7.32 22.74 -26.39
N ARG E 376 -7.93 21.75 -25.73
CA ARG E 376 -8.43 20.57 -26.42
C ARG E 376 -9.90 20.34 -26.08
N PHE E 377 -10.32 20.78 -24.89
CA PHE E 377 -11.69 20.65 -24.42
C PHE E 377 -12.17 21.98 -23.84
N ASP E 378 -11.89 23.07 -24.55
CA ASP E 378 -12.29 24.39 -24.08
C ASP E 378 -13.81 24.52 -24.00
N GLN E 379 -14.52 24.01 -25.00
CA GLN E 379 -15.97 24.04 -24.99
C GLN E 379 -16.51 22.98 -24.03
N GLU E 380 -17.40 23.41 -23.13
CA GLU E 380 -17.98 22.52 -22.14
C GLU E 380 -19.47 22.78 -22.04
N VAL E 381 -20.25 21.72 -21.99
CA VAL E 381 -21.71 21.79 -21.82
C VAL E 381 -22.03 21.23 -20.45
N GLU E 382 -22.66 22.06 -19.61
CA GLU E 382 -22.99 21.69 -18.24
C GLU E 382 -24.48 21.42 -18.14
N ILE E 383 -24.83 20.25 -17.61
CA ILE E 383 -26.22 19.86 -17.39
C ILE E 383 -26.40 19.66 -15.88
N GLY E 384 -27.31 20.43 -15.29
CA GLY E 384 -27.60 20.36 -13.88
C GLY E 384 -28.92 19.68 -13.58
N ILE E 385 -29.34 19.79 -12.33
CA ILE E 385 -30.61 19.22 -11.88
C ILE E 385 -31.74 20.08 -12.43
N PRO E 386 -32.65 19.50 -13.23
CA PRO E 386 -33.78 20.28 -13.74
C PRO E 386 -34.67 20.78 -12.63
N ASP E 387 -35.26 21.96 -12.84
CA ASP E 387 -36.17 22.56 -11.87
C ASP E 387 -37.56 21.95 -12.04
N VAL E 388 -38.55 22.55 -11.39
CA VAL E 388 -39.92 22.03 -11.46
C VAL E 388 -40.47 22.13 -12.87
N ASP E 389 -40.22 23.27 -13.53
CA ASP E 389 -40.75 23.47 -14.88
C ASP E 389 -40.16 22.48 -15.88
N ALA E 390 -38.86 22.23 -15.80
CA ALA E 390 -38.22 21.30 -16.73
C ALA E 390 -38.74 19.87 -16.51
N ARG E 391 -38.87 19.49 -15.24
CA ARG E 391 -39.41 18.14 -14.89
C ARG E 391 -40.82 18.03 -15.46
N PHE E 392 -41.64 19.05 -15.24
CA PHE E 392 -43.02 19.05 -15.73
C PHE E 392 -43.06 18.92 -17.25
N ASP E 393 -42.17 19.64 -17.95
CA ASP E 393 -42.10 19.53 -19.39
C ASP E 393 -41.72 18.13 -19.84
N ILE E 394 -40.74 17.52 -19.16
CA ILE E 394 -40.33 16.16 -19.51
C ILE E 394 -41.47 15.18 -19.30
N LEU E 395 -42.17 15.30 -18.16
CA LEU E 395 -43.30 14.40 -17.91
C LEU E 395 -44.41 14.59 -18.93
N THR E 396 -44.71 15.84 -19.30
CA THR E 396 -45.74 16.08 -20.30
C THR E 396 -45.33 15.49 -21.65
N LYS E 397 -44.06 15.64 -22.03
CA LYS E 397 -43.59 15.06 -23.28
C LYS E 397 -43.69 13.54 -23.25
N GLN E 398 -43.33 12.92 -22.14
CA GLN E 398 -43.41 11.47 -22.02
C GLN E 398 -44.86 10.99 -22.13
N PHE E 399 -45.77 11.70 -21.46
CA PHE E 399 -47.17 11.30 -21.50
C PHE E 399 -47.77 11.53 -22.88
N SER E 400 -47.35 12.61 -23.56
CA SER E 400 -47.81 12.83 -24.92
C SER E 400 -47.32 11.74 -25.86
N ARG E 401 -46.07 11.29 -25.69
CA ARG E 401 -45.56 10.19 -26.49
C ARG E 401 -46.34 8.90 -26.20
N MET E 402 -46.64 8.65 -24.93
CA MET E 402 -47.45 7.49 -24.56
C MET E 402 -48.87 7.59 -25.11
N SER E 403 -49.37 8.80 -25.33
CA SER E 403 -50.67 9.10 -25.92
C SER E 403 -51.81 8.81 -24.95
N SER E 404 -52.90 9.57 -25.08
CA SER E 404 -54.02 9.51 -24.15
C SER E 404 -54.89 8.27 -24.34
N ASP E 405 -54.64 7.47 -25.38
CA ASP E 405 -55.42 6.26 -25.58
C ASP E 405 -55.16 5.21 -24.50
N ARG E 406 -54.10 5.36 -23.71
CA ARG E 406 -53.77 4.40 -22.66
C ARG E 406 -53.80 5.01 -21.26
N HIS E 407 -54.05 6.31 -21.13
CA HIS E 407 -54.09 6.94 -19.81
C HIS E 407 -54.92 8.22 -19.90
N VAL E 408 -55.45 8.64 -18.76
CA VAL E 408 -56.17 9.90 -18.64
C VAL E 408 -55.59 10.68 -17.46
N LEU E 409 -55.13 11.90 -17.72
CA LEU E 409 -54.58 12.77 -16.70
C LEU E 409 -54.69 14.22 -17.18
N ASP E 410 -54.76 15.13 -16.23
CA ASP E 410 -54.83 16.56 -16.54
C ASP E 410 -53.49 17.23 -16.22
N SER E 411 -53.39 18.51 -16.59
CA SER E 411 -52.16 19.24 -16.34
C SER E 411 -51.90 19.45 -14.86
N GLU E 412 -52.97 19.54 -14.06
CA GLU E 412 -52.80 19.73 -12.62
C GLU E 412 -52.09 18.53 -12.00
N ALA E 413 -52.45 17.32 -12.43
CA ALA E 413 -51.81 16.12 -11.90
C ALA E 413 -50.32 16.09 -12.24
N ILE E 414 -49.99 16.45 -13.48
CA ILE E 414 -48.58 16.46 -13.90
C ILE E 414 -47.81 17.52 -13.11
N LYS E 415 -48.41 18.69 -12.91
CA LYS E 415 -47.76 19.72 -12.12
C LYS E 415 -47.53 19.29 -10.69
N TYR E 416 -48.52 18.61 -10.09
CA TYR E 416 -48.36 18.11 -8.73
C TYR E 416 -47.26 17.05 -8.66
N ILE E 417 -47.21 16.17 -9.65
CA ILE E 417 -46.16 15.16 -9.69
C ILE E 417 -44.79 15.81 -9.80
N ALA E 418 -44.66 16.81 -10.67
CA ALA E 418 -43.38 17.52 -10.81
C ALA E 418 -43.00 18.22 -9.52
N SER E 419 -43.97 18.81 -8.83
CA SER E 419 -43.69 19.43 -7.54
C SER E 419 -43.26 18.40 -6.51
N LYS E 420 -43.93 17.24 -6.55
CA LYS E 420 -43.69 16.12 -5.61
C LYS E 420 -42.36 15.44 -5.96
N THR E 421 -41.87 15.68 -7.18
CA THR E 421 -40.57 15.08 -7.59
C THR E 421 -39.47 16.12 -7.37
N HIS E 422 -38.66 15.92 -6.34
CA HIS E 422 -37.53 16.84 -6.02
C HIS E 422 -36.24 16.04 -6.19
N GLY E 423 -36.30 14.73 -5.93
CA GLY E 423 -35.14 13.89 -6.11
C GLY E 423 -35.06 13.16 -7.42
N TYR E 424 -36.21 12.69 -7.92
CA TYR E 424 -36.23 11.93 -9.15
C TYR E 424 -35.85 12.80 -10.34
N VAL E 425 -35.08 12.23 -11.26
CA VAL E 425 -34.63 12.93 -12.46
C VAL E 425 -34.26 11.91 -13.53
N GLY E 426 -34.71 12.17 -14.76
CA GLY E 426 -34.30 11.39 -15.91
C GLY E 426 -34.59 9.90 -15.84
N ALA E 427 -33.53 9.12 -15.67
CA ALA E 427 -33.69 7.67 -15.51
C ALA E 427 -34.59 7.35 -14.32
N ASP E 428 -34.56 8.19 -13.28
CA ASP E 428 -35.49 8.01 -12.17
C ASP E 428 -36.93 8.22 -12.63
N LEU E 429 -37.16 9.21 -13.48
CA LEU E 429 -38.51 9.42 -14.03
C LEU E 429 -38.95 8.22 -14.87
N THR E 430 -38.06 7.68 -15.69
CA THR E 430 -38.40 6.51 -16.50
C THR E 430 -38.71 5.31 -15.62
N ALA E 431 -37.91 5.12 -14.56
CA ALA E 431 -38.17 4.03 -13.63
C ALA E 431 -39.49 4.23 -12.90
N LEU E 432 -39.83 5.47 -12.55
CA LEU E 432 -41.11 5.75 -11.90
C LEU E 432 -42.27 5.41 -12.83
N CYS E 433 -42.17 5.80 -14.10
CA CYS E 433 -43.22 5.46 -15.06
C CYS E 433 -43.35 3.96 -15.25
N ARG E 434 -42.21 3.26 -15.35
CA ARG E 434 -42.25 1.80 -15.51
C ARG E 434 -42.84 1.13 -14.29
N GLU E 435 -42.49 1.61 -13.08
CA GLU E 435 -43.05 1.05 -11.87
C GLU E 435 -44.54 1.31 -11.76
N SER E 436 -44.99 2.50 -12.21
CA SER E 436 -46.42 2.78 -12.22
C SER E 436 -47.15 1.84 -13.17
N VAL E 437 -46.57 1.58 -14.35
CA VAL E 437 -47.18 0.63 -15.28
C VAL E 437 -47.23 -0.76 -14.67
N MET E 438 -46.13 -1.17 -14.01
CA MET E 438 -46.09 -2.47 -13.36
C MET E 438 -47.15 -2.60 -12.28
N LYS E 439 -47.30 -1.57 -11.45
CA LYS E 439 -48.29 -1.60 -10.39
C LYS E 439 -49.70 -1.63 -10.95
N THR E 440 -49.96 -0.88 -12.01
CA THR E 440 -51.28 -0.90 -12.64
C THR E 440 -51.59 -2.28 -13.20
N ILE E 441 -50.63 -2.91 -13.86
CA ILE E 441 -50.84 -4.25 -14.41
C ILE E 441 -51.09 -5.25 -13.28
N GLN E 442 -50.29 -5.17 -12.21
CA GLN E 442 -50.46 -6.09 -11.09
C GLN E 442 -51.83 -5.92 -10.45
N ARG E 443 -52.26 -4.68 -10.24
CA ARG E 443 -53.58 -4.44 -9.66
C ARG E 443 -54.69 -4.97 -10.57
N GLY E 444 -54.56 -4.74 -11.88
CA GLY E 444 -55.58 -5.22 -12.81
C GLY E 444 -55.68 -6.74 -12.79
N LEU E 445 -54.54 -7.42 -12.85
CA LEU E 445 -54.57 -8.88 -12.79
C LEU E 445 -55.09 -9.40 -11.45
N GLY E 446 -54.71 -8.75 -10.34
CA GLY E 446 -55.17 -9.21 -9.04
C GLY E 446 -56.67 -9.02 -8.84
N THR E 447 -57.21 -7.91 -9.33
CA THR E 447 -58.62 -7.59 -9.06
C THR E 447 -59.54 -8.11 -10.15
N ASP E 448 -59.35 -7.67 -11.39
CA ASP E 448 -60.28 -7.94 -12.47
C ASP E 448 -60.02 -9.27 -13.19
N ALA E 449 -58.96 -9.99 -12.81
CA ALA E 449 -58.65 -11.31 -13.35
C ALA E 449 -58.49 -11.28 -14.87
N ASN E 450 -57.44 -10.57 -15.31
CA ASN E 450 -57.05 -10.51 -16.71
C ASN E 450 -58.14 -9.87 -17.57
N ILE E 451 -58.51 -8.64 -17.20
CA ILE E 451 -59.46 -7.86 -17.98
C ILE E 451 -58.68 -7.09 -19.05
N ASP E 452 -59.38 -6.56 -20.03
CA ASP E 452 -58.74 -5.72 -21.05
C ASP E 452 -58.12 -4.49 -20.40
N LYS E 453 -56.92 -4.13 -20.86
CA LYS E 453 -56.16 -3.05 -20.27
C LYS E 453 -56.58 -1.68 -20.78
N PHE E 454 -57.53 -1.62 -21.72
CA PHE E 454 -57.99 -0.33 -22.23
C PHE E 454 -58.68 0.48 -21.13
N SER E 455 -59.52 -0.18 -20.33
CA SER E 455 -60.29 0.52 -19.30
C SER E 455 -59.45 0.87 -18.08
N LEU E 456 -58.40 0.09 -17.80
CA LEU E 456 -57.61 0.31 -16.59
C LEU E 456 -56.92 1.68 -16.62
N LYS E 457 -56.20 1.96 -17.69
CA LYS E 457 -55.50 3.24 -17.89
C LYS E 457 -54.52 3.46 -16.74
N VAL E 458 -54.23 4.71 -16.40
CA VAL E 458 -53.30 5.06 -15.34
C VAL E 458 -54.00 6.00 -14.37
N THR E 459 -53.87 5.72 -13.08
CA THR E 459 -54.50 6.52 -12.04
C THR E 459 -53.44 7.23 -11.21
N LEU E 460 -53.83 8.37 -10.62
CA LEU E 460 -52.90 9.15 -9.81
C LEU E 460 -52.49 8.40 -8.56
N LYS E 461 -53.41 7.65 -7.94
CA LYS E 461 -53.08 6.91 -6.73
C LYS E 461 -52.00 5.86 -6.99
N ASP E 462 -52.09 5.17 -8.12
CA ASP E 462 -51.07 4.17 -8.45
C ASP E 462 -49.72 4.84 -8.69
N VAL E 463 -49.70 6.00 -9.33
CA VAL E 463 -48.46 6.73 -9.55
C VAL E 463 -47.85 7.14 -8.22
N GLU E 464 -48.68 7.64 -7.30
CA GLU E 464 -48.19 8.02 -5.98
C GLU E 464 -47.64 6.81 -5.23
N SER E 465 -48.33 5.67 -5.33
CA SER E 465 -47.84 4.45 -4.67
C SER E 465 -46.50 4.02 -5.23
N ALA E 466 -46.34 4.07 -6.56
CA ALA E 466 -45.05 3.75 -7.16
C ALA E 466 -43.96 4.72 -6.72
N MET E 467 -44.30 6.01 -6.65
CA MET E 467 -43.34 7.01 -6.20
C MET E 467 -42.89 6.75 -4.77
N VAL E 468 -43.82 6.38 -3.90
CA VAL E 468 -43.47 6.03 -2.53
C VAL E 468 -42.60 4.78 -2.50
N ASP E 469 -42.94 3.77 -3.32
CA ASP E 469 -42.19 2.53 -3.32
C ASP E 469 -40.75 2.73 -3.77
N ILE E 470 -40.54 3.52 -4.82
CA ILE E 470 -39.21 3.74 -5.35
C ILE E 470 -38.57 4.93 -4.63
N ARG E 471 -37.25 5.03 -4.75
CA ARG E 471 -36.50 6.10 -4.11
C ARG E 471 -35.58 6.78 -5.12
N PRO E 472 -35.34 8.07 -4.96
CA PRO E 472 -34.47 8.78 -5.91
C PRO E 472 -33.03 8.29 -5.83
N SER E 473 -32.36 8.32 -6.98
CA SER E 473 -30.95 7.96 -7.08
C SER E 473 -30.03 9.16 -6.99
N ALA E 474 -30.57 10.39 -6.95
CA ALA E 474 -29.78 11.60 -6.90
C ALA E 474 -30.10 12.43 -5.67
N MET E 475 -30.43 11.76 -4.55
CA MET E 475 -30.75 12.48 -3.32
C MET E 475 -29.53 13.24 -2.79
N ARG E 476 -28.36 12.63 -2.89
CA ARG E 476 -27.11 13.25 -2.41
C ARG E 476 -26.70 14.31 -3.42
N GLU E 477 -27.22 15.53 -3.23
CA GLU E 477 -26.90 16.66 -4.08
C GLU E 477 -26.27 17.76 -3.24
N ILE E 478 -25.18 18.33 -3.73
CA ILE E 478 -24.51 19.41 -3.00
C ILE E 478 -25.42 20.63 -2.91
N PHE E 479 -26.09 20.98 -4.00
CA PHE E 479 -27.04 22.08 -4.02
C PHE E 479 -28.45 21.53 -4.00
N LEU E 480 -29.30 22.11 -3.15
CA LEU E 480 -30.67 21.65 -2.97
C LEU E 480 -31.63 22.73 -3.44
N GLU E 481 -32.62 22.33 -4.24
CA GLU E 481 -33.64 23.26 -4.74
C GLU E 481 -34.83 23.21 -3.79
N MET E 482 -34.90 24.20 -2.90
CA MET E 482 -35.99 24.26 -1.93
C MET E 482 -37.31 24.52 -2.65
N PRO E 483 -38.40 23.84 -2.25
CA PRO E 483 -39.71 24.13 -2.84
C PRO E 483 -40.11 25.58 -2.62
N LYS E 484 -40.81 26.13 -3.62
CA LYS E 484 -41.18 27.54 -3.61
C LYS E 484 -42.16 27.85 -2.48
N VAL E 485 -42.00 29.02 -1.88
CA VAL E 485 -42.87 29.48 -0.81
C VAL E 485 -43.20 30.95 -1.07
N TYR E 486 -44.46 31.32 -0.82
CA TYR E 486 -44.93 32.67 -1.07
C TYR E 486 -44.72 33.56 0.15
N TRP E 487 -44.89 34.87 -0.06
CA TRP E 487 -44.72 35.82 1.03
C TRP E 487 -45.86 35.77 2.03
N SER E 488 -47.04 35.34 1.60
CA SER E 488 -48.20 35.30 2.50
C SER E 488 -48.00 34.27 3.61
N ASP E 489 -47.14 33.28 3.38
CA ASP E 489 -46.88 32.27 4.39
C ASP E 489 -46.20 32.88 5.62
N ILE E 490 -45.25 33.79 5.41
CA ILE E 490 -44.53 34.40 6.52
C ILE E 490 -45.46 35.24 7.38
N GLY E 491 -46.22 36.13 6.75
CA GLY E 491 -47.10 37.02 7.48
C GLY E 491 -46.36 37.91 8.46
N GLY E 492 -45.23 38.46 8.04
CA GLY E 492 -44.36 39.22 8.91
C GLY E 492 -44.80 40.66 9.06
N GLN E 493 -43.92 41.45 9.68
CA GLN E 493 -44.16 42.86 9.94
C GLN E 493 -44.05 43.74 8.70
N GLU E 494 -43.61 43.16 7.58
CA GLU E 494 -43.40 43.83 6.30
C GLU E 494 -42.17 44.73 6.34
N GLU E 495 -41.60 44.94 7.53
CA GLU E 495 -40.35 45.70 7.62
C GLU E 495 -39.16 44.83 7.29
N LEU E 496 -39.14 43.59 7.80
CA LEU E 496 -38.12 42.64 7.36
C LEU E 496 -38.30 42.30 5.88
N LYS E 497 -39.55 42.23 5.43
CA LYS E 497 -39.81 42.01 4.01
C LYS E 497 -39.26 43.14 3.16
N THR E 498 -39.49 44.39 3.59
CA THR E 498 -38.95 45.54 2.86
C THR E 498 -37.42 45.53 2.87
N LYS E 499 -36.82 45.19 4.02
CA LYS E 499 -35.37 45.12 4.09
C LYS E 499 -34.83 44.08 3.12
N MET E 500 -35.44 42.89 3.10
CA MET E 500 -35.00 41.85 2.17
C MET E 500 -35.18 42.27 0.73
N LYS E 501 -36.30 42.94 0.43
CA LYS E 501 -36.61 43.27 -0.96
C LYS E 501 -35.75 44.42 -1.48
N GLU E 502 -35.29 45.32 -0.61
CA GLU E 502 -34.50 46.45 -1.09
C GLU E 502 -33.16 46.62 -0.36
N MET E 503 -32.55 45.51 0.06
CA MET E 503 -31.10 45.52 0.31
C MET E 503 -30.34 44.79 -0.79
N ILE E 504 -30.69 43.53 -1.05
CA ILE E 504 -29.91 42.71 -1.99
C ILE E 504 -30.42 42.78 -3.42
N GLN E 505 -31.60 43.38 -3.65
CA GLN E 505 -32.08 43.52 -5.02
C GLN E 505 -31.28 44.55 -5.80
N LEU E 506 -30.81 45.60 -5.12
CA LEU E 506 -30.09 46.67 -5.80
C LEU E 506 -28.83 46.18 -6.52
N PRO E 507 -27.93 45.40 -5.90
CA PRO E 507 -26.78 44.90 -6.67
C PRO E 507 -27.16 43.98 -7.81
N LEU E 508 -28.32 43.32 -7.75
CA LEU E 508 -28.71 42.38 -8.79
C LEU E 508 -29.20 43.08 -10.06
N GLU E 509 -29.89 44.20 -9.91
CA GLU E 509 -30.55 44.86 -11.03
C GLU E 509 -29.98 46.22 -11.39
N ALA E 510 -29.54 47.00 -10.40
CA ALA E 510 -29.03 48.36 -10.61
C ALA E 510 -27.52 48.39 -10.65
N SER E 511 -26.90 47.37 -11.26
CA SER E 511 -25.44 47.36 -11.38
C SER E 511 -24.95 48.55 -12.21
N GLU E 512 -25.68 48.94 -13.24
CA GLU E 512 -25.31 50.10 -14.03
C GLU E 512 -25.36 51.37 -13.20
N THR E 513 -26.40 51.52 -12.37
CA THR E 513 -26.48 52.68 -11.50
C THR E 513 -25.35 52.69 -10.47
N PHE E 514 -25.02 51.51 -9.92
CA PHE E 514 -23.91 51.42 -8.98
C PHE E 514 -22.60 51.81 -9.64
N ALA E 515 -22.36 51.35 -10.86
CA ALA E 515 -21.14 51.70 -11.58
C ALA E 515 -21.10 53.20 -11.87
N ARG E 516 -22.24 53.79 -12.24
CA ARG E 516 -22.30 55.22 -12.48
C ARG E 516 -21.98 56.01 -11.22
N LEU E 517 -22.57 55.61 -10.09
CA LEU E 517 -22.31 56.31 -8.83
C LEU E 517 -20.97 55.93 -8.22
N GLY E 518 -20.53 54.68 -8.41
CA GLY E 518 -19.27 54.25 -7.86
C GLY E 518 -19.40 53.27 -6.72
N ILE E 519 -18.67 53.52 -5.62
CA ILE E 519 -18.61 52.72 -4.40
C ILE E 519 -18.56 51.22 -4.70
N SER E 520 -18.92 50.40 -3.71
CA SER E 520 -18.89 48.95 -3.85
C SER E 520 -20.19 48.37 -3.30
N ALA E 521 -20.58 47.23 -3.85
CA ALA E 521 -21.78 46.55 -3.39
C ALA E 521 -21.56 45.98 -1.99
N PRO E 522 -22.64 45.85 -1.21
CA PRO E 522 -22.49 45.24 0.13
C PRO E 522 -21.94 43.83 0.09
N LYS E 523 -22.30 43.04 -0.92
CA LYS E 523 -21.81 41.68 -1.17
C LYS E 523 -21.78 40.82 0.09
N GLY E 524 -22.73 41.04 1.00
CA GLY E 524 -22.80 40.25 2.21
C GLY E 524 -23.94 40.64 3.13
N VAL E 525 -24.67 39.65 3.63
CA VAL E 525 -25.78 39.87 4.54
C VAL E 525 -25.67 38.86 5.67
N LEU E 526 -25.76 39.34 6.91
CA LEU E 526 -25.69 38.48 8.09
C LEU E 526 -27.08 38.33 8.70
N LEU E 527 -27.47 37.08 8.97
CA LEU E 527 -28.77 36.76 9.53
C LEU E 527 -28.55 36.14 10.92
N TYR E 528 -28.64 36.98 11.95
CA TYR E 528 -28.47 36.57 13.33
C TYR E 528 -29.67 36.99 14.15
N GLY E 529 -30.05 36.16 15.12
CA GLY E 529 -31.17 36.43 15.97
C GLY E 529 -31.57 35.26 16.84
N PRO E 530 -32.76 35.33 17.42
CA PRO E 530 -33.23 34.25 18.30
C PRO E 530 -33.38 32.94 17.54
N PRO E 531 -33.18 31.81 18.21
CA PRO E 531 -33.36 30.52 17.54
C PRO E 531 -34.81 30.31 17.11
N GLY E 532 -34.98 29.57 16.01
CA GLY E 532 -36.30 29.26 15.51
C GLY E 532 -37.00 30.38 14.77
N CYS E 533 -36.28 31.44 14.42
CA CYS E 533 -36.89 32.55 13.71
C CYS E 533 -37.07 32.21 12.24
N SER E 534 -37.70 33.13 11.50
CA SER E 534 -38.00 32.96 10.08
C SER E 534 -36.94 33.54 9.17
N LYS E 535 -35.68 33.58 9.60
CA LYS E 535 -34.62 34.17 8.77
C LYS E 535 -34.46 33.41 7.45
N THR E 536 -34.50 32.08 7.50
CA THR E 536 -34.38 31.29 6.28
C THR E 536 -35.64 31.39 5.43
N LEU E 537 -36.80 31.45 6.06
CA LEU E 537 -38.08 31.49 5.35
C LEU E 537 -38.20 32.75 4.50
N THR E 538 -37.79 33.89 5.05
CA THR E 538 -37.83 35.14 4.30
C THR E 538 -36.91 35.10 3.09
N ALA E 539 -35.72 34.54 3.25
CA ALA E 539 -34.80 34.42 2.11
C ALA E 539 -35.38 33.50 1.05
N LYS E 540 -35.98 32.38 1.47
CA LYS E 540 -36.59 31.47 0.51
C LYS E 540 -37.75 32.14 -0.23
N ALA E 541 -38.57 32.91 0.49
CA ALA E 541 -39.66 33.63 -0.16
C ALA E 541 -39.14 34.66 -1.14
N LEU E 542 -38.07 35.36 -0.79
CA LEU E 542 -37.47 36.33 -1.70
C LEU E 542 -36.93 35.65 -2.95
N ALA E 543 -36.29 34.49 -2.78
CA ALA E 543 -35.79 33.74 -3.93
C ALA E 543 -36.94 33.28 -4.81
N THR E 544 -38.04 32.83 -4.22
CA THR E 544 -39.20 32.41 -4.99
C THR E 544 -39.80 33.58 -5.76
N GLU E 545 -39.96 34.73 -5.10
CA GLU E 545 -40.58 35.89 -5.74
C GLU E 545 -39.71 36.43 -6.87
N SER E 546 -38.40 36.55 -6.62
CA SER E 546 -37.49 37.06 -7.64
C SER E 546 -37.27 36.02 -8.73
N GLY E 547 -37.17 36.48 -9.97
CA GLY E 547 -36.90 35.60 -11.10
C GLY E 547 -35.46 35.23 -11.28
N ILE E 548 -34.57 35.73 -10.42
CA ILE E 548 -33.15 35.41 -10.54
C ILE E 548 -32.89 34.03 -9.96
N ASN E 549 -31.78 33.43 -10.40
CA ASN E 549 -31.41 32.10 -9.93
C ASN E 549 -31.03 32.12 -8.46
N PHE E 550 -31.36 31.04 -7.76
CA PHE E 550 -31.07 30.89 -6.35
C PHE E 550 -30.42 29.53 -6.10
N LEU E 551 -29.40 29.52 -5.24
CA LEU E 551 -28.71 28.30 -4.86
C LEU E 551 -28.71 28.19 -3.34
N ALA E 552 -29.11 27.03 -2.83
CA ALA E 552 -29.15 26.78 -1.39
C ALA E 552 -28.10 25.74 -1.04
N VAL E 553 -27.22 26.09 -0.09
CA VAL E 553 -26.14 25.21 0.34
C VAL E 553 -26.27 25.00 1.84
N LYS E 554 -26.29 23.74 2.26
CA LYS E 554 -26.37 23.41 3.68
C LYS E 554 -25.00 23.54 4.31
N GLY E 555 -24.95 24.15 5.50
CA GLY E 555 -23.70 24.42 6.16
C GLY E 555 -22.99 23.17 6.65
N PRO E 556 -23.56 22.49 7.65
CA PRO E 556 -22.90 21.31 8.21
C PRO E 556 -22.80 20.13 7.26
N GLU E 557 -23.59 20.13 6.18
CA GLU E 557 -23.64 18.95 5.31
C GLU E 557 -22.40 18.81 4.44
N ILE E 558 -21.70 19.91 4.16
CA ILE E 558 -20.59 19.90 3.20
C ILE E 558 -19.24 19.72 3.89
N PHE E 559 -18.90 20.61 4.83
CA PHE E 559 -17.55 20.58 5.39
C PHE E 559 -17.36 19.44 6.39
N ASN E 560 -18.41 19.09 7.14
CA ASN E 560 -18.28 17.99 8.09
C ASN E 560 -18.14 16.65 7.38
N LYS E 561 -18.92 16.42 6.33
CA LYS E 561 -18.85 15.14 5.62
C LYS E 561 -17.59 15.04 4.77
N TYR E 562 -17.21 16.12 4.11
CA TYR E 562 -16.05 16.14 3.22
C TYR E 562 -14.88 16.76 3.98
N VAL E 563 -13.94 15.91 4.41
CA VAL E 563 -12.77 16.41 5.13
C VAL E 563 -11.85 17.16 4.19
N GLY E 564 -11.60 16.62 3.00
CA GLY E 564 -10.74 17.26 2.03
C GLY E 564 -11.46 17.75 0.80
N GLU E 565 -12.64 17.19 0.54
CA GLU E 565 -13.43 17.58 -0.62
C GLU E 565 -14.27 18.82 -0.38
N SER E 566 -14.25 19.37 0.84
CA SER E 566 -15.01 20.58 1.12
C SER E 566 -14.50 21.76 0.30
N GLU E 567 -13.18 21.86 0.14
CA GLU E 567 -12.61 22.92 -0.69
C GLU E 567 -13.07 22.79 -2.14
N ARG E 568 -13.06 21.57 -2.68
CA ARG E 568 -13.51 21.37 -4.05
C ARG E 568 -15.00 21.69 -4.20
N ALA E 569 -15.81 21.29 -3.22
CA ALA E 569 -17.23 21.58 -3.27
C ALA E 569 -17.49 23.09 -3.24
N ILE E 570 -16.77 23.81 -2.36
CA ILE E 570 -16.92 25.26 -2.29
C ILE E 570 -16.52 25.90 -3.60
N ARG E 571 -15.38 25.47 -4.16
CA ARG E 571 -14.93 26.04 -5.43
C ARG E 571 -15.93 25.79 -6.54
N GLU E 572 -16.48 24.58 -6.61
CA GLU E 572 -17.38 24.26 -7.72
C GLU E 572 -18.73 24.97 -7.56
N ILE E 573 -19.24 25.10 -6.34
CA ILE E 573 -20.48 25.85 -6.17
C ILE E 573 -20.25 27.33 -6.50
N PHE E 574 -19.11 27.88 -6.10
CA PHE E 574 -18.83 29.28 -6.41
C PHE E 574 -18.71 29.50 -7.91
N ARG E 575 -18.00 28.60 -8.61
CA ARG E 575 -17.85 28.78 -10.05
C ARG E 575 -19.17 28.56 -10.78
N LYS E 576 -20.01 27.63 -10.30
CA LYS E 576 -21.32 27.44 -10.90
C LYS E 576 -22.19 28.66 -10.71
N ALA E 577 -22.17 29.25 -9.51
CA ALA E 577 -22.94 30.47 -9.27
C ALA E 577 -22.45 31.62 -10.14
N ARG E 578 -21.13 31.75 -10.29
CA ARG E 578 -20.58 32.81 -11.12
C ARG E 578 -20.94 32.62 -12.59
N SER E 579 -20.86 31.38 -13.10
CA SER E 579 -21.11 31.14 -14.51
C SER E 579 -22.59 31.24 -14.85
N ALA E 580 -23.46 30.65 -14.03
CA ALA E 580 -24.89 30.59 -14.33
C ALA E 580 -25.59 31.88 -13.88
N ALA E 581 -25.16 33.00 -14.48
CA ALA E 581 -25.70 34.33 -14.27
C ALA E 581 -25.49 34.80 -12.84
N PRO E 582 -25.63 36.11 -12.56
CA PRO E 582 -25.57 36.56 -11.18
C PRO E 582 -26.68 35.91 -10.35
N SER E 583 -26.35 35.60 -9.10
CA SER E 583 -27.29 34.91 -8.22
C SER E 583 -26.89 35.20 -6.78
N ILE E 584 -27.66 34.64 -5.85
CA ILE E 584 -27.42 34.79 -4.42
C ILE E 584 -27.17 33.41 -3.82
N ILE E 585 -26.20 33.33 -2.92
CA ILE E 585 -25.84 32.09 -2.25
C ILE E 585 -26.22 32.21 -0.78
N PHE E 586 -27.01 31.27 -0.29
CA PHE E 586 -27.49 31.28 1.09
C PHE E 586 -27.01 30.02 1.80
N PHE E 587 -26.55 30.19 3.03
CA PHE E 587 -26.11 29.08 3.88
C PHE E 587 -27.10 28.90 5.03
N ASP E 588 -27.61 27.68 5.18
CA ASP E 588 -28.57 27.42 6.25
C ASP E 588 -27.93 27.63 7.62
N GLU E 589 -26.72 27.14 7.81
CA GLU E 589 -25.98 27.31 9.06
C GLU E 589 -24.57 27.77 8.74
N ILE E 590 -24.13 28.83 9.43
CA ILE E 590 -22.80 29.38 9.25
C ILE E 590 -21.99 29.38 10.53
N ASP E 591 -22.62 29.17 11.69
CA ASP E 591 -21.89 29.17 12.96
C ASP E 591 -20.87 28.05 13.02
N ALA E 592 -21.25 26.86 12.52
CA ALA E 592 -20.32 25.74 12.51
C ALA E 592 -19.21 25.90 11.48
N LEU E 593 -19.34 26.84 10.55
CA LEU E 593 -18.33 27.05 9.53
C LEU E 593 -17.11 27.82 10.05
N SER E 594 -17.19 28.40 11.24
CA SER E 594 -16.08 29.14 11.84
C SER E 594 -15.86 28.66 13.27
N PRO E 595 -15.38 27.44 13.44
CA PRO E 595 -15.12 26.91 14.80
C PRO E 595 -13.72 27.19 15.32
N ASP E 596 -12.96 28.10 14.72
CA ASP E 596 -11.58 28.33 15.14
C ASP E 596 -11.48 28.89 16.55
N ARG E 597 -12.57 29.44 17.10
CA ARG E 597 -12.54 30.02 18.43
C ARG E 597 -13.06 29.08 19.51
N ASP E 598 -13.98 28.18 19.19
CA ASP E 598 -14.57 27.27 20.15
C ASP E 598 -14.27 25.83 19.74
N GLY E 599 -13.83 25.03 20.70
CA GLY E 599 -13.49 23.64 20.43
C GLY E 599 -12.28 23.45 19.53
N SER E 600 -11.20 24.19 19.80
CA SER E 600 -9.95 24.10 19.05
C SER E 600 -10.13 24.51 17.60
N SER E 601 -9.04 24.48 16.82
CA SER E 601 -9.04 24.89 15.43
C SER E 601 -8.39 23.79 14.59
N THR E 602 -9.22 22.96 13.96
CA THR E 602 -8.70 21.92 13.09
C THR E 602 -8.21 22.53 11.78
N SER E 603 -7.34 21.78 11.09
CA SER E 603 -6.77 22.26 9.83
C SER E 603 -7.85 22.45 8.77
N ALA E 604 -8.78 21.51 8.67
CA ALA E 604 -9.84 21.61 7.68
C ALA E 604 -10.73 22.83 7.94
N ALA E 605 -11.05 23.08 9.21
CA ALA E 605 -11.88 24.24 9.55
C ALA E 605 -11.18 25.54 9.17
N ASN E 606 -9.89 25.66 9.48
CA ASN E 606 -9.15 26.86 9.10
C ASN E 606 -9.08 27.00 7.59
N HIS E 607 -8.88 25.90 6.88
CA HIS E 607 -8.80 25.94 5.43
C HIS E 607 -10.10 26.41 4.81
N VAL E 608 -11.23 25.85 5.26
CA VAL E 608 -12.52 26.26 4.70
C VAL E 608 -12.84 27.70 5.10
N LEU E 609 -12.46 28.11 6.31
CA LEU E 609 -12.71 29.48 6.74
C LEU E 609 -11.94 30.48 5.89
N THR E 610 -10.65 30.21 5.63
CA THR E 610 -9.88 31.13 4.81
C THR E 610 -10.30 31.07 3.36
N SER E 611 -10.78 29.92 2.88
CA SER E 611 -11.33 29.85 1.53
C SER E 611 -12.57 30.71 1.40
N LEU E 612 -13.48 30.63 2.39
CA LEU E 612 -14.65 31.50 2.38
C LEU E 612 -14.25 32.96 2.45
N LEU E 613 -13.25 33.28 3.28
CA LEU E 613 -12.83 34.67 3.44
C LEU E 613 -12.28 35.24 2.13
N ASN E 614 -11.35 34.53 1.50
CA ASN E 614 -10.74 35.05 0.28
C ASN E 614 -11.61 34.83 -0.95
N GLU E 615 -12.71 34.08 -0.84
CA GLU E 615 -13.69 34.04 -1.92
C GLU E 615 -14.68 35.20 -1.80
N ILE E 616 -15.11 35.52 -0.58
CA ILE E 616 -15.99 36.67 -0.39
C ILE E 616 -15.25 37.96 -0.71
N ASP E 617 -14.02 38.08 -0.23
CA ASP E 617 -13.20 39.28 -0.47
C ASP E 617 -11.91 38.83 -1.15
N GLY E 618 -11.83 39.02 -2.46
CA GLY E 618 -10.65 38.65 -3.22
C GLY E 618 -10.33 39.62 -4.33
N VAL E 619 -9.51 39.19 -5.29
CA VAL E 619 -9.15 40.05 -6.41
C VAL E 619 -10.37 40.34 -7.28
N GLU E 620 -11.25 39.35 -7.44
CA GLU E 620 -12.45 39.54 -8.26
C GLU E 620 -13.38 40.56 -7.60
N GLU E 621 -14.00 41.41 -8.43
CA GLU E 621 -14.92 42.41 -7.90
C GLU E 621 -16.13 41.76 -7.25
N LEU E 622 -16.70 40.73 -7.89
CA LEU E 622 -17.80 39.95 -7.35
C LEU E 622 -19.00 40.86 -7.03
N LYS E 623 -19.56 41.42 -8.10
CA LYS E 623 -20.69 42.32 -7.98
C LYS E 623 -22.02 41.57 -7.99
N GLY E 624 -22.24 40.72 -8.99
CA GLY E 624 -23.51 40.03 -9.10
C GLY E 624 -23.74 39.03 -7.97
N VAL E 625 -22.67 38.35 -7.55
CA VAL E 625 -22.81 37.33 -6.51
C VAL E 625 -23.05 38.00 -5.17
N VAL E 626 -24.07 37.55 -4.46
CA VAL E 626 -24.42 38.05 -3.13
C VAL E 626 -24.38 36.88 -2.16
N ILE E 627 -23.66 37.05 -1.06
CA ILE E 627 -23.49 35.99 -0.06
C ILE E 627 -24.38 36.31 1.13
N VAL E 628 -25.24 35.36 1.50
CA VAL E 628 -26.14 35.48 2.64
C VAL E 628 -25.84 34.35 3.60
N ALA E 629 -25.57 34.70 4.87
CA ALA E 629 -25.24 33.73 5.89
C ALA E 629 -26.22 33.85 7.06
N ALA E 630 -26.67 32.70 7.56
CA ALA E 630 -27.59 32.65 8.69
C ALA E 630 -26.95 31.85 9.81
N THR E 631 -27.00 32.39 11.03
CA THR E 631 -26.41 31.75 12.19
C THR E 631 -27.42 31.68 13.33
N ASN E 632 -27.35 30.59 14.09
CA ASN E 632 -28.19 30.46 15.28
C ASN E 632 -27.76 31.45 16.35
N ARG E 633 -26.46 31.51 16.64
CA ARG E 633 -25.89 32.44 17.61
C ARG E 633 -24.65 33.07 16.98
N PRO E 634 -24.48 34.39 17.05
CA PRO E 634 -23.33 35.03 16.41
C PRO E 634 -22.02 34.87 17.15
N ASP E 635 -22.03 34.36 18.39
CA ASP E 635 -20.80 34.23 19.16
C ASP E 635 -19.88 33.13 18.63
N GLU E 636 -20.38 32.22 17.80
CA GLU E 636 -19.57 31.16 17.22
C GLU E 636 -18.90 31.57 15.92
N ILE E 637 -18.74 32.87 15.67
CA ILE E 637 -18.11 33.40 14.47
C ILE E 637 -16.91 34.23 14.88
N ASP E 638 -15.77 33.95 14.27
CA ASP E 638 -14.55 34.69 14.58
C ASP E 638 -14.63 36.11 14.02
N ALA E 639 -13.81 36.99 14.58
CA ALA E 639 -13.79 38.38 14.17
C ALA E 639 -13.29 38.57 12.74
N ALA E 640 -12.57 37.59 12.19
CA ALA E 640 -12.09 37.71 10.82
C ALA E 640 -13.24 37.77 9.82
N LEU E 641 -14.27 36.94 10.04
CA LEU E 641 -15.43 36.97 9.15
C LEU E 641 -16.17 38.30 9.25
N LEU E 642 -16.32 38.83 10.46
CA LEU E 642 -17.01 40.11 10.66
C LEU E 642 -15.99 41.23 10.57
N ARG E 643 -15.71 41.66 9.35
CA ARG E 643 -14.80 42.74 9.04
C ARG E 643 -15.47 43.71 8.08
N PRO E 644 -15.05 44.98 8.08
CA PRO E 644 -15.65 45.95 7.15
C PRO E 644 -15.47 45.50 5.70
N GLY E 645 -16.52 45.73 4.90
CA GLY E 645 -16.52 45.35 3.51
C GLY E 645 -17.13 44.00 3.21
N ARG E 646 -17.36 43.16 4.22
CA ARG E 646 -17.96 41.86 4.04
C ARG E 646 -18.92 41.58 5.19
N LEU E 647 -20.14 41.16 4.85
CA LEU E 647 -21.18 40.84 5.83
C LEU E 647 -21.44 42.02 6.76
N ASP E 648 -21.42 43.23 6.20
CA ASP E 648 -21.63 44.42 7.01
C ASP E 648 -23.08 44.55 7.45
N ARG E 649 -24.02 44.18 6.58
CA ARG E 649 -25.44 44.31 6.91
C ARG E 649 -25.80 43.37 8.05
N HIS E 650 -26.52 43.91 9.05
CA HIS E 650 -26.95 43.15 10.21
C HIS E 650 -28.46 43.29 10.35
N ILE E 651 -29.14 42.16 10.52
CA ILE E 651 -30.59 42.12 10.66
C ILE E 651 -30.93 41.47 11.98
N TYR E 652 -31.78 42.13 12.77
CA TYR E 652 -32.18 41.59 14.06
C TYR E 652 -32.99 40.30 13.89
N VAL E 653 -33.93 40.30 12.92
CA VAL E 653 -34.85 39.20 12.65
C VAL E 653 -35.26 38.48 13.94
N GLY E 654 -35.93 39.23 14.82
CA GLY E 654 -36.32 38.72 16.11
C GLY E 654 -37.64 37.97 16.07
N PRO E 655 -38.20 37.69 17.25
CA PRO E 655 -39.47 36.98 17.30
C PRO E 655 -40.59 37.83 16.72
N PRO E 656 -41.62 37.20 16.15
CA PRO E 656 -42.73 37.97 15.59
C PRO E 656 -43.50 38.72 16.67
N ASP E 657 -44.02 39.88 16.28
CA ASP E 657 -44.81 40.70 17.19
C ASP E 657 -46.27 40.25 17.17
N VAL E 658 -47.14 41.07 17.75
CA VAL E 658 -48.56 40.70 17.86
C VAL E 658 -49.19 40.54 16.48
N ASN E 659 -48.91 41.46 15.56
CA ASN E 659 -49.51 41.40 14.23
C ASN E 659 -49.05 40.16 13.47
N ALA E 660 -47.74 39.91 13.48
CA ALA E 660 -47.20 38.75 12.76
C ALA E 660 -47.67 37.45 13.39
N ARG E 661 -47.73 37.40 14.72
CA ARG E 661 -48.22 36.20 15.38
C ARG E 661 -49.69 35.96 15.06
N LEU E 662 -50.49 37.03 15.01
CA LEU E 662 -51.88 36.88 14.61
C LEU E 662 -51.99 36.37 13.18
N GLU E 663 -51.15 36.89 12.29
CA GLU E 663 -51.20 36.47 10.88
C GLU E 663 -50.82 35.00 10.74
N ILE E 664 -49.77 34.56 11.44
CA ILE E 664 -49.37 33.15 11.33
C ILE E 664 -50.41 32.24 11.98
N LEU E 665 -51.03 32.71 13.06
CA LEU E 665 -52.11 31.93 13.68
C LEU E 665 -53.28 31.79 12.72
N LYS E 666 -53.63 32.87 12.02
CA LYS E 666 -54.69 32.79 11.02
C LYS E 666 -54.31 31.83 9.89
N LYS E 667 -53.05 31.87 9.45
CA LYS E 667 -52.60 30.95 8.43
C LYS E 667 -52.74 29.50 8.88
N CYS E 668 -52.36 29.22 10.13
CA CYS E 668 -52.45 27.86 10.65
C CYS E 668 -53.90 27.42 10.79
N THR E 669 -54.78 28.34 11.23
CA THR E 669 -56.16 28.00 11.50
C THR E 669 -57.08 28.17 10.30
N LYS E 670 -56.53 28.54 9.13
CA LYS E 670 -57.36 28.63 7.93
C LYS E 670 -58.07 27.32 7.62
N LYS E 671 -57.45 26.19 7.97
CA LYS E 671 -58.02 24.89 7.63
C LYS E 671 -59.37 24.66 8.30
N PHE E 672 -59.50 25.02 9.57
CA PHE E 672 -60.73 24.80 10.34
C PHE E 672 -61.34 26.15 10.69
N ASN E 673 -62.64 26.29 10.46
CA ASN E 673 -63.33 27.56 10.71
C ASN E 673 -63.19 27.98 12.17
N THR E 674 -62.89 29.25 12.38
CA THR E 674 -62.62 29.77 13.72
C THR E 674 -63.81 30.55 14.29
N GLU E 675 -64.50 31.32 13.45
CA GLU E 675 -65.60 32.15 13.94
C GLU E 675 -66.75 31.29 14.48
N GLU E 676 -67.04 30.18 13.80
CA GLU E 676 -68.14 29.33 14.25
C GLU E 676 -67.80 28.63 15.57
N SER E 677 -66.51 28.40 15.83
CA SER E 677 -66.12 27.77 17.09
C SER E 677 -66.47 28.65 18.28
N GLY E 678 -66.25 29.95 18.17
CA GLY E 678 -66.59 30.87 19.23
C GLY E 678 -65.38 31.54 19.87
N VAL E 679 -64.31 31.70 19.10
CA VAL E 679 -63.09 32.33 19.60
C VAL E 679 -62.65 33.38 18.59
N ASP E 680 -61.93 34.38 19.08
CA ASP E 680 -61.35 35.44 18.27
C ASP E 680 -59.83 35.33 18.26
N LEU E 681 -59.18 36.30 17.62
CA LEU E 681 -57.73 36.25 17.44
C LEU E 681 -56.98 37.26 18.30
N HIS E 682 -57.64 38.28 18.81
CA HIS E 682 -56.95 39.32 19.58
C HIS E 682 -56.41 38.75 20.89
N GLU E 683 -57.26 38.08 21.66
CA GLU E 683 -56.82 37.49 22.92
C GLU E 683 -55.93 36.29 22.70
N LEU E 684 -56.12 35.55 21.60
CA LEU E 684 -55.20 34.45 21.28
C LEU E 684 -53.80 34.98 21.02
N ALA E 685 -53.69 36.10 20.30
CA ALA E 685 -52.39 36.72 20.07
C ALA E 685 -51.81 37.29 21.36
N ASP E 686 -52.67 37.89 22.20
CA ASP E 686 -52.19 38.44 23.47
C ASP E 686 -51.63 37.34 24.38
N ARG E 687 -52.33 36.21 24.46
CA ARG E 687 -51.88 35.13 25.34
C ARG E 687 -50.61 34.46 24.82
N THR E 688 -50.48 34.35 23.49
CA THR E 688 -49.34 33.68 22.87
C THR E 688 -48.24 34.68 22.48
N GLU E 689 -48.10 35.75 23.27
CA GLU E 689 -47.12 36.79 22.93
C GLU E 689 -45.69 36.29 23.09
N GLY E 690 -45.43 35.43 24.06
CA GLY E 690 -44.08 34.97 24.33
C GLY E 690 -43.62 33.79 23.50
N TYR E 691 -44.43 33.35 22.54
CA TYR E 691 -44.14 32.17 21.73
C TYR E 691 -43.84 32.58 20.30
N SER E 692 -42.76 32.03 19.74
CA SER E 692 -42.33 32.36 18.40
C SER E 692 -43.15 31.56 17.38
N GLY E 693 -42.77 31.67 16.10
CA GLY E 693 -43.52 30.99 15.06
C GLY E 693 -43.50 29.47 15.19
N ALA E 694 -42.33 28.92 15.51
CA ALA E 694 -42.23 27.47 15.73
C ALA E 694 -43.08 27.04 16.92
N GLU E 695 -43.05 27.83 17.99
CA GLU E 695 -43.88 27.52 19.16
C GLU E 695 -45.37 27.62 18.81
N VAL E 696 -45.75 28.61 18.00
CA VAL E 696 -47.15 28.72 17.57
C VAL E 696 -47.55 27.50 16.74
N VAL E 697 -46.68 27.05 15.84
CA VAL E 697 -46.98 25.87 15.03
C VAL E 697 -47.12 24.64 15.93
N LEU E 698 -46.23 24.49 16.91
CA LEU E 698 -46.33 23.37 17.84
C LEU E 698 -47.63 23.42 18.64
N LEU E 699 -48.02 24.62 19.08
CA LEU E 699 -49.27 24.78 19.81
C LEU E 699 -50.47 24.39 18.95
N CYS E 700 -50.46 24.81 17.68
CA CYS E 700 -51.54 24.45 16.78
C CYS E 700 -51.59 22.94 16.56
N GLN E 701 -50.42 22.31 16.40
CA GLN E 701 -50.37 20.86 16.22
C GLN E 701 -50.91 20.13 17.44
N GLU E 702 -50.53 20.60 18.64
CA GLU E 702 -51.01 19.98 19.87
C GLU E 702 -52.52 20.17 20.03
N ALA E 703 -53.02 21.35 19.68
CA ALA E 703 -54.45 21.59 19.75
C ALA E 703 -55.22 20.68 18.79
N GLY E 704 -54.70 20.53 17.57
CA GLY E 704 -55.33 19.62 16.62
C GLY E 704 -55.31 18.18 17.10
N LEU E 705 -54.19 17.75 17.68
CA LEU E 705 -54.12 16.40 18.22
C LEU E 705 -55.12 16.19 19.35
N ALA E 706 -55.23 17.18 20.26
CA ALA E 706 -56.20 17.08 21.34
C ALA E 706 -57.62 17.04 20.81
N ALA E 707 -57.91 17.84 19.77
CA ALA E 707 -59.24 17.83 19.18
C ALA E 707 -59.55 16.47 18.55
N ILE E 708 -58.59 15.87 17.86
CA ILE E 708 -58.84 14.59 17.19
C ILE E 708 -58.77 13.40 18.14
N MET E 709 -58.28 13.60 19.38
CA MET E 709 -58.36 12.52 20.36
C MET E 709 -59.80 12.13 20.65
N GLU E 710 -60.68 13.12 20.80
CA GLU E 710 -62.08 12.88 21.14
C GLU E 710 -62.93 12.88 19.88
N ASP E 711 -63.91 11.96 19.85
CA ASP E 711 -64.87 11.81 18.76
C ASP E 711 -64.16 11.51 17.43
N LEU E 712 -63.01 10.84 17.51
CA LEU E 712 -62.26 10.41 16.33
C LEU E 712 -62.02 11.55 15.34
N ASP E 713 -62.82 11.59 14.27
CA ASP E 713 -62.73 12.65 13.28
C ASP E 713 -63.58 13.84 13.72
N VAL E 714 -62.96 15.01 13.80
CA VAL E 714 -63.64 16.24 14.18
C VAL E 714 -63.33 17.31 13.14
N ALA E 715 -64.34 18.08 12.78
CA ALA E 715 -64.19 19.18 11.82
C ALA E 715 -64.06 20.54 12.49
N LYS E 716 -63.99 20.59 13.81
CA LYS E 716 -63.90 21.85 14.53
C LYS E 716 -63.15 21.62 15.84
N VAL E 717 -62.62 22.72 16.38
CA VAL E 717 -61.86 22.70 17.63
C VAL E 717 -62.33 23.85 18.50
N GLU E 718 -62.44 23.60 19.80
CA GLU E 718 -62.92 24.59 20.75
C GLU E 718 -61.76 25.22 21.51
N LEU E 719 -62.11 26.14 22.42
CA LEU E 719 -61.10 26.83 23.21
C LEU E 719 -60.45 25.90 24.23
N ARG E 720 -61.18 24.87 24.68
CA ARG E 720 -60.63 23.98 25.70
C ARG E 720 -59.41 23.23 25.20
N HIS E 721 -59.45 22.75 23.95
CA HIS E 721 -58.29 22.05 23.40
C HIS E 721 -57.08 22.98 23.29
N PHE E 722 -57.32 24.22 22.83
CA PHE E 722 -56.22 25.18 22.72
C PHE E 722 -55.63 25.50 24.09
N GLU E 723 -56.48 25.68 25.10
CA GLU E 723 -55.98 25.96 26.45
C GLU E 723 -55.19 24.78 27.01
N LYS E 724 -55.68 23.57 26.78
CA LYS E 724 -54.96 22.38 27.25
C LYS E 724 -53.60 22.26 26.56
N ALA E 725 -53.56 22.51 25.25
CA ALA E 725 -52.28 22.46 24.53
C ALA E 725 -51.33 23.55 25.02
N PHE E 726 -51.86 24.75 25.29
CA PHE E 726 -51.03 25.84 25.78
C PHE E 726 -50.45 25.53 27.15
N LYS E 727 -51.26 24.97 28.06
CA LYS E 727 -50.77 24.68 29.40
C LYS E 727 -49.87 23.45 29.43
N GLY E 728 -50.07 22.50 28.51
CA GLY E 728 -49.26 21.30 28.51
C GLY E 728 -47.81 21.55 28.15
N ILE E 729 -47.58 22.42 27.16
CA ILE E 729 -46.24 22.66 26.64
C ILE E 729 -45.78 24.05 27.09
N ALA E 730 -44.47 24.27 27.00
CA ALA E 730 -43.85 25.53 27.36
C ALA E 730 -42.97 26.01 26.23
N ARG E 731 -42.75 27.33 26.18
CA ARG E 731 -41.94 27.91 25.12
C ARG E 731 -40.50 27.43 25.20
N GLY E 732 -39.94 27.32 26.40
CA GLY E 732 -38.59 26.84 26.57
C GLY E 732 -37.50 27.84 26.28
N ILE E 733 -37.85 29.10 26.03
CA ILE E 733 -36.87 30.15 25.73
C ILE E 733 -36.77 31.08 26.93
N THR E 734 -35.55 31.36 27.36
CA THR E 734 -35.26 32.18 28.52
C THR E 734 -34.87 33.59 28.10
N PRO E 735 -35.25 34.61 28.89
CA PRO E 735 -34.96 36.00 28.49
C PRO E 735 -33.48 36.33 28.44
N GLU E 736 -32.61 35.55 29.09
CA GLU E 736 -31.19 35.86 29.05
C GLU E 736 -30.62 35.74 27.64
N MET E 737 -31.13 34.79 26.84
CA MET E 737 -30.71 34.71 25.45
C MET E 737 -31.12 35.96 24.68
N LEU E 738 -32.34 36.46 24.95
CA LEU E 738 -32.79 37.69 24.30
C LEU E 738 -31.91 38.87 24.70
N SER E 739 -31.54 38.95 25.99
CA SER E 739 -30.66 40.03 26.43
C SER E 739 -29.29 39.93 25.77
N TYR E 740 -28.76 38.71 25.64
CA TYR E 740 -27.47 38.53 24.97
C TYR E 740 -27.56 38.94 23.51
N TYR E 741 -28.65 38.58 22.83
CA TYR E 741 -28.82 38.98 21.44
C TYR E 741 -28.93 40.50 21.32
N GLU E 742 -29.64 41.15 22.26
CA GLU E 742 -29.74 42.60 22.23
C GLU E 742 -28.38 43.25 22.44
N GLU E 743 -27.59 42.77 23.40
CA GLU E 743 -26.29 43.37 23.65
C GLU E 743 -25.32 43.10 22.51
N PHE E 744 -25.45 41.97 21.82
CA PHE E 744 -24.66 41.73 20.63
C PHE E 744 -25.08 42.66 19.49
N ALA E 745 -26.38 42.88 19.34
CA ALA E 745 -26.87 43.76 18.27
C ALA E 745 -26.41 45.20 18.48
N LEU E 746 -26.50 45.71 19.71
CA LEU E 746 -26.07 47.08 19.95
C LEU E 746 -24.56 47.21 19.88
N ARG E 747 -23.82 46.15 20.23
CA ARG E 747 -22.37 46.20 20.13
C ARG E 747 -21.93 46.34 18.67
N SER E 748 -22.58 45.61 17.76
CA SER E 748 -22.23 45.68 16.35
C SER E 748 -22.76 46.95 15.70
N LYS F 1 -15.27 -29.47 -36.60
CA LYS F 1 -16.35 -29.14 -35.68
C LYS F 1 -15.99 -29.54 -34.25
N LEU F 2 -16.11 -30.86 -33.98
CA LEU F 2 -15.82 -31.44 -32.68
C LEU F 2 -16.63 -30.76 -31.58
N PRO F 3 -17.95 -30.97 -31.53
CA PRO F 3 -18.78 -30.31 -30.50
C PRO F 3 -18.61 -30.99 -29.16
N ALA F 4 -17.90 -30.33 -28.24
CA ALA F 4 -17.68 -30.90 -26.92
C ALA F 4 -18.96 -30.97 -26.10
N GLU F 5 -19.80 -29.95 -26.20
CA GLU F 5 -21.03 -29.87 -25.42
C GLU F 5 -22.21 -29.61 -26.35
N PHE F 6 -23.39 -30.00 -25.88
CA PHE F 6 -24.63 -29.84 -26.63
C PHE F 6 -25.68 -29.17 -25.76
N ILE F 7 -26.65 -28.54 -26.42
CA ILE F 7 -27.72 -27.80 -25.76
C ILE F 7 -29.05 -28.48 -26.11
N THR F 8 -29.87 -28.74 -25.10
CA THR F 8 -31.16 -29.37 -25.29
C THR F 8 -32.23 -28.34 -25.61
N ARG F 9 -33.23 -28.76 -26.38
CA ARG F 9 -34.37 -27.93 -26.72
C ARG F 9 -35.60 -28.82 -26.85
N PRO F 10 -36.78 -28.31 -26.51
CA PRO F 10 -37.99 -29.12 -26.65
C PRO F 10 -38.36 -29.33 -28.11
N HIS F 11 -39.02 -30.45 -28.37
CA HIS F 11 -39.50 -30.73 -29.73
C HIS F 11 -40.68 -29.84 -30.07
N PRO F 12 -40.68 -29.18 -31.23
CA PRO F 12 -41.82 -28.32 -31.59
C PRO F 12 -43.13 -29.06 -31.74
N SER F 13 -43.10 -30.37 -31.98
CA SER F 13 -44.33 -31.13 -32.17
C SER F 13 -45.10 -31.24 -30.86
N LYS F 14 -46.38 -30.84 -30.89
CA LYS F 14 -47.22 -30.91 -29.70
C LYS F 14 -47.69 -32.33 -29.41
N ASP F 15 -47.93 -33.12 -30.45
CA ASP F 15 -48.44 -34.47 -30.26
C ASP F 15 -47.41 -35.36 -29.57
N HIS F 16 -47.88 -36.19 -28.65
CA HIS F 16 -47.03 -37.12 -27.92
C HIS F 16 -46.85 -38.39 -28.75
N GLY F 17 -46.27 -39.42 -28.13
CA GLY F 17 -46.08 -40.68 -28.83
C GLY F 17 -44.74 -40.76 -29.56
N LYS F 18 -44.75 -40.47 -30.86
CA LYS F 18 -43.53 -40.56 -31.65
C LYS F 18 -42.46 -39.59 -31.16
N GLU F 19 -42.87 -38.48 -30.54
CA GLU F 19 -41.90 -37.46 -30.16
C GLU F 19 -40.97 -37.95 -29.05
N THR F 20 -41.42 -38.85 -28.20
CA THR F 20 -40.59 -39.30 -27.09
C THR F 20 -39.49 -40.24 -27.59
N CYS F 21 -38.40 -40.30 -26.81
CA CYS F 21 -37.26 -41.15 -27.11
C CYS F 21 -36.70 -40.89 -28.50
N THR F 22 -36.66 -39.61 -28.89
CA THR F 22 -36.14 -39.20 -30.18
C THR F 22 -35.22 -38.00 -30.00
N ALA F 23 -34.24 -37.88 -30.89
CA ALA F 23 -33.28 -36.79 -30.87
C ALA F 23 -33.06 -36.29 -32.29
N TYR F 24 -32.65 -35.03 -32.39
CA TYR F 24 -32.32 -34.40 -33.66
C TYR F 24 -30.83 -34.04 -33.63
N ILE F 25 -29.99 -34.99 -34.02
CA ILE F 25 -28.54 -34.83 -34.03
C ILE F 25 -28.08 -34.65 -35.47
N HIS F 26 -27.14 -33.73 -35.68
CA HIS F 26 -26.65 -33.46 -37.02
C HIS F 26 -25.99 -34.70 -37.60
N PRO F 27 -26.20 -35.01 -38.88
CA PRO F 27 -25.59 -36.21 -39.47
C PRO F 27 -24.08 -36.22 -39.41
N ASN F 28 -23.43 -35.05 -39.50
CA ASN F 28 -21.98 -35.01 -39.44
C ASN F 28 -21.47 -35.49 -38.08
N VAL F 29 -22.13 -35.10 -37.00
CA VAL F 29 -21.74 -35.57 -35.67
C VAL F 29 -21.97 -37.07 -35.56
N LEU F 30 -23.10 -37.56 -36.07
CA LEU F 30 -23.38 -38.99 -36.04
C LEU F 30 -22.38 -39.76 -36.89
N SER F 31 -22.04 -39.22 -38.07
CA SER F 31 -21.06 -39.88 -38.94
C SER F 31 -19.69 -39.93 -38.29
N SER F 32 -19.29 -38.84 -37.63
CA SER F 32 -18.00 -38.81 -36.95
C SER F 32 -17.97 -39.77 -35.76
N LEU F 33 -19.12 -40.01 -35.13
CA LEU F 33 -19.21 -40.94 -34.01
C LEU F 33 -19.60 -42.35 -34.45
N GLU F 34 -19.74 -42.57 -35.75
CA GLU F 34 -20.14 -43.85 -36.35
C GLU F 34 -21.23 -44.54 -35.53
N ILE F 35 -22.33 -43.82 -35.33
CA ILE F 35 -23.48 -44.29 -34.57
C ILE F 35 -24.60 -44.58 -35.56
N ASN F 36 -25.11 -45.81 -35.53
CA ASN F 36 -26.21 -46.18 -36.40
C ASN F 36 -27.47 -45.42 -36.00
N PRO F 37 -28.21 -44.85 -36.95
CA PRO F 37 -29.46 -44.16 -36.59
C PRO F 37 -30.47 -45.06 -35.91
N GLY F 38 -30.49 -46.34 -36.24
CA GLY F 38 -31.40 -47.27 -35.61
C GLY F 38 -30.85 -47.89 -34.35
N SER F 39 -30.12 -47.09 -33.57
CA SER F 39 -29.52 -47.56 -32.33
C SER F 39 -29.87 -46.64 -31.17
N PHE F 40 -29.24 -46.85 -30.02
CA PHE F 40 -29.50 -46.06 -28.83
C PHE F 40 -28.37 -45.08 -28.59
N CYS F 41 -28.71 -43.83 -28.33
CA CYS F 41 -27.74 -42.77 -28.08
C CYS F 41 -27.78 -42.38 -26.61
N THR F 42 -26.60 -42.24 -26.01
CA THR F 42 -26.47 -41.91 -24.60
C THR F 42 -26.10 -40.43 -24.45
N VAL F 43 -26.88 -39.72 -23.63
CA VAL F 43 -26.68 -38.30 -23.38
C VAL F 43 -26.65 -38.07 -21.88
N GLY F 44 -25.68 -37.29 -21.42
CA GLY F 44 -25.54 -37.00 -20.01
C GLY F 44 -25.20 -35.54 -19.78
N LYS F 45 -25.66 -35.01 -18.65
CA LYS F 45 -25.45 -33.61 -18.31
C LYS F 45 -24.11 -33.48 -17.58
N ILE F 46 -23.11 -32.97 -18.30
CA ILE F 46 -21.75 -32.70 -17.80
C ILE F 46 -21.22 -33.86 -16.94
N GLY F 47 -21.70 -35.06 -17.22
CA GLY F 47 -21.28 -36.24 -16.48
C GLY F 47 -22.39 -36.73 -15.56
N GLU F 48 -22.06 -36.89 -14.27
CA GLU F 48 -23.01 -37.37 -13.27
C GLU F 48 -23.60 -38.73 -13.65
N ASN F 49 -22.75 -39.59 -14.23
CA ASN F 49 -23.09 -40.95 -14.65
C ASN F 49 -24.46 -41.05 -15.31
N GLY F 50 -24.80 -40.08 -16.16
CA GLY F 50 -26.06 -40.09 -16.88
C GLY F 50 -25.93 -40.75 -18.24
N ILE F 51 -26.92 -41.54 -18.61
CA ILE F 51 -26.90 -42.27 -19.87
C ILE F 51 -28.09 -41.85 -20.72
N LEU F 52 -29.30 -42.14 -20.22
CA LEU F 52 -30.55 -41.73 -20.86
C LEU F 52 -30.60 -42.16 -22.33
N VAL F 53 -30.60 -43.48 -22.53
CA VAL F 53 -30.63 -44.03 -23.88
C VAL F 53 -31.96 -43.70 -24.54
N ILE F 54 -31.89 -43.22 -25.79
CA ILE F 54 -33.07 -42.90 -26.59
C ILE F 54 -32.87 -43.46 -27.99
N ALA F 55 -33.99 -43.66 -28.68
CA ALA F 55 -33.97 -44.28 -30.00
C ALA F 55 -33.89 -43.23 -31.10
N ARG F 56 -33.71 -43.71 -32.33
CA ARG F 56 -33.69 -42.90 -33.54
C ARG F 56 -32.54 -41.90 -33.54
N ALA F 57 -32.43 -41.12 -34.61
CA ALA F 57 -31.37 -40.12 -34.75
C ALA F 57 -31.97 -38.88 -35.40
N GLY F 58 -31.09 -37.96 -35.82
CA GLY F 58 -31.54 -36.71 -36.39
C GLY F 58 -32.00 -36.83 -37.82
N ASP F 59 -32.52 -35.71 -38.33
CA ASP F 59 -33.01 -35.65 -39.70
C ASP F 59 -32.86 -34.25 -40.24
N GLU F 60 -32.86 -34.13 -41.57
CA GLU F 60 -32.75 -32.88 -42.33
C GLU F 60 -31.63 -31.99 -41.82
N GLU F 61 -31.74 -30.68 -42.06
CA GLU F 61 -30.70 -29.74 -41.66
C GLU F 61 -31.28 -28.44 -41.09
N VAL F 62 -32.56 -28.44 -40.69
CA VAL F 62 -33.17 -27.20 -40.19
C VAL F 62 -32.58 -26.81 -38.84
N HIS F 63 -32.27 -27.79 -38.00
CA HIS F 63 -31.74 -27.48 -36.68
C HIS F 63 -30.24 -27.23 -36.74
N PRO F 64 -29.72 -26.34 -35.88
CA PRO F 64 -28.28 -26.13 -35.81
C PRO F 64 -27.55 -27.38 -35.33
N VAL F 65 -26.27 -27.47 -35.73
CA VAL F 65 -25.47 -28.65 -35.41
C VAL F 65 -25.25 -28.77 -33.92
N ASN F 66 -25.09 -27.64 -33.22
CA ASN F 66 -24.76 -27.69 -31.80
C ASN F 66 -25.94 -28.14 -30.95
N VAL F 67 -27.17 -27.82 -31.37
CA VAL F 67 -28.35 -28.10 -30.57
C VAL F 67 -28.84 -29.51 -30.87
N ILE F 68 -29.42 -30.15 -29.84
CA ILE F 68 -30.06 -31.45 -29.98
C ILE F 68 -31.39 -31.40 -29.23
N THR F 69 -32.43 -31.97 -29.84
CA THR F 69 -33.77 -31.92 -29.28
C THR F 69 -34.03 -33.15 -28.41
N LEU F 70 -34.42 -32.92 -27.16
CA LEU F 70 -34.74 -33.99 -26.23
C LEU F 70 -36.15 -33.88 -25.65
N SER F 71 -36.90 -32.84 -26.03
CA SER F 71 -38.28 -32.61 -25.57
C SER F 71 -38.34 -32.26 -24.09
N THR F 72 -39.34 -31.46 -23.70
CA THR F 72 -39.58 -31.17 -22.30
C THR F 72 -40.40 -32.26 -21.61
N THR F 73 -41.00 -33.17 -22.37
CA THR F 73 -41.73 -34.28 -21.76
C THR F 73 -40.77 -35.22 -21.04
N ILE F 74 -39.67 -35.59 -21.68
CA ILE F 74 -38.66 -36.46 -21.08
C ILE F 74 -37.88 -35.75 -19.99
N ARG F 75 -37.98 -34.42 -19.90
CA ARG F 75 -37.26 -33.67 -18.88
C ARG F 75 -37.57 -34.15 -17.47
N SER F 76 -38.77 -34.69 -17.24
CA SER F 76 -39.17 -35.13 -15.90
C SER F 76 -38.36 -36.32 -15.39
N VAL F 77 -37.65 -37.03 -16.26
CA VAL F 77 -36.88 -38.20 -15.83
C VAL F 77 -35.75 -37.77 -14.88
N GLY F 78 -35.03 -36.72 -15.22
CA GLY F 78 -33.91 -36.30 -14.41
C GLY F 78 -33.77 -34.80 -14.24
N ASN F 79 -34.87 -34.06 -14.43
CA ASN F 79 -34.89 -32.61 -14.33
C ASN F 79 -33.83 -31.98 -15.23
N LEU F 80 -33.85 -32.39 -16.49
CA LEU F 80 -32.89 -31.90 -17.47
C LEU F 80 -33.22 -30.46 -17.86
N ILE F 81 -32.70 -29.50 -17.09
CA ILE F 81 -33.01 -28.10 -17.36
C ILE F 81 -32.48 -27.71 -18.74
N LEU F 82 -33.16 -26.75 -19.37
CA LEU F 82 -32.77 -26.30 -20.69
C LEU F 82 -31.43 -25.60 -20.65
N GLY F 83 -30.67 -25.73 -21.74
CA GLY F 83 -29.40 -25.05 -21.88
C GLY F 83 -28.22 -25.69 -21.17
N ASP F 84 -28.41 -26.84 -20.53
CA ASP F 84 -27.31 -27.48 -19.84
C ASP F 84 -26.36 -28.15 -20.83
N ARG F 85 -25.11 -28.27 -20.44
CA ARG F 85 -24.11 -28.94 -21.28
C ARG F 85 -24.39 -30.44 -21.31
N LEU F 86 -24.35 -31.01 -22.51
CA LEU F 86 -24.65 -32.41 -22.72
C LEU F 86 -23.48 -33.09 -23.42
N GLU F 87 -23.23 -34.35 -23.05
CA GLU F 87 -22.16 -35.15 -23.63
C GLU F 87 -22.73 -36.37 -24.32
N LEU F 88 -22.22 -36.68 -25.50
CA LEU F 88 -22.68 -37.81 -26.30
C LEU F 88 -21.58 -38.87 -26.34
N LYS F 89 -21.95 -40.10 -25.99
CA LYS F 89 -21.02 -41.22 -25.97
C LYS F 89 -21.54 -42.32 -26.89
N LYS F 90 -20.63 -42.90 -27.68
CA LYS F 90 -21.01 -43.95 -28.62
C LYS F 90 -21.26 -45.29 -27.92
N ALA F 91 -20.63 -45.52 -26.77
CA ALA F 91 -20.78 -46.79 -26.07
C ALA F 91 -22.20 -46.95 -25.55
N GLN F 92 -22.74 -48.15 -25.71
CA GLN F 92 -24.10 -48.45 -25.26
C GLN F 92 -24.20 -49.94 -24.94
N VAL F 93 -25.20 -50.29 -24.14
CA VAL F 93 -25.46 -51.66 -23.72
C VAL F 93 -26.90 -52.01 -24.07
N GLN F 94 -27.10 -53.18 -24.65
CA GLN F 94 -28.45 -53.60 -25.03
C GLN F 94 -29.31 -53.76 -23.79
N PRO F 95 -30.49 -53.13 -23.73
CA PRO F 95 -31.31 -53.24 -22.53
C PRO F 95 -31.85 -54.64 -22.36
N PRO F 96 -32.05 -55.08 -21.12
CA PRO F 96 -32.67 -56.37 -20.86
C PRO F 96 -34.19 -56.26 -20.87
N TYR F 97 -34.85 -57.37 -20.60
CA TYR F 97 -36.30 -57.44 -20.58
C TYR F 97 -36.83 -57.07 -19.20
N ALA F 98 -37.79 -56.16 -19.15
CA ALA F 98 -38.39 -55.72 -17.90
C ALA F 98 -39.51 -56.67 -17.47
N THR F 99 -39.84 -56.61 -16.18
CA THR F 99 -40.88 -57.46 -15.62
C THR F 99 -41.40 -56.83 -14.34
N LYS F 100 -42.53 -57.35 -13.87
CA LYS F 100 -43.22 -56.91 -12.65
C LYS F 100 -43.19 -55.39 -12.49
N VAL F 101 -43.72 -54.72 -13.50
CA VAL F 101 -43.78 -53.26 -13.50
C VAL F 101 -45.01 -52.80 -12.75
N THR F 102 -45.03 -51.52 -12.38
CA THR F 102 -46.16 -50.92 -11.70
C THR F 102 -46.21 -49.43 -12.04
N VAL F 103 -47.38 -48.83 -11.85
CA VAL F 103 -47.60 -47.43 -12.16
C VAL F 103 -48.32 -46.79 -10.97
N GLY F 104 -48.12 -45.48 -10.80
CA GLY F 104 -48.77 -44.71 -9.76
C GLY F 104 -49.43 -43.46 -10.33
N SER F 105 -50.12 -42.75 -9.43
CA SER F 105 -50.83 -41.53 -9.79
C SER F 105 -50.23 -40.35 -9.05
N LEU F 106 -49.85 -39.31 -9.80
CA LEU F 106 -49.29 -38.13 -9.17
C LEU F 106 -50.39 -37.28 -8.51
N GLN F 107 -51.57 -37.23 -9.12
CA GLN F 107 -52.66 -36.43 -8.60
C GLN F 107 -53.36 -37.16 -7.46
N GLY F 108 -54.38 -36.51 -6.88
CA GLY F 108 -55.11 -37.13 -5.78
C GLY F 108 -55.91 -38.34 -6.21
N TYR F 109 -56.48 -38.30 -7.41
CA TYR F 109 -57.25 -39.44 -7.92
C TYR F 109 -56.35 -40.65 -8.12
N ASN F 110 -56.83 -41.81 -7.69
CA ASN F 110 -56.06 -43.04 -7.76
C ASN F 110 -56.90 -44.14 -8.39
N ILE F 111 -56.27 -44.92 -9.28
CA ILE F 111 -56.90 -46.04 -9.97
C ILE F 111 -58.13 -45.57 -10.73
N LEU F 112 -57.92 -44.85 -11.83
CA LEU F 112 -58.98 -44.43 -12.73
C LEU F 112 -58.63 -44.84 -14.15
N GLU F 113 -59.63 -45.32 -14.89
CA GLU F 113 -59.49 -45.74 -16.27
C GLU F 113 -58.41 -46.83 -16.40
N CYS F 114 -58.73 -47.98 -15.80
CA CYS F 114 -57.78 -49.09 -15.79
C CYS F 114 -57.52 -49.62 -17.20
N MET F 115 -58.45 -49.43 -18.12
CA MET F 115 -58.23 -49.87 -19.49
C MET F 115 -57.14 -49.05 -20.18
N GLU F 116 -56.95 -47.80 -19.77
CA GLU F 116 -55.83 -46.94 -20.15
C GLU F 116 -55.51 -47.01 -21.64
N GLU F 117 -56.46 -46.53 -22.44
CA GLU F 117 -56.26 -46.50 -23.89
C GLU F 117 -55.02 -45.70 -24.26
N LYS F 118 -54.78 -44.57 -23.58
CA LYS F 118 -53.62 -43.74 -23.89
C LYS F 118 -52.30 -44.43 -23.56
N VAL F 119 -52.32 -45.41 -22.65
CA VAL F 119 -51.10 -46.15 -22.34
C VAL F 119 -50.93 -47.38 -23.22
N ILE F 120 -52.02 -47.90 -23.82
CA ILE F 120 -51.92 -49.05 -24.69
C ILE F 120 -51.06 -48.72 -25.92
N GLN F 121 -51.27 -47.54 -26.50
CA GLN F 121 -50.46 -47.14 -27.66
C GLN F 121 -49.00 -46.97 -27.29
N LYS F 122 -48.71 -46.63 -26.02
CA LYS F 122 -47.32 -46.54 -25.59
C LYS F 122 -46.66 -47.90 -25.54
N LEU F 123 -47.42 -48.95 -25.25
CA LEU F 123 -46.86 -50.30 -25.21
C LEU F 123 -46.34 -50.72 -26.58
N LEU F 124 -47.09 -50.41 -27.64
CA LEU F 124 -46.67 -50.72 -29.00
C LEU F 124 -45.79 -49.63 -29.60
N ASP F 125 -45.60 -48.52 -28.89
CA ASP F 125 -44.74 -47.44 -29.39
C ASP F 125 -43.28 -47.87 -29.38
N ASP F 126 -42.52 -47.33 -30.33
CA ASP F 126 -41.10 -47.64 -30.45
C ASP F 126 -40.30 -46.79 -29.47
N SER F 127 -40.53 -47.06 -28.19
CA SER F 127 -39.85 -46.35 -27.11
C SER F 127 -39.52 -47.34 -26.00
N GLY F 128 -38.52 -46.99 -25.20
CA GLY F 128 -38.07 -47.82 -24.10
C GLY F 128 -38.60 -47.32 -22.77
N VAL F 129 -39.23 -48.22 -22.03
CA VAL F 129 -39.75 -47.87 -20.71
C VAL F 129 -38.59 -47.68 -19.75
N ILE F 130 -38.79 -46.79 -18.77
CA ILE F 130 -37.76 -46.49 -17.79
C ILE F 130 -38.43 -46.17 -16.46
N MET F 131 -37.80 -46.60 -15.36
CA MET F 131 -38.42 -46.56 -14.03
C MET F 131 -38.67 -45.19 -13.38
N PRO F 132 -37.95 -44.08 -13.73
CA PRO F 132 -38.15 -42.84 -12.96
C PRO F 132 -39.55 -42.24 -13.09
N GLY F 133 -40.47 -42.92 -13.76
CA GLY F 133 -41.80 -42.38 -13.93
C GLY F 133 -41.95 -41.44 -15.09
N MET F 134 -41.73 -41.95 -16.30
CA MET F 134 -41.92 -41.20 -17.54
C MET F 134 -43.27 -40.51 -17.53
N ILE F 135 -43.27 -39.18 -17.54
CA ILE F 135 -44.48 -38.39 -17.33
C ILE F 135 -45.09 -38.05 -18.68
N PHE F 136 -46.38 -38.36 -18.83
CA PHE F 136 -47.14 -38.05 -20.04
C PHE F 136 -48.22 -37.02 -19.74
N GLN F 137 -48.38 -36.05 -20.64
CA GLN F 137 -49.44 -35.07 -20.49
C GLN F 137 -50.82 -35.71 -20.60
N ASN F 138 -50.91 -36.81 -21.36
CA ASN F 138 -52.12 -37.63 -21.48
C ASN F 138 -53.21 -36.94 -22.29
N LEU F 139 -52.99 -35.69 -22.66
CA LEU F 139 -53.94 -34.88 -23.44
C LEU F 139 -55.30 -34.93 -22.73
N LYS F 140 -56.40 -35.19 -23.44
CA LYS F 140 -57.69 -35.33 -22.79
C LYS F 140 -57.76 -36.63 -22.00
N THR F 141 -58.53 -36.62 -20.93
CA THR F 141 -58.68 -37.76 -20.03
C THR F 141 -60.08 -38.35 -20.11
N LYS F 142 -60.66 -38.38 -21.31
CA LYS F 142 -62.00 -38.91 -21.54
C LYS F 142 -63.03 -38.21 -20.65
N ALA F 143 -63.16 -36.90 -20.87
CA ALA F 143 -64.07 -36.00 -20.16
C ALA F 143 -63.73 -35.87 -18.68
N GLY F 144 -62.64 -36.47 -18.21
CA GLY F 144 -62.26 -36.33 -16.81
C GLY F 144 -61.57 -35.02 -16.47
N ASP F 145 -61.08 -34.30 -17.48
CA ASP F 145 -60.42 -33.01 -17.31
C ASP F 145 -59.21 -33.10 -16.39
N GLU F 146 -58.72 -31.95 -15.94
CA GLU F 146 -57.70 -31.78 -14.89
C GLU F 146 -56.39 -32.48 -15.22
N SER F 147 -56.30 -33.10 -16.40
CA SER F 147 -55.06 -33.67 -16.91
C SER F 147 -54.42 -34.65 -15.90
N ILE F 148 -55.14 -35.75 -15.66
CA ILE F 148 -54.63 -36.77 -14.77
C ILE F 148 -53.30 -37.29 -15.29
N ASP F 149 -52.29 -37.32 -14.42
CA ASP F 149 -50.94 -37.74 -14.77
C ASP F 149 -50.64 -39.11 -14.16
N VAL F 150 -49.78 -39.86 -14.83
CA VAL F 150 -49.37 -41.19 -14.40
C VAL F 150 -47.86 -41.20 -14.20
N VAL F 151 -47.43 -41.85 -13.12
CA VAL F 151 -46.01 -41.95 -12.77
C VAL F 151 -45.69 -43.40 -12.47
N ILE F 152 -44.51 -43.84 -12.91
CA ILE F 152 -44.03 -45.20 -12.71
C ILE F 152 -43.07 -45.21 -11.52
N THR F 153 -43.33 -46.08 -10.55
CA THR F 153 -42.48 -46.19 -9.36
C THR F 153 -41.45 -47.30 -9.48
N ASP F 154 -41.87 -48.49 -9.91
CA ASP F 154 -40.97 -49.62 -10.07
C ASP F 154 -41.20 -50.28 -11.43
N ALA F 155 -40.12 -50.71 -12.05
CA ALA F 155 -40.19 -51.36 -13.36
C ALA F 155 -39.30 -52.60 -13.42
N PHE F 181 -21.88 -46.92 -11.47
CA PHE F 181 -22.20 -47.69 -12.67
C PHE F 181 -23.15 -46.93 -13.58
N TYR F 182 -24.43 -47.30 -13.55
CA TYR F 182 -25.45 -46.67 -14.37
C TYR F 182 -26.49 -46.02 -13.47
N LEU F 183 -26.85 -44.77 -13.79
CA LEU F 183 -27.86 -44.08 -13.01
C LEU F 183 -29.22 -44.78 -13.10
N SER F 184 -29.59 -45.21 -14.30
CA SER F 184 -30.86 -45.90 -14.50
C SER F 184 -30.71 -46.94 -15.60
N PRO F 185 -30.68 -48.23 -15.27
CA PRO F 185 -30.55 -49.26 -16.30
C PRO F 185 -31.73 -49.25 -17.25
N PRO F 186 -31.49 -49.39 -18.55
CA PRO F 186 -32.60 -49.37 -19.51
C PRO F 186 -33.47 -50.62 -19.39
N PHE F 187 -34.72 -50.49 -19.82
CA PHE F 187 -35.69 -51.56 -19.75
C PHE F 187 -36.42 -51.69 -21.08
N ILE F 188 -36.92 -52.89 -21.35
CA ILE F 188 -37.67 -53.20 -22.56
C ILE F 188 -39.06 -53.64 -22.16
N PHE F 189 -40.07 -53.02 -22.76
CA PHE F 189 -41.47 -53.29 -22.46
C PHE F 189 -42.14 -54.00 -23.63
N ARG F 190 -42.83 -55.09 -23.33
CA ARG F 190 -43.61 -55.80 -24.33
C ARG F 190 -44.86 -56.37 -23.67
N LYS F 191 -45.92 -56.54 -24.45
CA LYS F 191 -47.19 -56.99 -23.91
C LYS F 191 -47.12 -58.47 -23.53
N GLY F 192 -47.74 -58.80 -22.41
CA GLY F 192 -47.83 -60.17 -21.92
C GLY F 192 -46.74 -60.59 -20.95
N SER F 193 -45.51 -60.14 -21.19
CA SER F 193 -44.39 -60.54 -20.34
C SER F 193 -44.56 -60.01 -18.92
N THR F 194 -45.01 -58.76 -18.79
CA THR F 194 -45.15 -58.12 -17.49
C THR F 194 -46.59 -57.71 -17.24
N HIS F 195 -46.94 -57.61 -15.96
CA HIS F 195 -48.28 -57.22 -15.54
C HIS F 195 -48.22 -55.83 -14.94
N ILE F 196 -49.14 -54.97 -15.37
CA ILE F 196 -49.19 -53.58 -14.91
C ILE F 196 -50.01 -53.50 -13.63
N THR F 197 -49.48 -52.81 -12.63
CA THR F 197 -50.14 -52.64 -11.34
C THR F 197 -50.45 -51.17 -11.12
N PHE F 198 -51.68 -50.88 -10.70
CA PHE F 198 -52.14 -49.51 -10.48
C PHE F 198 -52.01 -49.15 -9.01
N SER F 199 -51.43 -47.99 -8.74
CA SER F 199 -51.25 -47.51 -7.38
C SER F 199 -51.22 -45.98 -7.41
N LYS F 200 -50.77 -45.38 -6.31
CA LYS F 200 -50.66 -43.93 -6.22
C LYS F 200 -49.47 -43.58 -5.34
N GLU F 201 -48.49 -42.88 -5.92
CA GLU F 201 -47.32 -42.44 -5.20
C GLU F 201 -46.93 -41.05 -5.64
N THR F 202 -46.56 -40.20 -4.68
CA THR F 202 -46.15 -38.84 -5.01
C THR F 202 -44.86 -38.84 -5.82
N GLN F 203 -43.91 -39.70 -5.46
CA GLN F 203 -42.63 -39.80 -6.15
C GLN F 203 -42.32 -41.27 -6.40
N ALA F 204 -41.18 -41.51 -7.05
CA ALA F 204 -40.74 -42.87 -7.36
C ALA F 204 -40.09 -43.49 -6.12
N ASN F 205 -39.53 -44.69 -6.29
CA ASN F 205 -38.87 -45.37 -5.18
C ASN F 205 -37.61 -44.63 -4.77
N ARG F 206 -37.36 -44.59 -3.46
CA ARG F 206 -36.18 -43.89 -2.95
C ARG F 206 -34.89 -44.63 -3.26
N LYS F 207 -34.95 -45.93 -3.55
CA LYS F 207 -33.75 -46.69 -3.86
C LYS F 207 -33.14 -46.33 -5.21
N TYR F 208 -33.89 -45.64 -6.07
CA TYR F 208 -33.38 -45.23 -7.37
C TYR F 208 -32.64 -43.91 -7.34
N ASN F 209 -32.53 -43.27 -6.16
CA ASN F 209 -31.77 -42.04 -5.95
C ASN F 209 -32.06 -40.98 -7.01
N LEU F 210 -33.29 -40.96 -7.52
CA LEU F 210 -33.67 -39.98 -8.52
C LEU F 210 -33.82 -38.60 -7.89
N PRO F 211 -33.31 -37.55 -8.54
CA PRO F 211 -33.50 -36.20 -7.98
C PRO F 211 -34.97 -35.82 -7.93
N GLU F 212 -35.34 -35.10 -6.86
CA GLU F 212 -36.72 -34.68 -6.66
C GLU F 212 -36.86 -33.23 -7.07
N PRO F 213 -37.69 -32.91 -8.07
CA PRO F 213 -37.87 -31.50 -8.44
C PRO F 213 -38.49 -30.69 -7.32
N LEU F 214 -38.10 -29.43 -7.23
CA LEU F 214 -38.58 -28.53 -6.19
C LEU F 214 -39.78 -27.74 -6.72
N SER F 215 -40.90 -27.81 -6.00
CA SER F 215 -42.12 -27.14 -6.40
C SER F 215 -42.30 -25.85 -5.59
N TYR F 216 -43.45 -25.20 -5.79
CA TYR F 216 -43.75 -23.97 -5.07
C TYR F 216 -43.88 -24.18 -3.58
N ALA F 217 -44.50 -25.29 -3.15
CA ALA F 217 -44.68 -25.57 -1.73
C ALA F 217 -43.39 -25.89 -1.00
N ALA F 218 -42.29 -26.10 -1.72
CA ALA F 218 -41.02 -26.39 -1.07
C ALA F 218 -40.56 -25.22 -0.22
N VAL F 219 -40.71 -24.00 -0.73
CA VAL F 219 -40.31 -22.79 -0.01
C VAL F 219 -41.56 -22.15 0.59
N GLY F 220 -41.46 -21.73 1.85
CA GLY F 220 -42.57 -21.11 2.55
C GLY F 220 -42.12 -19.92 3.35
N GLY F 221 -43.10 -19.15 3.80
CA GLY F 221 -42.84 -17.95 4.58
C GLY F 221 -42.50 -16.71 3.77
N LEU F 222 -42.50 -16.80 2.45
CA LEU F 222 -42.18 -15.69 1.56
C LEU F 222 -43.27 -15.52 0.51
N ASP F 223 -44.53 -15.53 0.96
CA ASP F 223 -45.66 -15.46 0.03
C ASP F 223 -45.65 -14.16 -0.77
N LYS F 224 -45.41 -13.03 -0.09
CA LYS F 224 -45.39 -11.76 -0.80
C LYS F 224 -44.23 -11.71 -1.79
N GLU F 225 -43.04 -12.15 -1.36
CA GLU F 225 -41.88 -12.14 -2.25
C GLU F 225 -42.08 -13.09 -3.42
N ILE F 226 -42.63 -14.28 -3.17
CA ILE F 226 -42.83 -15.24 -4.26
C ILE F 226 -43.90 -14.73 -5.23
N GLU F 227 -44.92 -14.04 -4.72
CA GLU F 227 -45.93 -13.46 -5.61
C GLU F 227 -45.34 -12.35 -6.45
N SER F 228 -44.50 -11.50 -5.86
CA SER F 228 -43.84 -10.45 -6.62
C SER F 228 -42.94 -11.04 -7.70
N LEU F 229 -42.19 -12.08 -7.36
CA LEU F 229 -41.32 -12.73 -8.34
C LEU F 229 -42.16 -13.36 -9.46
N LYS F 230 -43.27 -14.00 -9.09
CA LYS F 230 -44.14 -14.61 -10.10
C LYS F 230 -44.68 -13.57 -11.07
N SER F 231 -45.12 -12.43 -10.55
CA SER F 231 -45.58 -11.36 -11.43
C SER F 231 -44.44 -10.85 -12.31
N ALA F 232 -43.25 -10.65 -11.72
CA ALA F 232 -42.13 -10.10 -12.45
C ALA F 232 -41.60 -11.04 -13.52
N ILE F 233 -41.88 -12.34 -13.42
CA ILE F 233 -41.50 -13.23 -14.50
C ILE F 233 -42.65 -13.42 -15.50
N GLU F 234 -43.90 -13.41 -15.03
CA GLU F 234 -45.01 -13.69 -15.92
C GLU F 234 -45.33 -12.52 -16.84
N ILE F 235 -45.33 -11.29 -16.31
CA ILE F 235 -45.73 -10.15 -17.13
C ILE F 235 -44.81 -9.92 -18.32
N PRO F 236 -43.48 -9.86 -18.16
CA PRO F 236 -42.64 -9.63 -19.34
C PRO F 236 -42.56 -10.82 -20.28
N LEU F 237 -42.74 -12.03 -19.78
CA LEU F 237 -42.61 -13.22 -20.62
C LEU F 237 -43.91 -13.54 -21.35
N HIS F 238 -44.99 -13.74 -20.59
CA HIS F 238 -46.24 -14.19 -21.21
C HIS F 238 -46.95 -13.07 -21.96
N GLN F 239 -46.71 -11.82 -21.58
CA GLN F 239 -47.39 -10.68 -22.19
C GLN F 239 -46.36 -9.62 -22.60
N PRO F 240 -45.61 -9.89 -23.68
CA PRO F 240 -44.67 -8.87 -24.19
C PRO F 240 -45.35 -7.89 -25.14
N THR F 241 -46.44 -8.32 -25.78
CA THR F 241 -47.11 -7.48 -26.76
C THR F 241 -47.75 -6.26 -26.12
N LEU F 242 -48.29 -6.43 -24.91
CA LEU F 242 -48.92 -5.30 -24.22
C LEU F 242 -47.92 -4.18 -23.96
N PHE F 243 -46.73 -4.54 -23.47
CA PHE F 243 -45.72 -3.54 -23.20
C PHE F 243 -45.05 -3.03 -24.47
N SER F 244 -45.00 -3.86 -25.52
CA SER F 244 -44.51 -3.38 -26.80
C SER F 244 -45.44 -2.31 -27.37
N SER F 245 -46.75 -2.51 -27.25
CA SER F 245 -47.70 -1.47 -27.61
C SER F 245 -47.57 -0.26 -26.70
N PHE F 246 -47.37 -0.49 -25.40
CA PHE F 246 -47.14 0.61 -24.47
C PHE F 246 -45.86 1.35 -24.80
N GLY F 247 -44.80 0.62 -25.15
CA GLY F 247 -43.51 1.23 -25.40
C GLY F 247 -42.90 1.87 -24.16
N VAL F 248 -42.99 1.21 -23.02
CA VAL F 248 -42.52 1.75 -21.75
C VAL F 248 -41.23 1.06 -21.30
N SER F 249 -40.52 0.40 -22.21
CA SER F 249 -39.26 -0.28 -21.92
C SER F 249 -39.43 -1.26 -20.76
N PRO F 250 -40.08 -2.40 -20.98
CA PRO F 250 -40.35 -3.34 -19.89
C PRO F 250 -39.05 -3.80 -19.22
N PRO F 251 -39.06 -3.97 -17.90
CA PRO F 251 -37.84 -4.38 -17.21
C PRO F 251 -37.44 -5.80 -17.55
N ARG F 252 -36.13 -6.03 -17.58
CA ARG F 252 -35.58 -7.35 -17.87
C ARG F 252 -34.68 -7.89 -16.77
N GLY F 253 -34.32 -7.09 -15.78
CA GLY F 253 -33.46 -7.51 -14.69
C GLY F 253 -34.23 -7.52 -13.37
N ILE F 254 -34.14 -8.66 -12.67
CA ILE F 254 -34.76 -8.83 -11.37
C ILE F 254 -33.66 -9.08 -10.35
N LEU F 255 -33.62 -8.25 -9.32
CA LEU F 255 -32.58 -8.33 -8.29
C LEU F 255 -33.14 -8.97 -7.04
N LEU F 256 -32.48 -10.03 -6.57
CA LEU F 256 -32.85 -10.71 -5.34
C LEU F 256 -31.68 -10.58 -4.37
N HIS F 257 -31.85 -9.74 -3.35
CA HIS F 257 -30.80 -9.46 -2.38
C HIS F 257 -31.29 -9.77 -0.98
N GLY F 258 -30.42 -10.38 -0.18
CA GLY F 258 -30.75 -10.72 1.19
C GLY F 258 -29.60 -11.42 1.89
N PRO F 259 -29.78 -11.71 3.17
CA PRO F 259 -28.74 -12.41 3.93
C PRO F 259 -28.53 -13.81 3.39
N PRO F 260 -27.32 -14.35 3.49
CA PRO F 260 -27.07 -15.72 3.02
C PRO F 260 -27.89 -16.73 3.82
N GLY F 261 -28.29 -17.80 3.14
CA GLY F 261 -29.12 -18.82 3.76
C GLY F 261 -30.59 -18.51 3.82
N THR F 262 -31.03 -17.41 3.20
CA THR F 262 -32.46 -17.05 3.25
C THR F 262 -33.29 -17.93 2.32
N GLY F 263 -32.72 -18.29 1.17
CA GLY F 263 -33.43 -19.13 0.22
C GLY F 263 -33.56 -18.55 -1.17
N LYS F 264 -32.69 -17.61 -1.52
CA LYS F 264 -32.69 -17.02 -2.86
C LYS F 264 -32.35 -18.05 -3.94
N THR F 265 -31.35 -18.90 -3.66
CA THR F 265 -30.98 -19.94 -4.62
C THR F 265 -32.11 -20.94 -4.79
N MET F 266 -32.87 -21.20 -3.71
CA MET F 266 -34.05 -22.05 -3.85
C MET F 266 -35.08 -21.42 -4.79
N LEU F 267 -35.30 -20.11 -4.66
CA LEU F 267 -36.23 -19.44 -5.57
C LEU F 267 -35.74 -19.52 -7.00
N LEU F 268 -34.44 -19.33 -7.23
CA LEU F 268 -33.89 -19.44 -8.57
C LEU F 268 -34.09 -20.84 -9.14
N ARG F 269 -33.80 -21.86 -8.34
CA ARG F 269 -33.95 -23.24 -8.79
C ARG F 269 -35.41 -23.56 -9.08
N VAL F 270 -36.33 -23.09 -8.24
CA VAL F 270 -37.75 -23.36 -8.43
C VAL F 270 -38.25 -22.68 -9.69
N VAL F 271 -37.87 -21.42 -9.91
CA VAL F 271 -38.33 -20.71 -11.10
C VAL F 271 -37.69 -21.29 -12.36
N ALA F 272 -36.49 -21.86 -12.24
CA ALA F 272 -35.89 -22.54 -13.38
C ALA F 272 -36.60 -23.85 -13.69
N ASN F 273 -36.97 -24.60 -12.66
CA ASN F 273 -37.60 -25.90 -12.89
C ASN F 273 -39.04 -25.75 -13.37
N THR F 274 -39.77 -24.76 -12.86
CA THR F 274 -41.18 -24.60 -13.18
C THR F 274 -41.43 -23.85 -14.48
N SER F 275 -40.39 -23.28 -15.10
CA SER F 275 -40.53 -22.53 -16.34
C SER F 275 -40.02 -23.37 -17.51
N ASN F 276 -40.80 -23.42 -18.58
CA ASN F 276 -40.44 -24.15 -19.78
C ASN F 276 -39.51 -23.37 -20.69
N ALA F 277 -39.24 -22.11 -20.38
CA ALA F 277 -38.36 -21.29 -21.20
C ALA F 277 -36.91 -21.75 -21.06
N HIS F 278 -36.07 -21.32 -22.00
CA HIS F 278 -34.66 -21.68 -21.98
C HIS F 278 -33.98 -21.09 -20.75
N VAL F 279 -33.07 -21.86 -20.16
CA VAL F 279 -32.36 -21.47 -18.96
C VAL F 279 -30.86 -21.40 -19.28
N LEU F 280 -30.24 -20.28 -18.95
CA LEU F 280 -28.81 -20.11 -19.14
C LEU F 280 -28.20 -19.54 -17.86
N THR F 281 -27.03 -20.06 -17.51
CA THR F 281 -26.31 -19.64 -16.32
C THR F 281 -24.86 -19.33 -16.66
N ILE F 282 -24.23 -18.50 -15.84
CA ILE F 282 -22.85 -18.10 -16.02
C ILE F 282 -22.04 -18.64 -14.85
N ASN F 283 -20.96 -19.37 -15.16
CA ASN F 283 -20.12 -19.93 -14.10
C ASN F 283 -19.46 -18.83 -13.29
N GLY F 284 -18.99 -17.77 -13.93
CA GLY F 284 -18.35 -16.67 -13.26
C GLY F 284 -16.84 -16.76 -13.32
N PRO F 285 -16.20 -17.10 -12.20
CA PRO F 285 -14.74 -17.24 -12.20
C PRO F 285 -14.23 -18.30 -13.17
N SER F 286 -14.99 -19.38 -13.38
CA SER F 286 -14.57 -20.40 -14.34
C SER F 286 -14.54 -19.84 -15.75
N ILE F 287 -15.53 -19.03 -16.11
CA ILE F 287 -15.54 -18.41 -17.44
C ILE F 287 -14.36 -17.45 -17.60
N VAL F 288 -14.07 -16.68 -16.56
CA VAL F 288 -12.96 -15.73 -16.61
C VAL F 288 -11.64 -16.49 -16.69
N SER F 289 -10.81 -16.12 -17.67
CA SER F 289 -9.52 -16.76 -17.89
C SER F 289 -8.46 -15.68 -18.06
N LYS F 290 -7.23 -16.11 -18.36
CA LYS F 290 -6.13 -15.17 -18.53
C LYS F 290 -6.30 -14.31 -19.78
N TYR F 291 -6.88 -14.88 -20.84
CA TYR F 291 -7.09 -14.13 -22.07
C TYR F 291 -8.18 -13.08 -21.86
N LEU F 292 -7.89 -11.84 -22.28
CA LEU F 292 -8.86 -10.76 -22.10
C LEU F 292 -10.03 -10.91 -23.06
N GLY F 293 -9.77 -11.40 -24.28
CA GLY F 293 -10.84 -11.55 -25.26
C GLY F 293 -11.65 -12.81 -25.11
N GLU F 294 -11.16 -13.79 -24.38
CA GLU F 294 -11.90 -15.04 -24.20
C GLU F 294 -13.21 -14.82 -23.46
N THR F 295 -13.16 -14.04 -22.36
CA THR F 295 -14.37 -13.76 -21.60
C THR F 295 -15.37 -12.97 -22.42
N GLU F 296 -14.90 -11.97 -23.17
CA GLU F 296 -15.80 -11.18 -24.01
C GLU F 296 -16.44 -12.05 -25.09
N ALA F 297 -15.65 -12.93 -25.72
CA ALA F 297 -16.20 -13.81 -26.74
C ALA F 297 -17.23 -14.77 -26.14
N ALA F 298 -16.94 -15.32 -24.96
CA ALA F 298 -17.89 -16.22 -24.31
C ALA F 298 -19.19 -15.51 -23.97
N LEU F 299 -19.09 -14.28 -23.46
CA LEU F 299 -20.30 -13.52 -23.14
C LEU F 299 -21.09 -13.20 -24.40
N ARG F 300 -20.41 -12.79 -25.48
CA ARG F 300 -21.11 -12.52 -26.72
C ARG F 300 -21.82 -13.76 -27.23
N ASP F 301 -21.15 -14.91 -27.17
CA ASP F 301 -21.77 -16.16 -27.60
C ASP F 301 -22.98 -16.51 -26.76
N ILE F 302 -22.88 -16.34 -25.43
CA ILE F 302 -23.98 -16.77 -24.57
C ILE F 302 -25.19 -15.84 -24.74
N PHE F 303 -24.97 -14.53 -24.88
CA PHE F 303 -26.11 -13.66 -25.13
C PHE F 303 -26.67 -13.83 -26.55
N ASN F 304 -25.83 -14.17 -27.53
CA ASN F 304 -26.35 -14.49 -28.85
C ASN F 304 -27.23 -15.74 -28.80
N GLU F 305 -26.80 -16.76 -28.05
CA GLU F 305 -27.62 -17.95 -27.88
C GLU F 305 -28.92 -17.62 -27.17
N ALA F 306 -28.86 -16.76 -26.15
CA ALA F 306 -30.08 -16.35 -25.45
C ALA F 306 -31.04 -15.63 -26.38
N ARG F 307 -30.52 -14.73 -27.22
CA ARG F 307 -31.37 -13.98 -28.14
C ARG F 307 -31.86 -14.83 -29.31
N LYS F 308 -31.19 -15.95 -29.60
CA LYS F 308 -31.61 -16.80 -30.70
C LYS F 308 -32.99 -17.40 -30.44
N TYR F 309 -33.24 -17.84 -29.21
CA TYR F 309 -34.54 -18.38 -28.83
C TYR F 309 -35.34 -17.32 -28.09
N GLN F 310 -36.59 -17.13 -28.50
CA GLN F 310 -37.42 -16.09 -27.89
C GLN F 310 -37.65 -16.32 -26.39
N PRO F 311 -38.08 -17.51 -25.92
CA PRO F 311 -38.21 -17.71 -24.48
C PRO F 311 -36.89 -18.10 -23.85
N SER F 312 -36.31 -17.20 -23.07
CA SER F 312 -35.02 -17.45 -22.43
C SER F 312 -34.99 -16.79 -21.06
N ILE F 313 -34.22 -17.39 -20.15
CA ILE F 313 -34.04 -16.88 -18.80
C ILE F 313 -32.54 -16.94 -18.47
N ILE F 314 -32.01 -15.85 -17.94
CA ILE F 314 -30.59 -15.73 -17.62
C ILE F 314 -30.44 -15.74 -16.11
N PHE F 315 -29.55 -16.59 -15.61
CA PHE F 315 -29.28 -16.72 -14.19
C PHE F 315 -27.83 -16.36 -13.92
N ILE F 316 -27.62 -15.43 -12.99
CA ILE F 316 -26.29 -15.02 -12.56
C ILE F 316 -26.22 -15.09 -11.04
N ASP F 317 -25.19 -15.74 -10.52
CA ASP F 317 -25.00 -15.91 -9.10
C ASP F 317 -23.72 -15.22 -8.65
N GLU F 318 -23.78 -14.57 -7.49
CA GLU F 318 -22.64 -13.87 -6.89
C GLU F 318 -22.10 -12.80 -7.84
N ILE F 319 -22.96 -11.82 -8.13
CA ILE F 319 -22.56 -10.72 -9.00
C ILE F 319 -21.48 -9.87 -8.35
N ASP F 320 -21.57 -9.69 -7.03
CA ASP F 320 -20.57 -8.88 -6.32
C ASP F 320 -19.17 -9.47 -6.49
N SER F 321 -19.05 -10.79 -6.37
CA SER F 321 -17.76 -11.43 -6.61
C SER F 321 -17.33 -11.29 -8.06
N ILE F 322 -18.27 -11.49 -9.00
CA ILE F 322 -17.95 -11.40 -10.42
C ILE F 322 -17.67 -9.95 -10.81
N ALA F 323 -18.53 -9.03 -10.36
CA ALA F 323 -18.44 -7.61 -10.73
C ALA F 323 -18.46 -6.77 -9.46
N PRO F 324 -17.32 -6.60 -8.81
CA PRO F 324 -17.27 -5.76 -7.59
C PRO F 324 -17.41 -4.27 -7.92
N ASN F 325 -17.45 -3.44 -6.88
CA ASN F 325 -17.61 -2.01 -7.07
C ASN F 325 -16.37 -1.41 -7.72
N ARG F 326 -16.57 -0.65 -8.79
CA ARG F 326 -15.45 -0.01 -9.47
C ARG F 326 -14.80 1.05 -8.59
N ALA F 327 -15.62 1.82 -7.85
CA ALA F 327 -15.06 2.85 -6.97
C ALA F 327 -14.28 2.23 -5.82
N ASN F 328 -14.79 1.14 -5.24
CA ASN F 328 -14.12 0.53 -4.10
C ASN F 328 -12.79 -0.10 -4.51
N ASP F 329 -12.76 -0.83 -5.62
CA ASP F 329 -11.56 -1.48 -6.10
C ASP F 329 -11.27 -1.00 -7.52
N ASP F 330 -10.09 -0.41 -7.71
CA ASP F 330 -9.69 0.12 -9.02
C ASP F 330 -8.86 -0.93 -9.76
N SER F 331 -9.52 -2.06 -10.05
CA SER F 331 -8.90 -3.16 -10.78
C SER F 331 -9.71 -3.39 -12.06
N GLY F 332 -9.11 -3.09 -13.20
CA GLY F 332 -9.75 -3.25 -14.48
C GLY F 332 -9.31 -4.47 -15.27
N GLU F 333 -8.54 -5.37 -14.68
CA GLU F 333 -8.04 -6.53 -15.41
C GLU F 333 -9.18 -7.47 -15.80
N VAL F 334 -10.03 -7.84 -14.85
CA VAL F 334 -11.11 -8.79 -15.10
C VAL F 334 -12.42 -8.27 -14.56
N GLU F 335 -12.43 -7.04 -14.06
CA GLU F 335 -13.61 -6.48 -13.41
C GLU F 335 -14.25 -5.36 -14.22
N SER F 336 -13.49 -4.32 -14.59
CA SER F 336 -14.07 -3.18 -15.29
C SER F 336 -14.57 -3.59 -16.67
N ARG F 337 -13.77 -4.35 -17.41
CA ARG F 337 -14.18 -4.78 -18.75
C ARG F 337 -15.43 -5.66 -18.69
N VAL F 338 -15.48 -6.58 -17.72
CA VAL F 338 -16.60 -7.51 -17.63
C VAL F 338 -17.89 -6.74 -17.32
N VAL F 339 -17.85 -5.84 -16.35
CA VAL F 339 -19.05 -5.10 -15.99
C VAL F 339 -19.46 -4.16 -17.12
N ALA F 340 -18.49 -3.56 -17.81
CA ALA F 340 -18.80 -2.65 -18.91
C ALA F 340 -19.47 -3.40 -20.05
N THR F 341 -18.94 -4.56 -20.43
CA THR F 341 -19.55 -5.33 -21.51
C THR F 341 -20.89 -5.91 -21.09
N LEU F 342 -21.05 -6.28 -19.82
CA LEU F 342 -22.35 -6.73 -19.34
C LEU F 342 -23.39 -5.62 -19.44
N LEU F 343 -23.01 -4.39 -19.05
CA LEU F 343 -23.93 -3.27 -19.13
C LEU F 343 -24.30 -2.96 -20.58
N THR F 344 -23.30 -2.93 -21.47
CA THR F 344 -23.60 -2.57 -22.86
C THR F 344 -24.38 -3.67 -23.57
N LEU F 345 -24.23 -4.93 -23.14
CA LEU F 345 -25.05 -6.00 -23.70
C LEU F 345 -26.47 -5.97 -23.14
N MET F 346 -26.61 -5.62 -21.86
CA MET F 346 -27.94 -5.50 -21.27
C MET F 346 -28.72 -4.36 -21.92
N ASP F 347 -28.04 -3.26 -22.22
CA ASP F 347 -28.67 -2.14 -22.92
C ASP F 347 -28.67 -2.33 -24.45
N GLY F 348 -28.42 -3.54 -24.93
CA GLY F 348 -28.33 -3.78 -26.35
C GLY F 348 -29.63 -4.20 -27.02
N MET F 349 -30.25 -5.26 -26.50
CA MET F 349 -31.46 -5.78 -27.12
C MET F 349 -32.66 -4.88 -26.82
N GLY F 350 -33.64 -4.93 -27.70
CA GLY F 350 -34.86 -4.17 -27.55
C GLY F 350 -35.90 -4.90 -26.74
N ALA F 351 -37.12 -4.36 -26.76
CA ALA F 351 -38.24 -4.93 -26.03
C ALA F 351 -38.99 -6.00 -26.81
N ALA F 352 -38.57 -6.29 -28.05
CA ALA F 352 -39.27 -7.29 -28.85
C ALA F 352 -39.17 -8.67 -28.24
N GLY F 353 -37.97 -9.06 -27.78
CA GLY F 353 -37.77 -10.36 -27.20
C GLY F 353 -38.30 -10.45 -25.77
N LYS F 354 -38.37 -11.69 -25.29
CA LYS F 354 -38.82 -11.98 -23.92
C LYS F 354 -37.67 -12.69 -23.20
N VAL F 355 -36.75 -11.90 -22.63
CA VAL F 355 -35.60 -12.41 -21.90
C VAL F 355 -35.60 -11.78 -20.52
N VAL F 356 -35.54 -12.61 -19.48
CA VAL F 356 -35.56 -12.15 -18.10
C VAL F 356 -34.23 -12.48 -17.46
N VAL F 357 -33.60 -11.47 -16.86
CA VAL F 357 -32.32 -11.63 -16.18
C VAL F 357 -32.59 -11.62 -14.68
N ILE F 358 -32.12 -12.67 -14.00
CA ILE F 358 -32.31 -12.82 -12.55
C ILE F 358 -30.99 -12.54 -11.86
N ALA F 359 -31.01 -11.62 -10.90
CA ALA F 359 -29.81 -11.18 -10.20
C ALA F 359 -29.91 -11.59 -8.73
N ALA F 360 -28.85 -12.22 -8.23
CA ALA F 360 -28.77 -12.63 -6.83
C ALA F 360 -27.44 -12.18 -6.26
N THR F 361 -27.49 -11.51 -5.10
CA THR F 361 -26.30 -11.04 -4.43
C THR F 361 -26.53 -11.03 -2.93
N ASN F 362 -25.43 -11.17 -2.18
CA ASN F 362 -25.54 -11.17 -0.72
C ASN F 362 -25.77 -9.77 -0.19
N ARG F 363 -25.08 -8.77 -0.73
CA ARG F 363 -25.18 -7.40 -0.27
C ARG F 363 -25.28 -6.48 -1.48
N PRO F 364 -26.33 -5.67 -1.59
CA PRO F 364 -26.41 -4.72 -2.72
C PRO F 364 -25.33 -3.65 -2.68
N ASN F 365 -24.74 -3.37 -1.52
CA ASN F 365 -23.72 -2.34 -1.42
C ASN F 365 -22.49 -2.70 -2.23
N SER F 366 -22.07 -3.98 -2.19
CA SER F 366 -20.90 -4.40 -2.94
C SER F 366 -21.14 -4.37 -4.45
N VAL F 367 -22.40 -4.35 -4.88
CA VAL F 367 -22.69 -4.26 -6.31
C VAL F 367 -22.32 -2.87 -6.82
N ASP F 368 -21.78 -2.84 -8.05
CA ASP F 368 -21.38 -1.57 -8.64
C ASP F 368 -22.60 -0.66 -8.81
N PRO F 369 -22.47 0.63 -8.54
CA PRO F 369 -23.63 1.53 -8.69
C PRO F 369 -24.16 1.61 -10.11
N ALA F 370 -23.32 1.33 -11.11
CA ALA F 370 -23.80 1.33 -12.49
C ALA F 370 -24.85 0.25 -12.70
N LEU F 371 -24.63 -0.94 -12.13
CA LEU F 371 -25.63 -2.00 -12.21
C LEU F 371 -26.85 -1.68 -11.34
N ARG F 372 -26.66 -0.87 -10.29
CA ARG F 372 -27.76 -0.51 -9.39
C ARG F 372 -28.59 0.65 -9.90
N ARG F 373 -28.23 1.23 -11.04
CA ARG F 373 -29.03 2.31 -11.59
C ARG F 373 -30.41 1.79 -11.99
N PRO F 374 -31.46 2.61 -11.84
CA PRO F 374 -32.84 2.18 -12.13
C PRO F 374 -33.16 2.13 -13.62
N GLY F 375 -32.26 1.56 -14.41
CA GLY F 375 -32.50 1.37 -15.83
C GLY F 375 -32.23 -0.06 -16.27
N ARG F 376 -31.48 -0.80 -15.45
CA ARG F 376 -31.11 -2.17 -15.76
C ARG F 376 -31.54 -3.17 -14.70
N PHE F 377 -31.52 -2.79 -13.43
CA PHE F 377 -31.93 -3.67 -12.34
C PHE F 377 -32.84 -2.92 -11.37
N ASP F 378 -33.75 -2.11 -11.92
CA ASP F 378 -34.67 -1.37 -11.06
C ASP F 378 -35.62 -2.30 -10.31
N GLN F 379 -36.08 -3.36 -10.97
CA GLN F 379 -36.96 -4.34 -10.33
C GLN F 379 -36.15 -5.13 -9.32
N GLU F 380 -36.32 -4.79 -8.03
CA GLU F 380 -35.57 -5.41 -6.95
C GLU F 380 -36.53 -6.11 -6.00
N VAL F 381 -36.21 -7.34 -5.63
CA VAL F 381 -36.98 -8.12 -4.67
C VAL F 381 -36.14 -8.25 -3.41
N GLU F 382 -36.66 -7.77 -2.29
CA GLU F 382 -35.94 -7.78 -1.02
C GLU F 382 -36.49 -8.92 -0.15
N ILE F 383 -35.59 -9.80 0.28
CA ILE F 383 -35.94 -10.92 1.16
C ILE F 383 -35.17 -10.73 2.46
N GLY F 384 -35.91 -10.67 3.58
CA GLY F 384 -35.32 -10.47 4.88
C GLY F 384 -35.40 -11.70 5.76
N ILE F 385 -35.02 -11.51 7.02
CA ILE F 385 -35.05 -12.59 8.01
C ILE F 385 -36.50 -12.94 8.31
N PRO F 386 -36.89 -14.21 8.17
CA PRO F 386 -38.28 -14.58 8.46
C PRO F 386 -38.63 -14.34 9.92
N ASP F 387 -39.89 -13.96 10.15
CA ASP F 387 -40.39 -13.74 11.49
C ASP F 387 -40.82 -15.07 12.11
N VAL F 388 -41.53 -15.01 13.24
CA VAL F 388 -41.94 -16.23 13.94
C VAL F 388 -42.88 -17.05 13.07
N ASP F 389 -43.86 -16.39 12.43
CA ASP F 389 -44.85 -17.11 11.63
C ASP F 389 -44.20 -17.78 10.43
N ALA F 390 -43.31 -17.07 9.73
CA ALA F 390 -42.65 -17.66 8.57
C ALA F 390 -41.76 -18.84 8.95
N ARG F 391 -41.02 -18.71 10.05
CA ARG F 391 -40.18 -19.81 10.51
C ARG F 391 -41.02 -21.00 10.93
N PHE F 392 -42.16 -20.74 11.59
CA PHE F 392 -43.06 -21.84 11.95
C PHE F 392 -43.60 -22.53 10.71
N ASP F 393 -43.95 -21.76 9.68
CA ASP F 393 -44.43 -22.36 8.43
C ASP F 393 -43.33 -23.20 7.78
N ILE F 394 -42.09 -22.70 7.80
CA ILE F 394 -40.98 -23.45 7.22
C ILE F 394 -40.77 -24.76 7.98
N LEU F 395 -40.82 -24.71 9.31
CA LEU F 395 -40.65 -25.92 10.11
C LEU F 395 -41.78 -26.91 9.85
N THR F 396 -43.01 -26.42 9.74
CA THR F 396 -44.13 -27.32 9.45
C THR F 396 -43.99 -27.96 8.08
N LYS F 397 -43.53 -27.19 7.08
CA LYS F 397 -43.30 -27.76 5.76
C LYS F 397 -42.20 -28.82 5.80
N GLN F 398 -41.13 -28.56 6.54
CA GLN F 398 -40.05 -29.54 6.66
C GLN F 398 -40.53 -30.81 7.33
N PHE F 399 -41.35 -30.67 8.38
CA PHE F 399 -41.87 -31.84 9.07
C PHE F 399 -42.85 -32.61 8.19
N SER F 400 -43.65 -31.90 7.39
CA SER F 400 -44.54 -32.56 6.45
C SER F 400 -43.75 -33.36 5.42
N ARG F 401 -42.65 -32.78 4.92
CA ARG F 401 -41.80 -33.52 4.00
C ARG F 401 -41.17 -34.74 4.67
N MET F 402 -40.73 -34.59 5.93
CA MET F 402 -40.19 -35.71 6.68
C MET F 402 -41.22 -36.79 6.95
N SER F 403 -42.51 -36.41 6.97
CA SER F 403 -43.64 -37.32 7.15
C SER F 403 -43.72 -37.84 8.58
N SER F 404 -44.93 -38.23 9.00
CA SER F 404 -45.17 -38.62 10.38
C SER F 404 -44.72 -40.05 10.69
N ASP F 405 -44.41 -40.85 9.67
CA ASP F 405 -43.96 -42.22 9.93
C ASP F 405 -42.62 -42.24 10.64
N ARG F 406 -41.67 -41.41 10.21
CA ARG F 406 -40.34 -41.41 10.81
C ARG F 406 -40.33 -40.71 12.16
N HIS F 407 -41.05 -39.60 12.30
CA HIS F 407 -41.06 -38.82 13.52
C HIS F 407 -42.48 -38.38 13.85
N VAL F 408 -42.74 -38.19 15.14
CA VAL F 408 -44.04 -37.76 15.63
C VAL F 408 -43.88 -36.42 16.34
N LEU F 409 -44.71 -35.45 15.97
CA LEU F 409 -44.66 -34.13 16.57
C LEU F 409 -46.04 -33.49 16.46
N ASP F 410 -46.27 -32.47 17.28
CA ASP F 410 -47.53 -31.74 17.30
C ASP F 410 -47.27 -30.26 17.02
N SER F 411 -48.37 -29.52 16.87
CA SER F 411 -48.26 -28.10 16.50
C SER F 411 -47.60 -27.28 17.60
N GLU F 412 -47.89 -27.59 18.86
CA GLU F 412 -47.33 -26.80 19.96
C GLU F 412 -45.80 -26.92 20.01
N ALA F 413 -45.28 -28.12 19.77
CA ALA F 413 -43.83 -28.31 19.77
C ALA F 413 -43.18 -27.50 18.65
N ILE F 414 -43.78 -27.52 17.46
CA ILE F 414 -43.24 -26.74 16.34
C ILE F 414 -43.29 -25.25 16.65
N LYS F 415 -44.38 -24.79 17.25
CA LYS F 415 -44.48 -23.38 17.61
C LYS F 415 -43.43 -22.99 18.63
N TYR F 416 -43.22 -23.84 19.64
CA TYR F 416 -42.19 -23.55 20.65
C TYR F 416 -40.80 -23.53 20.02
N ILE F 417 -40.52 -24.48 19.13
CA ILE F 417 -39.22 -24.51 18.46
C ILE F 417 -39.02 -23.24 17.63
N ALA F 418 -40.04 -22.84 16.89
CA ALA F 418 -39.95 -21.62 16.08
C ALA F 418 -39.74 -20.39 16.97
N SER F 419 -40.42 -20.34 18.11
CA SER F 419 -40.21 -19.24 19.05
C SER F 419 -38.79 -19.22 19.57
N LYS F 420 -38.22 -20.40 19.85
CA LYS F 420 -36.84 -20.50 20.28
C LYS F 420 -35.85 -20.51 19.11
N THR F 421 -36.28 -20.14 17.92
CA THR F 421 -35.41 -20.18 16.74
C THR F 421 -35.34 -18.76 16.17
N HIS F 422 -35.08 -17.78 17.04
CA HIS F 422 -35.03 -16.40 16.60
C HIS F 422 -33.79 -16.14 15.76
N GLY F 423 -32.63 -16.60 16.22
CA GLY F 423 -31.39 -16.31 15.52
C GLY F 423 -31.19 -17.08 14.24
N TYR F 424 -31.66 -18.33 14.19
CA TYR F 424 -31.45 -19.16 13.02
C TYR F 424 -32.29 -18.67 11.85
N VAL F 425 -31.80 -18.93 10.63
CA VAL F 425 -32.49 -18.54 9.41
C VAL F 425 -32.22 -19.53 8.29
N GLY F 426 -33.28 -20.14 7.76
CA GLY F 426 -33.18 -20.97 6.58
C GLY F 426 -32.22 -22.13 6.69
N ALA F 427 -31.06 -22.00 6.05
CA ALA F 427 -30.02 -23.01 6.12
C ALA F 427 -29.64 -23.30 7.56
N ASP F 428 -29.73 -22.30 8.44
CA ASP F 428 -29.48 -22.55 9.86
C ASP F 428 -30.52 -23.52 10.44
N LEU F 429 -31.79 -23.34 10.08
CA LEU F 429 -32.82 -24.26 10.54
C LEU F 429 -32.60 -25.66 9.98
N THR F 430 -32.22 -25.76 8.70
CA THR F 430 -31.95 -27.06 8.10
C THR F 430 -30.78 -27.75 8.78
N ALA F 431 -29.72 -26.99 9.09
CA ALA F 431 -28.57 -27.54 9.79
C ALA F 431 -28.95 -27.99 11.20
N LEU F 432 -29.82 -27.22 11.87
CA LEU F 432 -30.28 -27.62 13.20
C LEU F 432 -31.06 -28.93 13.13
N CYS F 433 -31.95 -29.07 12.15
CA CYS F 433 -32.69 -30.31 11.99
C CYS F 433 -31.76 -31.48 11.68
N ARG F 434 -30.78 -31.25 10.81
CA ARG F 434 -29.80 -32.29 10.48
C ARG F 434 -28.99 -32.70 11.70
N GLU F 435 -28.58 -31.73 12.52
CA GLU F 435 -27.84 -32.03 13.74
C GLU F 435 -28.71 -32.81 14.73
N SER F 436 -30.00 -32.46 14.81
CA SER F 436 -30.90 -33.22 15.67
C SER F 436 -31.03 -34.67 15.19
N VAL F 437 -31.13 -34.87 13.88
CA VAL F 437 -31.22 -36.22 13.33
C VAL F 437 -29.93 -37.00 13.62
N MET F 438 -28.79 -36.35 13.45
CA MET F 438 -27.50 -37.00 13.75
C MET F 438 -27.39 -37.37 15.22
N LYS F 439 -27.82 -36.47 16.11
CA LYS F 439 -27.79 -36.76 17.53
C LYS F 439 -28.70 -37.93 17.88
N THR F 440 -29.88 -37.97 17.27
CA THR F 440 -30.79 -39.09 17.50
C THR F 440 -30.17 -40.40 17.04
N ILE F 441 -29.55 -40.40 15.86
CA ILE F 441 -28.92 -41.61 15.34
C ILE F 441 -27.78 -42.06 16.25
N GLN F 442 -26.95 -41.11 16.69
CA GLN F 442 -25.83 -41.45 17.56
C GLN F 442 -26.32 -42.00 18.90
N ARG F 443 -27.34 -41.38 19.48
CA ARG F 443 -27.89 -41.85 20.75
C ARG F 443 -28.47 -43.26 20.60
N GLY F 444 -29.20 -43.50 19.51
CA GLY F 444 -29.76 -44.83 19.29
C GLY F 444 -28.67 -45.88 19.12
N LEU F 445 -27.63 -45.55 18.35
CA LEU F 445 -26.52 -46.49 18.17
C LEU F 445 -25.82 -46.77 19.50
N GLY F 446 -25.61 -45.73 20.30
CA GLY F 446 -24.91 -45.92 21.57
C GLY F 446 -25.72 -46.71 22.58
N THR F 447 -27.03 -46.48 22.64
CA THR F 447 -27.87 -47.09 23.67
C THR F 447 -28.42 -48.44 23.23
N ASP F 448 -29.16 -48.47 22.13
CA ASP F 448 -29.89 -49.68 21.72
C ASP F 448 -29.04 -50.64 20.90
N ALA F 449 -27.77 -50.30 20.62
CA ALA F 449 -26.84 -51.17 19.93
C ALA F 449 -27.36 -51.57 18.54
N ASN F 450 -27.49 -50.56 17.69
CA ASN F 450 -27.87 -50.74 16.28
C ASN F 450 -29.26 -51.36 16.15
N ILE F 451 -30.24 -50.73 16.80
CA ILE F 451 -31.63 -51.14 16.68
C ILE F 451 -32.22 -50.51 15.43
N ASP F 452 -33.40 -50.98 15.01
CA ASP F 452 -34.07 -50.41 13.86
C ASP F 452 -34.40 -48.94 14.11
N LYS F 453 -34.14 -48.12 13.10
CA LYS F 453 -34.35 -46.68 13.22
C LYS F 453 -35.82 -46.27 13.22
N PHE F 454 -36.73 -47.21 12.93
CA PHE F 454 -38.15 -46.88 12.89
C PHE F 454 -38.66 -46.42 14.25
N SER F 455 -38.23 -47.09 15.32
CA SER F 455 -38.72 -46.79 16.66
C SER F 455 -37.97 -45.65 17.33
N LEU F 456 -36.85 -45.19 16.76
CA LEU F 456 -36.08 -44.13 17.40
C LEU F 456 -36.84 -42.81 17.36
N LYS F 457 -37.40 -42.46 16.20
CA LYS F 457 -38.18 -41.24 16.03
C LYS F 457 -37.38 -39.99 16.38
N VAL F 458 -38.06 -38.87 16.61
CA VAL F 458 -37.43 -37.61 16.92
C VAL F 458 -38.10 -37.02 18.16
N THR F 459 -37.29 -36.55 19.11
CA THR F 459 -37.79 -35.97 20.35
C THR F 459 -37.37 -34.51 20.44
N LEU F 460 -38.18 -33.73 21.17
CA LEU F 460 -37.89 -32.31 21.33
C LEU F 460 -36.62 -32.08 22.13
N LYS F 461 -36.30 -32.98 23.06
CA LYS F 461 -35.08 -32.84 23.85
C LYS F 461 -33.85 -32.89 22.97
N ASP F 462 -33.84 -33.79 21.99
CA ASP F 462 -32.71 -33.86 21.05
C ASP F 462 -32.62 -32.60 20.21
N VAL F 463 -33.77 -32.04 19.82
CA VAL F 463 -33.76 -30.79 19.06
C VAL F 463 -33.17 -29.66 19.90
N GLU F 464 -33.54 -29.58 21.18
CA GLU F 464 -32.96 -28.57 22.06
C GLU F 464 -31.46 -28.78 22.24
N SER F 465 -31.04 -30.04 22.36
CA SER F 465 -29.61 -30.34 22.50
C SER F 465 -28.84 -29.90 21.26
N ALA F 466 -29.40 -30.16 20.07
CA ALA F 466 -28.74 -29.73 18.84
C ALA F 466 -28.71 -28.20 18.76
N MET F 467 -29.79 -27.54 19.15
CA MET F 467 -29.82 -26.08 19.15
C MET F 467 -28.76 -25.50 20.06
N VAL F 468 -28.57 -26.11 21.23
CA VAL F 468 -27.49 -25.67 22.12
C VAL F 468 -26.13 -25.97 21.51
N ASP F 469 -26.01 -27.10 20.81
CA ASP F 469 -24.72 -27.51 20.24
C ASP F 469 -24.26 -26.53 19.16
N ILE F 470 -25.13 -26.20 18.22
CA ILE F 470 -24.77 -25.32 17.10
C ILE F 470 -25.59 -24.04 17.21
N ARG F 471 -24.88 -22.89 17.24
CA ARG F 471 -25.40 -21.53 17.30
C ARG F 471 -25.71 -21.01 15.89
N PRO F 472 -26.64 -20.06 15.78
CA PRO F 472 -26.96 -19.50 14.47
C PRO F 472 -25.76 -18.78 13.86
N SER F 473 -25.65 -18.87 12.54
CA SER F 473 -24.58 -18.20 11.81
C SER F 473 -24.91 -16.76 11.44
N ALA F 474 -26.14 -16.33 11.68
CA ALA F 474 -26.59 -14.97 11.39
C ALA F 474 -27.03 -14.26 12.67
N MET F 475 -26.28 -14.46 13.76
CA MET F 475 -26.63 -13.82 15.02
C MET F 475 -26.55 -12.30 14.91
N ARG F 476 -25.51 -11.79 14.24
CA ARG F 476 -25.35 -10.36 14.06
C ARG F 476 -26.35 -9.87 13.01
N GLU F 477 -27.42 -9.21 13.46
CA GLU F 477 -28.45 -8.69 12.58
C GLU F 477 -28.54 -7.18 12.75
N ILE F 478 -28.74 -6.48 11.62
CA ILE F 478 -28.83 -5.03 11.66
C ILE F 478 -30.09 -4.59 12.40
N PHE F 479 -31.18 -5.34 12.29
CA PHE F 479 -32.43 -5.04 12.98
C PHE F 479 -32.80 -6.21 13.87
N LEU F 480 -33.32 -5.90 15.06
CA LEU F 480 -33.71 -6.90 16.03
C LEU F 480 -35.23 -6.85 16.21
N GLU F 481 -35.86 -8.02 16.17
CA GLU F 481 -37.31 -8.11 16.32
C GLU F 481 -37.70 -8.42 17.77
N PRO F 483 -38.85 -10.32 21.05
CA PRO F 483 -39.75 -11.31 21.65
C PRO F 483 -41.17 -10.80 21.83
N LYS F 484 -42.15 -11.61 21.43
CA LYS F 484 -43.55 -11.22 21.57
C LYS F 484 -43.95 -11.15 23.04
N VAL F 485 -44.69 -10.11 23.40
CA VAL F 485 -45.15 -9.92 24.78
C VAL F 485 -46.48 -9.18 24.73
N TYR F 486 -47.40 -9.56 25.61
CA TYR F 486 -48.74 -9.00 25.65
C TYR F 486 -48.84 -7.92 26.73
N TRP F 487 -50.02 -7.32 26.83
CA TRP F 487 -50.24 -6.26 27.81
C TRP F 487 -50.40 -6.79 29.22
N SER F 488 -50.62 -8.09 29.39
CA SER F 488 -50.78 -8.64 30.73
C SER F 488 -49.45 -8.69 31.48
N ASP F 489 -48.33 -8.81 30.75
CA ASP F 489 -47.03 -8.91 31.40
C ASP F 489 -46.64 -7.59 32.08
N ILE F 490 -46.83 -6.47 31.38
CA ILE F 490 -46.39 -5.19 31.93
C ILE F 490 -47.20 -4.81 33.16
N GLY F 491 -48.53 -4.98 33.11
CA GLY F 491 -49.36 -4.65 34.25
C GLY F 491 -49.26 -3.21 34.69
N GLY F 492 -49.28 -2.27 33.75
CA GLY F 492 -49.10 -0.87 34.06
C GLY F 492 -50.36 -0.21 34.59
N GLN F 493 -50.26 1.11 34.78
CA GLN F 493 -51.37 1.91 35.29
C GLN F 493 -52.48 2.08 34.27
N GLU F 494 -52.24 1.67 33.01
CA GLU F 494 -53.16 1.82 31.88
C GLU F 494 -53.23 3.26 31.41
N GLU F 495 -52.64 4.18 32.18
CA GLU F 495 -52.56 5.57 31.75
C GLU F 495 -51.46 5.77 30.72
N LEU F 496 -50.25 5.34 31.05
CA LEU F 496 -49.17 5.34 30.06
C LEU F 496 -49.51 4.42 28.89
N LYS F 497 -50.17 3.29 29.18
CA LYS F 497 -50.57 2.38 28.11
C LYS F 497 -51.55 3.05 27.15
N THR F 498 -52.55 3.76 27.70
CA THR F 498 -53.48 4.49 26.85
C THR F 498 -52.77 5.60 26.08
N LYS F 499 -51.82 6.28 26.71
CA LYS F 499 -51.06 7.32 26.03
C LYS F 499 -50.31 6.75 24.82
N MET F 500 -49.59 5.64 25.02
CA MET F 500 -48.88 5.03 23.90
C MET F 500 -49.83 4.48 22.86
N LYS F 501 -51.01 4.00 23.28
CA LYS F 501 -51.96 3.45 22.32
C LYS F 501 -52.56 4.52 21.43
N GLU F 502 -52.92 5.67 21.99
CA GLU F 502 -53.60 6.71 21.23
C GLU F 502 -52.80 8.00 21.09
N MET F 503 -51.46 7.93 21.09
CA MET F 503 -50.68 9.02 20.51
C MET F 503 -50.02 8.65 19.19
N ILE F 504 -49.64 7.40 18.98
CA ILE F 504 -48.94 7.01 17.76
C ILE F 504 -49.80 6.19 16.82
N GLN F 505 -51.00 5.79 17.23
CA GLN F 505 -51.90 5.08 16.32
C GLN F 505 -52.50 6.02 15.28
N LEU F 506 -52.67 7.30 15.64
CA LEU F 506 -53.26 8.25 14.70
C LEU F 506 -52.44 8.43 13.42
N PRO F 507 -51.12 8.66 13.46
CA PRO F 507 -50.40 8.86 12.19
C PRO F 507 -50.45 7.66 11.26
N LEU F 508 -50.52 6.44 11.80
CA LEU F 508 -50.47 5.25 10.96
C LEU F 508 -51.83 4.82 10.42
N GLU F 509 -52.92 5.17 11.11
CA GLU F 509 -54.24 4.73 10.72
C GLU F 509 -55.14 5.84 10.18
N ALA F 510 -55.02 7.05 10.71
CA ALA F 510 -55.84 8.19 10.32
C ALA F 510 -55.12 9.11 9.34
N SER F 511 -54.38 8.52 8.40
CA SER F 511 -53.69 9.34 7.40
C SER F 511 -54.67 10.15 6.57
N GLU F 512 -55.79 9.54 6.16
CA GLU F 512 -56.80 10.27 5.41
C GLU F 512 -57.43 11.37 6.25
N THR F 513 -57.66 11.11 7.54
CA THR F 513 -58.19 12.14 8.43
C THR F 513 -57.22 13.31 8.55
N PHE F 514 -55.93 13.02 8.69
CA PHE F 514 -54.94 14.08 8.75
C PHE F 514 -54.89 14.86 7.44
N ALA F 515 -54.98 14.17 6.31
CA ALA F 515 -54.94 14.84 5.01
C ALA F 515 -56.13 15.77 4.83
N ARG F 516 -57.34 15.32 5.20
CA ARG F 516 -58.52 16.15 5.02
C ARG F 516 -58.56 17.29 6.02
N LEU F 517 -58.14 17.03 7.27
CA LEU F 517 -58.13 18.08 8.28
C LEU F 517 -56.95 19.04 8.12
N GLY F 518 -55.80 18.54 7.72
CA GLY F 518 -54.60 19.34 7.60
C GLY F 518 -53.56 19.01 8.67
N ILE F 519 -52.76 20.02 8.99
CA ILE F 519 -51.71 20.02 10.01
C ILE F 519 -50.70 18.90 9.75
N SER F 520 -49.63 18.86 10.54
CA SER F 520 -48.57 17.88 10.38
C SER F 520 -48.60 16.89 11.55
N ALA F 521 -48.11 15.68 11.27
CA ALA F 521 -48.06 14.65 12.30
C ALA F 521 -47.01 14.97 13.34
N PRO F 522 -47.16 14.47 14.57
CA PRO F 522 -46.14 14.70 15.60
C PRO F 522 -44.76 14.19 15.22
N LYS F 523 -44.70 13.07 14.48
CA LYS F 523 -43.48 12.46 13.96
C LYS F 523 -42.32 12.49 14.96
N GLY F 524 -42.60 12.19 16.22
CA GLY F 524 -41.55 12.13 17.22
C GLY F 524 -42.05 11.75 18.60
N VAL F 525 -41.34 10.82 19.25
CA VAL F 525 -41.67 10.36 20.59
C VAL F 525 -40.38 10.28 21.40
N LEU F 526 -40.38 10.87 22.59
CA LEU F 526 -39.24 10.84 23.48
C LEU F 526 -39.61 10.07 24.75
N LEU F 527 -38.73 9.17 25.16
CA LEU F 527 -38.94 8.32 26.33
C LEU F 527 -37.75 8.48 27.27
N TYR F 528 -37.91 9.33 28.29
CA TYR F 528 -36.88 9.56 29.30
C TYR F 528 -37.46 9.20 30.67
N GLY F 529 -36.69 8.44 31.44
CA GLY F 529 -37.14 8.01 32.75
C GLY F 529 -36.01 7.47 33.61
N PRO F 530 -36.33 7.09 34.85
CA PRO F 530 -35.30 6.56 35.73
C PRO F 530 -34.77 5.24 35.22
N PRO F 531 -33.52 4.90 35.55
CA PRO F 531 -32.98 3.61 35.12
C PRO F 531 -33.74 2.45 35.75
N GLY F 532 -33.80 1.34 35.03
CA GLY F 532 -34.51 0.17 35.49
C GLY F 532 -36.00 0.16 35.20
N CYS F 533 -36.49 1.10 34.40
CA CYS F 533 -37.90 1.17 34.07
C CYS F 533 -38.23 0.14 32.99
N SER F 534 -39.45 0.20 32.45
CA SER F 534 -39.93 -0.75 31.46
C SER F 534 -40.37 -0.05 30.19
N LYS F 535 -39.61 0.96 29.76
CA LYS F 535 -39.92 1.63 28.50
C LYS F 535 -39.79 0.68 27.32
N THR F 536 -38.71 -0.10 27.30
CA THR F 536 -38.52 -1.08 26.23
C THR F 536 -39.60 -2.15 26.27
N LEU F 537 -39.97 -2.60 27.47
CA LEU F 537 -41.02 -3.61 27.58
C LEU F 537 -42.35 -3.08 27.09
N THR F 538 -42.69 -1.84 27.46
CA THR F 538 -43.94 -1.24 26.99
C THR F 538 -43.93 -1.07 25.47
N ALA F 539 -42.80 -0.63 24.92
CA ALA F 539 -42.70 -0.49 23.47
C ALA F 539 -42.87 -1.82 22.76
N LYS F 540 -42.24 -2.88 23.29
CA LYS F 540 -42.38 -4.20 22.70
C LYS F 540 -43.81 -4.71 22.79
N ALA F 541 -44.46 -4.48 23.94
CA ALA F 541 -45.85 -4.90 24.10
C ALA F 541 -46.76 -4.18 23.12
N LEU F 542 -46.56 -2.88 22.95
CA LEU F 542 -47.36 -2.11 21.99
C LEU F 542 -47.12 -2.60 20.57
N ALA F 543 -45.86 -2.87 20.23
CA ALA F 543 -45.54 -3.37 18.89
C ALA F 543 -46.20 -4.72 18.63
N THR F 544 -46.16 -5.61 19.63
CA THR F 544 -46.80 -6.92 19.48
C THR F 544 -48.31 -6.79 19.35
N GLU F 545 -48.92 -5.93 20.15
CA GLU F 545 -50.37 -5.75 20.09
C GLU F 545 -50.80 -5.17 18.76
N SER F 546 -50.08 -4.15 18.27
CA SER F 546 -50.42 -3.52 17.01
C SER F 546 -49.98 -4.38 15.83
N GLY F 547 -50.76 -4.32 14.74
CA GLY F 547 -50.42 -5.03 13.53
C GLY F 547 -49.40 -4.35 12.65
N ILE F 548 -48.95 -3.16 13.02
CA ILE F 548 -47.95 -2.45 12.23
C ILE F 548 -46.59 -3.10 12.41
N ASN F 549 -45.82 -3.15 11.32
CA ASN F 549 -44.48 -3.72 11.38
C ASN F 549 -43.60 -2.90 12.31
N PHE F 550 -42.75 -3.59 13.08
CA PHE F 550 -41.90 -2.96 14.07
C PHE F 550 -40.45 -3.33 13.81
N LEU F 551 -39.57 -2.34 13.80
CA LEU F 551 -38.13 -2.54 13.65
C LEU F 551 -37.42 -1.89 14.81
N ALA F 552 -36.60 -2.65 15.52
CA ALA F 552 -35.86 -2.16 16.68
C ALA F 552 -34.37 -2.35 16.45
N VAL F 553 -33.61 -1.28 16.64
CA VAL F 553 -32.15 -1.31 16.52
C VAL F 553 -31.55 -0.65 17.74
N LYS F 554 -30.52 -1.29 18.30
CA LYS F 554 -29.85 -0.76 19.48
C LYS F 554 -28.92 0.38 19.08
N GLY F 555 -28.83 1.39 19.95
CA GLY F 555 -28.04 2.57 19.69
C GLY F 555 -26.54 2.34 19.71
N PRO F 556 -25.99 2.02 20.89
CA PRO F 556 -24.52 1.94 21.02
C PRO F 556 -23.88 0.84 20.20
N GLU F 557 -24.62 -0.18 19.77
CA GLU F 557 -23.99 -1.32 19.11
C GLU F 557 -23.71 -1.10 17.63
N ILE F 558 -24.26 -0.05 17.02
CA ILE F 558 -24.14 0.16 15.58
C ILE F 558 -23.11 1.24 15.25
N PHE F 559 -23.14 2.37 15.96
CA PHE F 559 -22.24 3.47 15.65
C PHE F 559 -20.86 3.30 16.28
N ASN F 560 -20.71 2.40 17.25
CA ASN F 560 -19.42 2.23 17.91
C ASN F 560 -18.42 1.52 17.00
N LYS F 561 -18.85 0.45 16.34
CA LYS F 561 -17.96 -0.34 15.50
C LYS F 561 -17.97 0.07 14.04
N TYR F 562 -18.81 1.04 13.66
CA TYR F 562 -18.91 1.51 12.28
C TYR F 562 -18.51 2.98 12.27
N VAL F 563 -17.22 3.25 12.07
CA VAL F 563 -16.75 4.63 12.01
C VAL F 563 -17.26 5.32 10.76
N GLY F 564 -17.37 4.58 9.66
CA GLY F 564 -17.86 5.16 8.41
C GLY F 564 -19.09 4.45 7.89
N GLU F 565 -19.32 3.21 8.33
CA GLU F 565 -20.47 2.45 7.90
C GLU F 565 -21.74 2.77 8.69
N SER F 566 -21.63 3.61 9.73
CA SER F 566 -22.82 3.99 10.50
C SER F 566 -23.82 4.74 9.63
N GLU F 567 -23.33 5.65 8.78
CA GLU F 567 -24.22 6.38 7.88
C GLU F 567 -24.93 5.43 6.92
N ARG F 568 -24.18 4.47 6.36
CA ARG F 568 -24.77 3.51 5.44
C ARG F 568 -25.83 2.66 6.14
N ALA F 569 -25.54 2.21 7.36
CA ALA F 569 -26.50 1.41 8.12
C ALA F 569 -27.76 2.21 8.44
N ILE F 570 -27.59 3.48 8.83
CA ILE F 570 -28.73 4.33 9.13
C ILE F 570 -29.60 4.53 7.89
N ARG F 571 -28.95 4.82 6.75
CA ARG F 571 -29.70 5.00 5.51
C ARG F 571 -30.42 3.71 5.13
N GLU F 572 -29.76 2.56 5.28
CA GLU F 572 -30.37 1.29 4.93
C GLU F 572 -31.59 0.99 5.79
N ILE F 573 -31.48 1.20 7.11
CA ILE F 573 -32.61 0.90 7.98
C ILE F 573 -33.75 1.88 7.73
N PHE F 574 -33.43 3.15 7.48
CA PHE F 574 -34.48 4.13 7.20
C PHE F 574 -35.22 3.78 5.91
N ARG F 575 -34.48 3.44 4.85
CA ARG F 575 -35.13 3.11 3.59
C ARG F 575 -35.91 1.80 3.69
N LYS F 576 -35.40 0.82 4.45
CA LYS F 576 -36.14 -0.41 4.65
C LYS F 576 -37.44 -0.16 5.40
N ALA F 577 -37.40 0.66 6.45
CA ALA F 577 -38.61 0.99 7.19
C ALA F 577 -39.61 1.74 6.31
N ARG F 578 -39.12 2.67 5.48
CA ARG F 578 -40.01 3.43 4.61
C ARG F 578 -40.65 2.53 3.55
N SER F 579 -39.86 1.64 2.94
CA SER F 579 -40.39 0.82 1.85
C SER F 579 -41.30 -0.27 2.36
N ALA F 580 -40.93 -0.94 3.45
CA ALA F 580 -41.69 -2.08 3.96
C ALA F 580 -42.85 -1.61 4.84
N ALA F 581 -43.79 -0.90 4.20
CA ALA F 581 -45.02 -0.40 4.81
C ALA F 581 -44.72 0.63 5.90
N PRO F 582 -45.72 1.38 6.37
CA PRO F 582 -45.49 2.24 7.54
C PRO F 582 -45.06 1.41 8.74
N SER F 583 -44.14 1.96 9.52
CA SER F 583 -43.55 1.24 10.63
C SER F 583 -43.09 2.23 11.69
N ILE F 584 -42.84 1.69 12.89
CA ILE F 584 -42.37 2.48 14.03
C ILE F 584 -40.94 2.05 14.34
N ILE F 585 -40.05 3.02 14.49
CA ILE F 585 -38.64 2.79 14.77
C ILE F 585 -38.38 3.17 16.23
N PHE F 586 -37.84 2.23 16.99
CA PHE F 586 -37.55 2.43 18.41
C PHE F 586 -36.06 2.26 18.64
N PHE F 587 -35.46 3.21 19.35
CA PHE F 587 -34.05 3.18 19.71
C PHE F 587 -33.91 2.81 21.18
N ASP F 588 -33.11 1.78 21.47
CA ASP F 588 -32.89 1.37 22.85
C ASP F 588 -32.18 2.47 23.63
N GLU F 589 -31.15 3.08 23.05
CA GLU F 589 -30.42 4.17 23.67
C GLU F 589 -30.19 5.27 22.66
N ILE F 590 -30.48 6.51 23.05
CA ILE F 590 -30.27 7.68 22.20
C ILE F 590 -29.29 8.66 22.79
N ASP F 591 -29.00 8.59 24.09
CA ASP F 591 -28.04 9.51 24.70
C ASP F 591 -26.64 9.29 24.15
N ALA F 592 -26.25 8.02 23.93
CA ALA F 592 -24.92 7.72 23.43
C ALA F 592 -24.72 8.19 21.99
N LEU F 593 -25.80 8.47 21.27
CA LEU F 593 -25.70 8.93 19.89
C LEU F 593 -25.51 10.44 19.78
N SER F 594 -25.50 11.17 20.88
CA SER F 594 -25.27 12.61 20.89
C SER F 594 -24.20 12.94 21.94
N PRO F 595 -22.95 12.54 21.70
CA PRO F 595 -21.88 12.87 22.65
C PRO F 595 -21.21 14.21 22.34
N ASP F 596 -21.87 15.03 21.52
CA ASP F 596 -21.26 16.29 21.08
C ASP F 596 -21.02 17.23 22.26
N ARG F 597 -21.95 17.30 23.20
CA ARG F 597 -21.87 18.28 24.28
C ARG F 597 -20.87 17.91 25.36
N ASP F 598 -20.39 16.67 25.42
CA ASP F 598 -19.43 16.25 26.42
C ASP F 598 -18.23 15.59 25.76
N GLY F 599 -17.03 16.02 26.13
CA GLY F 599 -15.82 15.49 25.54
C GLY F 599 -15.69 15.79 24.06
N SER F 600 -15.95 17.04 23.69
CA SER F 600 -15.88 17.50 22.30
C SER F 600 -16.85 16.72 21.42
N SER F 601 -16.66 16.81 20.10
CA SER F 601 -17.52 16.15 19.14
C SER F 601 -16.67 15.44 18.09
N THR F 602 -16.83 14.13 18.00
CA THR F 602 -16.13 13.36 16.99
C THR F 602 -16.83 13.50 15.63
N SER F 603 -16.10 13.18 14.57
CA SER F 603 -16.64 13.31 13.23
C SER F 603 -17.81 12.36 13.01
N ALA F 604 -17.67 11.10 13.45
CA ALA F 604 -18.73 10.13 13.24
C ALA F 604 -19.98 10.50 14.01
N ALA F 605 -19.83 10.99 15.25
CA ALA F 605 -20.99 11.39 16.04
C ALA F 605 -21.72 12.54 15.37
N ASN F 606 -20.98 13.55 14.89
CA ASN F 606 -21.62 14.67 14.19
C ASN F 606 -22.32 14.20 12.93
N HIS F 607 -21.69 13.28 12.19
CA HIS F 607 -22.28 12.77 10.96
C HIS F 607 -23.59 12.05 11.24
N VAL F 608 -23.60 11.15 12.21
CA VAL F 608 -24.82 10.41 12.51
C VAL F 608 -25.89 11.33 13.09
N LEU F 609 -25.48 12.33 13.88
CA LEU F 609 -26.45 13.26 14.44
C LEU F 609 -27.13 14.08 13.36
N THR F 610 -26.34 14.65 12.44
CA THR F 610 -26.95 15.43 11.36
C THR F 610 -27.75 14.53 10.41
N SER F 611 -27.32 13.27 10.24
CA SER F 611 -28.07 12.36 9.40
C SER F 611 -29.45 12.06 9.99
N LEU F 612 -29.50 11.72 11.28
CA LEU F 612 -30.79 11.48 11.90
C LEU F 612 -31.64 12.75 11.92
N LEU F 613 -31.00 13.91 12.12
CA LEU F 613 -31.75 15.17 12.15
C LEU F 613 -32.42 15.46 10.82
N ASN F 614 -31.64 15.42 9.72
CA ASN F 614 -32.22 15.74 8.42
C ASN F 614 -32.99 14.57 7.81
N GLU F 615 -32.94 13.39 8.41
CA GLU F 615 -33.84 12.32 8.00
C GLU F 615 -35.19 12.44 8.70
N ILE F 616 -35.19 12.79 9.99
CA ILE F 616 -36.45 13.00 10.70
C ILE F 616 -37.16 14.23 10.16
N ASP F 617 -36.42 15.32 9.95
CA ASP F 617 -36.99 16.56 9.42
C ASP F 617 -36.19 16.98 8.19
N GLY F 618 -36.78 16.79 7.01
CA GLY F 618 -36.13 17.15 5.76
C GLY F 618 -37.12 17.51 4.68
N VAL F 619 -36.70 17.35 3.42
CA VAL F 619 -37.59 17.65 2.30
C VAL F 619 -38.75 16.66 2.27
N GLU F 620 -38.51 15.42 2.64
CA GLU F 620 -39.56 14.41 2.64
C GLU F 620 -40.62 14.73 3.71
N GLU F 621 -41.88 14.49 3.35
CA GLU F 621 -42.97 14.78 4.28
C GLU F 621 -42.90 13.90 5.53
N LEU F 622 -42.58 12.61 5.35
CA LEU F 622 -42.46 11.65 6.45
C LEU F 622 -43.78 11.59 7.23
N LYS F 623 -44.81 11.12 6.54
CA LYS F 623 -46.14 11.01 7.12
C LYS F 623 -46.37 9.66 7.79
N GLY F 624 -45.98 8.57 7.12
CA GLY F 624 -46.19 7.23 7.61
C GLY F 624 -45.10 6.67 8.48
N VAL F 625 -44.11 7.47 8.86
CA VAL F 625 -42.98 7.03 9.66
C VAL F 625 -43.07 7.67 11.04
N VAL F 626 -42.99 6.84 12.07
CA VAL F 626 -43.01 7.29 13.46
C VAL F 626 -41.71 6.87 14.12
N ILE F 627 -41.04 7.82 14.76
CA ILE F 627 -39.74 7.60 15.40
C ILE F 627 -39.92 7.64 16.91
N VAL F 628 -39.34 6.68 17.60
CA VAL F 628 -39.39 6.59 19.06
C VAL F 628 -37.96 6.48 19.57
N ALA F 629 -37.60 7.35 20.53
CA ALA F 629 -36.27 7.36 21.12
C ALA F 629 -36.37 7.22 22.63
N ALA F 630 -35.50 6.39 23.20
CA ALA F 630 -35.44 6.16 24.63
C ALA F 630 -34.05 6.48 25.15
N THR F 631 -33.99 7.17 26.28
CA THR F 631 -32.72 7.55 26.91
C THR F 631 -32.80 7.28 28.40
N ASN F 632 -31.64 6.92 28.97
CA ASN F 632 -31.56 6.73 30.41
C ASN F 632 -31.59 8.08 31.14
N ARG F 633 -30.83 9.05 30.64
CA ARG F 633 -30.79 10.39 31.20
C ARG F 633 -30.85 11.40 30.07
N PRO F 634 -31.72 12.41 30.15
CA PRO F 634 -31.80 13.43 29.10
C PRO F 634 -30.66 14.43 29.12
N ASP F 635 -29.78 14.37 30.12
CA ASP F 635 -28.67 15.32 30.18
C ASP F 635 -27.71 15.14 29.02
N GLU F 636 -27.45 13.90 28.62
CA GLU F 636 -26.53 13.59 27.55
C GLU F 636 -27.11 13.83 26.16
N ILE F 637 -28.26 14.50 26.06
CA ILE F 637 -28.90 14.81 24.80
C ILE F 637 -28.75 16.29 24.52
N ASP F 638 -28.23 16.63 23.33
CA ASP F 638 -28.04 18.02 22.97
C ASP F 638 -29.37 18.72 22.74
N ALA F 639 -29.36 20.04 22.93
CA ALA F 639 -30.58 20.83 22.74
C ALA F 639 -30.98 20.92 21.27
N ALA F 640 -30.05 20.66 20.34
CA ALA F 640 -30.40 20.69 18.93
C ALA F 640 -31.43 19.63 18.58
N LEU F 641 -31.29 18.43 19.16
CA LEU F 641 -32.28 17.39 18.93
C LEU F 641 -33.63 17.77 19.49
N LEU F 642 -33.65 18.39 20.68
CA LEU F 642 -34.89 18.84 21.30
C LEU F 642 -35.30 20.19 20.69
N ARG F 643 -35.87 20.10 19.50
CA ARG F 643 -36.37 21.22 18.73
C ARG F 643 -37.82 20.98 18.35
N PRO F 644 -38.65 22.02 18.30
CA PRO F 644 -40.05 21.83 17.87
C PRO F 644 -40.12 21.20 16.48
N GLY F 645 -41.06 20.26 16.34
CA GLY F 645 -41.22 19.50 15.12
C GLY F 645 -40.63 18.10 15.17
N ARG F 646 -39.73 17.84 16.10
CA ARG F 646 -39.15 16.51 16.26
C ARG F 646 -39.07 16.18 17.75
N LEU F 647 -39.53 14.97 18.09
CA LEU F 647 -39.49 14.47 19.47
C LEU F 647 -40.14 15.45 20.45
N ASP F 648 -41.24 16.06 20.02
CA ASP F 648 -41.90 17.04 20.88
C ASP F 648 -42.56 16.37 22.08
N ARG F 649 -43.18 15.22 21.89
CA ARG F 649 -43.87 14.54 22.97
C ARG F 649 -42.88 14.06 24.03
N HIS F 650 -43.25 14.23 25.30
CA HIS F 650 -42.41 13.83 26.42
C HIS F 650 -43.21 12.94 27.35
N ILE F 651 -42.61 11.82 27.76
CA ILE F 651 -43.23 10.87 28.67
C ILE F 651 -42.36 10.73 29.91
N TYR F 652 -42.96 10.90 31.08
CA TYR F 652 -42.21 10.77 32.32
C TYR F 652 -41.71 9.35 32.55
N VAL F 653 -42.57 8.36 32.26
CA VAL F 653 -42.32 6.93 32.47
C VAL F 653 -41.49 6.70 33.73
N GLY F 654 -42.02 7.12 34.87
CA GLY F 654 -41.33 7.00 36.13
C GLY F 654 -41.46 5.61 36.73
N PRO F 655 -41.07 5.48 38.00
CA PRO F 655 -41.17 4.18 38.65
C PRO F 655 -42.61 3.76 38.79
N PRO F 656 -42.88 2.45 38.79
CA PRO F 656 -44.26 1.98 38.92
C PRO F 656 -44.85 2.33 40.28
N ASP F 657 -46.16 2.55 40.29
CA ASP F 657 -46.88 2.92 41.50
C ASP F 657 -47.31 1.65 42.25
N VAL F 658 -48.20 1.81 43.22
CA VAL F 658 -48.67 0.68 44.01
C VAL F 658 -49.39 -0.34 43.13
N ASN F 659 -50.24 0.15 42.22
CA ASN F 659 -51.05 -0.75 41.40
C ASN F 659 -50.19 -1.62 40.50
N ALA F 660 -49.24 -1.00 39.78
CA ALA F 660 -48.40 -1.75 38.86
C ALA F 660 -47.50 -2.73 39.60
N ARG F 661 -46.93 -2.31 40.73
CA ARG F 661 -46.10 -3.20 41.52
C ARG F 661 -46.90 -4.38 42.06
N LEU F 662 -48.13 -4.11 42.52
CA LEU F 662 -48.99 -5.20 42.98
C LEU F 662 -49.32 -6.16 41.85
N GLU F 663 -49.58 -5.63 40.65
CA GLU F 663 -49.91 -6.48 39.51
C GLU F 663 -48.72 -7.37 39.13
N ILE F 664 -47.51 -6.80 39.08
CA ILE F 664 -46.35 -7.59 38.71
C ILE F 664 -46.02 -8.60 39.81
N LEU F 665 -46.23 -8.23 41.07
CA LEU F 665 -46.03 -9.20 42.16
C LEU F 665 -47.03 -10.35 42.05
N LYS F 666 -48.29 -10.05 41.71
CA LYS F 666 -49.28 -11.10 41.51
C LYS F 666 -48.89 -12.01 40.36
N LYS F 667 -48.41 -11.42 39.25
CA LYS F 667 -47.99 -12.24 38.12
C LYS F 667 -46.82 -13.14 38.49
N CYS F 668 -45.86 -12.61 39.26
CA CYS F 668 -44.72 -13.42 39.68
C CYS F 668 -45.16 -14.54 40.62
N THR F 669 -46.07 -14.25 41.54
CA THR F 669 -46.53 -15.25 42.51
C THR F 669 -47.55 -16.22 41.93
N LYS F 670 -48.06 -15.96 40.73
CA LYS F 670 -49.01 -16.87 40.10
C LYS F 670 -48.42 -18.26 39.88
N LYS F 671 -47.09 -18.37 39.81
CA LYS F 671 -46.45 -19.67 39.60
C LYS F 671 -46.78 -20.64 40.73
N PHE F 672 -46.74 -20.17 41.97
CA PHE F 672 -47.04 -20.99 43.13
C PHE F 672 -48.36 -20.55 43.76
N ASN F 673 -48.70 -21.17 44.88
CA ASN F 673 -49.96 -20.90 45.56
C ASN F 673 -49.83 -19.62 46.39
N THR F 674 -50.97 -19.13 46.89
CA THR F 674 -51.00 -17.90 47.67
C THR F 674 -51.78 -18.10 48.96
N GLU F 675 -52.68 -19.08 48.98
CA GLU F 675 -53.52 -19.30 50.16
C GLU F 675 -52.70 -19.67 51.37
N GLU F 676 -51.73 -20.57 51.22
CA GLU F 676 -50.90 -21.02 52.33
C GLU F 676 -49.59 -20.26 52.44
N SER F 677 -49.36 -19.25 51.59
CA SER F 677 -48.13 -18.47 51.68
C SER F 677 -48.10 -17.56 52.89
N GLY F 678 -49.27 -17.17 53.41
CA GLY F 678 -49.32 -16.29 54.56
C GLY F 678 -48.83 -14.89 54.29
N VAL F 679 -49.09 -14.37 53.09
CA VAL F 679 -48.70 -13.01 52.71
C VAL F 679 -49.93 -12.28 52.18
N ASP F 680 -50.09 -11.02 52.60
CA ASP F 680 -51.19 -10.20 52.15
C ASP F 680 -50.73 -9.24 51.07
N LEU F 681 -51.62 -8.97 50.11
CA LEU F 681 -51.26 -8.17 48.94
C LEU F 681 -50.92 -6.74 49.31
N HIS F 682 -51.68 -6.14 50.23
CA HIS F 682 -51.52 -4.72 50.54
C HIS F 682 -50.16 -4.44 51.17
N GLU F 683 -49.76 -5.27 52.15
CA GLU F 683 -48.49 -5.04 52.82
C GLU F 683 -47.31 -5.29 51.90
N LEU F 684 -47.45 -6.22 50.94
CA LEU F 684 -46.37 -6.47 49.99
C LEU F 684 -46.09 -5.23 49.15
N ALA F 685 -47.14 -4.54 48.71
CA ALA F 685 -46.95 -3.31 47.95
C ALA F 685 -46.49 -2.17 48.85
N ASP F 686 -46.98 -2.13 50.10
CA ASP F 686 -46.59 -1.07 51.02
C ASP F 686 -45.11 -1.12 51.35
N ARG F 687 -44.59 -2.32 51.62
CA ARG F 687 -43.17 -2.45 51.99
C ARG F 687 -42.26 -2.17 50.80
N THR F 688 -42.68 -2.57 49.60
CA THR F 688 -41.86 -2.44 48.39
C THR F 688 -42.30 -1.21 47.58
N GLU F 689 -42.68 -0.13 48.26
CA GLU F 689 -43.15 1.06 47.56
C GLU F 689 -42.00 1.82 46.92
N GLY F 690 -40.82 1.81 47.54
CA GLY F 690 -39.68 2.55 47.04
C GLY F 690 -38.87 1.87 45.95
N TYR F 691 -39.25 0.67 45.54
CA TYR F 691 -38.54 -0.08 44.53
C TYR F 691 -39.15 0.15 43.16
N SER F 692 -38.55 -0.48 42.15
CA SER F 692 -39.02 -0.41 40.77
C SER F 692 -39.35 -1.82 40.29
N GLY F 693 -39.80 -1.92 39.03
CA GLY F 693 -40.15 -3.22 38.47
C GLY F 693 -38.96 -4.16 38.41
N ALA F 694 -37.81 -3.67 37.96
CA ALA F 694 -36.60 -4.48 37.96
C ALA F 694 -36.21 -4.86 39.39
N GLU F 695 -36.32 -3.92 40.32
CA GLU F 695 -36.03 -4.23 41.72
C GLU F 695 -37.01 -5.27 42.27
N VAL F 696 -38.29 -5.17 41.89
CA VAL F 696 -39.27 -6.16 42.34
C VAL F 696 -38.93 -7.54 41.79
N VAL F 697 -38.55 -7.61 40.50
CA VAL F 697 -38.19 -8.89 39.91
C VAL F 697 -36.96 -9.47 40.60
N LEU F 698 -35.96 -8.63 40.87
CA LEU F 698 -34.76 -9.09 41.56
C LEU F 698 -35.07 -9.58 42.96
N LEU F 699 -35.95 -8.88 43.68
CA LEU F 699 -36.34 -9.31 45.01
C LEU F 699 -37.07 -10.64 44.97
N CYS F 700 -37.96 -10.82 43.98
CA CYS F 700 -38.66 -12.09 43.83
C CYS F 700 -37.69 -13.22 43.53
N GLN F 701 -36.71 -12.97 42.66
CA GLN F 701 -35.71 -13.99 42.35
C GLN F 701 -34.88 -14.35 43.58
N GLU F 702 -34.49 -13.34 44.37
CA GLU F 702 -33.73 -13.60 45.58
C GLU F 702 -34.55 -14.40 46.59
N ALA F 703 -35.84 -14.05 46.74
CA ALA F 703 -36.70 -14.81 47.64
C ALA F 703 -36.85 -16.25 47.18
N GLY F 704 -37.01 -16.46 45.87
CA GLY F 704 -37.09 -17.82 45.35
C GLY F 704 -35.82 -18.61 45.59
N LEU F 705 -34.67 -17.97 45.39
CA LEU F 705 -33.40 -18.64 45.66
C LEU F 705 -33.27 -18.99 47.14
N ALA F 706 -33.66 -18.07 48.03
CA ALA F 706 -33.60 -18.36 49.46
C ALA F 706 -34.53 -19.50 49.84
N ALA F 707 -35.71 -19.55 49.21
CA ALA F 707 -36.63 -20.65 49.49
C ALA F 707 -36.07 -21.98 48.99
N ILE F 708 -35.49 -22.01 47.80
CA ILE F 708 -35.04 -23.28 47.23
C ILE F 708 -33.71 -23.74 47.79
N MET F 709 -32.93 -22.86 48.41
CA MET F 709 -31.68 -23.31 49.04
C MET F 709 -31.91 -23.99 50.38
N GLU F 710 -33.13 -23.96 50.90
CA GLU F 710 -33.47 -24.61 52.16
C GLU F 710 -34.38 -25.81 51.89
N ASP F 711 -34.03 -26.94 52.49
CA ASP F 711 -34.81 -28.18 52.37
C ASP F 711 -34.94 -28.62 50.91
N LEU F 712 -33.90 -28.35 50.12
CA LEU F 712 -33.83 -28.72 48.70
C LEU F 712 -35.05 -28.14 47.99
N ASP F 713 -35.78 -28.92 47.20
CA ASP F 713 -36.94 -28.39 46.50
C ASP F 713 -38.06 -28.06 47.48
N VAL F 714 -38.73 -26.93 47.24
CA VAL F 714 -39.83 -26.47 48.07
C VAL F 714 -40.98 -26.08 47.16
N ALA F 715 -42.20 -26.46 47.57
CA ALA F 715 -43.40 -26.14 46.80
C ALA F 715 -44.03 -24.82 47.21
N LYS F 716 -43.52 -24.17 48.26
CA LYS F 716 -44.08 -22.92 48.73
C LYS F 716 -42.97 -22.04 49.29
N VAL F 717 -43.26 -20.73 49.36
CA VAL F 717 -42.33 -19.75 49.90
C VAL F 717 -43.04 -18.95 50.99
N GLU F 718 -42.33 -18.71 52.09
CA GLU F 718 -42.89 -18.02 53.24
C GLU F 718 -42.48 -16.55 53.23
N LEU F 719 -43.10 -15.79 54.15
CA LEU F 719 -42.80 -14.37 54.27
C LEU F 719 -41.38 -14.11 54.77
N ARG F 720 -40.79 -15.05 55.49
CA ARG F 720 -39.43 -14.86 55.99
C ARG F 720 -38.43 -14.73 54.85
N HIS F 721 -38.61 -15.54 53.80
CA HIS F 721 -37.73 -15.44 52.64
C HIS F 721 -37.86 -14.08 51.96
N PHE F 722 -39.09 -13.59 51.83
CA PHE F 722 -39.31 -12.27 51.24
C PHE F 722 -38.66 -11.17 52.07
N GLU F 723 -38.80 -11.26 53.40
CA GLU F 723 -38.20 -10.26 54.27
C GLU F 723 -36.67 -10.31 54.19
N LYS F 724 -36.09 -11.51 54.15
CA LYS F 724 -34.64 -11.64 54.01
C LYS F 724 -34.16 -11.06 52.68
N ALA F 725 -34.89 -11.34 51.59
CA ALA F 725 -34.51 -10.79 50.30
C ALA F 725 -34.61 -9.28 50.29
N PHE F 726 -35.65 -8.72 50.91
CA PHE F 726 -35.79 -7.27 50.97
C PHE F 726 -34.67 -6.64 51.79
N LYS F 727 -34.32 -7.25 52.92
CA LYS F 727 -33.25 -6.72 53.75
C LYS F 727 -31.89 -6.80 53.05
N GLY F 728 -31.63 -7.91 52.37
CA GLY F 728 -30.33 -8.08 51.72
C GLY F 728 -30.12 -7.14 50.56
N ILE F 729 -31.17 -6.90 49.76
CA ILE F 729 -31.04 -6.11 48.56
C ILE F 729 -31.39 -4.66 48.87
N ALA F 730 -30.94 -3.75 48.01
CA ALA F 730 -31.20 -2.33 48.14
C ALA F 730 -31.68 -1.77 46.81
N ARG F 731 -32.50 -0.71 46.89
CA ARG F 731 -33.05 -0.12 45.67
C ARG F 731 -31.95 0.50 44.82
N GLY F 732 -30.96 1.13 45.45
CA GLY F 732 -29.84 1.70 44.72
C GLY F 732 -30.15 2.99 43.99
N ILE F 733 -31.32 3.60 44.22
CA ILE F 733 -31.71 4.83 43.55
C ILE F 733 -31.83 5.93 44.60
N THR F 734 -31.21 7.08 44.31
CA THR F 734 -31.20 8.24 45.18
C THR F 734 -32.22 9.28 44.71
N PRO F 735 -32.86 10.00 45.63
CA PRO F 735 -33.92 10.94 45.22
C PRO F 735 -33.44 12.10 44.37
N GLU F 736 -32.14 12.40 44.35
CA GLU F 736 -31.67 13.53 43.54
C GLU F 736 -31.87 13.28 42.06
N MET F 737 -31.72 12.03 41.60
CA MET F 737 -32.02 11.73 40.20
C MET F 737 -33.50 11.95 39.89
N LEU F 738 -34.38 11.56 40.81
CA LEU F 738 -35.80 11.80 40.62
C LEU F 738 -36.11 13.28 40.56
N SER F 739 -35.49 14.08 41.43
CA SER F 739 -35.70 15.52 41.40
C SER F 739 -35.19 16.13 40.10
N TYR F 740 -34.03 15.67 39.62
CA TYR F 740 -33.50 16.16 38.35
C TYR F 740 -34.44 15.81 37.19
N TYR F 741 -34.97 14.59 37.19
CA TYR F 741 -35.91 14.20 36.15
C TYR F 741 -37.19 15.04 36.22
N GLU F 742 -37.68 15.29 37.42
CA GLU F 742 -38.89 16.11 37.57
C GLU F 742 -38.66 17.53 37.08
N GLU F 743 -37.51 18.13 37.42
CA GLU F 743 -37.25 19.50 36.98
C GLU F 743 -36.99 19.56 35.48
N PHE F 744 -36.40 18.50 34.90
CA PHE F 744 -36.26 18.44 33.45
C PHE F 744 -37.62 18.34 32.77
N ALA F 745 -38.52 17.55 33.34
CA ALA F 745 -39.88 17.45 32.80
C ALA F 745 -40.61 18.79 32.89
N LEU F 746 -40.45 19.49 34.01
CA LEU F 746 -41.05 20.81 34.15
C LEU F 746 -40.46 21.79 33.15
N ARG F 747 -39.14 21.74 32.95
CA ARG F 747 -38.50 22.62 31.97
C ARG F 747 -38.98 22.31 30.55
N SER F 748 -39.12 21.03 30.22
CA SER F 748 -39.57 20.63 28.89
C SER F 748 -41.07 20.83 28.75
#